data_3K72
#
_entry.id   3K72
#
_cell.length_a   160.962
_cell.length_b   165.549
_cell.length_c   536.178
_cell.angle_alpha   90.00
_cell.angle_beta   90.00
_cell.angle_gamma   90.00
#
_symmetry.space_group_name_H-M   'I 21 21 21'
#
loop_
_entity.id
_entity.type
_entity.pdbx_description
1 polymer 'Integrin alpha-X'
2 polymer 'Integrin beta-2'
3 branched 2-acetamido-2-deoxy-beta-D-glucopyranose-(1-4)-2-acetamido-2-deoxy-beta-D-glucopyranose
4 branched alpha-D-mannopyranose-(1-3)-[alpha-D-mannopyranose-(1-6)]alpha-D-mannopyranose-(1-4)-2-acetamido-2-deoxy-beta-D-glucopyranose-(1-4)-2-acetamido-2-deoxy-beta-D-glucopyranose
5 branched alpha-D-mannopyranose-(1-4)-2-acetamido-2-deoxy-beta-D-glucopyranose-(1-4)-2-acetamido-2-deoxy-beta-D-glucopyranose
6 non-polymer 2-acetamido-2-deoxy-beta-D-glucopyranose
7 non-polymer 'CALCIUM ION'
8 non-polymer alpha-D-mannopyranose
#
loop_
_entity_poly.entity_id
_entity_poly.type
_entity_poly.pdbx_seq_one_letter_code
_entity_poly.pdbx_strand_id
1 'polypeptide(L)'
;FNLDTEELTAFRVDSAGFGDSVVQYANSWVVVGAPQKITAANQTGGLYQCGYSTGACEPIGLQVPPEAVNMSLGLSLAST
TSPSQLLACGPTVHHECGRNMYLTGLCFLLGPTQLTQRLPVSRQECPRQEQDIVFLIDGSGSISSRNFATMMNFVRAVIS
QFQRPSTQFSLMQFSNKFQTHFTFEEFRRSSNPLSLLASVHQLQGFTYTATAIQNVVHRLFHASYGARRDAAKILIVITD
GKKEGDSLDYKDVIPMADAAGIIRYAIGVGLAFQNRNSWKELNDIASKPSQEHIFKVEDFDALKDIQNQLKEKIFAIEGT
ETTSSSSFELEMAQEGFSAVFTPDGPVLGAVGSFTWSGGAFLYPPNMSPTFINMSQENVDMRDSYLGYSTELALWKGVQS
LVLGAPRYQHTGKAVIFTQVSRQWRMKAEVTGTQIGSYFGASLCSVDVDSDGSTDLVLIGAPHYYEQTRGGQVSVCPLPR
GWRRWWCDAVLYGEQGHPWGRFGAALTVLGDVNGDKLTDVVIGAPGEEENRGAVYLFHGVLGPSISPSHSQRIAGSQLSS
RLQYFGQALSGGQDLTQDGLVDLAVGARGQVLLLRTRPVLWVGVSMQFIPAEIPRSAFECREQVVSEQTLVQSNICLYID
KRSKNLLGSRDLQSSVTLDLALDPGRLSPRATFQETKNRSLSRVRVLGLKAHCENFNLLLPSCVEDSVTPITLRLNFTLV
GKPLLAFRNLRPMLAADAQRYFTASLPFEKNCGADHICQDNLGISFSFPGLKSLLVGSNLELNAEVMVWNDGEDSYGTTI
TFSHPAGLSYRYVAEGQKQGQLRSLHLTCDSAPVGSQGTWSTSCRINHLIFRGGAQITFLATFDVSPKAVLGDRLLLTAN
VSSENNTPRTSKTTFQLELPVKYAVYTVVSSHEQFTKYLNFSESEEKESHVAMHRYQVNNLGQRDLPVSINFWVPVELNQ
EAVWMDVEVSHPQNPSLRCSSEKIAPPASDFLAHIQKNPVLDCSIAGCLRFRCDVPSFSVQEELDFTLKGNLSFGWVRQI
LQKKVSVVSVAEITFDTSVYSQLPGQEAFMRAQTTTVLEKYKVHGCGGLENLYFQ
;
A,C
2 'polypeptide(L)'
;QECTKFKVSSCRECIESGPGCTWCQKLNFTGPGDPDSIRCDTRPQLLMRGCAADDIMDPTSLAETQEDHNGGQKQLSPQK
VTLYLRPGQAAAFNVTFRRAKGYPIDLYYLMDLSYSMLDDLRNVKKLGGDLLRALNEITESGRIGFGSFVDKTVLPFVNT
HPDKLRNPCPNKEKECQPPFAFRHVLKLTNNSNQFQTEVGKQLISGNLDAPEGGLDAMMQVAACPEEIGWRNVTRLLVFA
TDDGFHFAGDGKLGAILTPNDGRCHLEDNLYKRSNEFDYPSVGQLAHKLAENNIQPIFAVTSRMVKTYEKLTEIIPKSAV
GELSEDSSNVVQLIKNAYNKLSSRVFLDHNALPDTLKVTYDSFCSNGVTHRNQPRGDCDGVQINVPITFQVKVTATECIQ
EQSFVIRALGFTDIVTVQVLPQCECRCRDQSRDRSLCHGKGFLECGICRCDTGYIGKNCECQTQGRSSQELEGSCRKDNN
SIICSGLGDCVCGQCLCHTSDVPGKLIYGQYCECDTINCERYNGQVCGGPGRGLCFCGKCRCHPGFEGSACQCERTTEGC
LNPRRVECSGRGRCRCNVCECHSGYQLPLCQECPGCPSPCGKYISCAECLKFEKGPFGKNCSAACPGLQLSNNPVKGRTC
KERDSEGCWVAYTLEQQDGMDRYLIYVDESRECVAGPDGCGENLYFQ
;
B,D
#
# COMPACT_ATOMS: atom_id res chain seq x y z
N PHE A 1 -38.74 11.19 23.16
CA PHE A 1 -38.65 12.64 23.53
C PHE A 1 -39.84 13.45 22.99
N ASN A 2 -40.81 12.76 22.39
CA ASN A 2 -41.99 13.39 21.80
C ASN A 2 -43.30 12.93 22.44
N LEU A 3 -43.41 13.07 23.76
CA LEU A 3 -44.60 12.66 24.51
C LEU A 3 -45.31 13.89 25.02
N ASP A 4 -46.49 14.16 24.46
CA ASP A 4 -47.18 15.39 24.71
C ASP A 4 -47.37 15.64 26.19
N THR A 5 -47.07 16.87 26.61
CA THR A 5 -47.24 17.26 28.00
C THR A 5 -48.04 18.57 28.09
N GLU A 6 -49.08 18.68 27.25
CA GLU A 6 -49.91 19.88 27.24
C GLU A 6 -51.35 19.58 26.83
N GLU A 7 -51.54 19.19 25.58
CA GLU A 7 -52.87 18.92 25.04
C GLU A 7 -53.18 17.43 25.03
N LEU A 8 -53.57 16.89 26.17
CA LEU A 8 -53.89 15.47 26.29
C LEU A 8 -55.29 15.27 26.86
N THR A 9 -55.74 14.03 26.90
CA THR A 9 -57.06 13.69 27.42
C THR A 9 -56.92 13.06 28.80
N ALA A 10 -57.90 13.30 29.66
CA ALA A 10 -57.89 12.77 31.03
C ALA A 10 -59.27 12.24 31.44
N PHE A 11 -59.31 10.99 31.87
CA PHE A 11 -60.55 10.38 32.37
C PHE A 11 -60.46 10.18 33.87
N ARG A 12 -61.11 11.06 34.62
CA ARG A 12 -61.10 10.98 36.07
C ARG A 12 -62.43 10.43 36.61
N VAL A 13 -62.66 9.13 36.42
CA VAL A 13 -63.85 8.47 36.95
C VAL A 13 -63.56 7.91 38.34
N ASP A 14 -64.15 8.54 39.36
CA ASP A 14 -63.92 8.13 40.76
C ASP A 14 -64.74 6.91 41.16
N SER A 15 -64.15 5.73 41.00
CA SER A 15 -64.82 4.47 41.33
C SER A 15 -63.91 3.57 42.15
N ALA A 16 -63.44 4.08 43.28
CA ALA A 16 -62.61 3.30 44.18
C ALA A 16 -61.24 2.99 43.57
N GLY A 17 -61.02 1.72 43.23
CA GLY A 17 -59.75 1.30 42.66
C GLY A 17 -59.69 1.48 41.15
N PHE A 18 -60.33 2.54 40.66
CA PHE A 18 -60.34 2.86 39.24
C PHE A 18 -58.97 3.30 38.76
N GLY A 19 -58.70 3.09 37.48
CA GLY A 19 -57.41 3.46 36.92
C GLY A 19 -56.27 2.78 37.66
N ASP A 20 -56.45 1.50 37.95
CA ASP A 20 -55.45 0.74 38.68
C ASP A 20 -54.79 -0.27 37.73
N SER A 21 -55.49 -0.62 36.66
CA SER A 21 -54.96 -1.52 35.63
C SER A 21 -55.66 -1.23 34.31
N VAL A 22 -54.87 -0.99 33.27
CA VAL A 22 -55.42 -0.54 31.99
C VAL A 22 -54.76 -1.27 30.82
N VAL A 23 -55.44 -1.28 29.66
CA VAL A 23 -54.92 -1.93 28.45
C VAL A 23 -55.49 -1.28 27.19
N GLN A 24 -54.74 -1.38 26.10
CA GLN A 24 -55.21 -0.87 24.82
C GLN A 24 -56.18 -1.83 24.18
N TYR A 25 -57.46 -1.46 24.18
CA TYR A 25 -58.47 -2.27 23.49
C TYR A 25 -58.30 -2.11 22.00
N ALA A 26 -59.15 -2.81 21.23
CA ALA A 26 -59.34 -2.50 19.82
C ALA A 26 -59.11 -1.01 19.70
N ASN A 27 -58.40 -0.59 18.65
CA ASN A 27 -57.84 0.75 18.56
C ASN A 27 -58.78 1.88 18.98
N SER A 28 -60.08 1.67 18.82
CA SER A 28 -61.05 2.72 19.03
C SER A 28 -61.27 3.11 20.51
N TRP A 29 -60.90 2.20 21.42
CA TRP A 29 -61.25 2.31 22.84
C TRP A 29 -60.13 1.87 23.79
N VAL A 30 -60.22 2.36 25.03
CA VAL A 30 -59.28 1.98 26.07
C VAL A 30 -60.04 1.51 27.30
N VAL A 31 -59.65 0.35 27.80
CA VAL A 31 -60.33 -0.28 28.92
C VAL A 31 -59.55 -0.12 30.21
N VAL A 32 -60.20 0.41 31.23
CA VAL A 32 -59.60 0.59 32.54
C VAL A 32 -60.19 -0.42 33.52
N GLY A 33 -59.54 -0.57 34.68
CA GLY A 33 -59.95 -1.55 35.66
C GLY A 33 -60.21 -0.93 37.01
N ALA A 34 -61.26 -1.39 37.68
CA ALA A 34 -61.59 -0.93 39.02
C ALA A 34 -61.98 -2.15 39.87
N PRO A 35 -60.98 -2.94 40.29
CA PRO A 35 -61.22 -4.15 41.09
C PRO A 35 -62.05 -3.89 42.34
N GLN A 36 -61.82 -2.75 42.97
CA GLN A 36 -62.48 -2.43 44.23
C GLN A 36 -63.69 -1.54 44.04
N LYS A 37 -64.38 -1.70 42.92
CA LYS A 37 -65.63 -0.99 42.70
C LYS A 37 -66.78 -1.85 43.24
N ILE A 38 -66.97 -1.79 44.55
CA ILE A 38 -67.94 -2.62 45.25
C ILE A 38 -69.28 -2.76 44.54
N THR A 39 -69.72 -4.00 44.35
CA THR A 39 -71.01 -4.28 43.75
C THR A 39 -71.66 -5.47 44.46
N ALA A 40 -72.90 -5.27 44.90
CA ALA A 40 -73.64 -6.33 45.59
C ALA A 40 -72.95 -6.71 46.92
N ALA A 41 -72.95 -7.99 47.25
CA ALA A 41 -72.40 -8.44 48.52
C ALA A 41 -70.93 -8.82 48.38
N ASN A 42 -70.06 -7.94 48.82
CA ASN A 42 -68.62 -8.18 48.73
C ASN A 42 -68.26 -8.96 47.47
N GLN A 43 -68.66 -8.42 46.32
CA GLN A 43 -68.51 -9.12 45.06
C GLN A 43 -67.46 -8.49 44.14
N THR A 44 -67.79 -8.31 42.87
CA THR A 44 -66.84 -7.87 41.86
C THR A 44 -66.55 -6.38 41.95
N GLY A 45 -65.88 -5.85 40.92
CA GLY A 45 -65.61 -4.44 40.80
C GLY A 45 -66.35 -3.82 39.63
N GLY A 46 -65.78 -3.99 38.43
CA GLY A 46 -66.42 -3.50 37.22
C GLY A 46 -65.41 -2.91 36.27
N LEU A 47 -65.78 -2.82 35.00
CA LEU A 47 -64.91 -2.26 33.96
C LEU A 47 -65.52 -1.00 33.30
N TYR A 48 -64.68 -0.23 32.62
CA TYR A 48 -65.11 0.99 31.96
C TYR A 48 -64.42 1.17 30.61
N GLN A 49 -65.22 1.36 29.56
CA GLN A 49 -64.67 1.65 28.25
C GLN A 49 -64.75 3.15 28.01
N CYS A 50 -63.67 3.72 27.48
CA CYS A 50 -63.62 5.15 27.25
C CYS A 50 -63.23 5.43 25.80
N GLY A 51 -63.91 6.39 25.18
CA GLY A 51 -63.61 6.80 23.83
C GLY A 51 -63.00 8.20 23.81
N TYR A 52 -62.25 8.50 22.75
CA TYR A 52 -61.57 9.79 22.63
C TYR A 52 -62.55 10.89 22.19
N SER A 53 -63.40 10.58 21.22
CA SER A 53 -64.38 11.53 20.71
C SER A 53 -64.92 12.42 21.82
N THR A 54 -65.57 11.80 22.79
CA THR A 54 -66.06 12.51 23.97
C THR A 54 -65.31 12.06 25.21
N GLY A 55 -64.81 13.02 25.98
CA GLY A 55 -64.07 12.73 27.19
C GLY A 55 -64.96 12.23 28.31
N ALA A 56 -65.34 10.95 28.23
CA ALA A 56 -66.23 10.36 29.21
C ALA A 56 -66.12 8.84 29.16
N CYS A 57 -66.37 8.20 30.30
CA CYS A 57 -66.30 6.75 30.38
C CYS A 57 -67.67 6.14 30.61
N GLU A 58 -68.06 5.22 29.74
CA GLU A 58 -69.34 4.52 29.87
C GLU A 58 -69.13 3.16 30.53
N PRO A 59 -69.97 2.82 31.51
CA PRO A 59 -69.92 1.49 32.11
C PRO A 59 -70.05 0.40 31.05
N ILE A 60 -69.54 -0.79 31.33
CA ILE A 60 -69.66 -1.89 30.38
C ILE A 60 -70.55 -3.01 30.93
N GLY A 61 -71.49 -3.45 30.11
CA GLY A 61 -72.44 -4.48 30.51
C GLY A 61 -71.75 -5.80 30.77
N LEU A 62 -72.13 -6.45 31.87
CA LEU A 62 -71.53 -7.73 32.24
C LEU A 62 -72.51 -8.62 32.97
N GLN A 63 -72.50 -9.91 32.63
CA GLN A 63 -73.34 -10.89 33.30
C GLN A 63 -72.55 -11.59 34.39
N VAL A 64 -72.32 -10.88 35.50
CA VAL A 64 -71.55 -11.43 36.63
C VAL A 64 -72.31 -12.55 37.33
N PRO A 65 -71.85 -13.80 37.16
CA PRO A 65 -72.55 -14.95 37.77
C PRO A 65 -72.54 -14.86 39.29
N PRO A 66 -73.65 -15.28 39.92
CA PRO A 66 -73.70 -15.30 41.38
C PRO A 66 -72.58 -16.15 41.95
N GLU A 67 -72.09 -17.10 41.16
CA GLU A 67 -71.03 -18.00 41.59
C GLU A 67 -69.77 -17.23 41.97
N ALA A 68 -69.32 -16.37 41.07
CA ALA A 68 -68.11 -15.60 41.31
C ALA A 68 -68.34 -14.51 42.35
N VAL A 69 -67.65 -14.62 43.48
CA VAL A 69 -67.81 -13.66 44.58
C VAL A 69 -66.48 -13.00 44.93
N ASN A 70 -66.57 -11.77 45.44
CA ASN A 70 -65.40 -10.98 45.79
C ASN A 70 -64.23 -11.17 44.83
N MET A 71 -64.51 -11.29 43.54
CA MET A 71 -63.48 -11.53 42.54
C MET A 71 -62.82 -10.23 42.12
N SER A 72 -63.45 -9.10 42.45
CA SER A 72 -62.89 -7.81 42.11
C SER A 72 -62.24 -7.85 40.72
N LEU A 73 -63.06 -7.93 39.68
CA LEU A 73 -62.55 -8.03 38.30
C LEU A 73 -61.87 -6.74 37.84
N GLY A 74 -61.12 -6.84 36.74
CA GLY A 74 -60.38 -5.71 36.21
C GLY A 74 -58.94 -5.66 36.68
N LEU A 75 -58.66 -6.32 37.81
CA LEU A 75 -57.32 -6.33 38.37
C LEU A 75 -56.29 -6.75 37.33
N SER A 76 -56.62 -7.78 36.56
CA SER A 76 -55.75 -8.27 35.50
C SER A 76 -56.43 -8.01 34.16
N LEU A 77 -55.68 -7.45 33.21
CA LEU A 77 -56.22 -7.17 31.88
C LEU A 77 -55.25 -7.63 30.79
N ALA A 78 -55.75 -7.73 29.57
CA ALA A 78 -54.92 -8.14 28.45
C ALA A 78 -55.71 -8.00 27.15
N SER A 79 -55.05 -7.52 26.10
CA SER A 79 -55.72 -7.33 24.81
C SER A 79 -54.88 -7.82 23.64
N THR A 80 -55.54 -8.41 22.63
CA THR A 80 -54.86 -8.83 21.40
C THR A 80 -55.34 -7.99 20.20
N THR A 81 -54.63 -8.09 19.10
CA THR A 81 -54.92 -7.32 17.91
C THR A 81 -55.27 -8.26 16.76
N SER A 82 -55.18 -9.56 17.00
CA SER A 82 -55.03 -10.53 15.93
C SER A 82 -56.31 -10.55 15.11
N PRO A 83 -57.38 -11.13 15.65
CA PRO A 83 -58.60 -10.34 15.64
C PRO A 83 -58.69 -9.55 16.94
N SER A 84 -59.24 -8.35 16.91
CA SER A 84 -59.39 -7.55 18.13
C SER A 84 -60.26 -8.24 19.19
N GLN A 85 -59.63 -8.63 20.30
CA GLN A 85 -60.36 -9.14 21.47
C GLN A 85 -59.80 -8.51 22.74
N LEU A 86 -60.53 -8.69 23.84
CA LEU A 86 -60.08 -8.19 25.15
C LEU A 86 -60.32 -9.23 26.23
N LEU A 87 -59.54 -9.14 27.31
CA LEU A 87 -59.62 -10.10 28.40
C LEU A 87 -59.57 -9.38 29.75
N ALA A 88 -60.71 -9.31 30.43
CA ALA A 88 -60.78 -8.82 31.81
C ALA A 88 -60.88 -10.01 32.78
N CYS A 89 -60.52 -9.80 34.03
CA CYS A 89 -60.44 -10.90 34.98
C CYS A 89 -60.76 -10.48 36.40
N GLY A 90 -61.55 -11.29 37.08
CA GLY A 90 -61.53 -11.35 38.53
C GLY A 90 -60.61 -12.48 38.96
N PRO A 91 -59.38 -12.13 39.41
CA PRO A 91 -58.41 -13.06 40.00
C PRO A 91 -58.64 -13.38 41.48
N THR A 92 -59.87 -13.24 41.98
CA THR A 92 -60.12 -13.41 43.41
C THR A 92 -61.51 -13.98 43.69
N VAL A 93 -61.91 -14.97 42.92
CA VAL A 93 -63.21 -15.62 43.10
C VAL A 93 -63.21 -16.34 44.44
N HIS A 94 -64.34 -16.30 45.13
CA HIS A 94 -64.49 -17.04 46.38
C HIS A 94 -65.62 -18.06 46.27
N HIS A 95 -65.27 -19.33 46.40
CA HIS A 95 -66.26 -20.40 46.39
C HIS A 95 -66.20 -21.13 47.73
N GLU A 96 -67.34 -21.13 48.43
CA GLU A 96 -67.42 -21.73 49.76
C GLU A 96 -67.55 -23.25 49.70
N CYS A 97 -66.52 -23.95 50.16
CA CYS A 97 -66.53 -25.41 50.23
C CYS A 97 -66.81 -25.87 51.66
N GLY A 98 -67.44 -25.01 52.45
CA GLY A 98 -67.78 -25.35 53.81
C GLY A 98 -66.70 -24.93 54.79
N ARG A 99 -65.88 -25.89 55.21
CA ARG A 99 -64.84 -25.64 56.21
C ARG A 99 -64.05 -24.39 55.89
N ASN A 100 -63.62 -24.28 54.63
CA ASN A 100 -62.84 -23.13 54.20
C ASN A 100 -62.96 -22.88 52.70
N MET A 101 -63.13 -21.61 52.32
CA MET A 101 -63.25 -21.23 50.93
C MET A 101 -61.86 -21.00 50.33
N TYR A 102 -61.81 -20.86 49.01
CA TYR A 102 -60.54 -20.69 48.30
C TYR A 102 -60.68 -19.63 47.21
N LEU A 103 -59.68 -19.56 46.33
CA LEU A 103 -59.66 -18.57 45.24
C LEU A 103 -59.36 -19.21 43.90
N THR A 104 -60.26 -19.04 42.93
CA THR A 104 -60.15 -19.74 41.65
C THR A 104 -59.85 -18.82 40.46
N GLY A 105 -60.54 -17.69 40.40
CA GLY A 105 -60.37 -16.76 39.29
C GLY A 105 -61.35 -17.02 38.16
N LEU A 106 -61.85 -15.95 37.56
CA LEU A 106 -62.83 -16.03 36.48
C LEU A 106 -62.61 -14.88 35.50
N CYS A 107 -62.48 -15.22 34.23
CA CYS A 107 -62.23 -14.21 33.20
C CYS A 107 -63.34 -14.14 32.15
N PHE A 108 -63.33 -13.04 31.39
CA PHE A 108 -64.33 -12.77 30.36
C PHE A 108 -63.70 -12.26 29.06
N LEU A 109 -64.04 -12.90 27.93
CA LEU A 109 -63.57 -12.47 26.61
C LEU A 109 -64.68 -11.72 25.86
N LEU A 110 -64.40 -10.46 25.53
CA LEU A 110 -65.39 -9.63 24.83
C LEU A 110 -64.96 -9.41 23.38
N GLY A 111 -65.56 -8.40 22.75
CA GLY A 111 -65.20 -8.05 21.39
C GLY A 111 -66.41 -7.97 20.49
N PRO A 112 -66.18 -7.74 19.20
CA PRO A 112 -67.20 -7.76 18.16
C PRO A 112 -67.60 -9.17 17.80
N THR A 113 -67.86 -10.00 18.80
CA THR A 113 -68.25 -11.39 18.58
C THR A 113 -69.18 -11.84 19.71
N GLN A 114 -69.01 -13.08 20.17
CA GLN A 114 -69.82 -13.62 21.26
C GLN A 114 -69.13 -13.34 22.60
N LEU A 115 -69.91 -12.94 23.60
CA LEU A 115 -69.35 -12.66 24.92
C LEU A 115 -69.04 -13.96 25.62
N THR A 116 -67.84 -14.50 25.39
CA THR A 116 -67.42 -15.76 26.00
C THR A 116 -67.01 -15.57 27.47
N GLN A 117 -67.01 -16.65 28.25
CA GLN A 117 -66.40 -16.63 29.58
C GLN A 117 -65.67 -17.92 29.78
N ARG A 118 -64.39 -17.80 30.10
CA ARG A 118 -63.50 -18.91 29.79
C ARG A 118 -62.38 -19.16 30.80
N LEU A 119 -62.77 -19.78 31.90
CA LEU A 119 -61.87 -20.67 32.61
C LEU A 119 -62.02 -22.16 32.16
N PRO A 120 -63.11 -22.51 31.44
CA PRO A 120 -64.32 -21.73 31.15
C PRO A 120 -65.59 -22.03 31.93
N VAL A 121 -65.80 -21.30 33.03
CA VAL A 121 -67.12 -21.20 33.64
C VAL A 121 -67.68 -22.55 34.05
N SER A 122 -66.83 -23.56 34.01
CA SER A 122 -67.04 -24.74 34.82
C SER A 122 -66.72 -24.28 36.24
N ARG A 123 -67.72 -23.72 36.92
CA ARG A 123 -67.52 -23.21 38.27
C ARG A 123 -66.73 -24.23 39.07
N GLN A 124 -65.53 -23.85 39.49
CA GLN A 124 -64.57 -24.81 40.02
C GLN A 124 -65.02 -25.41 41.36
N GLU A 125 -65.67 -26.58 41.30
CA GLU A 125 -66.23 -27.21 42.49
C GLU A 125 -65.18 -27.56 43.52
N CYS A 126 -65.61 -27.71 44.78
CA CYS A 126 -64.70 -27.95 45.89
C CYS A 126 -63.99 -29.30 45.75
N PRO A 127 -62.99 -29.55 46.61
CA PRO A 127 -62.20 -30.79 46.54
C PRO A 127 -62.95 -31.98 47.13
N SER A 326 -48.56 -27.72 53.20
CA SER A 326 -49.13 -29.13 53.17
C SER A 326 -48.99 -29.97 51.73
N SER A 327 -49.65 -29.43 50.65
CA SER A 327 -50.42 -30.37 49.75
C SER A 327 -50.82 -29.84 48.35
N PHE A 328 -51.13 -28.53 48.36
CA PHE A 328 -52.24 -28.00 47.59
C PHE A 328 -52.22 -28.43 46.14
N GLU A 329 -53.34 -28.24 45.49
CA GLU A 329 -53.42 -28.55 44.08
C GLU A 329 -53.78 -27.30 43.30
N LEU A 330 -55.06 -26.97 43.26
CA LEU A 330 -55.51 -25.83 42.50
C LEU A 330 -56.73 -25.23 43.16
N GLU A 331 -56.59 -24.85 44.43
CA GLU A 331 -57.71 -24.29 45.18
C GLU A 331 -57.57 -22.77 45.25
N MET A 332 -56.36 -22.29 45.48
CA MET A 332 -56.10 -20.86 45.58
C MET A 332 -55.06 -20.46 44.54
N ALA A 333 -55.35 -20.78 43.29
CA ALA A 333 -54.43 -20.47 42.20
C ALA A 333 -54.78 -19.15 41.50
N GLN A 334 -55.94 -18.59 41.85
CA GLN A 334 -56.38 -17.30 41.32
C GLN A 334 -56.00 -17.13 39.85
N GLU A 335 -56.25 -18.17 39.06
CA GLU A 335 -55.91 -18.14 37.64
C GLU A 335 -56.46 -16.86 37.00
N GLY A 336 -55.70 -16.32 36.05
CA GLY A 336 -56.07 -15.08 35.38
C GLY A 336 -55.45 -13.88 36.08
N PHE A 337 -54.61 -14.16 37.06
CA PHE A 337 -53.90 -13.11 37.78
C PHE A 337 -53.11 -12.26 36.79
N SER A 338 -52.68 -12.89 35.71
CA SER A 338 -51.99 -12.19 34.63
C SER A 338 -52.18 -12.97 33.35
N ALA A 339 -52.63 -12.29 32.30
CA ALA A 339 -52.95 -12.96 31.04
C ALA A 339 -52.35 -12.27 29.81
N VAL A 340 -52.09 -13.06 28.77
CA VAL A 340 -51.57 -12.54 27.50
C VAL A 340 -51.94 -13.49 26.37
N PHE A 341 -52.30 -12.94 25.21
CA PHE A 341 -52.79 -13.77 24.10
C PHE A 341 -51.64 -14.46 23.35
N THR A 342 -52.01 -15.10 22.24
CA THR A 342 -51.05 -15.74 21.35
C THR A 342 -51.83 -16.44 20.23
N PRO A 343 -51.23 -16.52 19.03
CA PRO A 343 -51.89 -17.06 17.85
C PRO A 343 -52.70 -18.34 18.10
N ASP A 344 -52.24 -19.13 19.06
CA ASP A 344 -52.93 -20.37 19.40
C ASP A 344 -53.66 -20.28 20.74
N GLY A 345 -54.58 -19.31 20.85
CA GLY A 345 -55.45 -19.19 22.02
C GLY A 345 -54.84 -18.44 23.19
N PRO A 346 -55.68 -17.78 24.00
CA PRO A 346 -55.22 -17.00 25.17
C PRO A 346 -54.44 -17.84 26.18
N VAL A 347 -53.93 -17.20 27.24
CA VAL A 347 -53.12 -17.88 28.24
C VAL A 347 -53.21 -17.16 29.57
N LEU A 348 -53.87 -17.77 30.55
CA LEU A 348 -53.97 -17.20 31.89
C LEU A 348 -52.98 -17.89 32.84
N GLY A 349 -52.60 -17.19 33.92
CA GLY A 349 -51.56 -17.66 34.81
C GLY A 349 -52.05 -18.02 36.21
N ALA A 350 -51.71 -19.21 36.67
CA ALA A 350 -52.02 -19.66 38.02
C ALA A 350 -50.80 -19.47 38.92
N VAL A 351 -51.03 -19.21 40.21
CA VAL A 351 -49.95 -18.93 41.15
C VAL A 351 -49.83 -20.01 42.23
N GLY A 352 -50.97 -20.41 42.78
CA GLY A 352 -51.00 -21.35 43.89
C GLY A 352 -51.09 -22.80 43.46
N SER A 353 -50.45 -23.12 42.33
CA SER A 353 -50.43 -24.48 41.84
C SER A 353 -49.56 -25.38 42.72
N PHE A 354 -50.20 -26.22 43.51
CA PHE A 354 -49.51 -27.21 44.33
C PHE A 354 -48.84 -26.54 45.52
N THR A 355 -47.52 -26.54 45.55
CA THR A 355 -46.79 -25.85 46.59
C THR A 355 -46.65 -24.39 46.22
N TRP A 356 -47.73 -23.81 45.72
CA TRP A 356 -47.70 -22.44 45.21
C TRP A 356 -46.56 -22.28 44.22
N SER A 357 -46.24 -23.37 43.53
CA SER A 357 -45.22 -23.35 42.48
C SER A 357 -45.62 -22.37 41.39
N GLY A 358 -46.74 -22.68 40.71
CA GLY A 358 -47.27 -21.83 39.67
C GLY A 358 -47.36 -22.49 38.30
N GLY A 359 -47.85 -21.74 37.33
CA GLY A 359 -47.99 -22.20 35.97
C GLY A 359 -48.87 -21.29 35.13
N ALA A 360 -49.39 -21.83 34.03
CA ALA A 360 -50.27 -21.08 33.13
C ALA A 360 -51.13 -21.99 32.23
N PHE A 361 -52.45 -21.80 32.28
CA PHE A 361 -53.38 -22.62 31.51
C PHE A 361 -53.57 -22.04 30.11
N LEU A 362 -53.16 -22.81 29.11
CA LEU A 362 -53.38 -22.42 27.73
C LEU A 362 -54.73 -22.92 27.27
N TYR A 363 -55.49 -22.06 26.59
CA TYR A 363 -56.75 -22.46 25.94
C TYR A 363 -56.65 -22.40 24.42
N PRO A 364 -56.76 -23.55 23.76
CA PRO A 364 -56.86 -23.64 22.29
C PRO A 364 -58.23 -23.25 21.71
N PRO A 365 -58.44 -23.52 20.41
CA PRO A 365 -59.69 -23.17 19.72
C PRO A 365 -60.85 -24.11 20.03
N ASN A 366 -61.46 -23.94 21.20
CA ASN A 366 -62.58 -24.77 21.60
C ASN A 366 -62.14 -26.18 21.97
N MET A 367 -60.90 -26.52 21.66
CA MET A 367 -60.28 -27.75 22.14
C MET A 367 -59.99 -27.61 23.62
N SER A 368 -60.05 -28.72 24.34
CA SER A 368 -59.77 -28.71 25.77
C SER A 368 -58.39 -28.14 26.03
N PRO A 369 -58.28 -27.27 27.04
CA PRO A 369 -57.04 -26.54 27.34
C PRO A 369 -55.92 -27.40 27.92
N THR A 370 -54.69 -26.92 27.82
CA THR A 370 -53.55 -27.57 28.45
C THR A 370 -53.06 -26.74 29.63
N PHE A 371 -51.88 -27.10 30.15
CA PHE A 371 -51.32 -26.44 31.32
C PHE A 371 -49.84 -26.78 31.48
N ILE A 372 -49.07 -25.81 31.93
CA ILE A 372 -47.63 -25.98 32.10
C ILE A 372 -47.12 -25.53 33.47
N ASN A 373 -46.88 -26.49 34.36
CA ASN A 373 -46.11 -26.24 35.58
C ASN A 373 -44.65 -26.59 35.34
N MET A 374 -43.93 -26.90 36.41
CA MET A 374 -42.51 -27.23 36.28
C MET A 374 -42.23 -28.66 36.71
N SER A 375 -43.23 -29.52 36.57
CA SER A 375 -43.20 -30.87 37.09
C SER A 375 -43.00 -30.85 38.60
N GLN A 376 -42.93 -32.03 39.20
CA GLN A 376 -42.67 -32.12 40.63
C GLN A 376 -41.20 -32.47 40.83
N GLU A 377 -40.63 -33.19 39.86
CA GLU A 377 -39.20 -33.53 39.91
C GLU A 377 -38.39 -32.26 40.14
N ASN A 378 -38.99 -31.10 39.86
CA ASN A 378 -38.37 -29.83 40.19
C ASN A 378 -38.61 -29.48 41.66
N VAL A 379 -37.73 -29.96 42.53
CA VAL A 379 -37.91 -29.83 43.96
C VAL A 379 -38.16 -28.38 44.40
N ASP A 380 -37.40 -27.44 43.83
CA ASP A 380 -37.45 -26.05 44.24
C ASP A 380 -38.71 -25.36 43.72
N MET A 381 -38.70 -24.04 43.76
CA MET A 381 -39.79 -23.24 43.21
C MET A 381 -40.99 -23.21 44.14
N ARG A 382 -40.77 -23.51 45.40
CA ARG A 382 -41.84 -23.45 46.38
C ARG A 382 -42.10 -21.99 46.72
N ASP A 383 -43.34 -21.56 46.55
CA ASP A 383 -43.74 -20.21 46.89
C ASP A 383 -42.92 -19.21 46.06
N SER A 384 -43.20 -19.17 44.77
CA SER A 384 -42.51 -18.25 43.88
C SER A 384 -43.52 -17.48 43.02
N TYR A 385 -44.78 -17.86 43.10
CA TYR A 385 -45.84 -17.25 42.28
C TYR A 385 -45.51 -17.30 40.79
N LEU A 386 -44.92 -18.40 40.34
CA LEU A 386 -44.62 -18.59 38.92
C LEU A 386 -45.87 -18.30 38.10
N GLY A 387 -45.85 -17.18 37.36
CA GLY A 387 -47.01 -16.77 36.58
C GLY A 387 -47.64 -15.51 37.15
N TYR A 388 -46.93 -14.86 38.05
CA TYR A 388 -47.35 -13.57 38.58
C TYR A 388 -47.52 -12.59 37.41
N SER A 389 -46.58 -12.64 36.46
CA SER A 389 -46.65 -11.86 35.24
C SER A 389 -46.42 -12.79 34.06
N THR A 390 -47.11 -12.54 32.95
CA THR A 390 -46.98 -13.39 31.78
C THR A 390 -46.87 -12.57 30.49
N GLU A 391 -46.10 -13.08 29.54
CA GLU A 391 -45.89 -12.37 28.28
C GLU A 391 -45.56 -13.33 27.15
N LEU A 392 -45.88 -12.91 25.92
CA LEU A 392 -45.61 -13.71 24.73
C LEU A 392 -44.16 -13.52 24.27
N ALA A 393 -43.73 -14.32 23.30
CA ALA A 393 -42.38 -14.17 22.73
C ALA A 393 -42.33 -14.75 21.32
N LEU A 394 -43.30 -14.34 20.49
CA LEU A 394 -43.42 -14.85 19.14
C LEU A 394 -42.08 -14.84 18.45
N TRP A 395 -41.98 -15.71 17.46
CA TRP A 395 -40.78 -15.84 16.65
C TRP A 395 -41.03 -16.22 15.21
N LYS A 396 -39.97 -16.19 14.42
CA LYS A 396 -40.08 -16.70 13.07
C LYS A 396 -40.52 -18.16 13.14
N GLY A 397 -40.19 -18.84 14.23
CA GLY A 397 -40.61 -20.21 14.43
C GLY A 397 -41.86 -20.33 15.29
N VAL A 398 -41.79 -21.14 16.34
CA VAL A 398 -42.93 -21.34 17.23
C VAL A 398 -42.94 -20.29 18.33
N GLN A 399 -44.07 -20.15 19.02
CA GLN A 399 -44.24 -19.15 20.07
C GLN A 399 -43.42 -19.55 21.29
N SER A 400 -43.35 -18.66 22.28
CA SER A 400 -42.66 -18.94 23.54
C SER A 400 -43.31 -18.12 24.66
N LEU A 401 -43.63 -18.77 25.79
CA LEU A 401 -44.22 -18.08 26.93
C LEU A 401 -43.19 -17.75 28.00
N VAL A 402 -43.54 -16.84 28.89
CA VAL A 402 -42.64 -16.45 29.96
C VAL A 402 -43.43 -16.12 31.21
N LEU A 403 -42.95 -16.64 32.34
CA LEU A 403 -43.61 -16.41 33.60
C LEU A 403 -42.64 -15.77 34.60
N GLY A 404 -43.18 -14.92 35.47
CA GLY A 404 -42.40 -14.21 36.47
C GLY A 404 -42.55 -14.78 37.86
N ALA A 405 -41.44 -15.17 38.47
CA ALA A 405 -41.45 -15.80 39.78
C ALA A 405 -40.71 -14.93 40.79
N PRO A 406 -41.40 -13.88 41.30
CA PRO A 406 -40.81 -12.89 42.21
C PRO A 406 -40.08 -13.50 43.41
N ARG A 407 -40.50 -14.70 43.83
CA ARG A 407 -40.03 -15.26 45.08
C ARG A 407 -39.48 -16.69 44.92
N TYR A 408 -38.63 -16.91 43.92
CA TYR A 408 -37.89 -18.16 43.82
C TYR A 408 -36.69 -18.11 44.77
N GLN A 409 -36.74 -18.91 45.82
CA GLN A 409 -35.76 -18.82 46.89
C GLN A 409 -35.79 -17.42 47.54
N HIS A 410 -36.96 -16.78 47.47
CA HIS A 410 -37.20 -15.48 48.13
C HIS A 410 -36.47 -14.31 47.46
N THR A 411 -35.85 -14.57 46.31
CA THR A 411 -35.13 -13.52 45.58
C THR A 411 -35.93 -13.12 44.34
N GLY A 412 -36.14 -14.07 43.43
CA GLY A 412 -36.88 -13.82 42.20
C GLY A 412 -36.17 -14.31 40.96
N LYS A 413 -36.80 -15.25 40.25
CA LYS A 413 -36.28 -15.77 39.00
C LYS A 413 -37.34 -15.63 37.90
N ALA A 414 -36.89 -15.59 36.66
CA ALA A 414 -37.79 -15.56 35.51
C ALA A 414 -37.52 -16.77 34.62
N VAL A 415 -38.57 -17.51 34.27
CA VAL A 415 -38.42 -18.75 33.51
C VAL A 415 -39.18 -18.70 32.19
N ILE A 416 -38.51 -19.12 31.12
CA ILE A 416 -39.08 -19.09 29.78
C ILE A 416 -39.39 -20.51 29.33
N PHE A 417 -40.55 -20.69 28.72
CA PHE A 417 -41.00 -22.01 28.30
C PHE A 417 -41.25 -22.08 26.80
N THR A 418 -40.98 -23.25 26.23
CA THR A 418 -41.27 -23.52 24.83
C THR A 418 -42.28 -24.65 24.74
N GLN A 419 -43.00 -24.72 23.63
CA GLN A 419 -44.01 -25.74 23.43
C GLN A 419 -43.74 -26.54 22.17
N VAL A 420 -42.66 -27.30 22.20
CA VAL A 420 -42.29 -28.17 21.08
C VAL A 420 -43.33 -29.27 20.92
N SER A 421 -43.44 -29.79 19.70
CA SER A 421 -44.37 -30.87 19.41
C SER A 421 -44.23 -32.00 20.42
N ARG A 422 -45.28 -32.21 21.20
CA ARG A 422 -45.29 -33.25 22.20
C ARG A 422 -44.11 -33.11 23.16
N GLN A 423 -43.94 -31.92 23.72
CA GLN A 423 -42.88 -31.66 24.68
C GLN A 423 -43.32 -30.64 25.73
N TRP A 424 -43.40 -29.37 25.33
CA TRP A 424 -43.77 -28.30 26.25
C TRP A 424 -42.82 -28.23 27.44
N ARG A 425 -41.52 -28.26 27.16
CA ARG A 425 -40.52 -28.24 28.22
C ARG A 425 -40.03 -26.81 28.46
N MET A 426 -38.98 -26.69 29.28
CA MET A 426 -38.43 -25.39 29.60
C MET A 426 -37.28 -25.05 28.64
N LYS A 427 -37.26 -23.79 28.20
CA LYS A 427 -36.16 -23.31 27.37
C LYS A 427 -34.97 -23.00 28.27
N ALA A 428 -35.15 -22.02 29.15
CA ALA A 428 -34.07 -21.59 30.06
C ALA A 428 -34.63 -20.65 31.14
N GLU A 429 -33.72 -20.05 31.91
CA GLU A 429 -34.09 -19.24 33.06
C GLU A 429 -32.90 -18.47 33.63
N VAL A 430 -33.18 -17.56 34.55
CA VAL A 430 -32.12 -16.80 35.22
C VAL A 430 -32.55 -16.38 36.62
N THR A 431 -31.75 -16.76 37.61
CA THR A 431 -32.04 -16.42 38.99
C THR A 431 -32.09 -14.90 39.17
N GLY A 432 -32.42 -14.45 40.38
CA GLY A 432 -32.45 -13.04 40.69
C GLY A 432 -31.07 -12.54 41.10
N THR A 433 -30.95 -11.23 41.29
CA THR A 433 -29.66 -10.64 41.62
C THR A 433 -29.54 -10.45 43.12
N GLN A 434 -30.65 -10.19 43.77
CA GLN A 434 -30.66 -9.90 45.19
C GLN A 434 -31.92 -10.44 45.87
N ILE A 435 -31.80 -10.69 47.17
CA ILE A 435 -32.93 -11.18 47.96
C ILE A 435 -33.97 -10.07 48.16
N GLY A 436 -35.23 -10.38 47.84
CA GLY A 436 -36.30 -9.41 48.01
C GLY A 436 -36.41 -8.44 46.84
N SER A 437 -35.38 -8.43 46.00
CA SER A 437 -35.36 -7.57 44.84
C SER A 437 -36.67 -7.71 44.08
N TYR A 438 -37.22 -8.92 44.12
CA TYR A 438 -38.48 -9.20 43.46
C TYR A 438 -38.27 -9.28 41.95
N PHE A 439 -37.16 -9.91 41.55
CA PHE A 439 -36.84 -10.09 40.14
C PHE A 439 -37.81 -11.04 39.43
N GLY A 440 -38.76 -10.48 38.71
CA GLY A 440 -39.78 -11.26 38.02
C GLY A 440 -41.11 -10.52 37.99
N ALA A 441 -41.22 -9.45 38.77
CA ALA A 441 -42.44 -8.64 38.84
C ALA A 441 -43.07 -8.43 37.46
N SER A 442 -42.42 -7.62 36.62
CA SER A 442 -42.93 -7.24 35.30
C SER A 442 -42.11 -7.84 34.19
N LEU A 443 -42.74 -8.05 33.04
CA LEU A 443 -42.01 -8.57 31.89
C LEU A 443 -42.63 -8.02 30.61
N CYS A 444 -41.77 -7.73 29.63
CA CYS A 444 -42.20 -7.19 28.35
C CYS A 444 -41.28 -7.57 27.20
N SER A 445 -41.78 -8.44 26.31
CA SER A 445 -41.07 -8.81 25.09
C SER A 445 -41.20 -7.67 24.09
N VAL A 446 -40.06 -7.08 23.73
CA VAL A 446 -40.06 -5.92 22.87
C VAL A 446 -39.20 -6.19 21.63
N ASP A 447 -39.41 -5.39 20.60
CA ASP A 447 -38.83 -5.62 19.29
C ASP A 447 -37.90 -4.48 18.85
N VAL A 448 -36.61 -4.60 19.18
CA VAL A 448 -35.65 -3.52 18.95
C VAL A 448 -35.83 -2.93 17.56
N ASP A 449 -36.09 -3.79 16.58
CA ASP A 449 -36.32 -3.36 15.21
C ASP A 449 -37.81 -3.49 14.83
N SER A 450 -38.10 -4.10 13.69
CA SER A 450 -39.47 -4.27 13.21
C SER A 450 -39.58 -5.54 12.37
N ASP A 451 -38.70 -6.49 12.61
CA ASP A 451 -38.67 -7.73 11.83
C ASP A 451 -39.78 -8.67 12.28
N GLY A 452 -40.47 -8.30 13.35
CA GLY A 452 -41.63 -9.03 13.79
C GLY A 452 -41.29 -10.22 14.68
N SER A 453 -40.01 -10.59 14.74
CA SER A 453 -39.55 -11.63 15.66
C SER A 453 -39.06 -10.97 16.95
N THR A 454 -39.59 -11.40 18.09
CA THR A 454 -39.22 -10.79 19.38
C THR A 454 -37.73 -10.97 19.64
N ASP A 455 -37.05 -9.85 19.91
CA ASP A 455 -35.59 -9.83 19.99
C ASP A 455 -35.09 -9.93 21.41
N LEU A 456 -35.78 -9.27 22.34
CA LEU A 456 -35.34 -9.25 23.72
C LEU A 456 -36.52 -9.13 24.68
N VAL A 457 -36.22 -9.14 25.97
CA VAL A 457 -37.26 -9.20 26.99
C VAL A 457 -36.86 -8.48 28.26
N LEU A 458 -37.76 -7.63 28.76
CA LEU A 458 -37.51 -6.82 29.93
C LEU A 458 -38.04 -7.51 31.17
N ILE A 459 -37.52 -7.13 32.33
CA ILE A 459 -37.93 -7.72 33.61
C ILE A 459 -38.02 -6.63 34.67
N GLY A 460 -38.83 -6.86 35.71
CA GLY A 460 -39.05 -5.86 36.74
C GLY A 460 -38.57 -6.27 38.12
N ALA A 461 -38.22 -5.29 38.95
CA ALA A 461 -37.77 -5.56 40.31
C ALA A 461 -37.78 -4.28 41.13
N PRO A 462 -38.96 -3.65 41.25
CA PRO A 462 -39.16 -2.33 41.86
C PRO A 462 -38.49 -2.17 43.21
N HIS A 463 -38.31 -3.28 43.91
CA HIS A 463 -37.77 -3.23 45.26
C HIS A 463 -36.37 -3.79 45.27
N TYR A 464 -35.47 -3.12 44.56
CA TYR A 464 -34.08 -3.56 44.50
C TYR A 464 -33.14 -2.37 44.73
N TYR A 465 -31.90 -2.67 45.11
CA TYR A 465 -30.91 -1.62 45.35
C TYR A 465 -29.55 -2.14 45.77
N GLU A 466 -28.65 -1.20 46.07
CA GLU A 466 -27.35 -1.50 46.66
C GLU A 466 -26.92 -0.28 47.49
N GLN A 467 -27.23 0.90 46.97
CA GLN A 467 -27.02 2.14 47.71
C GLN A 467 -28.25 3.05 47.54
N THR A 468 -28.86 3.03 46.36
CA THR A 468 -30.06 3.81 46.09
C THR A 468 -31.20 2.92 45.63
N ARG A 469 -32.34 3.01 46.31
CA ARG A 469 -33.45 2.09 46.05
C ARG A 469 -34.41 2.64 44.99
N GLY A 470 -33.87 3.13 43.89
CA GLY A 470 -34.71 3.63 42.82
C GLY A 470 -35.62 2.56 42.27
N GLY A 471 -35.07 1.37 42.07
CA GLY A 471 -35.78 0.30 41.40
C GLY A 471 -34.85 -0.42 40.45
N GLN A 472 -35.39 -1.28 39.59
CA GLN A 472 -34.56 -2.03 38.66
C GLN A 472 -35.37 -2.73 37.58
N VAL A 473 -35.04 -2.42 36.32
CA VAL A 473 -35.54 -3.17 35.18
C VAL A 473 -34.34 -3.83 34.48
N SER A 474 -34.54 -5.05 33.97
CA SER A 474 -33.44 -5.83 33.41
C SER A 474 -33.71 -6.21 31.95
N VAL A 475 -32.79 -5.85 31.06
CA VAL A 475 -32.88 -6.24 29.65
C VAL A 475 -32.22 -7.59 29.41
N CYS A 476 -32.95 -8.47 28.75
CA CYS A 476 -32.54 -9.85 28.60
C CYS A 476 -32.94 -10.37 27.24
N PRO A 477 -32.02 -10.30 26.27
CA PRO A 477 -32.28 -10.80 24.93
C PRO A 477 -32.66 -12.28 24.96
N LEU A 478 -33.14 -12.80 23.83
CA LEU A 478 -33.72 -14.14 23.72
C LEU A 478 -32.82 -15.05 22.86
N PRO A 479 -31.59 -15.35 23.30
CA PRO A 479 -30.72 -16.30 22.61
C PRO A 479 -31.46 -17.59 22.25
N ARG A 480 -31.21 -18.15 21.07
CA ARG A 480 -31.78 -19.45 20.69
C ARG A 480 -30.73 -20.55 20.83
N GLY A 481 -31.14 -21.67 21.44
CA GLY A 481 -30.24 -22.73 21.82
C GLY A 481 -30.34 -22.95 23.32
N TRP A 482 -31.27 -23.83 23.72
CA TRP A 482 -31.64 -23.96 25.14
C TRP A 482 -30.46 -24.22 26.07
N ARG A 483 -30.73 -24.15 27.37
CA ARG A 483 -29.71 -24.40 28.39
C ARG A 483 -28.65 -23.30 28.47
N ARG A 484 -28.84 -22.23 27.69
CA ARG A 484 -27.99 -21.04 27.79
C ARG A 484 -28.77 -19.76 27.50
N TRP A 485 -28.79 -18.86 28.47
CA TRP A 485 -29.60 -17.66 28.35
C TRP A 485 -29.28 -16.67 29.45
N TRP A 486 -28.92 -15.46 29.06
CA TRP A 486 -28.44 -14.45 30.00
C TRP A 486 -29.28 -13.19 29.98
N CYS A 487 -29.74 -12.79 31.15
CA CYS A 487 -30.36 -11.49 31.29
C CYS A 487 -29.28 -10.45 31.31
N ASP A 488 -28.05 -10.88 31.09
CA ASP A 488 -26.94 -9.94 31.07
C ASP A 488 -26.36 -9.79 29.68
N ALA A 489 -27.16 -9.30 28.75
CA ALA A 489 -26.64 -8.58 27.60
C ALA A 489 -26.34 -7.18 28.11
N VAL A 490 -25.45 -7.12 29.10
CA VAL A 490 -25.12 -5.88 29.78
C VAL A 490 -26.24 -5.35 30.66
N LEU A 491 -26.93 -4.34 30.14
CA LEU A 491 -27.39 -3.23 30.96
C LEU A 491 -28.64 -3.48 31.79
N TYR A 492 -29.07 -2.42 32.47
CA TYR A 492 -30.27 -2.45 33.30
C TYR A 492 -30.63 -1.04 33.79
N GLY A 493 -31.76 -0.51 33.33
CA GLY A 493 -32.18 0.86 33.62
C GLY A 493 -32.63 1.12 35.05
N GLU A 494 -32.42 2.35 35.52
CA GLU A 494 -32.76 2.70 36.88
C GLU A 494 -33.13 4.16 37.00
N GLN A 495 -32.71 4.78 38.11
CA GLN A 495 -32.84 6.21 38.32
C GLN A 495 -32.23 6.59 39.67
N GLY A 496 -31.85 7.85 39.81
CA GLY A 496 -31.25 8.33 41.04
C GLY A 496 -32.28 8.87 42.01
N HIS A 497 -33.10 7.97 42.55
CA HIS A 497 -34.11 8.35 43.52
C HIS A 497 -34.65 7.12 44.26
N PRO A 498 -34.20 6.90 45.50
CA PRO A 498 -34.60 5.77 46.33
C PRO A 498 -36.12 5.61 46.49
N TRP A 499 -36.55 4.42 46.90
CA TRP A 499 -37.97 4.15 47.12
C TRP A 499 -38.84 4.68 45.98
N GLY A 500 -38.50 4.29 44.76
CA GLY A 500 -39.21 4.77 43.59
C GLY A 500 -40.11 3.73 42.95
N ARG A 501 -39.83 2.46 43.22
CA ARG A 501 -40.58 1.38 42.58
C ARG A 501 -40.52 1.55 41.06
N PHE A 502 -39.29 1.56 40.53
CA PHE A 502 -39.08 1.67 39.09
C PHE A 502 -39.02 0.30 38.43
N GLY A 503 -40.03 0.03 37.59
CA GLY A 503 -40.17 -1.27 36.97
C GLY A 503 -41.50 -1.90 37.33
N ALA A 504 -42.35 -1.12 38.00
CA ALA A 504 -43.66 -1.58 38.43
C ALA A 504 -44.46 -2.08 37.24
N ALA A 505 -44.32 -1.39 36.11
CA ALA A 505 -44.99 -1.81 34.89
C ALA A 505 -44.22 -1.34 33.68
N LEU A 506 -44.71 -1.68 32.48
CA LEU A 506 -44.05 -1.32 31.25
C LEU A 506 -44.68 -2.00 30.03
N THR A 507 -44.61 -1.33 28.88
CA THR A 507 -45.20 -1.86 27.65
C THR A 507 -44.43 -1.41 26.42
N VAL A 508 -44.44 -2.25 25.38
CA VAL A 508 -43.87 -1.87 24.10
C VAL A 508 -44.69 -0.71 23.57
N LEU A 509 -44.00 0.34 23.12
CA LEU A 509 -44.65 1.50 22.54
C LEU A 509 -44.48 1.51 21.00
N GLY A 510 -43.33 1.02 20.55
CA GLY A 510 -43.01 0.92 19.13
C GLY A 510 -42.14 2.04 18.55
N ASP A 511 -42.28 2.25 17.24
CA ASP A 511 -41.59 3.36 16.56
C ASP A 511 -42.32 4.71 16.72
N VAL A 512 -41.73 5.59 17.53
CA VAL A 512 -42.34 6.90 17.80
C VAL A 512 -41.53 8.03 17.18
N ASN A 513 -40.21 7.90 17.23
CA ASN A 513 -39.33 8.91 16.67
C ASN A 513 -38.89 8.59 15.23
N GLY A 514 -39.32 7.44 14.70
CA GLY A 514 -39.17 7.13 13.28
C GLY A 514 -37.78 6.75 12.83
N ASP A 515 -36.90 6.40 13.78
CA ASP A 515 -35.55 5.96 13.44
C ASP A 515 -35.44 4.44 13.37
N LYS A 516 -36.56 3.78 13.07
CA LYS A 516 -36.60 2.32 12.92
C LYS A 516 -36.25 1.56 14.20
N LEU A 517 -36.10 2.29 15.31
CA LEU A 517 -35.70 1.72 16.59
C LEU A 517 -36.80 1.85 17.63
N THR A 518 -37.55 0.78 17.81
CA THR A 518 -38.65 0.76 18.76
C THR A 518 -38.24 1.38 20.10
N ASP A 519 -39.21 2.00 20.75
CA ASP A 519 -38.98 2.66 22.02
C ASP A 519 -39.99 2.13 23.06
N VAL A 520 -39.59 2.08 24.32
CA VAL A 520 -40.43 1.50 25.37
C VAL A 520 -40.71 2.51 26.49
N VAL A 521 -41.78 2.23 27.25
CA VAL A 521 -42.16 3.06 28.39
C VAL A 521 -42.13 2.24 29.68
N ILE A 522 -41.81 2.89 30.81
CA ILE A 522 -41.68 2.21 32.10
C ILE A 522 -42.24 3.05 33.24
N GLY A 523 -43.08 2.46 34.07
CA GLY A 523 -43.70 3.17 35.19
C GLY A 523 -42.88 3.12 36.47
N ALA A 524 -43.19 4.05 37.38
CA ALA A 524 -42.49 4.15 38.65
C ALA A 524 -43.27 5.08 39.55
N PRO A 525 -44.38 4.59 40.10
CA PRO A 525 -45.34 5.37 40.90
C PRO A 525 -44.78 5.77 42.27
N GLY A 526 -43.54 5.40 42.56
CA GLY A 526 -42.94 5.72 43.84
C GLY A 526 -41.97 6.89 43.81
N GLU A 527 -41.69 7.41 42.62
CA GLU A 527 -40.74 8.52 42.46
C GLU A 527 -41.15 9.72 43.30
N GLU A 528 -40.23 10.67 43.47
CA GLU A 528 -40.50 11.87 44.24
C GLU A 528 -41.14 11.51 45.57
N GLU A 529 -41.94 12.41 46.13
CA GLU A 529 -42.63 12.17 47.39
C GLU A 529 -43.87 11.30 47.16
N ASN A 530 -43.65 10.03 46.85
CA ASN A 530 -44.71 9.09 46.52
C ASN A 530 -45.37 9.40 45.18
N ARG A 531 -45.05 10.57 44.63
CA ARG A 531 -45.62 10.99 43.35
C ARG A 531 -45.33 9.93 42.29
N GLY A 532 -46.01 10.04 41.16
CA GLY A 532 -45.82 9.08 40.08
C GLY A 532 -44.67 9.46 39.17
N ALA A 533 -44.40 8.60 38.19
CA ALA A 533 -43.32 8.86 37.24
C ALA A 533 -43.32 7.84 36.13
N VAL A 534 -42.78 8.23 34.98
CA VAL A 534 -42.65 7.34 33.82
C VAL A 534 -41.34 7.67 33.10
N TYR A 535 -40.82 6.72 32.33
CA TYR A 535 -39.55 6.88 31.62
C TYR A 535 -39.66 6.45 30.16
N LEU A 536 -38.77 6.96 29.31
CA LEU A 536 -38.77 6.60 27.91
C LEU A 536 -37.35 6.28 27.48
N PHE A 537 -37.17 5.08 26.92
CA PHE A 537 -35.88 4.62 26.42
C PHE A 537 -35.96 4.27 24.93
N HIS A 538 -34.82 4.01 24.31
CA HIS A 538 -34.79 3.68 22.89
C HIS A 538 -33.85 2.49 22.68
N GLY A 539 -34.10 1.74 21.61
CA GLY A 539 -33.26 0.61 21.25
C GLY A 539 -31.99 1.10 20.58
N VAL A 540 -31.14 0.18 20.15
CA VAL A 540 -29.91 0.57 19.47
C VAL A 540 -29.69 -0.29 18.24
N LEU A 541 -29.15 -1.49 18.45
CA LEU A 541 -28.95 -2.41 17.35
C LEU A 541 -28.98 -3.82 17.92
N GLY A 542 -30.09 -4.50 17.67
CA GLY A 542 -30.28 -5.85 18.17
C GLY A 542 -30.58 -5.85 19.65
N PRO A 543 -29.91 -6.74 20.39
CA PRO A 543 -30.16 -6.85 21.83
C PRO A 543 -29.48 -5.72 22.58
N SER A 544 -30.23 -4.66 22.90
CA SER A 544 -29.69 -3.54 23.63
C SER A 544 -30.69 -2.43 23.79
N ILE A 545 -30.52 -1.63 24.84
CA ILE A 545 -31.29 -0.39 25.01
C ILE A 545 -30.38 0.72 25.49
N SER A 546 -30.90 1.95 25.52
CA SER A 546 -30.10 3.11 25.90
C SER A 546 -30.35 3.50 27.35
N PRO A 547 -29.39 3.20 28.24
CA PRO A 547 -29.53 3.53 29.66
C PRO A 547 -30.01 4.95 29.89
N SER A 548 -29.41 5.90 29.19
CA SER A 548 -29.83 7.29 29.29
C SER A 548 -31.17 7.47 28.59
N HIS A 549 -32.19 7.76 29.38
CA HIS A 549 -33.52 8.00 28.84
C HIS A 549 -33.58 9.39 28.23
N SER A 550 -34.52 9.61 27.33
CA SER A 550 -34.66 10.91 26.67
C SER A 550 -35.69 11.76 27.37
N GLN A 551 -36.67 11.12 27.98
CA GLN A 551 -37.73 11.83 28.66
C GLN A 551 -38.05 11.22 30.03
N ARG A 552 -38.59 12.04 30.94
CA ARG A 552 -38.97 11.58 32.28
C ARG A 552 -40.21 12.31 32.79
N ILE A 553 -41.32 12.15 32.07
CA ILE A 553 -42.58 12.78 32.46
C ILE A 553 -43.03 12.22 33.81
N ALA A 554 -42.97 13.05 34.85
CA ALA A 554 -43.32 12.60 36.19
C ALA A 554 -44.62 13.24 36.65
N GLY A 555 -44.95 13.05 37.93
CA GLY A 555 -46.19 13.56 38.48
C GLY A 555 -46.12 15.05 38.81
N SER A 556 -45.11 15.72 38.30
CA SER A 556 -44.94 17.14 38.55
C SER A 556 -45.45 17.93 37.36
N GLN A 557 -46.11 17.24 36.44
CA GLN A 557 -46.41 17.81 35.15
C GLN A 557 -47.80 18.42 35.17
N LEU A 558 -48.00 19.41 36.02
CA LEU A 558 -49.33 19.93 36.31
C LEU A 558 -50.36 18.80 36.32
N SER A 559 -49.94 17.65 36.82
CA SER A 559 -50.86 16.74 37.48
C SER A 559 -51.15 17.44 38.80
N SER A 560 -52.33 18.03 38.92
CA SER A 560 -52.69 18.81 40.09
C SER A 560 -52.39 18.02 41.36
N ARG A 561 -53.02 16.87 41.49
CA ARG A 561 -52.91 16.09 42.72
C ARG A 561 -53.27 14.62 42.50
N LEU A 562 -52.36 13.86 41.91
CA LEU A 562 -52.44 12.40 41.93
C LEU A 562 -51.22 11.79 42.57
N GLN A 563 -51.46 10.86 43.51
CA GLN A 563 -50.40 10.35 44.36
C GLN A 563 -49.42 9.52 43.54
N TYR A 564 -49.82 8.29 43.22
CA TYR A 564 -48.94 7.40 42.47
C TYR A 564 -49.57 7.10 41.12
N PHE A 565 -48.83 7.41 40.07
CA PHE A 565 -49.28 7.22 38.71
C PHE A 565 -48.21 6.43 37.93
N GLY A 566 -48.65 5.60 37.00
CA GLY A 566 -47.75 4.75 36.25
C GLY A 566 -47.79 3.32 36.77
N GLN A 567 -48.65 3.07 37.74
CA GLN A 567 -48.80 1.72 38.25
C GLN A 567 -48.74 0.74 37.10
N ALA A 568 -49.63 0.95 36.13
CA ALA A 568 -49.67 0.10 34.95
C ALA A 568 -49.78 0.98 33.72
N LEU A 569 -49.51 0.39 32.56
CA LEU A 569 -49.55 1.13 31.30
C LEU A 569 -49.38 0.22 30.09
N SER A 570 -50.12 0.53 29.03
CA SER A 570 -50.04 -0.20 27.77
C SER A 570 -50.28 0.75 26.62
N GLY A 571 -49.41 0.68 25.63
CA GLY A 571 -49.51 1.55 24.47
C GLY A 571 -49.10 0.83 23.20
N GLY A 572 -49.19 1.56 22.08
CA GLY A 572 -48.81 1.03 20.79
C GLY A 572 -49.92 1.17 19.78
N GLN A 573 -51.11 1.52 20.25
CA GLN A 573 -52.29 1.58 19.39
C GLN A 573 -52.72 3.02 19.13
N ASP A 574 -53.12 3.28 17.88
CA ASP A 574 -53.60 4.59 17.48
C ASP A 574 -55.10 4.66 17.73
N LEU A 575 -55.47 5.40 18.74
CA LEU A 575 -56.85 5.46 19.19
C LEU A 575 -57.50 6.83 18.95
N THR A 576 -56.70 7.89 19.00
CA THR A 576 -57.24 9.24 18.79
C THR A 576 -57.34 9.50 17.28
N GLN A 577 -56.78 8.59 16.49
CA GLN A 577 -56.93 8.59 15.04
C GLN A 577 -56.20 9.76 14.38
N ASP A 578 -55.56 10.59 15.19
CA ASP A 578 -54.44 11.33 14.69
C ASP A 578 -53.39 10.25 14.52
N GLY A 579 -52.62 10.34 13.46
CA GLY A 579 -51.93 9.20 12.89
C GLY A 579 -51.17 8.27 13.82
N LEU A 580 -50.17 8.80 14.53
CA LEU A 580 -49.16 7.95 15.19
C LEU A 580 -49.68 7.33 16.49
N VAL A 581 -48.93 6.36 17.02
CA VAL A 581 -49.38 5.58 18.17
C VAL A 581 -49.71 6.45 19.38
N ASP A 582 -50.36 5.83 20.36
CA ASP A 582 -50.69 6.53 21.61
C ASP A 582 -50.29 5.68 22.80
N LEU A 583 -50.25 6.33 23.96
CA LEU A 583 -49.89 5.65 25.20
C LEU A 583 -50.96 5.89 26.25
N ALA A 584 -51.26 4.85 27.03
CA ALA A 584 -52.20 4.94 28.13
C ALA A 584 -51.55 4.54 29.48
N VAL A 585 -51.52 5.50 30.41
CA VAL A 585 -50.93 5.27 31.73
C VAL A 585 -51.97 5.47 32.82
N GLY A 586 -52.25 4.40 33.55
CA GLY A 586 -53.22 4.43 34.62
C GLY A 586 -52.68 5.04 35.91
N ALA A 587 -53.55 5.72 36.64
CA ALA A 587 -53.17 6.35 37.89
C ALA A 587 -54.32 6.25 38.88
N ARG A 588 -54.04 6.46 40.16
CA ARG A 588 -55.08 6.37 41.16
C ARG A 588 -56.16 7.41 40.90
N GLY A 589 -57.35 6.93 40.53
CA GLY A 589 -58.50 7.79 40.33
C GLY A 589 -58.79 8.05 38.88
N GLN A 590 -57.76 8.43 38.13
CA GLN A 590 -57.92 8.79 36.72
C GLN A 590 -56.83 8.13 35.87
N VAL A 591 -57.04 8.11 34.56
CA VAL A 591 -56.08 7.55 33.62
C VAL A 591 -55.86 8.52 32.47
N LEU A 592 -54.60 8.72 32.09
CA LEU A 592 -54.24 9.69 31.07
C LEU A 592 -53.79 9.06 29.76
N LEU A 593 -53.92 9.85 28.68
CA LEU A 593 -53.48 9.45 27.34
C LEU A 593 -52.47 10.48 26.81
N LEU A 594 -51.25 10.02 26.55
CA LEU A 594 -50.21 10.85 25.99
C LEU A 594 -49.94 10.46 24.54
N ARG A 595 -50.23 11.37 23.63
CA ARG A 595 -49.97 11.14 22.22
C ARG A 595 -48.50 11.39 21.90
N THR A 596 -48.07 10.91 20.73
CA THR A 596 -46.68 11.07 20.29
C THR A 596 -46.55 12.15 19.23
N ARG A 597 -45.85 13.24 19.55
CA ARG A 597 -45.74 14.37 18.63
C ARG A 597 -44.79 14.04 17.48
N PRO A 598 -45.19 14.40 16.24
CA PRO A 598 -44.40 14.06 15.04
C PRO A 598 -42.99 14.61 15.12
N VAL A 599 -42.00 13.74 14.91
CA VAL A 599 -40.61 14.18 14.81
C VAL A 599 -40.14 14.03 13.38
N LEU A 600 -40.06 15.15 12.67
CA LEU A 600 -39.44 15.19 11.36
C LEU A 600 -38.07 15.85 11.48
N TRP A 601 -37.14 15.40 10.66
CA TRP A 601 -35.86 16.08 10.54
C TRP A 601 -35.56 16.35 9.05
N VAL A 602 -34.69 17.33 8.83
CA VAL A 602 -34.50 17.92 7.51
C VAL A 602 -33.03 17.91 7.16
N GLY A 603 -32.78 17.78 5.86
CA GLY A 603 -31.44 17.92 5.30
C GLY A 603 -31.27 19.25 4.58
N VAL A 604 -30.03 19.73 4.58
CA VAL A 604 -29.71 21.07 4.07
C VAL A 604 -28.49 21.04 3.15
N SER A 605 -28.47 21.95 2.17
CA SER A 605 -27.34 22.14 1.26
C SER A 605 -26.91 23.62 1.22
N MET A 606 -25.60 23.85 1.30
CA MET A 606 -25.07 25.20 1.26
C MET A 606 -24.01 25.35 0.18
N GLN A 607 -24.04 26.50 -0.51
CA GLN A 607 -23.10 26.78 -1.59
C GLN A 607 -22.95 28.29 -1.82
N PHE A 608 -21.79 28.69 -2.33
CA PHE A 608 -21.52 30.08 -2.69
C PHE A 608 -21.31 30.24 -4.20
N ILE A 609 -22.33 30.77 -4.89
CA ILE A 609 -22.33 30.84 -6.36
C ILE A 609 -20.95 31.20 -6.88
N PRO A 610 -20.44 32.39 -6.48
CA PRO A 610 -19.00 32.59 -6.68
C PRO A 610 -18.19 31.63 -5.79
N ALA A 611 -17.70 30.54 -6.39
CA ALA A 611 -16.96 29.53 -5.64
C ALA A 611 -16.08 30.22 -4.60
N GLU A 612 -15.02 30.88 -5.05
CA GLU A 612 -14.12 31.60 -4.15
C GLU A 612 -14.17 33.11 -4.42
N ILE A 613 -13.13 33.83 -4.00
CA ILE A 613 -13.03 35.27 -4.30
C ILE A 613 -11.92 35.59 -5.33
N PRO A 614 -12.27 36.35 -6.39
CA PRO A 614 -11.38 36.51 -7.56
C PRO A 614 -10.15 37.38 -7.26
N ARG A 615 -10.01 37.83 -6.02
CA ARG A 615 -8.92 38.72 -5.66
C ARG A 615 -9.21 40.13 -6.16
N SER A 616 -10.36 40.31 -6.78
CA SER A 616 -10.76 41.60 -7.33
C SER A 616 -10.99 42.60 -6.20
N ALA A 617 -11.93 42.30 -5.32
CA ALA A 617 -12.14 43.13 -4.13
C ALA A 617 -11.30 42.57 -2.99
N PHE A 618 -10.00 42.37 -3.24
CA PHE A 618 -9.14 41.71 -2.26
C PHE A 618 -8.33 42.73 -1.47
N GLU A 619 -7.19 43.13 -2.03
CA GLU A 619 -6.27 44.00 -1.30
C GLU A 619 -6.62 45.47 -1.49
N CYS A 620 -7.35 45.76 -2.56
CA CYS A 620 -8.02 47.04 -2.71
C CYS A 620 -7.07 48.24 -2.72
N ARG A 621 -7.65 49.43 -2.73
CA ARG A 621 -6.86 50.63 -2.94
C ARG A 621 -7.66 51.88 -2.63
N GLU A 622 -6.98 53.01 -2.53
CA GLU A 622 -7.58 54.19 -1.94
C GLU A 622 -7.48 55.47 -2.77
N GLN A 623 -7.68 55.33 -4.06
CA GLN A 623 -8.13 56.44 -4.87
C GLN A 623 -9.44 55.91 -5.38
N VAL A 624 -10.52 56.66 -5.16
CA VAL A 624 -11.88 56.21 -5.43
C VAL A 624 -12.31 55.07 -4.52
N VAL A 625 -13.15 54.21 -5.05
CA VAL A 625 -14.21 53.59 -4.28
C VAL A 625 -13.90 52.35 -3.47
N SER A 626 -14.82 52.09 -2.55
CA SER A 626 -15.30 50.75 -2.31
C SER A 626 -16.22 50.41 -3.48
N GLU A 627 -15.72 49.57 -4.39
CA GLU A 627 -16.61 48.70 -5.16
C GLU A 627 -16.72 47.46 -4.30
N GLN A 628 -17.85 47.31 -3.62
CA GLN A 628 -18.04 46.17 -2.76
C GLN A 628 -18.48 44.98 -3.61
N THR A 629 -17.61 43.98 -3.75
CA THR A 629 -17.93 42.78 -4.51
C THR A 629 -19.26 42.15 -4.02
N LEU A 630 -19.99 41.54 -4.94
CA LEU A 630 -21.28 40.92 -4.61
C LEU A 630 -21.22 39.39 -4.71
N VAL A 631 -21.11 38.72 -3.55
CA VAL A 631 -21.12 37.26 -3.49
C VAL A 631 -22.57 36.78 -3.30
N GLN A 632 -22.90 35.66 -3.92
CA GLN A 632 -24.20 35.03 -3.69
C GLN A 632 -24.05 33.72 -2.93
N SER A 633 -24.93 33.52 -1.96
CA SER A 633 -24.93 32.29 -1.17
C SER A 633 -26.32 31.69 -1.24
N ASN A 634 -26.41 30.51 -1.86
CA ASN A 634 -27.68 29.80 -1.99
C ASN A 634 -27.78 28.62 -1.04
N ILE A 635 -28.82 28.66 -0.19
CA ILE A 635 -29.10 27.57 0.74
C ILE A 635 -30.46 26.95 0.41
N CYS A 636 -30.57 25.64 0.62
CA CYS A 636 -31.79 24.91 0.31
C CYS A 636 -32.24 23.98 1.50
N LEU A 637 -33.56 23.79 1.69
CA LEU A 637 -34.08 22.96 2.80
C LEU A 637 -35.22 22.01 2.41
N TYR A 638 -35.00 20.74 2.70
CA TYR A 638 -35.87 19.67 2.24
C TYR A 638 -35.91 18.57 3.29
N ILE A 639 -37.10 18.02 3.53
CA ILE A 639 -37.26 16.93 4.49
C ILE A 639 -37.51 15.60 3.78
N ASP A 640 -36.89 14.53 4.30
CA ASP A 640 -36.77 13.27 3.53
C ASP A 640 -37.25 12.00 4.23
N LYS A 641 -37.09 11.97 5.55
CA LYS A 641 -37.38 10.79 6.35
C LYS A 641 -38.77 10.92 6.95
N ARG A 642 -39.69 10.16 6.38
CA ARG A 642 -41.10 10.52 6.34
C ARG A 642 -42.02 9.33 6.59
N SER A 643 -41.45 8.15 6.70
CA SER A 643 -42.20 6.92 6.52
C SER A 643 -43.47 6.88 7.36
N LYS A 644 -43.34 7.26 8.63
CA LYS A 644 -44.44 7.16 9.57
C LYS A 644 -45.56 8.14 9.23
N ASN A 645 -45.21 9.41 9.07
CA ASN A 645 -46.21 10.47 8.93
C ASN A 645 -46.96 10.39 7.59
N LEU A 646 -46.36 9.71 6.62
CA LEU A 646 -47.00 9.49 5.32
C LEU A 646 -47.24 10.81 4.58
N LEU A 647 -47.62 10.70 3.31
CA LEU A 647 -47.87 11.88 2.49
C LEU A 647 -48.97 12.75 3.11
N GLY A 648 -49.21 13.91 2.52
CA GLY A 648 -50.35 14.71 2.89
C GLY A 648 -50.14 15.65 4.05
N SER A 649 -51.18 16.43 4.35
CA SER A 649 -51.14 17.50 5.34
C SER A 649 -50.16 17.20 6.47
N ARG A 650 -49.51 18.24 6.97
CA ARG A 650 -48.58 18.11 8.08
C ARG A 650 -47.21 17.64 7.60
N ASP A 651 -47.17 16.43 7.02
CA ASP A 651 -45.93 15.90 6.48
C ASP A 651 -45.32 16.85 5.46
N LEU A 652 -46.14 17.74 4.93
CA LEU A 652 -45.67 18.75 4.01
C LEU A 652 -45.56 20.08 4.75
N GLN A 653 -46.60 20.91 4.63
CA GLN A 653 -46.53 22.29 5.08
C GLN A 653 -45.90 22.45 6.47
N SER A 654 -44.89 23.30 6.55
CA SER A 654 -44.42 23.83 7.83
C SER A 654 -43.70 25.15 7.63
N SER A 655 -43.83 26.05 8.60
CA SER A 655 -43.08 27.29 8.55
C SER A 655 -41.83 27.14 9.40
N VAL A 656 -40.81 27.92 9.08
CA VAL A 656 -39.52 27.84 9.77
C VAL A 656 -38.88 29.22 9.91
N THR A 657 -38.14 29.41 11.00
CA THR A 657 -37.31 30.60 11.17
C THR A 657 -35.86 30.31 10.83
N LEU A 658 -35.30 31.12 9.93
CA LEU A 658 -33.90 30.97 9.51
C LEU A 658 -33.05 32.08 10.08
N ASP A 659 -31.83 31.75 10.48
CA ASP A 659 -30.92 32.75 11.04
C ASP A 659 -29.48 32.56 10.58
N LEU A 660 -29.17 33.24 9.48
CA LEU A 660 -27.85 33.21 8.89
C LEU A 660 -26.98 34.27 9.54
N ALA A 661 -25.72 33.91 9.75
CA ALA A 661 -24.77 34.81 10.38
C ALA A 661 -23.36 34.50 9.88
N LEU A 662 -22.64 35.54 9.47
CA LEU A 662 -21.29 35.37 8.93
C LEU A 662 -20.21 35.75 9.95
N ASP A 663 -19.09 35.02 9.87
CA ASP A 663 -17.96 35.14 10.81
C ASP A 663 -18.44 35.43 12.23
N PRO A 664 -19.24 34.52 12.81
CA PRO A 664 -19.91 34.77 14.09
C PRO A 664 -18.91 34.95 15.24
N GLY A 665 -17.98 34.03 15.35
CA GLY A 665 -17.10 33.96 16.50
C GLY A 665 -16.21 35.17 16.68
N ARG A 666 -16.03 35.94 15.62
CA ARG A 666 -15.15 37.11 15.68
C ARG A 666 -15.93 38.41 15.68
N LEU A 667 -15.40 39.42 16.37
CA LEU A 667 -16.05 40.73 16.45
C LEU A 667 -15.59 41.59 15.28
N SER A 668 -15.39 40.94 14.15
CA SER A 668 -14.98 41.63 12.94
C SER A 668 -15.72 41.02 11.76
N PRO A 669 -17.02 41.38 11.61
CA PRO A 669 -17.84 40.90 10.48
C PRO A 669 -17.17 41.09 9.13
N ARG A 670 -16.86 40.00 8.45
CA ARG A 670 -16.18 40.05 7.16
C ARG A 670 -17.16 40.37 6.00
N ALA A 671 -18.43 40.57 6.32
CA ALA A 671 -19.42 40.88 5.29
C ALA A 671 -20.78 41.17 5.89
N THR A 672 -21.76 41.34 5.02
CA THR A 672 -23.13 41.62 5.45
C THR A 672 -24.09 41.23 4.35
N PHE A 673 -25.33 40.94 4.75
CA PHE A 673 -26.38 40.68 3.77
C PHE A 673 -26.94 42.01 3.32
N GLN A 674 -27.43 42.06 2.08
CA GLN A 674 -27.91 43.31 1.53
C GLN A 674 -29.32 43.62 2.01
N GLU A 675 -30.15 42.59 2.02
CA GLU A 675 -31.56 42.75 2.36
C GLU A 675 -31.72 43.52 3.68
N THR A 676 -30.82 43.29 4.63
CA THR A 676 -30.93 43.88 5.97
C THR A 676 -29.74 44.78 6.29
N LYS A 677 -28.63 44.58 5.59
CA LYS A 677 -27.44 45.40 5.75
C LYS A 677 -26.62 44.96 6.96
N ASN A 678 -27.20 44.10 7.81
CA ASN A 678 -26.51 43.58 8.98
C ASN A 678 -25.56 42.47 8.60
N ARG A 679 -24.78 42.02 9.59
CA ARG A 679 -23.86 40.90 9.41
C ARG A 679 -24.61 39.56 9.49
N SER A 680 -25.92 39.65 9.74
CA SER A 680 -26.80 38.50 9.80
C SER A 680 -28.21 38.89 9.36
N LEU A 681 -29.08 37.90 9.18
CA LEU A 681 -30.47 38.17 8.80
C LEU A 681 -31.38 37.01 9.15
N SER A 682 -32.68 37.27 9.23
CA SER A 682 -33.68 36.23 9.50
C SER A 682 -34.93 36.42 8.64
N ARG A 683 -35.48 35.30 8.19
CA ARG A 683 -36.70 35.32 7.41
C ARG A 683 -37.43 34.00 7.60
N VAL A 684 -38.75 34.08 7.79
CA VAL A 684 -39.59 32.90 7.98
C VAL A 684 -40.19 32.45 6.65
N ARG A 685 -39.83 31.24 6.23
CA ARG A 685 -40.25 30.73 4.93
C ARG A 685 -40.80 29.30 4.99
N VAL A 686 -41.64 28.97 4.02
CA VAL A 686 -42.38 27.70 4.00
C VAL A 686 -41.59 26.54 3.44
N LEU A 687 -41.50 25.46 4.21
CA LEU A 687 -40.80 24.24 3.81
C LEU A 687 -41.75 23.23 3.20
N GLY A 688 -41.18 22.17 2.63
CA GLY A 688 -41.96 21.06 2.14
C GLY A 688 -41.05 19.86 2.02
N LEU A 689 -41.62 18.73 1.65
CA LEU A 689 -40.80 17.56 1.37
C LEU A 689 -39.99 17.84 0.11
N LYS A 690 -40.45 18.80 -0.69
CA LYS A 690 -39.73 19.26 -1.87
C LYS A 690 -38.86 20.46 -1.50
N ALA A 691 -37.60 20.40 -1.91
CA ALA A 691 -36.60 21.39 -1.50
C ALA A 691 -37.13 22.82 -1.54
N HIS A 692 -36.47 23.71 -0.79
CA HIS A 692 -36.71 25.15 -0.90
C HIS A 692 -35.42 25.95 -0.92
N CYS A 693 -35.01 26.35 -2.12
CA CYS A 693 -33.74 27.04 -2.28
C CYS A 693 -33.91 28.54 -2.51
N GLU A 694 -33.23 29.31 -1.69
CA GLU A 694 -33.18 30.75 -1.89
C GLU A 694 -31.74 31.20 -1.70
N ASN A 695 -31.29 32.05 -2.63
CA ASN A 695 -29.96 32.64 -2.57
C ASN A 695 -30.02 34.12 -2.12
N PHE A 696 -29.08 34.50 -1.27
CA PHE A 696 -29.07 35.83 -0.67
C PHE A 696 -27.85 36.61 -1.14
N ASN A 697 -27.96 37.93 -1.03
CA ASN A 697 -26.91 38.84 -1.47
C ASN A 697 -25.97 39.20 -0.34
N LEU A 698 -24.68 39.10 -0.66
CA LEU A 698 -23.63 39.40 0.29
C LEU A 698 -22.71 40.51 -0.24
N LEU A 699 -22.22 41.35 0.66
CA LEU A 699 -21.40 42.50 0.28
C LEU A 699 -20.04 42.47 0.96
N LEU A 700 -19.01 42.16 0.17
CA LEU A 700 -17.64 42.13 0.68
C LEU A 700 -16.96 43.49 0.50
N PRO A 701 -16.50 44.11 1.60
CA PRO A 701 -15.78 45.38 1.47
C PRO A 701 -14.52 45.23 0.63
N SER A 702 -14.26 46.19 -0.27
CA SER A 702 -13.12 46.11 -1.17
C SER A 702 -11.82 45.76 -0.41
N CYS A 703 -11.62 46.42 0.74
CA CYS A 703 -10.41 46.23 1.53
C CYS A 703 -10.68 45.37 2.78
N VAL A 704 -9.83 44.38 3.02
CA VAL A 704 -9.98 43.49 4.16
C VAL A 704 -8.63 42.96 4.64
N GLU A 705 -8.54 42.74 5.96
CA GLU A 705 -7.30 42.24 6.56
C GLU A 705 -7.12 40.75 6.30
N ASP A 706 -7.84 39.93 7.08
CA ASP A 706 -7.73 38.47 6.98
C ASP A 706 -8.43 37.92 5.73
N SER A 707 -7.69 37.15 4.94
CA SER A 707 -8.23 36.54 3.72
C SER A 707 -7.98 35.04 3.72
N VAL A 708 -6.94 34.64 4.45
CA VAL A 708 -6.56 33.22 4.54
C VAL A 708 -7.71 32.36 5.08
N THR A 709 -8.37 32.83 6.14
CA THR A 709 -9.49 32.10 6.74
C THR A 709 -10.81 32.37 5.99
N PRO A 710 -11.31 31.35 5.24
CA PRO A 710 -12.60 31.50 4.56
C PRO A 710 -13.64 32.15 5.47
N ILE A 711 -14.60 32.85 4.89
CA ILE A 711 -15.66 33.43 5.70
C ILE A 711 -16.74 32.38 5.89
N THR A 712 -17.13 32.16 7.14
CA THR A 712 -18.14 31.17 7.51
C THR A 712 -19.56 31.75 7.41
N LEU A 713 -20.51 30.87 7.07
CA LEU A 713 -21.94 31.21 7.09
C LEU A 713 -22.75 30.01 7.62
N ARG A 714 -23.26 30.16 8.84
CA ARG A 714 -24.07 29.14 9.49
C ARG A 714 -25.53 29.58 9.64
N LEU A 715 -26.44 28.61 9.74
CA LEU A 715 -27.85 28.93 9.98
C LEU A 715 -28.37 28.27 11.24
N ASN A 716 -29.13 29.04 12.01
CA ASN A 716 -29.93 28.50 13.08
C ASN A 716 -31.34 28.40 12.54
N PHE A 717 -31.88 27.19 12.48
CA PHE A 717 -33.23 26.99 11.97
C PHE A 717 -34.05 26.12 12.93
N THR A 718 -35.34 26.42 13.04
CA THR A 718 -36.24 25.66 13.90
C THR A 718 -37.61 25.51 13.25
N LEU A 719 -38.66 25.40 14.05
CA LEU A 719 -40.02 25.25 13.53
C LEU A 719 -40.96 26.25 14.19
N VAL A 720 -41.05 27.42 13.59
CA VAL A 720 -41.82 28.51 14.18
C VAL A 720 -43.29 28.37 13.88
N GLY A 721 -44.11 28.85 14.81
CA GLY A 721 -45.54 28.97 14.59
C GLY A 721 -46.24 27.70 14.99
N LYS A 722 -46.09 26.66 14.15
CA LYS A 722 -46.72 25.38 14.39
C LYS A 722 -48.25 25.40 14.22
N PRO A 723 -48.79 26.38 13.46
CA PRO A 723 -50.18 26.26 12.99
C PRO A 723 -50.24 25.65 11.59
N LEU A 724 -50.92 24.52 11.45
CA LEU A 724 -51.00 23.82 10.18
C LEU A 724 -52.40 23.28 9.90
N LEU A 725 -53.20 24.04 9.16
CA LEU A 725 -54.55 23.62 8.80
C LEU A 725 -55.39 23.38 10.06
N ALA A 726 -55.63 22.12 10.40
CA ALA A 726 -56.35 21.77 11.61
C ALA A 726 -55.38 21.61 12.76
N PHE A 727 -55.90 21.42 13.97
CA PHE A 727 -55.06 21.18 15.13
C PHE A 727 -54.82 19.69 15.30
N ARG A 728 -54.72 18.99 14.18
CA ARG A 728 -54.53 17.54 14.20
C ARG A 728 -53.06 17.19 14.17
N ASN A 729 -52.21 18.21 14.15
CA ASN A 729 -50.77 18.04 14.30
C ASN A 729 -50.29 18.66 15.60
N LEU A 730 -50.90 19.79 15.96
CA LEU A 730 -50.50 20.57 17.12
C LEU A 730 -49.00 20.91 17.08
N ARG A 731 -48.16 20.13 17.76
CA ARG A 731 -46.73 20.44 17.79
C ARG A 731 -45.85 19.36 17.15
N PRO A 732 -45.29 19.67 15.98
CA PRO A 732 -44.17 18.87 15.46
C PRO A 732 -42.86 19.26 16.18
N MET A 733 -41.79 18.53 15.95
CA MET A 733 -40.48 18.86 16.54
C MET A 733 -39.34 18.11 15.85
N LEU A 734 -38.12 18.37 16.30
CA LEU A 734 -36.94 17.82 15.65
C LEU A 734 -36.44 16.65 16.47
N ALA A 735 -35.50 15.91 15.90
CA ALA A 735 -34.97 14.72 16.57
C ALA A 735 -33.83 15.06 17.55
N ALA A 736 -33.18 14.02 18.08
CA ALA A 736 -32.09 14.20 19.02
C ALA A 736 -30.85 14.71 18.31
N ASP A 737 -30.47 14.02 17.24
CA ASP A 737 -29.36 14.45 16.41
C ASP A 737 -29.78 15.56 15.43
N ALA A 738 -30.01 16.75 15.97
CA ALA A 738 -30.39 17.91 15.16
C ALA A 738 -29.21 18.85 15.05
N GLN A 739 -28.50 18.76 13.94
CA GLN A 739 -27.35 19.61 13.72
C GLN A 739 -27.86 20.94 13.20
N ARG A 740 -28.76 21.57 13.95
CA ARG A 740 -29.41 22.80 13.50
C ARG A 740 -28.42 23.89 13.10
N TYR A 741 -27.17 23.75 13.54
CA TYR A 741 -26.10 24.63 13.12
C TYR A 741 -25.27 24.06 11.96
N PHE A 742 -25.64 24.41 10.73
CA PHE A 742 -24.93 23.99 9.53
C PHE A 742 -24.15 25.15 8.88
N THR A 743 -22.84 24.95 8.71
CA THR A 743 -21.98 26.01 8.21
C THR A 743 -21.32 25.63 6.89
N ALA A 744 -21.21 26.60 6.00
CA ALA A 744 -20.49 26.44 4.75
C ALA A 744 -19.44 27.55 4.62
N SER A 745 -18.29 27.20 4.03
CA SER A 745 -17.14 28.10 3.94
C SER A 745 -17.00 28.73 2.52
N LEU A 746 -16.49 29.96 2.49
CA LEU A 746 -16.17 30.66 1.24
C LEU A 746 -14.67 31.02 1.27
N PRO A 747 -13.85 30.34 0.43
CA PRO A 747 -12.40 30.55 0.39
C PRO A 747 -12.01 31.83 -0.36
N PHE A 748 -10.72 32.18 -0.38
CA PHE A 748 -10.23 33.33 -1.14
C PHE A 748 -9.17 32.90 -2.14
N GLU A 749 -8.96 33.71 -3.17
CA GLU A 749 -7.83 33.48 -4.07
C GLU A 749 -6.54 33.96 -3.38
N LYS A 750 -5.92 33.06 -2.62
CA LYS A 750 -4.74 33.42 -1.85
C LYS A 750 -3.65 34.01 -2.73
N ASN A 751 -3.10 35.15 -2.29
CA ASN A 751 -1.94 35.74 -2.95
C ASN A 751 -0.71 34.83 -2.87
N CYS A 752 -0.43 34.12 -3.95
CA CYS A 752 0.78 33.29 -4.05
C CYS A 752 1.95 34.09 -4.65
N GLY A 753 1.89 35.42 -4.53
CA GLY A 753 2.94 36.27 -5.05
C GLY A 753 2.44 37.33 -6.02
N ALA A 754 3.32 38.24 -6.41
CA ALA A 754 2.97 39.26 -7.41
C ALA A 754 2.83 38.63 -8.80
N ASP A 755 3.03 37.32 -8.86
CA ASP A 755 2.89 36.59 -10.11
C ASP A 755 2.86 35.08 -9.77
N HIS A 756 3.28 34.25 -10.73
CA HIS A 756 3.58 32.85 -10.46
C HIS A 756 2.34 31.98 -10.50
N ILE A 757 1.18 32.62 -10.51
CA ILE A 757 -0.03 32.03 -11.06
C ILE A 757 -0.72 31.01 -10.13
N CYS A 758 -0.02 30.50 -9.11
CA CYS A 758 -0.63 29.70 -8.04
C CYS A 758 -1.08 28.32 -8.50
N GLN A 759 -0.14 27.44 -8.80
CA GLN A 759 -0.49 26.13 -9.30
C GLN A 759 -0.88 25.17 -8.18
N ASP A 760 -2.09 24.60 -8.28
CA ASP A 760 -2.55 23.63 -7.30
C ASP A 760 -2.16 22.21 -7.70
N ASN A 761 -1.11 21.72 -7.07
CA ASN A 761 -0.61 20.38 -7.37
C ASN A 761 -0.42 19.60 -6.10
N LEU A 762 -1.35 18.68 -5.86
CA LEU A 762 -1.28 17.76 -4.71
C LEU A 762 -1.59 16.33 -5.18
N GLY A 763 -0.80 15.37 -4.68
CA GLY A 763 -1.09 13.96 -4.91
C GLY A 763 -1.49 13.19 -3.66
N ILE A 764 -1.90 11.94 -3.82
CA ILE A 764 -2.31 11.13 -2.68
C ILE A 764 -2.23 9.64 -2.95
N SER A 765 -1.89 8.91 -1.88
CA SER A 765 -1.72 7.45 -1.89
C SER A 765 -1.83 6.92 -0.45
N PHE A 766 -2.61 5.84 -0.25
CA PHE A 766 -2.82 5.20 1.07
C PHE A 766 -2.76 3.67 0.96
N SER A 767 -2.60 3.02 2.11
CA SER A 767 -2.47 1.56 2.16
C SER A 767 -3.02 1.03 3.48
N PHE A 768 -2.97 -0.28 3.62
CA PHE A 768 -3.51 -0.97 4.78
C PHE A 768 -2.45 -1.87 5.38
N PRO A 769 -1.73 -1.36 6.39
CA PRO A 769 -0.60 -2.06 7.02
C PRO A 769 -1.01 -3.38 7.70
N GLY A 770 -0.60 -4.50 7.13
CA GLY A 770 -0.80 -5.79 7.77
C GLY A 770 -2.17 -6.40 7.54
N LEU A 771 -3.06 -5.64 6.90
CA LEU A 771 -4.43 -6.09 6.71
C LEU A 771 -4.48 -7.41 5.93
N LYS A 772 -4.91 -8.47 6.60
CA LYS A 772 -4.91 -9.79 6.00
C LYS A 772 -6.31 -10.34 5.82
N SER A 773 -6.86 -10.18 4.62
CA SER A 773 -8.05 -10.91 4.21
C SER A 773 -9.34 -10.15 4.55
N LEU A 774 -9.40 -9.53 5.74
CA LEU A 774 -10.54 -8.68 6.09
C LEU A 774 -11.90 -9.41 5.95
N LEU A 775 -12.29 -10.17 6.99
CA LEU A 775 -13.61 -10.80 7.07
C LEU A 775 -14.51 -10.03 8.05
N VAL A 776 -15.81 -10.02 7.77
CA VAL A 776 -16.76 -9.22 8.55
C VAL A 776 -17.12 -9.90 9.87
N GLY A 777 -16.65 -9.33 10.97
CA GLY A 777 -16.73 -9.99 12.25
C GLY A 777 -15.44 -9.79 13.03
N SER A 778 -14.35 -10.34 12.49
CA SER A 778 -13.03 -9.93 12.93
C SER A 778 -12.64 -8.68 12.13
N ASN A 779 -11.56 -8.03 12.54
CA ASN A 779 -11.11 -6.85 11.83
C ASN A 779 -12.26 -5.84 11.79
N LEU A 780 -12.77 -5.45 12.96
CA LEU A 780 -13.83 -4.45 13.02
C LEU A 780 -13.30 -3.07 12.66
N GLU A 781 -12.26 -2.62 13.36
CA GLU A 781 -11.61 -1.36 13.03
C GLU A 781 -10.73 -1.58 11.80
N LEU A 782 -10.65 -0.56 10.95
CA LEU A 782 -9.86 -0.64 9.71
C LEU A 782 -8.81 0.48 9.63
N ASN A 783 -7.54 0.09 9.86
CA ASN A 783 -6.42 1.02 9.90
C ASN A 783 -5.90 1.35 8.50
N ALA A 784 -6.04 2.63 8.13
CA ALA A 784 -5.58 3.15 6.85
C ALA A 784 -4.44 4.15 7.07
N GLU A 785 -3.33 3.89 6.38
CA GLU A 785 -2.14 4.73 6.43
C GLU A 785 -2.04 5.53 5.15
N VAL A 786 -2.52 6.77 5.22
CA VAL A 786 -2.55 7.65 4.06
C VAL A 786 -1.39 8.65 4.08
N MET A 787 -0.62 8.62 2.99
CA MET A 787 0.41 9.62 2.67
C MET A 787 -0.10 10.55 1.58
N VAL A 788 0.51 11.73 1.52
CA VAL A 788 0.04 12.79 0.63
C VAL A 788 1.17 13.76 0.26
N TRP A 789 1.06 14.32 -0.95
CA TRP A 789 2.09 15.18 -1.51
C TRP A 789 1.61 16.64 -1.67
N ASN A 790 2.57 17.52 -1.94
CA ASN A 790 2.31 18.92 -2.30
C ASN A 790 3.41 19.45 -3.23
N ASP A 791 3.38 19.00 -4.49
CA ASP A 791 4.41 19.37 -5.46
C ASP A 791 4.04 20.67 -6.19
N GLY A 792 3.14 21.44 -5.60
CA GLY A 792 2.76 22.71 -6.16
C GLY A 792 2.64 23.80 -5.11
N GLU A 793 1.94 24.86 -5.47
CA GLU A 793 1.67 25.97 -4.57
C GLU A 793 1.07 25.48 -3.26
N ASP A 794 1.29 26.26 -2.20
CA ASP A 794 0.82 25.91 -0.86
C ASP A 794 -0.70 25.73 -0.83
N SER A 795 -1.13 24.58 -0.32
CA SER A 795 -2.54 24.34 0.00
C SER A 795 -2.79 24.66 1.47
N TYR A 796 -3.80 25.48 1.72
CA TYR A 796 -4.04 25.98 3.06
C TYR A 796 -5.07 25.10 3.74
N GLY A 797 -6.33 25.27 3.36
CA GLY A 797 -7.40 24.50 3.97
C GLY A 797 -7.56 23.20 3.23
N THR A 798 -6.44 22.56 2.92
CA THR A 798 -6.46 21.31 2.20
C THR A 798 -7.41 20.30 2.85
N THR A 799 -8.25 19.70 2.01
CA THR A 799 -9.23 18.68 2.43
C THR A 799 -8.97 17.32 1.77
N ILE A 800 -9.30 16.25 2.48
CA ILE A 800 -9.09 14.90 1.97
C ILE A 800 -10.35 14.08 2.25
N THR A 801 -11.07 13.75 1.18
CA THR A 801 -12.33 13.04 1.30
C THR A 801 -12.17 11.61 0.76
N PHE A 802 -12.93 10.69 1.36
CA PHE A 802 -12.94 9.28 0.94
C PHE A 802 -14.29 8.84 0.43
N SER A 803 -14.29 7.82 -0.42
CA SER A 803 -15.51 7.14 -0.85
C SER A 803 -15.51 5.69 -0.31
N HIS A 804 -16.63 5.29 0.29
CA HIS A 804 -16.72 3.99 0.93
C HIS A 804 -18.17 3.48 0.90
N PRO A 805 -18.35 2.14 0.91
CA PRO A 805 -19.67 1.50 1.04
C PRO A 805 -20.32 1.83 2.40
N ALA A 806 -21.65 1.75 2.47
CA ALA A 806 -22.39 2.19 3.66
C ALA A 806 -21.83 1.57 4.94
N GLY A 807 -21.19 0.40 4.78
CA GLY A 807 -20.84 -0.46 5.89
C GLY A 807 -19.75 0.03 6.82
N LEU A 808 -19.39 1.31 6.76
CA LEU A 808 -18.36 1.83 7.66
C LEU A 808 -18.39 3.34 7.71
N SER A 809 -17.79 3.90 8.77
CA SER A 809 -17.61 5.35 8.88
C SER A 809 -16.35 5.65 9.69
N TYR A 810 -15.98 6.91 9.77
CA TYR A 810 -14.73 7.30 10.42
C TYR A 810 -14.92 7.53 11.90
N ARG A 811 -13.98 7.05 12.70
CA ARG A 811 -13.90 7.42 14.12
C ARG A 811 -12.53 7.97 14.53
N TYR A 812 -12.53 9.07 15.29
CA TYR A 812 -11.29 9.74 15.69
C TYR A 812 -10.32 8.78 16.39
N VAL A 813 -9.04 8.83 16.01
CA VAL A 813 -8.05 7.92 16.57
C VAL A 813 -7.62 8.42 17.95
N ALA A 814 -7.15 9.66 18.03
CA ALA A 814 -6.78 10.29 19.30
C ALA A 814 -5.69 9.51 20.03
N GLU A 815 -4.56 9.29 19.37
CA GLU A 815 -3.56 8.41 19.93
C GLU A 815 -2.41 9.24 20.47
N GLY A 816 -1.60 8.62 21.32
CA GLY A 816 -0.81 9.40 22.23
C GLY A 816 0.58 8.90 22.52
N GLN A 817 0.65 7.58 22.66
CA GLN A 817 1.21 7.04 23.86
C GLN A 817 2.06 5.77 23.71
N LYS A 818 2.89 5.71 22.67
CA LYS A 818 3.14 6.85 21.80
C LYS A 818 3.54 6.39 20.41
N GLN A 819 3.71 7.35 19.52
CA GLN A 819 3.88 7.07 18.10
C GLN A 819 3.81 8.34 17.29
N GLY A 820 4.48 8.37 16.14
CA GLY A 820 5.38 7.31 15.71
C GLY A 820 6.54 8.03 15.06
N GLN A 821 6.50 8.10 13.74
CA GLN A 821 7.18 9.16 13.01
C GLN A 821 5.99 9.79 12.32
N LEU A 822 4.98 10.08 13.13
CA LEU A 822 3.61 9.78 12.72
C LEU A 822 2.55 10.78 13.19
N ARG A 823 1.29 10.42 13.01
CA ARG A 823 0.17 11.34 13.07
C ARG A 823 0.17 12.19 14.33
N SER A 824 -0.17 13.45 14.14
CA SER A 824 0.09 14.49 15.12
C SER A 824 -1.12 15.39 15.19
N LEU A 825 -2.18 14.94 14.55
CA LEU A 825 -2.90 15.81 13.66
C LEU A 825 -4.37 16.03 13.94
N HIS A 826 -4.69 17.23 14.41
CA HIS A 826 -6.07 17.59 14.65
C HIS A 826 -6.73 17.83 13.29
N LEU A 827 -7.74 17.04 12.97
CA LEU A 827 -8.46 17.18 11.70
C LEU A 827 -9.96 17.00 11.88
N THR A 828 -10.73 17.72 11.08
CA THR A 828 -12.19 17.71 11.16
C THR A 828 -12.83 16.89 10.03
N CYS A 829 -13.60 15.87 10.40
CA CYS A 829 -14.23 14.99 9.42
C CYS A 829 -15.76 14.98 9.53
N ASP A 830 -16.43 14.99 8.39
CA ASP A 830 -17.89 14.96 8.36
C ASP A 830 -18.41 13.91 7.37
N SER A 831 -19.00 12.85 7.89
CA SER A 831 -19.56 11.81 7.04
C SER A 831 -20.84 12.35 6.41
N ALA A 832 -21.26 11.74 5.30
CA ALA A 832 -22.48 12.16 4.61
C ALA A 832 -22.79 11.25 3.42
N PRO A 833 -24.08 10.95 3.20
CA PRO A 833 -24.51 10.10 2.08
C PRO A 833 -24.37 10.79 0.72
N VAL A 834 -23.84 10.10 -0.29
CA VAL A 834 -23.61 10.73 -1.59
C VAL A 834 -24.31 10.00 -2.76
N GLY A 835 -23.72 8.88 -3.15
CA GLY A 835 -24.12 8.21 -4.37
C GLY A 835 -25.60 7.90 -4.47
N SER A 836 -26.01 7.49 -5.67
CA SER A 836 -27.40 7.17 -5.92
C SER A 836 -27.90 6.20 -4.87
N GLN A 837 -27.21 5.09 -4.71
CA GLN A 837 -27.64 4.08 -3.76
C GLN A 837 -26.48 3.18 -3.34
N GLY A 838 -25.84 3.53 -2.23
CA GLY A 838 -25.03 2.57 -1.51
C GLY A 838 -23.77 3.15 -0.94
N THR A 839 -23.10 3.95 -1.75
CA THR A 839 -21.83 4.53 -1.34
C THR A 839 -22.07 5.93 -0.81
N TRP A 840 -21.05 6.48 -0.14
CA TRP A 840 -21.13 7.82 0.43
C TRP A 840 -19.76 8.27 0.98
N SER A 841 -19.59 9.59 1.10
CA SER A 841 -18.27 10.21 1.34
C SER A 841 -18.08 10.73 2.75
N THR A 842 -16.86 10.54 3.25
CA THR A 842 -16.48 11.09 4.55
C THR A 842 -15.30 12.05 4.31
N SER A 843 -15.60 13.33 4.18
CA SER A 843 -14.60 14.37 3.97
C SER A 843 -13.84 14.64 5.26
N CYS A 844 -12.59 15.12 5.14
CA CYS A 844 -11.75 15.39 6.30
C CYS A 844 -10.73 16.49 6.03
N ARG A 845 -11.10 17.74 6.32
CA ARG A 845 -10.21 18.87 6.09
C ARG A 845 -9.22 19.05 7.24
N ILE A 846 -7.93 19.01 6.94
CA ILE A 846 -6.90 19.28 7.94
C ILE A 846 -7.10 20.66 8.54
N ASN A 847 -7.78 20.68 9.67
CA ASN A 847 -8.40 21.88 10.18
C ASN A 847 -7.49 23.11 10.19
N HIS A 848 -6.59 23.17 11.17
CA HIS A 848 -5.97 24.44 11.53
C HIS A 848 -4.46 24.51 11.34
N LEU A 849 -4.02 24.36 10.09
CA LEU A 849 -2.65 24.77 9.72
C LEU A 849 -2.31 24.43 8.26
N ILE A 850 -1.12 24.87 7.83
CA ILE A 850 -0.78 24.90 6.40
C ILE A 850 0.05 23.72 5.91
N PHE A 851 -0.10 23.42 4.63
CA PHE A 851 0.61 22.32 3.98
C PHE A 851 1.46 22.92 2.85
N ARG A 852 2.72 23.18 3.18
CA ARG A 852 3.56 23.98 2.30
C ARG A 852 4.52 23.17 1.45
N GLY A 853 4.98 23.79 0.38
CA GLY A 853 6.07 23.26 -0.43
C GLY A 853 5.91 21.81 -0.82
N GLY A 854 7.02 21.20 -1.21
CA GLY A 854 7.02 19.80 -1.63
C GLY A 854 7.05 18.89 -0.43
N ALA A 855 6.56 19.37 0.71
CA ALA A 855 6.52 18.57 1.92
C ALA A 855 5.43 17.51 1.85
N GLN A 856 5.75 16.30 2.30
CA GLN A 856 4.77 15.23 2.38
C GLN A 856 4.39 15.05 3.85
N ILE A 857 3.20 14.51 4.08
CA ILE A 857 2.75 14.21 5.44
C ILE A 857 1.90 12.94 5.44
N THR A 858 1.99 12.20 6.55
CA THR A 858 1.24 10.96 6.74
C THR A 858 0.44 10.97 8.04
N PHE A 859 -0.84 10.61 7.93
CA PHE A 859 -1.71 10.51 9.10
C PHE A 859 -2.48 9.20 9.04
N LEU A 860 -3.12 8.84 10.15
CA LEU A 860 -3.89 7.60 10.27
C LEU A 860 -5.38 7.86 10.48
N ALA A 861 -6.19 7.26 9.60
CA ALA A 861 -7.63 7.40 9.67
C ALA A 861 -8.25 6.03 9.71
N THR A 862 -9.03 5.77 10.77
CA THR A 862 -9.65 4.47 11.02
C THR A 862 -11.18 4.41 10.82
N PHE A 863 -11.62 3.37 10.11
CA PHE A 863 -13.02 3.16 9.82
C PHE A 863 -13.59 1.90 10.46
N ASP A 864 -14.50 2.13 11.39
CA ASP A 864 -15.25 1.05 12.00
C ASP A 864 -16.14 0.41 10.96
N VAL A 865 -16.15 -0.90 10.97
CA VAL A 865 -16.98 -1.66 10.05
C VAL A 865 -17.95 -2.53 10.84
N SER A 866 -19.21 -2.53 10.43
CA SER A 866 -20.26 -3.29 11.11
C SER A 866 -20.09 -4.80 10.88
N PRO A 867 -20.43 -5.62 11.90
CA PRO A 867 -20.41 -7.09 11.78
C PRO A 867 -21.39 -7.59 10.72
N LYS A 868 -22.42 -6.79 10.43
CA LYS A 868 -23.38 -7.08 9.37
C LYS A 868 -23.24 -6.04 8.26
N ALA A 869 -22.03 -5.97 7.69
CA ALA A 869 -21.72 -4.99 6.66
C ALA A 869 -22.17 -5.50 5.30
N VAL A 870 -23.25 -4.90 4.78
CA VAL A 870 -23.75 -5.22 3.45
C VAL A 870 -22.81 -4.61 2.41
N LEU A 871 -22.11 -5.45 1.67
CA LEU A 871 -21.17 -4.97 0.64
C LEU A 871 -20.77 -6.11 -0.30
N GLY A 872 -20.49 -5.78 -1.56
CA GLY A 872 -20.20 -6.80 -2.56
C GLY A 872 -19.10 -7.74 -2.13
N ASP A 873 -18.83 -8.76 -2.93
CA ASP A 873 -17.71 -9.68 -2.67
C ASP A 873 -16.36 -8.94 -2.68
N ARG A 874 -16.40 -7.68 -3.08
CA ARG A 874 -15.23 -6.81 -3.06
C ARG A 874 -15.67 -5.41 -2.64
N LEU A 875 -14.81 -4.74 -1.89
CA LEU A 875 -15.10 -3.37 -1.48
C LEU A 875 -13.93 -2.48 -1.89
N LEU A 876 -14.25 -1.42 -2.63
CA LEU A 876 -13.27 -0.42 -3.07
C LEU A 876 -13.48 0.86 -2.29
N LEU A 877 -12.48 1.72 -2.36
CA LEU A 877 -12.56 2.99 -1.70
C LEU A 877 -11.49 3.93 -2.31
N THR A 878 -11.86 5.21 -2.41
CA THR A 878 -11.02 6.21 -3.04
C THR A 878 -10.62 7.32 -2.06
N ALA A 879 -9.87 8.29 -2.60
CA ALA A 879 -9.40 9.44 -1.83
C ALA A 879 -9.15 10.66 -2.72
N ASN A 880 -10.18 11.50 -2.86
CA ASN A 880 -10.02 12.78 -3.54
C ASN A 880 -9.20 13.72 -2.64
N VAL A 881 -8.18 14.37 -3.22
CA VAL A 881 -7.35 15.33 -2.48
C VAL A 881 -7.24 16.64 -3.27
N SER A 882 -7.46 17.76 -2.57
CA SER A 882 -7.41 19.10 -3.18
C SER A 882 -7.07 20.15 -2.11
N SER A 883 -6.93 21.41 -2.54
CA SER A 883 -6.64 22.52 -1.63
C SER A 883 -7.94 23.19 -1.17
N GLU A 884 -7.79 24.14 -0.25
CA GLU A 884 -8.92 24.93 0.20
C GLU A 884 -9.55 25.68 -0.99
N ASN A 885 -8.70 26.02 -1.98
CA ASN A 885 -9.11 26.76 -3.17
C ASN A 885 -9.75 25.83 -4.22
N ASN A 886 -10.42 24.80 -3.75
CA ASN A 886 -11.20 23.94 -4.63
C ASN A 886 -10.33 23.32 -5.72
N THR A 887 -10.98 22.72 -6.70
CA THR A 887 -10.30 22.09 -7.81
C THR A 887 -10.62 22.84 -9.08
N PRO A 888 -9.78 23.81 -9.41
CA PRO A 888 -9.96 24.73 -10.54
C PRO A 888 -9.90 24.08 -11.92
N ARG A 889 -9.41 22.84 -12.03
CA ARG A 889 -9.17 22.27 -13.33
C ARG A 889 -9.57 20.81 -13.47
N THR A 890 -8.93 20.13 -14.41
CA THR A 890 -9.58 19.13 -15.24
C THR A 890 -9.61 17.71 -14.70
N SER A 891 -8.44 17.08 -14.63
CA SER A 891 -8.38 15.68 -14.27
C SER A 891 -8.14 15.52 -12.77
N LYS A 892 -9.10 14.90 -12.08
CA LYS A 892 -9.01 14.73 -10.63
C LYS A 892 -7.85 13.80 -10.26
N THR A 893 -7.29 13.98 -9.07
CA THR A 893 -6.19 13.14 -8.58
C THR A 893 -6.65 12.19 -7.49
N THR A 894 -7.59 11.32 -7.87
CA THR A 894 -8.19 10.37 -6.96
C THR A 894 -7.37 9.08 -6.90
N PHE A 895 -7.32 8.47 -5.72
CA PHE A 895 -6.57 7.24 -5.50
C PHE A 895 -7.44 6.17 -4.88
N GLN A 896 -7.58 5.06 -5.61
CA GLN A 896 -8.44 3.97 -5.17
C GLN A 896 -7.72 2.62 -5.12
N LEU A 897 -8.34 1.69 -4.38
CA LEU A 897 -7.93 0.28 -4.33
C LEU A 897 -9.12 -0.64 -3.90
N GLU A 898 -9.12 -1.83 -4.50
CA GLU A 898 -10.19 -2.80 -4.31
C GLU A 898 -9.67 -4.07 -3.59
N LEU A 899 -10.44 -4.49 -2.58
CA LEU A 899 -10.06 -5.62 -1.70
C LEU A 899 -11.07 -6.75 -1.77
N PRO A 900 -10.56 -7.99 -1.78
CA PRO A 900 -11.40 -9.16 -1.50
C PRO A 900 -12.00 -9.12 -0.09
N VAL A 901 -13.31 -9.32 0.00
CA VAL A 901 -14.02 -9.37 1.28
C VAL A 901 -14.57 -10.78 1.60
N LYS A 902 -14.40 -11.19 2.86
CA LYS A 902 -15.03 -12.40 3.40
C LYS A 902 -15.91 -12.04 4.61
N TYR A 903 -16.39 -13.08 5.29
CA TYR A 903 -17.39 -12.93 6.32
C TYR A 903 -17.20 -14.02 7.40
N ALA A 904 -17.46 -13.63 8.64
CA ALA A 904 -17.29 -14.51 9.80
C ALA A 904 -18.42 -15.52 9.88
N VAL A 905 -18.08 -16.71 10.34
CA VAL A 905 -19.05 -17.77 10.54
C VAL A 905 -18.58 -18.67 11.68
N TYR A 906 -19.53 -19.14 12.47
CA TYR A 906 -19.25 -20.09 13.54
C TYR A 906 -19.88 -21.42 13.15
N THR A 907 -19.02 -22.38 12.81
CA THR A 907 -19.43 -23.73 12.42
C THR A 907 -18.79 -24.85 13.28
N VAL A 908 -19.59 -25.48 14.14
CA VAL A 908 -19.13 -26.46 15.12
C VAL A 908 -19.82 -27.82 14.95
N VAL A 909 -19.13 -28.88 15.36
CA VAL A 909 -19.62 -30.26 15.23
C VAL A 909 -19.08 -31.14 16.37
N SER A 910 -19.97 -31.93 16.96
CA SER A 910 -19.63 -32.81 18.05
C SER A 910 -19.99 -34.27 17.73
N SER A 911 -19.43 -35.19 18.52
CA SER A 911 -19.73 -36.61 18.38
C SER A 911 -20.73 -37.06 19.44
N HIS A 912 -22.01 -37.10 19.07
CA HIS A 912 -23.09 -37.39 20.01
C HIS A 912 -22.76 -38.62 20.82
N GLU A 913 -23.15 -38.62 22.09
CA GLU A 913 -22.77 -39.69 23.00
C GLU A 913 -23.59 -40.96 22.79
N GLN A 914 -24.35 -41.01 21.70
CA GLN A 914 -25.01 -42.24 21.27
C GLN A 914 -24.08 -42.99 20.32
N PHE A 915 -22.87 -43.28 20.82
CA PHE A 915 -21.81 -43.90 20.03
C PHE A 915 -21.44 -45.29 20.54
N THR A 916 -21.27 -46.23 19.62
CA THR A 916 -21.15 -47.65 19.95
C THR A 916 -19.74 -48.11 20.31
N LYS A 917 -19.40 -48.08 21.61
CA LYS A 917 -18.17 -48.69 22.13
C LYS A 917 -18.53 -50.00 22.83
N TYR A 918 -18.42 -51.13 22.12
CA TYR A 918 -19.15 -52.35 22.48
C TYR A 918 -18.32 -53.58 22.82
N LEU A 919 -17.00 -53.45 22.76
CA LEU A 919 -16.11 -54.60 22.97
C LEU A 919 -16.65 -55.58 24.02
N ASN A 920 -16.45 -56.88 23.81
CA ASN A 920 -16.66 -57.87 24.87
C ASN A 920 -16.16 -59.25 24.46
N PHE A 921 -15.90 -60.08 25.46
CA PHE A 921 -15.03 -61.24 25.29
C PHE A 921 -15.56 -62.34 24.35
N SER A 922 -16.86 -62.36 24.10
CA SER A 922 -17.45 -63.43 23.31
C SER A 922 -17.04 -63.35 21.84
N GLU A 923 -15.97 -64.05 21.48
CA GLU A 923 -15.44 -64.03 20.12
C GLU A 923 -15.03 -65.41 19.66
N SER A 924 -16.02 -66.23 19.34
CA SER A 924 -15.74 -67.60 18.95
C SER A 924 -15.54 -67.69 17.44
N GLU A 925 -16.45 -67.10 16.69
CA GLU A 925 -16.35 -67.14 15.23
C GLU A 925 -16.27 -65.75 14.64
N GLU A 926 -16.20 -65.69 13.32
CA GLU A 926 -16.12 -64.43 12.61
C GLU A 926 -17.48 -64.12 11.99
N LYS A 927 -18.31 -63.43 12.75
CA LYS A 927 -19.66 -63.09 12.31
C LYS A 927 -19.69 -61.73 11.60
N GLU A 928 -20.85 -61.10 11.52
CA GLU A 928 -21.01 -59.91 10.69
C GLU A 928 -21.66 -58.73 11.38
N SER A 929 -22.86 -58.91 11.91
CA SER A 929 -23.74 -57.78 12.16
C SER A 929 -23.95 -57.43 13.62
N HIS A 930 -23.06 -56.62 14.17
CA HIS A 930 -23.33 -55.89 15.39
C HIS A 930 -23.21 -54.41 15.04
N VAL A 931 -23.76 -54.05 13.89
CA VAL A 931 -23.68 -52.69 13.35
C VAL A 931 -23.41 -51.61 14.41
N ALA A 932 -22.35 -50.83 14.19
CA ALA A 932 -22.05 -49.70 15.08
C ALA A 932 -22.74 -48.43 14.57
N MET A 933 -22.82 -47.43 15.44
CA MET A 933 -23.57 -46.22 15.12
C MET A 933 -22.80 -45.00 15.57
N HIS A 934 -22.29 -44.25 14.59
CA HIS A 934 -21.60 -43.00 14.86
C HIS A 934 -22.51 -41.82 14.54
N ARG A 935 -23.11 -41.24 15.57
CA ARG A 935 -23.98 -40.09 15.39
C ARG A 935 -23.19 -38.83 15.60
N TYR A 936 -23.26 -37.95 14.59
CA TYR A 936 -22.63 -36.63 14.59
C TYR A 936 -23.70 -35.53 14.55
N GLN A 937 -23.59 -34.56 15.45
CA GLN A 937 -24.48 -33.41 15.48
C GLN A 937 -23.70 -32.16 15.15
N VAL A 938 -24.27 -31.28 14.34
CA VAL A 938 -23.58 -30.08 13.93
C VAL A 938 -24.53 -28.88 14.03
N ASN A 939 -23.95 -27.69 14.14
CA ASN A 939 -24.73 -26.47 14.25
C ASN A 939 -23.85 -25.22 14.15
N ASN A 940 -24.42 -24.15 13.60
CA ASN A 940 -23.66 -22.92 13.39
C ASN A 940 -24.25 -21.77 14.18
N LEU A 941 -23.43 -21.21 15.06
CA LEU A 941 -23.80 -20.03 15.84
C LEU A 941 -23.36 -18.76 15.15
N GLY A 942 -23.13 -18.84 13.83
CA GLY A 942 -22.80 -17.68 13.03
C GLY A 942 -23.98 -16.76 13.00
N GLN A 943 -24.05 -15.91 11.99
CA GLN A 943 -25.16 -14.95 11.89
C GLN A 943 -25.58 -14.77 10.42
N ARG A 944 -25.31 -15.79 9.61
CA ARG A 944 -25.69 -15.76 8.20
C ARG A 944 -25.92 -17.17 7.66
N ASP A 945 -26.98 -17.28 6.86
CA ASP A 945 -27.30 -18.51 6.17
C ASP A 945 -26.25 -18.72 5.11
N LEU A 946 -25.65 -19.90 5.11
CA LEU A 946 -24.55 -20.20 4.21
C LEU A 946 -24.46 -21.69 3.82
N PRO A 947 -24.45 -22.00 2.52
CA PRO A 947 -24.27 -23.40 2.07
C PRO A 947 -23.02 -24.06 2.67
N VAL A 948 -23.11 -25.37 2.91
CA VAL A 948 -21.97 -26.12 3.42
C VAL A 948 -21.94 -27.53 2.83
N SER A 949 -20.93 -28.30 3.20
CA SER A 949 -20.82 -29.66 2.72
C SER A 949 -20.07 -30.43 3.79
N ILE A 950 -20.77 -31.35 4.44
CA ILE A 950 -20.19 -32.13 5.53
C ILE A 950 -19.54 -33.42 5.02
N ASN A 951 -18.21 -33.49 5.18
CA ASN A 951 -17.41 -34.63 4.74
C ASN A 951 -17.20 -35.65 5.85
N PHE A 952 -16.94 -36.89 5.44
CA PHE A 952 -16.77 -38.00 6.38
C PHE A 952 -15.63 -38.92 5.95
N TRP A 953 -15.21 -39.78 6.87
CA TRP A 953 -14.13 -40.73 6.61
C TRP A 953 -14.35 -42.03 7.40
N VAL A 954 -14.88 -43.05 6.72
CA VAL A 954 -15.21 -44.33 7.36
C VAL A 954 -14.41 -45.50 6.78
N PRO A 955 -13.54 -46.12 7.60
CA PRO A 955 -12.70 -47.24 7.14
C PRO A 955 -13.54 -48.41 6.62
N VAL A 956 -13.04 -49.13 5.63
CA VAL A 956 -13.71 -50.33 5.11
C VAL A 956 -12.64 -51.32 4.66
N GLU A 957 -12.36 -51.35 3.36
CA GLU A 957 -11.37 -52.28 2.83
C GLU A 957 -10.09 -52.22 3.63
N LEU A 958 -9.51 -53.39 3.90
CA LEU A 958 -8.25 -53.49 4.63
C LEU A 958 -7.49 -54.71 4.12
N ASN A 959 -6.79 -54.54 3.01
CA ASN A 959 -6.10 -55.64 2.36
C ASN A 959 -7.12 -56.66 1.85
N GLN A 960 -8.14 -56.17 1.15
CA GLN A 960 -9.21 -57.01 0.61
C GLN A 960 -10.18 -57.44 1.71
N GLU A 961 -9.72 -57.37 2.95
CA GLU A 961 -10.51 -57.79 4.10
C GLU A 961 -11.35 -56.61 4.59
N ALA A 962 -12.64 -56.63 4.25
CA ALA A 962 -13.56 -55.55 4.64
C ALA A 962 -13.58 -55.36 6.16
N VAL A 963 -13.67 -54.10 6.58
CA VAL A 963 -13.72 -53.78 8.01
C VAL A 963 -15.17 -53.81 8.45
N TRP A 964 -15.99 -52.94 7.87
CA TRP A 964 -17.43 -53.03 8.06
C TRP A 964 -18.18 -52.58 6.83
N MET A 965 -19.12 -53.43 6.41
CA MET A 965 -19.67 -53.35 5.08
C MET A 965 -20.96 -52.53 5.02
N ASP A 966 -21.43 -52.32 3.79
CA ASP A 966 -22.71 -51.66 3.54
C ASP A 966 -22.93 -50.52 4.50
N VAL A 967 -21.98 -49.59 4.55
CA VAL A 967 -22.11 -48.44 5.43
C VAL A 967 -22.78 -47.28 4.69
N GLU A 968 -23.90 -46.79 5.22
CA GLU A 968 -24.59 -45.64 4.65
C GLU A 968 -24.91 -44.64 5.77
N VAL A 969 -25.39 -43.46 5.38
CA VAL A 969 -25.66 -42.39 6.35
C VAL A 969 -27.11 -41.92 6.32
N SER A 970 -27.78 -42.10 7.45
CA SER A 970 -29.15 -41.64 7.62
C SER A 970 -29.17 -40.16 7.95
N HIS A 971 -30.24 -39.48 7.54
CA HIS A 971 -30.39 -38.06 7.80
C HIS A 971 -31.79 -37.75 8.33
N PRO A 972 -32.10 -38.24 9.53
CA PRO A 972 -33.42 -38.09 10.12
C PRO A 972 -33.75 -36.65 10.47
N GLN A 973 -35.02 -36.39 10.79
CA GLN A 973 -35.48 -35.07 11.19
C GLN A 973 -35.20 -34.02 10.11
N ASN A 974 -34.89 -34.49 8.90
CA ASN A 974 -34.56 -33.59 7.80
C ASN A 974 -34.77 -34.26 6.44
N PRO A 975 -35.05 -33.46 5.41
CA PRO A 975 -35.33 -33.97 4.06
C PRO A 975 -34.28 -34.97 3.58
N SER A 976 -34.61 -35.75 2.55
CA SER A 976 -33.66 -36.71 2.01
C SER A 976 -32.62 -35.98 1.17
N LEU A 977 -31.46 -35.74 1.77
CA LEU A 977 -30.39 -35.01 1.09
C LEU A 977 -29.51 -35.94 0.27
N ARG A 978 -28.71 -35.37 -0.62
CA ARG A 978 -27.86 -36.15 -1.49
C ARG A 978 -26.45 -36.20 -0.95
N CYS A 979 -25.90 -37.40 -0.86
CA CYS A 979 -24.52 -37.57 -0.39
C CYS A 979 -23.68 -38.38 -1.38
N SER A 980 -22.39 -38.09 -1.40
CA SER A 980 -21.48 -38.73 -2.35
C SER A 980 -20.64 -39.79 -1.68
N SER A 981 -20.05 -40.65 -2.48
CA SER A 981 -19.24 -41.75 -1.97
C SER A 981 -18.03 -41.98 -2.86
N GLU A 982 -16.86 -42.10 -2.22
CA GLU A 982 -15.61 -42.35 -2.95
C GLU A 982 -14.58 -43.15 -2.12
N LYS A 983 -14.04 -44.23 -2.68
CA LYS A 983 -13.03 -45.02 -1.99
C LYS A 983 -11.64 -44.49 -2.28
N ILE A 984 -10.74 -44.63 -1.31
CA ILE A 984 -9.36 -44.18 -1.50
C ILE A 984 -8.39 -45.06 -0.74
N ALA A 985 -7.18 -45.22 -1.29
CA ALA A 985 -6.17 -46.08 -0.67
C ALA A 985 -5.06 -45.26 -0.03
N PRO A 986 -4.82 -45.46 1.28
CA PRO A 986 -3.80 -44.75 2.06
C PRO A 986 -2.36 -45.00 1.59
N PRO A 987 -1.36 -44.43 2.27
CA PRO A 987 0.03 -44.44 1.80
C PRO A 987 0.65 -45.83 1.72
N ALA A 988 0.08 -46.79 2.43
CA ALA A 988 0.52 -48.18 2.34
C ALA A 988 1.82 -48.43 3.07
N SER A 989 2.05 -47.69 4.16
CA SER A 989 3.23 -47.93 4.99
C SER A 989 3.08 -49.27 5.69
N ASP A 990 4.12 -49.67 6.41
CA ASP A 990 4.08 -50.91 7.17
C ASP A 990 3.05 -50.81 8.29
N PHE A 991 1.84 -51.29 8.04
CA PHE A 991 0.74 -51.16 8.99
C PHE A 991 0.93 -52.09 10.19
N LEU A 992 1.75 -53.12 10.01
CA LEU A 992 2.09 -54.03 11.10
C LEU A 992 2.54 -53.24 12.33
N ALA A 993 3.66 -52.53 12.19
CA ALA A 993 4.23 -51.78 13.30
C ALA A 993 3.44 -50.50 13.58
N HIS A 994 2.76 -50.00 12.55
CA HIS A 994 2.02 -48.74 12.66
C HIS A 994 1.05 -48.75 13.82
N ILE A 995 0.06 -49.64 13.77
CA ILE A 995 -0.98 -49.67 14.78
C ILE A 995 -0.48 -50.36 16.05
N GLN A 996 0.70 -50.95 16.00
CA GLN A 996 1.30 -51.53 17.19
C GLN A 996 1.66 -50.40 18.14
N LYS A 997 2.11 -49.29 17.58
CA LYS A 997 2.28 -48.07 18.36
C LYS A 997 0.97 -47.77 19.08
N ASN A 998 -0.06 -47.56 18.29
CA ASN A 998 -1.36 -47.14 18.80
C ASN A 998 -2.43 -48.01 18.18
N PRO A 999 -3.20 -48.73 19.02
CA PRO A 999 -4.25 -49.63 18.53
C PRO A 999 -5.23 -48.97 17.57
N VAL A 1000 -5.20 -47.64 17.49
CA VAL A 1000 -6.11 -46.91 16.61
C VAL A 1000 -6.09 -47.43 15.16
N LEU A 1001 -7.22 -47.29 14.47
CA LEU A 1001 -7.32 -47.62 13.05
C LEU A 1001 -7.90 -46.44 12.26
N ASP A 1002 -7.07 -45.42 12.06
CA ASP A 1002 -7.46 -44.27 11.26
C ASP A 1002 -7.51 -44.67 9.78
N CYS A 1003 -7.94 -43.75 8.93
CA CYS A 1003 -8.09 -44.06 7.52
C CYS A 1003 -6.75 -44.21 6.82
N SER A 1004 -5.68 -43.83 7.51
CA SER A 1004 -4.33 -43.84 6.93
C SER A 1004 -3.81 -45.25 6.77
N ILE A 1005 -4.49 -46.22 7.36
CA ILE A 1005 -4.09 -47.61 7.26
C ILE A 1005 -5.06 -48.34 6.34
N ALA A 1006 -6.35 -48.28 6.67
CA ALA A 1006 -7.35 -49.04 5.92
C ALA A 1006 -8.04 -48.17 4.90
N GLY A 1007 -8.20 -48.72 3.69
CA GLY A 1007 -8.88 -48.04 2.62
C GLY A 1007 -10.16 -47.43 3.12
N CYS A 1008 -10.16 -46.10 3.27
CA CYS A 1008 -11.28 -45.39 3.85
C CYS A 1008 -12.39 -45.15 2.83
N LEU A 1009 -13.38 -44.35 3.22
CA LEU A 1009 -14.49 -44.05 2.35
C LEU A 1009 -14.97 -42.64 2.70
N ARG A 1010 -14.85 -41.72 1.76
CA ARG A 1010 -15.30 -40.34 1.94
C ARG A 1010 -16.78 -40.14 1.54
N PHE A 1011 -17.53 -39.50 2.44
CA PHE A 1011 -18.93 -39.15 2.18
C PHE A 1011 -19.09 -37.64 2.10
N ARG A 1012 -19.47 -37.15 0.93
CA ARG A 1012 -19.60 -35.72 0.74
C ARG A 1012 -21.07 -35.33 0.75
N CYS A 1013 -21.58 -35.04 1.94
CA CYS A 1013 -22.97 -34.65 2.11
C CYS A 1013 -23.18 -33.14 1.97
N ASP A 1014 -23.56 -32.73 0.77
CA ASP A 1014 -23.80 -31.33 0.44
C ASP A 1014 -25.04 -30.83 1.17
N VAL A 1015 -25.15 -29.52 1.30
CA VAL A 1015 -26.25 -28.88 2.02
C VAL A 1015 -26.67 -27.59 1.35
N PRO A 1016 -27.96 -27.46 1.04
CA PRO A 1016 -28.42 -26.28 0.28
C PRO A 1016 -28.09 -24.99 1.01
N SER A 1017 -28.68 -24.80 2.18
CA SER A 1017 -28.45 -23.59 2.95
C SER A 1017 -28.55 -23.91 4.41
N PHE A 1018 -27.39 -23.98 5.07
CA PHE A 1018 -27.31 -24.28 6.49
C PHE A 1018 -27.72 -23.10 7.37
N SER A 1019 -29.02 -22.77 7.35
CA SER A 1019 -29.53 -21.64 8.11
C SER A 1019 -28.84 -21.60 9.47
N VAL A 1020 -28.63 -20.39 9.99
CA VAL A 1020 -28.04 -20.21 11.31
C VAL A 1020 -28.98 -20.76 12.37
N GLN A 1021 -28.40 -21.33 13.43
CA GLN A 1021 -29.18 -21.87 14.54
C GLN A 1021 -29.64 -23.31 14.24
N GLU A 1022 -29.65 -23.67 12.96
CA GLU A 1022 -30.08 -25.00 12.53
C GLU A 1022 -29.09 -26.02 13.06
N GLU A 1023 -29.58 -26.93 13.90
CA GLU A 1023 -28.72 -27.97 14.45
C GLU A 1023 -28.79 -29.23 13.59
N LEU A 1024 -28.96 -29.04 12.29
CA LEU A 1024 -29.05 -30.16 11.37
C LEU A 1024 -28.06 -31.26 11.77
N ASP A 1025 -28.58 -32.40 12.22
CA ASP A 1025 -27.75 -33.54 12.62
C ASP A 1025 -28.18 -34.84 11.92
N PHE A 1026 -27.25 -35.78 11.87
CA PHE A 1026 -27.48 -37.06 11.19
C PHE A 1026 -26.40 -38.07 11.56
N THR A 1027 -26.74 -39.35 11.38
CA THR A 1027 -25.89 -40.44 11.82
C THR A 1027 -25.64 -41.45 10.68
N LEU A 1028 -24.63 -42.29 10.90
CA LEU A 1028 -24.22 -43.29 9.94
C LEU A 1028 -24.02 -44.64 10.63
N LYS A 1029 -24.44 -45.71 9.96
CA LYS A 1029 -24.33 -47.04 10.52
C LYS A 1029 -24.01 -48.06 9.45
N GLY A 1030 -23.49 -49.22 9.87
CA GLY A 1030 -23.22 -50.33 8.97
C GLY A 1030 -22.77 -51.57 9.73
N ASN A 1031 -23.27 -52.73 9.31
CA ASN A 1031 -22.87 -53.99 9.95
C ASN A 1031 -21.36 -54.10 10.00
N LEU A 1032 -20.82 -54.26 11.21
CA LEU A 1032 -19.38 -54.25 11.42
C LEU A 1032 -18.80 -55.66 11.48
N SER A 1033 -18.00 -56.01 10.48
CA SER A 1033 -17.44 -57.34 10.36
C SER A 1033 -16.35 -57.60 11.40
N PHE A 1034 -16.27 -58.85 11.86
CA PHE A 1034 -15.29 -59.26 12.86
C PHE A 1034 -14.11 -59.97 12.20
N GLY A 1035 -14.21 -60.21 10.90
CA GLY A 1035 -13.22 -60.98 10.18
C GLY A 1035 -11.83 -60.34 10.16
N TRP A 1036 -11.77 -59.07 9.83
CA TRP A 1036 -10.49 -58.36 9.70
C TRP A 1036 -9.69 -58.28 11.01
N VAL A 1037 -10.35 -58.57 12.13
CA VAL A 1037 -9.75 -58.42 13.45
C VAL A 1037 -8.47 -59.25 13.61
N ARG A 1038 -8.43 -60.39 12.92
CA ARG A 1038 -7.30 -61.31 13.02
C ARG A 1038 -6.18 -60.83 12.11
N GLN A 1039 -6.55 -60.13 11.04
CA GLN A 1039 -5.60 -59.69 10.02
C GLN A 1039 -4.39 -58.98 10.61
N ILE A 1040 -4.54 -58.37 11.77
CA ILE A 1040 -3.45 -57.57 12.34
C ILE A 1040 -2.79 -58.24 13.55
N LEU A 1041 -3.39 -59.31 14.05
CA LEU A 1041 -2.75 -60.12 15.09
C LEU A 1041 -2.57 -59.35 16.40
N GLN A 1042 -3.66 -58.77 16.90
CA GLN A 1042 -3.67 -58.16 18.22
C GLN A 1042 -5.09 -58.13 18.75
N LYS A 1043 -5.27 -57.63 19.98
CA LYS A 1043 -6.60 -57.49 20.57
C LYS A 1043 -6.79 -56.10 21.17
N LYS A 1044 -8.05 -55.73 21.41
CA LYS A 1044 -8.39 -54.42 21.95
C LYS A 1044 -8.10 -53.31 20.93
N VAL A 1045 -8.22 -53.64 19.65
CA VAL A 1045 -8.07 -52.66 18.58
C VAL A 1045 -9.26 -51.70 18.64
N SER A 1046 -9.14 -50.54 17.98
CA SER A 1046 -10.23 -49.58 17.91
C SER A 1046 -10.26 -48.84 16.57
N VAL A 1047 -11.41 -48.86 15.91
CA VAL A 1047 -11.56 -48.20 14.61
C VAL A 1047 -12.16 -46.81 14.80
N VAL A 1048 -11.62 -45.84 14.06
CA VAL A 1048 -12.07 -44.45 14.17
C VAL A 1048 -12.65 -43.90 12.87
N SER A 1049 -13.68 -43.06 13.01
CA SER A 1049 -14.25 -42.33 11.88
C SER A 1049 -14.00 -40.86 12.15
N VAL A 1050 -13.58 -40.16 11.10
CA VAL A 1050 -13.35 -38.71 11.17
C VAL A 1050 -14.44 -37.99 10.36
N ALA A 1051 -14.99 -36.94 10.96
CA ALA A 1051 -16.05 -36.17 10.33
C ALA A 1051 -15.63 -34.74 10.39
N GLU A 1052 -15.53 -34.15 9.21
CA GLU A 1052 -15.06 -32.80 9.10
C GLU A 1052 -15.95 -31.98 8.16
N ILE A 1053 -16.49 -30.87 8.67
CA ILE A 1053 -17.36 -29.97 7.90
C ILE A 1053 -16.53 -28.95 7.12
N THR A 1054 -17.01 -28.59 5.93
CA THR A 1054 -16.29 -27.67 5.07
C THR A 1054 -17.25 -26.66 4.47
N PHE A 1055 -16.69 -25.61 3.88
CA PHE A 1055 -17.47 -24.61 3.17
C PHE A 1055 -16.51 -23.76 2.34
N ASP A 1056 -17.04 -23.04 1.34
CA ASP A 1056 -16.20 -22.27 0.41
C ASP A 1056 -15.23 -21.37 1.18
N THR A 1057 -13.94 -21.74 1.14
CA THR A 1057 -12.88 -20.99 1.81
C THR A 1057 -12.97 -19.51 1.49
N SER A 1058 -13.43 -19.21 0.26
CA SER A 1058 -13.67 -17.85 -0.21
C SER A 1058 -15.09 -17.39 0.11
N VAL A 1059 -15.22 -16.11 0.46
CA VAL A 1059 -16.52 -15.52 0.82
C VAL A 1059 -16.83 -15.75 2.32
N TYR A 1060 -16.66 -16.98 2.79
CA TYR A 1060 -16.91 -17.35 4.19
C TYR A 1060 -15.64 -17.90 4.85
N SER A 1061 -15.66 -17.90 6.18
CA SER A 1061 -14.49 -18.32 6.95
C SER A 1061 -14.75 -18.21 8.46
N GLN A 1062 -14.15 -19.12 9.25
CA GLN A 1062 -14.36 -19.15 10.73
C GLN A 1062 -13.52 -18.12 11.49
N LEU A 1063 -14.11 -17.60 12.57
CA LEU A 1063 -13.79 -16.26 13.03
C LEU A 1063 -12.55 -16.07 13.94
N PRO A 1064 -12.38 -16.93 14.95
CA PRO A 1064 -11.71 -16.59 16.22
C PRO A 1064 -10.22 -16.60 16.18
N GLY A 1065 -9.71 -16.83 14.98
CA GLY A 1065 -8.37 -17.32 14.81
C GLY A 1065 -8.56 -18.59 14.01
N GLN A 1066 -8.72 -19.70 14.71
CA GLN A 1066 -8.84 -20.98 14.06
C GLN A 1066 -9.45 -21.97 15.02
N GLU A 1067 -10.67 -22.36 14.70
CA GLU A 1067 -11.35 -23.37 15.46
C GLU A 1067 -11.49 -24.69 14.67
N ALA A 1068 -10.92 -25.77 15.25
CA ALA A 1068 -11.04 -27.14 14.71
C ALA A 1068 -12.33 -27.81 15.20
N PHE A 1069 -13.25 -26.99 15.70
CA PHE A 1069 -14.56 -27.46 16.13
C PHE A 1069 -15.33 -27.98 14.94
N MET A 1070 -14.80 -27.79 13.74
CA MET A 1070 -15.42 -28.36 12.54
C MET A 1070 -14.74 -29.67 12.08
N ARG A 1071 -14.30 -30.48 13.06
CA ARG A 1071 -13.65 -31.76 12.80
C ARG A 1071 -13.75 -32.68 14.02
N ALA A 1072 -14.90 -33.34 14.17
CA ALA A 1072 -15.12 -34.28 15.28
C ALA A 1072 -14.57 -35.67 14.97
N GLN A 1073 -14.71 -36.57 15.94
CA GLN A 1073 -14.14 -37.91 15.84
C GLN A 1073 -14.88 -38.87 16.77
N THR A 1074 -14.99 -40.13 16.35
CA THR A 1074 -15.64 -41.16 17.15
C THR A 1074 -14.81 -42.43 17.08
N THR A 1075 -14.35 -42.90 18.25
CA THR A 1075 -13.50 -44.11 18.31
C THR A 1075 -14.23 -45.28 18.97
N THR A 1076 -14.61 -46.26 18.14
CA THR A 1076 -15.25 -47.48 18.62
C THR A 1076 -14.18 -48.54 18.92
N VAL A 1077 -14.48 -49.50 19.79
CA VAL A 1077 -13.52 -50.55 20.16
C VAL A 1077 -14.02 -51.97 19.84
N LEU A 1078 -13.11 -52.82 19.35
CA LEU A 1078 -13.42 -54.22 19.02
C LEU A 1078 -12.62 -55.21 19.86
N GLU A 1079 -12.55 -55.00 21.17
CA GLU A 1079 -11.87 -55.95 22.04
C GLU A 1079 -12.71 -57.22 22.21
N LYS A 1080 -12.28 -58.29 21.55
CA LYS A 1080 -12.96 -59.56 21.63
C LYS A 1080 -11.94 -60.69 21.71
N TYR A 1081 -11.86 -61.30 22.88
CA TYR A 1081 -10.81 -62.28 23.17
C TYR A 1081 -11.33 -63.70 23.04
N LYS A 1082 -10.50 -64.66 23.44
CA LYS A 1082 -10.80 -66.06 23.25
C LYS A 1082 -10.96 -66.37 21.76
N GLN B 1 4.54 16.51 36.01
CA GLN B 1 3.71 15.28 36.18
C GLN B 1 2.62 15.21 35.11
N GLU B 2 1.65 16.11 35.21
CA GLU B 2 0.53 16.13 34.28
C GLU B 2 -0.26 17.40 34.44
N CYS B 3 -0.54 18.07 33.33
CA CYS B 3 -1.33 19.29 33.36
C CYS B 3 -1.69 19.78 31.96
N THR B 4 -2.95 19.57 31.56
CA THR B 4 -3.44 20.11 30.29
C THR B 4 -4.19 21.41 30.55
N LYS B 5 -3.87 22.43 29.75
CA LYS B 5 -4.35 23.77 29.99
C LYS B 5 -5.80 23.94 29.58
N PHE B 6 -6.66 24.21 30.55
CA PHE B 6 -7.99 24.69 30.25
C PHE B 6 -7.88 26.19 30.09
N LYS B 7 -9.00 26.87 29.83
CA LYS B 7 -8.99 28.32 29.74
C LYS B 7 -8.33 28.90 30.99
N VAL B 8 -7.13 29.45 30.81
CA VAL B 8 -6.38 30.02 31.93
C VAL B 8 -6.45 31.55 31.91
N SER B 9 -7.25 32.12 32.81
CA SER B 9 -7.37 33.57 32.94
C SER B 9 -6.72 34.07 34.23
N SER B 10 -6.74 33.24 35.26
CA SER B 10 -6.15 33.60 36.55
C SER B 10 -5.39 32.41 37.14
N CYS B 11 -4.90 32.57 38.37
CA CYS B 11 -4.24 31.47 39.05
C CYS B 11 -5.25 30.38 39.38
N ARG B 12 -6.50 30.77 39.58
CA ARG B 12 -7.54 29.83 39.93
C ARG B 12 -7.96 28.96 38.76
N GLU B 13 -8.02 29.55 37.57
CA GLU B 13 -8.38 28.81 36.38
C GLU B 13 -7.26 27.84 35.94
N CYS B 14 -6.09 28.00 36.53
CA CYS B 14 -4.97 27.06 36.31
C CYS B 14 -5.12 25.89 37.28
N ILE B 15 -5.70 26.20 38.43
CA ILE B 15 -5.96 25.22 39.46
C ILE B 15 -7.09 24.28 39.00
N GLU B 16 -8.07 24.83 38.29
CA GLU B 16 -9.22 24.07 37.81
C GLU B 16 -8.89 23.26 36.57
N SER B 17 -7.59 23.07 36.31
CA SER B 17 -7.15 22.32 35.14
C SER B 17 -6.85 20.87 35.51
N GLY B 18 -6.30 20.66 36.70
CA GLY B 18 -5.99 19.32 37.15
C GLY B 18 -5.08 19.28 38.36
N PRO B 19 -4.92 18.10 38.96
CA PRO B 19 -4.09 17.92 40.15
C PRO B 19 -2.65 18.37 39.91
N GLY B 20 -2.06 17.94 38.80
CA GLY B 20 -0.66 18.23 38.52
C GLY B 20 -0.45 19.59 37.89
N CYS B 21 -1.36 20.51 38.16
CA CYS B 21 -1.26 21.88 37.62
C CYS B 21 -0.79 22.86 38.69
N THR B 22 0.30 23.57 38.39
CA THR B 22 0.85 24.58 39.28
C THR B 22 0.84 25.95 38.60
N TRP B 23 1.00 27.01 39.38
CA TRP B 23 0.96 28.37 38.87
C TRP B 23 2.13 29.20 39.39
N CYS B 24 2.64 30.10 38.56
CA CYS B 24 3.75 30.97 38.95
C CYS B 24 3.29 32.42 39.07
N GLN B 25 3.67 33.07 40.17
CA GLN B 25 3.26 34.44 40.44
C GLN B 25 4.37 35.41 40.10
N LYS B 26 5.61 34.90 40.00
CA LYS B 26 6.78 35.73 39.72
C LYS B 26 6.54 36.61 38.50
N LEU B 27 6.58 37.91 38.71
CA LEU B 27 6.38 38.87 37.63
C LEU B 27 7.54 38.84 36.65
N ASN B 28 7.42 39.61 35.57
CA ASN B 28 8.45 39.65 34.56
C ASN B 28 8.78 38.26 34.05
N PHE B 29 7.85 37.33 34.24
CA PHE B 29 8.04 35.96 33.77
C PHE B 29 7.56 35.83 32.34
N THR B 30 6.69 36.74 31.92
CA THR B 30 6.19 36.74 30.55
C THR B 30 7.16 37.45 29.61
N GLY B 31 7.62 36.75 28.58
CA GLY B 31 8.57 37.31 27.63
C GLY B 31 7.98 38.48 26.87
N PRO B 32 8.78 39.07 25.96
CA PRO B 32 8.36 40.21 25.15
C PRO B 32 6.93 40.05 24.65
N GLY B 33 6.60 38.87 24.13
CA GLY B 33 5.28 38.61 23.61
C GLY B 33 4.85 37.18 23.85
N ASP B 34 4.87 36.78 25.11
CA ASP B 34 4.50 35.42 25.48
C ASP B 34 3.11 35.39 26.11
N PRO B 35 2.43 34.25 25.96
CA PRO B 35 1.10 34.04 26.56
C PRO B 35 1.16 34.12 28.08
N ASP B 36 0.03 34.45 28.71
CA ASP B 36 -0.08 34.42 30.17
C ASP B 36 -0.37 33.02 30.68
N SER B 37 -0.83 32.15 29.77
CA SER B 37 -1.16 30.78 30.12
C SER B 37 0.10 29.94 30.34
N ILE B 38 1.25 30.51 30.00
CA ILE B 38 2.52 29.81 30.18
C ILE B 38 2.86 29.71 31.65
N ARG B 39 2.29 30.60 32.44
CA ARG B 39 2.53 30.61 33.88
C ARG B 39 1.96 29.35 34.52
N CYS B 40 1.09 28.65 33.80
CA CYS B 40 0.44 27.45 34.32
C CYS B 40 0.99 26.17 33.65
N ASP B 41 1.99 25.57 34.30
CA ASP B 41 2.58 24.31 33.81
C ASP B 41 2.72 23.35 34.98
N THR B 42 3.62 22.38 34.87
CA THR B 42 3.90 21.46 35.98
C THR B 42 5.03 22.02 36.82
N ARG B 43 5.06 21.70 38.10
CA ARG B 43 6.08 22.22 39.00
C ARG B 43 7.49 22.03 38.45
N PRO B 44 7.77 20.86 37.89
CA PRO B 44 9.09 20.59 37.31
C PRO B 44 9.42 21.54 36.15
N GLN B 45 8.47 21.71 35.24
CA GLN B 45 8.67 22.58 34.09
C GLN B 45 8.92 24.03 34.53
N LEU B 46 8.25 24.46 35.59
CA LEU B 46 8.38 25.81 36.09
C LEU B 46 9.81 26.10 36.53
N LEU B 47 10.41 25.13 37.22
CA LEU B 47 11.79 25.26 37.68
C LEU B 47 12.76 25.23 36.51
N MET B 48 12.44 24.45 35.49
CA MET B 48 13.27 24.35 34.29
C MET B 48 13.20 25.63 33.48
N ARG B 49 12.12 26.38 33.66
CA ARG B 49 11.93 27.63 32.95
C ARG B 49 12.56 28.79 33.72
N GLY B 50 12.67 28.65 35.04
CA GLY B 50 13.27 29.67 35.87
C GLY B 50 12.39 30.07 37.03
N CYS B 51 11.09 29.82 36.90
CA CYS B 51 10.14 30.17 37.94
C CYS B 51 10.62 29.65 39.30
N ALA B 52 10.81 30.58 40.24
CA ALA B 52 11.28 30.24 41.57
C ALA B 52 10.40 29.18 42.22
N ALA B 53 10.95 28.48 43.21
CA ALA B 53 10.21 27.43 43.90
C ALA B 53 9.17 28.02 44.85
N ASP B 54 9.53 29.09 45.54
CA ASP B 54 8.63 29.73 46.49
C ASP B 54 7.59 30.60 45.78
N ASP B 55 7.66 30.64 44.46
CA ASP B 55 6.70 31.39 43.65
C ASP B 55 5.62 30.47 43.07
N ILE B 56 5.69 29.20 43.41
CA ILE B 56 4.78 28.20 42.84
C ILE B 56 3.58 27.95 43.75
N MET B 57 2.44 28.52 43.39
CA MET B 57 1.23 28.40 44.20
C MET B 57 0.58 27.04 44.00
N ASP B 58 -0.11 26.56 45.03
CA ASP B 58 -0.53 25.16 45.11
C ASP B 58 -1.49 24.97 46.29
N PRO B 59 -2.68 25.57 46.23
CA PRO B 59 -3.71 25.53 47.28
C PRO B 59 -4.31 24.13 47.49
N THR B 60 -4.17 23.62 48.72
CA THR B 60 -4.33 22.20 48.97
C THR B 60 -5.38 21.86 50.02
N SER B 61 -5.94 20.66 49.93
CA SER B 61 -7.00 20.23 50.83
C SER B 61 -6.41 19.73 52.15
N LEU B 62 -7.05 20.08 53.26
CA LEU B 62 -6.65 19.57 54.57
C LEU B 62 -7.85 19.48 55.51
N ALA B 63 -7.63 18.99 56.72
CA ALA B 63 -8.73 18.67 57.63
C ALA B 63 -8.59 19.35 58.98
N GLU B 64 -9.72 19.82 59.51
CA GLU B 64 -9.75 20.48 60.80
C GLU B 64 -10.39 19.57 61.83
N THR B 65 -9.59 19.09 62.78
CA THR B 65 -10.08 18.16 63.80
C THR B 65 -10.37 18.87 65.13
N GLN B 66 -11.53 19.52 65.21
CA GLN B 66 -11.96 20.16 66.45
C GLN B 66 -12.53 19.15 67.43
N GLU B 67 -11.65 18.54 68.21
CA GLU B 67 -12.05 17.52 69.16
C GLU B 67 -12.79 18.12 70.35
N ASP B 68 -13.74 17.37 70.89
CA ASP B 68 -14.55 17.85 72.00
C ASP B 68 -13.86 17.64 73.34
N HIS B 69 -14.52 18.05 74.42
CA HIS B 69 -13.98 17.88 75.77
C HIS B 69 -14.03 16.39 76.12
N ASN B 70 -15.18 15.95 76.62
CA ASN B 70 -15.43 14.52 76.79
C ASN B 70 -16.88 14.28 77.21
N GLY B 71 -17.40 13.11 76.85
CA GLY B 71 -18.80 12.81 77.07
C GLY B 71 -19.66 13.50 76.03
N GLY B 72 -19.04 14.39 75.26
CA GLY B 72 -19.67 14.94 74.08
C GLY B 72 -20.15 13.77 73.24
N GLN B 73 -19.20 12.97 72.77
CA GLN B 73 -19.52 11.64 72.25
C GLN B 73 -18.46 10.66 72.69
N LYS B 74 -18.76 9.38 72.55
CA LYS B 74 -18.11 8.37 73.36
C LYS B 74 -16.94 7.69 72.67
N GLN B 75 -17.18 7.11 71.51
CA GLN B 75 -16.14 6.36 70.83
C GLN B 75 -16.12 6.64 69.34
N LEU B 76 -16.75 7.74 68.93
CA LEU B 76 -16.62 8.21 67.56
C LEU B 76 -15.96 9.59 67.54
N SER B 77 -14.65 9.60 67.37
CA SER B 77 -13.89 10.83 67.27
C SER B 77 -13.01 10.81 66.02
N PRO B 78 -12.72 12.00 65.45
CA PRO B 78 -13.16 13.30 65.98
C PRO B 78 -14.67 13.48 65.89
N GLN B 79 -15.17 14.54 66.50
CA GLN B 79 -16.61 14.77 66.55
C GLN B 79 -17.05 15.86 65.56
N LYS B 80 -16.09 16.66 65.11
CA LYS B 80 -16.40 17.73 64.16
C LYS B 80 -15.23 17.92 63.18
N VAL B 81 -15.43 17.51 61.94
CA VAL B 81 -14.40 17.65 60.91
C VAL B 81 -14.75 18.76 59.91
N THR B 82 -14.09 19.89 60.05
CA THR B 82 -14.29 21.01 59.12
C THR B 82 -13.23 20.96 58.04
N LEU B 83 -13.54 20.24 56.96
CA LEU B 83 -12.60 20.09 55.86
C LEU B 83 -12.66 21.29 54.91
N TYR B 84 -11.51 21.61 54.32
CA TYR B 84 -11.42 22.63 53.29
C TYR B 84 -11.05 21.94 51.99
N LEU B 85 -12.05 21.62 51.20
CA LEU B 85 -11.89 20.73 50.06
C LEU B 85 -11.76 21.48 48.75
N ARG B 86 -10.61 21.33 48.10
CA ARG B 86 -10.43 21.82 46.74
C ARG B 86 -10.87 20.74 45.77
N PRO B 87 -11.66 21.12 44.75
CA PRO B 87 -12.15 20.16 43.74
C PRO B 87 -11.02 19.35 43.12
N GLY B 88 -11.26 18.05 42.94
CA GLY B 88 -10.27 17.17 42.32
C GLY B 88 -9.26 16.64 43.32
N GLN B 89 -9.01 17.40 44.38
CA GLN B 89 -8.03 17.02 45.38
C GLN B 89 -8.72 16.45 46.61
N ALA B 90 -8.24 15.30 47.07
CA ALA B 90 -8.90 14.58 48.16
C ALA B 90 -8.40 15.06 49.53
N ALA B 91 -9.33 15.25 50.46
CA ALA B 91 -8.99 15.58 51.85
C ALA B 91 -9.17 14.35 52.71
N ALA B 92 -8.17 14.03 53.52
CA ALA B 92 -8.20 12.81 54.33
C ALA B 92 -8.20 13.12 55.82
N PHE B 93 -9.15 12.52 56.54
CA PHE B 93 -9.23 12.66 57.99
C PHE B 93 -9.57 11.31 58.61
N ASN B 94 -8.82 10.93 59.63
CA ASN B 94 -8.98 9.63 60.25
C ASN B 94 -10.14 9.58 61.24
N VAL B 95 -10.54 8.37 61.61
CA VAL B 95 -11.64 8.16 62.53
C VAL B 95 -11.30 7.07 63.55
N THR B 96 -10.97 7.49 64.77
CA THR B 96 -10.70 6.57 65.87
C THR B 96 -11.98 6.09 66.53
N PHE B 97 -12.19 4.78 66.56
CA PHE B 97 -13.36 4.19 67.19
C PHE B 97 -12.97 3.03 68.10
N ARG B 98 -13.10 3.22 69.41
CA ARG B 98 -12.76 2.20 70.39
C ARG B 98 -13.97 1.88 71.27
N ARG B 99 -14.84 1.02 70.78
CA ARG B 99 -16.03 0.64 71.52
C ARG B 99 -15.62 0.25 72.93
N ALA B 100 -16.57 0.30 73.85
CA ALA B 100 -16.25 0.27 75.26
C ALA B 100 -16.78 -0.94 76.01
N LYS B 101 -18.05 -1.24 75.78
CA LYS B 101 -18.86 -1.85 76.82
C LYS B 101 -20.26 -2.11 76.32
N GLY B 102 -21.17 -2.23 77.26
CA GLY B 102 -22.57 -2.43 76.91
C GLY B 102 -23.50 -1.47 77.61
N TYR B 103 -24.36 -0.82 76.83
CA TYR B 103 -25.32 0.13 77.38
C TYR B 103 -26.64 -0.57 77.73
N PRO B 104 -27.61 0.19 78.24
CA PRO B 104 -28.93 -0.34 78.58
C PRO B 104 -29.56 -1.05 77.40
N ILE B 105 -29.82 -2.35 77.56
CA ILE B 105 -30.37 -3.14 76.47
C ILE B 105 -31.89 -2.98 76.40
N ASP B 106 -32.47 -3.40 75.27
CA ASP B 106 -33.91 -3.32 75.08
C ASP B 106 -34.38 -4.34 74.04
N LEU B 107 -34.64 -5.58 74.48
CA LEU B 107 -35.02 -6.66 73.57
C LEU B 107 -36.50 -6.65 73.21
N TYR B 108 -36.84 -7.37 72.15
CA TYR B 108 -38.23 -7.54 71.74
C TYR B 108 -38.37 -8.85 70.97
N TYR B 109 -39.25 -9.71 71.44
CA TYR B 109 -39.36 -11.06 70.91
C TYR B 109 -40.46 -11.18 69.86
N LEU B 110 -40.07 -11.12 68.59
CA LEU B 110 -41.01 -11.31 67.50
C LEU B 110 -41.19 -12.79 67.21
N MET B 111 -42.22 -13.41 67.78
CA MET B 111 -42.46 -14.82 67.59
C MET B 111 -43.68 -15.08 66.72
N ASP B 112 -43.51 -15.98 65.74
CA ASP B 112 -44.60 -16.37 64.85
C ASP B 112 -45.49 -17.39 65.57
N LEU B 113 -46.76 -17.04 65.76
CA LEU B 113 -47.72 -17.92 66.42
C LEU B 113 -48.52 -18.74 65.41
N SER B 114 -47.99 -19.92 65.07
CA SER B 114 -48.65 -20.83 64.15
C SER B 114 -48.89 -22.15 64.83
N TYR B 115 -49.46 -23.11 64.11
CA TYR B 115 -49.67 -24.43 64.66
C TYR B 115 -48.35 -25.22 64.62
N SER B 116 -47.40 -24.71 63.84
CA SER B 116 -46.07 -25.30 63.78
C SER B 116 -45.20 -24.77 64.92
N MET B 117 -45.64 -23.68 65.53
CA MET B 117 -44.92 -23.07 66.64
C MET B 117 -45.62 -23.40 67.96
N LEU B 118 -46.10 -24.63 68.08
CA LEU B 118 -46.78 -25.08 69.29
C LEU B 118 -45.78 -25.44 70.38
N ASP B 119 -44.96 -26.46 70.11
CA ASP B 119 -43.95 -26.91 71.07
C ASP B 119 -42.91 -25.82 71.31
N ASP B 120 -42.91 -24.81 70.44
CA ASP B 120 -42.07 -23.63 70.63
C ASP B 120 -42.67 -22.74 71.69
N LEU B 121 -43.98 -22.59 71.65
CA LEU B 121 -44.69 -21.79 72.65
C LEU B 121 -44.64 -22.47 74.02
N ARG B 122 -44.55 -23.79 74.01
CA ARG B 122 -44.52 -24.56 75.27
C ARG B 122 -43.15 -24.50 75.92
N ASN B 123 -42.10 -24.68 75.12
CA ASN B 123 -40.73 -24.67 75.62
C ASN B 123 -40.17 -23.27 75.72
N VAL B 124 -41.05 -22.27 75.64
CA VAL B 124 -40.61 -20.87 75.66
C VAL B 124 -41.62 -19.97 76.39
N LYS B 125 -42.84 -20.45 76.59
CA LYS B 125 -43.92 -19.61 77.13
C LYS B 125 -43.49 -18.80 78.35
N LYS B 126 -42.54 -19.33 79.13
CA LYS B 126 -42.08 -18.63 80.31
C LYS B 126 -40.65 -19.01 80.71
N LEU B 127 -39.70 -18.73 79.84
CA LEU B 127 -38.29 -18.88 80.19
C LEU B 127 -37.60 -17.53 80.06
N GLY B 128 -37.96 -16.60 80.93
CA GLY B 128 -37.42 -15.25 80.89
C GLY B 128 -36.63 -14.88 82.13
N GLY B 129 -36.62 -15.76 83.11
CA GLY B 129 -35.83 -15.55 84.30
C GLY B 129 -34.36 -15.81 84.02
N ASP B 130 -34.09 -16.56 82.96
CA ASP B 130 -32.73 -16.84 82.53
C ASP B 130 -32.28 -15.88 81.45
N LEU B 131 -33.19 -15.00 81.03
CA LEU B 131 -32.87 -13.96 80.06
C LEU B 131 -32.23 -12.77 80.76
N LEU B 132 -32.86 -12.31 81.83
CA LEU B 132 -32.27 -11.27 82.65
C LEU B 132 -31.01 -11.81 83.31
N ARG B 133 -30.98 -13.14 83.48
CA ARG B 133 -29.81 -13.81 84.03
C ARG B 133 -28.69 -13.78 83.01
N ALA B 134 -29.05 -13.94 81.74
CA ALA B 134 -28.09 -13.87 80.66
C ALA B 134 -27.80 -12.41 80.33
N LEU B 135 -28.59 -11.51 80.91
CA LEU B 135 -28.44 -10.08 80.69
C LEU B 135 -27.64 -9.48 81.83
N ASN B 136 -27.54 -10.22 82.92
CA ASN B 136 -26.92 -9.72 84.13
C ASN B 136 -25.44 -9.41 83.95
N GLU B 137 -24.73 -10.30 83.27
CA GLU B 137 -23.28 -10.19 83.15
C GLU B 137 -22.87 -8.84 82.58
N ILE B 138 -23.15 -8.65 81.30
CA ILE B 138 -22.67 -7.47 80.61
C ILE B 138 -23.47 -6.23 81.00
N THR B 139 -24.73 -6.19 80.56
CA THR B 139 -25.59 -5.03 80.82
C THR B 139 -26.29 -5.18 82.15
N GLU B 140 -26.83 -4.08 82.66
CA GLU B 140 -27.54 -4.10 83.92
C GLU B 140 -29.04 -4.07 83.69
N SER B 141 -29.74 -3.15 84.35
CA SER B 141 -31.19 -3.08 84.24
C SER B 141 -31.59 -2.77 82.81
N GLY B 142 -31.89 -3.81 82.03
CA GLY B 142 -32.35 -3.64 80.67
C GLY B 142 -33.86 -3.60 80.61
N ARG B 143 -34.40 -3.93 79.44
CA ARG B 143 -35.85 -3.94 79.24
C ARG B 143 -36.23 -5.18 78.44
N ILE B 144 -37.47 -5.62 78.61
CA ILE B 144 -37.94 -6.79 77.89
C ILE B 144 -39.36 -6.57 77.37
N GLY B 145 -39.55 -6.83 76.08
CA GLY B 145 -40.85 -6.67 75.44
C GLY B 145 -41.18 -7.84 74.53
N PHE B 146 -42.47 -7.99 74.21
CA PHE B 146 -42.90 -9.09 73.34
C PHE B 146 -43.91 -8.62 72.30
N GLY B 147 -43.85 -9.24 71.12
CA GLY B 147 -44.77 -8.94 70.05
C GLY B 147 -45.04 -10.16 69.21
N SER B 148 -46.31 -10.50 69.06
CA SER B 148 -46.69 -11.67 68.28
C SER B 148 -47.04 -11.28 66.84
N PHE B 149 -47.05 -12.27 65.95
CA PHE B 149 -47.39 -12.05 64.54
C PHE B 149 -47.65 -13.36 63.80
N VAL B 150 -48.52 -13.31 62.79
CA VAL B 150 -48.84 -14.50 62.00
C VAL B 150 -48.81 -14.20 60.51
N ASP B 151 -49.87 -13.57 60.01
CA ASP B 151 -49.99 -13.25 58.59
C ASP B 151 -51.26 -12.43 58.36
N LYS B 152 -51.31 -11.72 57.23
CA LYS B 152 -52.46 -10.87 56.92
C LYS B 152 -53.78 -11.57 57.21
N THR B 153 -54.77 -10.79 57.63
CA THR B 153 -56.07 -11.34 57.97
C THR B 153 -56.76 -11.88 56.74
N VAL B 154 -56.81 -11.07 55.67
CA VAL B 154 -57.55 -11.43 54.47
C VAL B 154 -56.76 -12.40 53.59
N LEU B 155 -57.48 -13.16 52.77
CA LEU B 155 -56.87 -14.14 51.88
C LEU B 155 -56.08 -13.38 50.84
N PRO B 156 -55.36 -14.12 49.98
CA PRO B 156 -55.21 -15.58 50.01
C PRO B 156 -54.28 -16.13 51.10
N PHE B 157 -53.91 -15.30 52.08
CA PHE B 157 -52.96 -15.70 53.12
C PHE B 157 -53.60 -16.57 54.20
N VAL B 158 -54.92 -16.43 54.35
CA VAL B 158 -55.70 -17.31 55.22
C VAL B 158 -57.20 -17.16 54.96
N ASN B 159 -57.92 -18.27 54.95
CA ASN B 159 -59.36 -18.25 54.66
C ASN B 159 -60.09 -17.19 55.48
N THR B 160 -60.73 -16.25 54.80
CA THR B 160 -61.34 -15.11 55.45
C THR B 160 -62.74 -15.42 55.96
N HIS B 161 -63.39 -16.36 55.30
CA HIS B 161 -64.68 -16.83 55.76
C HIS B 161 -64.79 -18.35 55.62
N PRO B 162 -65.66 -18.97 56.43
CA PRO B 162 -66.31 -18.31 57.57
C PRO B 162 -65.76 -18.66 58.97
N ASP B 163 -66.43 -19.54 59.70
CA ASP B 163 -66.21 -19.64 61.15
C ASP B 163 -65.09 -20.60 61.52
N LYS B 164 -64.43 -21.14 60.51
CA LYS B 164 -63.08 -21.67 60.67
C LYS B 164 -62.16 -20.48 60.95
N LEU B 165 -62.66 -19.29 60.63
CA LEU B 165 -62.02 -18.03 61.02
C LEU B 165 -62.12 -17.87 62.52
N ARG B 166 -63.28 -18.21 63.07
CA ARG B 166 -63.49 -18.21 64.51
C ARG B 166 -62.71 -19.36 65.14
N ASN B 167 -62.37 -20.36 64.34
CA ASN B 167 -61.71 -21.55 64.85
C ASN B 167 -60.76 -22.17 63.85
N PRO B 168 -59.61 -21.51 63.60
CA PRO B 168 -58.61 -21.97 62.64
C PRO B 168 -57.91 -23.25 63.07
N CYS B 169 -57.81 -23.48 64.38
CA CYS B 169 -57.07 -24.63 64.91
C CYS B 169 -57.40 -25.93 64.18
N PRO B 170 -56.37 -26.54 63.56
CA PRO B 170 -56.53 -27.77 62.78
C PRO B 170 -56.71 -29.02 63.64
N ASN B 171 -57.92 -29.55 63.67
CA ASN B 171 -58.19 -30.86 64.26
C ASN B 171 -58.34 -30.86 65.77
N LYS B 172 -57.44 -30.16 66.47
CA LYS B 172 -57.48 -30.15 67.93
C LYS B 172 -58.42 -29.09 68.46
N GLU B 173 -58.39 -27.89 67.86
CA GLU B 173 -59.26 -26.80 68.27
C GLU B 173 -59.22 -26.62 69.78
N LYS B 174 -58.04 -26.36 70.31
CA LYS B 174 -57.87 -26.16 71.75
C LYS B 174 -58.07 -24.69 72.11
N GLU B 175 -59.09 -24.07 71.52
CA GLU B 175 -59.45 -22.70 71.82
C GLU B 175 -58.30 -21.75 71.47
N CYS B 176 -57.75 -21.93 70.28
CA CYS B 176 -56.68 -21.04 69.81
C CYS B 176 -57.28 -19.67 69.47
N GLN B 177 -56.46 -18.63 69.60
CA GLN B 177 -56.93 -17.26 69.37
C GLN B 177 -57.24 -17.02 67.90
N PRO B 178 -58.08 -16.01 67.61
CA PRO B 178 -58.49 -15.68 66.25
C PRO B 178 -57.30 -15.31 65.36
N PRO B 179 -57.39 -15.62 64.06
CA PRO B 179 -56.33 -15.25 63.11
C PRO B 179 -55.96 -13.77 63.20
N PHE B 180 -54.69 -13.48 63.41
CA PHE B 180 -54.21 -12.10 63.53
C PHE B 180 -52.93 -11.91 62.72
N ALA B 181 -52.15 -10.90 63.10
CA ALA B 181 -50.95 -10.55 62.35
C ALA B 181 -49.93 -9.82 63.23
N PHE B 182 -50.42 -9.01 64.17
CA PHE B 182 -49.54 -8.32 65.10
C PHE B 182 -50.30 -7.87 66.33
N ARG B 183 -49.97 -8.49 67.46
CA ARG B 183 -50.60 -8.14 68.73
C ARG B 183 -49.53 -7.82 69.76
N HIS B 184 -49.36 -6.53 70.05
CA HIS B 184 -48.41 -6.08 71.06
C HIS B 184 -48.88 -6.51 72.45
N VAL B 185 -48.45 -7.70 72.88
CA VAL B 185 -48.91 -8.26 74.13
C VAL B 185 -48.26 -7.59 75.33
N LEU B 186 -46.95 -7.37 75.26
CA LEU B 186 -46.21 -6.82 76.38
C LEU B 186 -45.35 -5.63 75.99
N LYS B 187 -45.41 -4.58 76.80
CA LYS B 187 -44.58 -3.39 76.60
C LYS B 187 -43.24 -3.56 77.30
N LEU B 188 -42.28 -2.71 76.94
CA LEU B 188 -40.95 -2.77 77.54
C LEU B 188 -41.03 -2.46 79.03
N THR B 189 -40.74 -3.48 79.84
CA THR B 189 -40.87 -3.34 81.30
C THR B 189 -39.65 -3.87 82.02
N ASN B 190 -39.52 -3.50 83.29
CA ASN B 190 -38.41 -3.96 84.12
C ASN B 190 -38.64 -5.38 84.60
N ASN B 191 -39.83 -5.64 85.14
CA ASN B 191 -40.17 -6.95 85.67
C ASN B 191 -39.88 -8.06 84.67
N SER B 192 -39.75 -9.28 85.17
CA SER B 192 -39.47 -10.43 84.32
C SER B 192 -40.54 -11.52 84.46
N ASN B 193 -40.98 -11.76 85.69
CA ASN B 193 -41.99 -12.79 85.93
C ASN B 193 -43.37 -12.38 85.41
N GLN B 194 -43.68 -11.09 85.48
CA GLN B 194 -44.93 -10.57 84.95
C GLN B 194 -44.96 -10.72 83.44
N PHE B 195 -43.77 -10.66 82.85
CA PHE B 195 -43.62 -10.75 81.41
C PHE B 195 -43.91 -12.18 80.95
N GLN B 196 -43.37 -13.16 81.67
CA GLN B 196 -43.54 -14.56 81.31
C GLN B 196 -45.00 -14.97 81.35
N THR B 197 -45.67 -14.59 82.42
CA THR B 197 -47.04 -15.00 82.65
C THR B 197 -48.02 -14.35 81.66
N GLU B 198 -47.67 -13.18 81.15
CA GLU B 198 -48.53 -12.49 80.21
C GLU B 198 -48.41 -13.10 78.82
N VAL B 199 -47.42 -13.96 78.65
CA VAL B 199 -47.17 -14.61 77.37
C VAL B 199 -47.94 -15.93 77.24
N GLY B 200 -47.68 -16.85 78.16
CA GLY B 200 -48.35 -18.13 78.15
C GLY B 200 -49.83 -17.96 77.91
N LYS B 201 -50.38 -16.85 78.39
CA LYS B 201 -51.80 -16.55 78.23
C LYS B 201 -52.28 -16.89 76.83
N GLN B 202 -51.82 -16.13 75.85
CA GLN B 202 -52.26 -16.28 74.48
C GLN B 202 -51.80 -17.61 73.87
N LEU B 203 -52.68 -18.24 73.11
CA LEU B 203 -52.35 -19.48 72.40
C LEU B 203 -52.16 -19.18 70.93
N ILE B 204 -51.78 -20.19 70.16
CA ILE B 204 -51.47 -20.02 68.75
C ILE B 204 -52.70 -19.67 67.92
N SER B 205 -52.50 -19.65 66.60
CA SER B 205 -53.58 -19.42 65.66
C SER B 205 -53.38 -20.29 64.43
N GLY B 206 -53.39 -19.69 63.24
CA GLY B 206 -53.15 -20.43 62.01
C GLY B 206 -53.52 -19.67 60.76
N ASN B 207 -52.93 -20.05 59.63
CA ASN B 207 -53.20 -19.43 58.33
C ASN B 207 -53.09 -20.43 57.18
N LEU B 208 -53.35 -19.97 55.96
CA LEU B 208 -53.29 -20.84 54.78
C LEU B 208 -51.90 -20.89 54.18
N ASP B 209 -51.53 -19.85 53.42
CA ASP B 209 -50.25 -19.82 52.73
C ASP B 209 -49.11 -20.21 53.68
N ALA B 210 -48.11 -20.90 53.14
CA ALA B 210 -47.05 -21.46 53.97
C ALA B 210 -46.16 -20.37 54.58
N PRO B 211 -45.51 -19.56 53.72
CA PRO B 211 -44.71 -18.48 54.30
C PRO B 211 -45.55 -17.51 55.12
N GLU B 212 -44.92 -16.78 56.02
CA GLU B 212 -45.63 -15.87 56.90
C GLU B 212 -45.61 -14.46 56.36
N GLY B 213 -46.36 -13.58 57.02
CA GLY B 213 -46.35 -12.17 56.68
C GLY B 213 -45.75 -11.37 57.81
N GLY B 214 -44.62 -11.85 58.33
CA GLY B 214 -43.98 -11.25 59.48
C GLY B 214 -43.36 -9.88 59.20
N LEU B 215 -43.12 -9.57 57.93
CA LEU B 215 -42.51 -8.30 57.54
C LEU B 215 -43.40 -7.10 57.87
N ASP B 216 -44.71 -7.28 57.69
CA ASP B 216 -45.66 -6.21 58.00
C ASP B 216 -45.59 -5.87 59.48
N ALA B 217 -45.35 -6.89 60.30
CA ALA B 217 -45.23 -6.71 61.76
C ALA B 217 -43.99 -5.89 62.10
N MET B 218 -42.91 -6.12 61.36
CA MET B 218 -41.65 -5.44 61.63
C MET B 218 -41.87 -3.93 61.70
N MET B 219 -42.37 -3.35 60.62
CA MET B 219 -42.61 -1.92 60.55
C MET B 219 -43.52 -1.44 61.66
N GLN B 220 -44.71 -2.04 61.76
CA GLN B 220 -45.70 -1.64 62.75
C GLN B 220 -45.10 -1.53 64.16
N VAL B 221 -44.09 -2.35 64.43
CA VAL B 221 -43.40 -2.33 65.73
C VAL B 221 -42.64 -1.02 65.90
N ALA B 222 -41.62 -0.85 65.08
CA ALA B 222 -40.78 0.34 65.11
C ALA B 222 -41.35 1.42 64.19
N ALA B 223 -42.59 1.84 64.46
CA ALA B 223 -43.25 2.85 63.64
C ALA B 223 -43.77 3.99 64.49
N CYS B 224 -44.39 3.66 65.61
CA CYS B 224 -44.93 4.67 66.50
C CYS B 224 -44.86 4.24 67.96
N PRO B 225 -43.67 4.35 68.57
CA PRO B 225 -43.50 4.14 70.01
C PRO B 225 -44.24 5.19 70.84
N GLU B 226 -45.02 6.04 70.20
CA GLU B 226 -45.90 6.96 70.91
C GLU B 226 -47.02 6.15 71.56
N GLU B 227 -47.07 4.87 71.23
CA GLU B 227 -48.06 3.96 71.78
C GLU B 227 -47.43 2.65 72.23
N ILE B 228 -46.19 2.39 71.82
CA ILE B 228 -45.50 1.16 72.18
C ILE B 228 -44.35 1.42 73.15
N GLY B 229 -43.71 2.57 73.00
CA GLY B 229 -42.66 2.97 73.92
C GLY B 229 -41.35 2.28 73.63
N TRP B 230 -40.27 3.04 73.70
CA TRP B 230 -38.94 2.49 73.44
C TRP B 230 -37.86 3.27 74.18
N ARG B 231 -36.84 2.55 74.65
CA ARG B 231 -35.73 3.15 75.36
C ARG B 231 -34.91 4.03 74.41
N ASN B 232 -34.25 5.05 74.95
CA ASN B 232 -33.47 5.97 74.14
C ASN B 232 -32.02 5.53 73.99
N VAL B 233 -31.77 4.25 74.30
CA VAL B 233 -30.41 3.71 74.21
C VAL B 233 -30.29 2.60 73.18
N THR B 234 -30.54 1.37 73.61
CA THR B 234 -30.39 0.22 72.71
C THR B 234 -31.75 -0.35 72.34
N ARG B 235 -31.82 -1.02 71.20
CA ARG B 235 -33.04 -1.65 70.74
C ARG B 235 -32.73 -2.86 69.86
N LEU B 236 -32.73 -4.05 70.46
CA LEU B 236 -32.50 -5.29 69.70
C LEU B 236 -33.80 -6.08 69.53
N LEU B 237 -34.05 -6.55 68.32
CA LEU B 237 -35.18 -7.43 68.04
C LEU B 237 -34.68 -8.82 67.65
N VAL B 238 -35.59 -9.78 67.59
CA VAL B 238 -35.22 -11.15 67.24
C VAL B 238 -36.36 -11.82 66.50
N PHE B 239 -36.12 -12.13 65.23
CA PHE B 239 -37.12 -12.80 64.42
C PHE B 239 -37.11 -14.30 64.70
N ALA B 240 -38.30 -14.88 64.80
CA ALA B 240 -38.44 -16.30 65.08
C ALA B 240 -39.63 -16.89 64.34
N THR B 241 -39.37 -17.85 63.46
CA THR B 241 -40.42 -18.45 62.67
C THR B 241 -39.90 -19.66 61.91
N ASP B 242 -40.68 -20.73 61.89
CA ASP B 242 -40.35 -21.89 61.09
C ASP B 242 -41.07 -21.79 59.76
N ASP B 243 -41.05 -20.59 59.18
CA ASP B 243 -41.76 -20.32 57.94
C ASP B 243 -41.13 -19.17 57.19
N GLY B 244 -41.62 -18.96 55.97
CA GLY B 244 -41.09 -17.93 55.11
C GLY B 244 -41.45 -16.52 55.55
N PHE B 245 -41.49 -15.61 54.58
CA PHE B 245 -41.73 -14.20 54.83
C PHE B 245 -42.17 -13.49 53.54
N HIS B 246 -43.29 -12.77 53.62
CA HIS B 246 -43.87 -12.09 52.47
C HIS B 246 -43.46 -10.64 52.44
N PHE B 247 -43.13 -10.14 51.25
CA PHE B 247 -42.75 -8.74 51.07
C PHE B 247 -43.68 -8.05 50.07
N ALA B 248 -43.42 -6.77 49.84
CA ALA B 248 -44.25 -5.97 48.95
C ALA B 248 -44.50 -6.71 47.64
N GLY B 249 -45.63 -6.38 47.01
CA GLY B 249 -45.98 -7.00 45.75
C GLY B 249 -46.96 -8.14 45.94
N ASP B 250 -46.82 -8.84 47.06
CA ASP B 250 -47.67 -9.99 47.35
C ASP B 250 -49.08 -9.52 47.70
N GLY B 251 -49.18 -8.26 48.13
CA GLY B 251 -50.45 -7.69 48.53
C GLY B 251 -51.44 -7.58 47.39
N LYS B 252 -50.92 -7.49 46.16
CA LYS B 252 -51.79 -7.38 44.99
C LYS B 252 -52.70 -8.59 44.90
N LEU B 253 -52.33 -9.67 45.57
CA LEU B 253 -53.14 -10.88 45.60
C LEU B 253 -54.43 -10.64 46.36
N GLY B 254 -54.32 -9.89 47.46
CA GLY B 254 -55.47 -9.58 48.30
C GLY B 254 -56.19 -8.32 47.89
N ALA B 255 -56.08 -7.95 46.62
CA ALA B 255 -56.79 -6.79 46.08
C ALA B 255 -56.40 -5.49 46.79
N ILE B 256 -55.13 -5.38 47.19
CA ILE B 256 -54.62 -4.18 47.85
C ILE B 256 -53.36 -3.62 47.20
N LEU B 257 -53.49 -2.47 46.55
CA LEU B 257 -52.38 -1.86 45.84
C LEU B 257 -51.97 -0.55 46.50
N THR B 258 -52.25 -0.43 47.79
CA THR B 258 -51.81 0.72 48.56
C THR B 258 -50.51 0.36 49.26
N PRO B 259 -49.39 0.95 48.81
CA PRO B 259 -48.06 0.60 49.33
C PRO B 259 -47.90 0.89 50.82
N ASN B 260 -46.74 0.55 51.36
CA ASN B 260 -46.49 0.75 52.78
C ASN B 260 -46.14 2.19 53.11
N ASP B 261 -46.83 2.77 54.08
CA ASP B 261 -46.58 4.16 54.47
C ASP B 261 -45.38 4.28 55.41
N GLY B 262 -45.32 3.40 56.41
CA GLY B 262 -44.18 3.38 57.32
C GLY B 262 -44.55 3.56 58.77
N ARG B 263 -45.74 4.12 59.02
CA ARG B 263 -46.22 4.36 60.36
C ARG B 263 -47.34 3.41 60.73
N CYS B 264 -47.32 2.93 61.97
CA CYS B 264 -48.33 2.00 62.45
C CYS B 264 -49.50 2.79 63.01
N HIS B 265 -50.70 2.27 62.84
CA HIS B 265 -51.91 2.94 63.30
C HIS B 265 -52.84 1.96 63.99
N LEU B 266 -52.53 1.67 65.26
CA LEU B 266 -53.32 0.76 66.06
C LEU B 266 -54.17 1.51 67.10
N GLU B 267 -55.25 0.88 67.56
CA GLU B 267 -56.14 1.50 68.54
C GLU B 267 -56.25 0.67 69.80
N ASP B 268 -55.87 -0.61 69.70
CA ASP B 268 -55.96 -1.53 70.83
C ASP B 268 -54.76 -2.48 70.85
N ASN B 269 -53.56 -1.92 70.78
CA ASN B 269 -52.34 -2.73 70.72
C ASN B 269 -52.48 -3.86 69.71
N LEU B 270 -53.26 -3.62 68.67
CA LEU B 270 -53.53 -4.64 67.66
C LEU B 270 -53.83 -3.99 66.30
N TYR B 271 -53.12 -4.45 65.28
CA TYR B 271 -53.25 -3.93 63.93
C TYR B 271 -54.68 -4.08 63.42
N LYS B 272 -55.17 -3.05 62.73
CA LYS B 272 -56.40 -3.16 61.97
C LYS B 272 -56.23 -2.33 60.71
N ARG B 273 -54.99 -2.27 60.24
CA ARG B 273 -54.65 -1.52 59.04
C ARG B 273 -53.99 -2.42 58.00
N SER B 274 -53.33 -3.48 58.45
CA SER B 274 -52.59 -4.37 57.56
C SER B 274 -53.45 -4.91 56.41
N ASN B 275 -54.77 -4.91 56.59
CA ASN B 275 -55.69 -5.35 55.55
C ASN B 275 -55.86 -4.33 54.43
N GLU B 276 -56.01 -3.06 54.81
CA GLU B 276 -56.10 -1.96 53.86
C GLU B 276 -54.71 -1.37 53.62
N PHE B 277 -53.72 -2.24 53.43
CA PHE B 277 -52.32 -1.81 53.45
C PHE B 277 -51.42 -2.91 52.91
N ASP B 278 -50.44 -2.52 52.11
CA ASP B 278 -49.58 -3.48 51.43
C ASP B 278 -48.33 -3.77 52.24
N TYR B 279 -47.65 -4.87 51.89
CA TYR B 279 -46.48 -5.32 52.61
C TYR B 279 -45.29 -4.36 52.49
N PRO B 280 -44.52 -4.22 53.59
CA PRO B 280 -43.28 -3.45 53.54
C PRO B 280 -42.32 -4.07 52.56
N SER B 281 -41.80 -3.27 51.63
CA SER B 281 -40.82 -3.76 50.67
C SER B 281 -39.60 -4.28 51.40
N VAL B 282 -38.81 -5.10 50.72
CA VAL B 282 -37.64 -5.71 51.34
C VAL B 282 -36.66 -4.64 51.86
N GLY B 283 -36.46 -3.58 51.09
CA GLY B 283 -35.50 -2.56 51.46
C GLY B 283 -36.08 -1.46 52.33
N GLN B 284 -37.35 -1.59 52.72
CA GLN B 284 -38.01 -0.54 53.49
C GLN B 284 -37.71 -0.66 54.96
N LEU B 285 -36.87 -1.62 55.28
CA LEU B 285 -36.49 -1.88 56.65
C LEU B 285 -35.07 -1.40 56.88
N ALA B 286 -34.13 -1.87 56.07
CA ALA B 286 -32.74 -1.48 56.25
C ALA B 286 -32.64 0.04 56.40
N HIS B 287 -33.69 0.75 55.97
CA HIS B 287 -33.75 2.19 56.11
C HIS B 287 -34.48 2.60 57.39
N LYS B 288 -35.80 2.40 57.41
CA LYS B 288 -36.61 2.78 58.55
C LYS B 288 -36.12 2.12 59.83
N LEU B 289 -35.94 0.81 59.78
CA LEU B 289 -35.41 0.04 60.90
C LEU B 289 -34.09 0.60 61.42
N ALA B 290 -33.10 0.70 60.55
CA ALA B 290 -31.77 1.15 60.94
C ALA B 290 -31.79 2.62 61.36
N GLU B 291 -32.89 3.31 61.07
CA GLU B 291 -33.05 4.72 61.42
C GLU B 291 -33.42 4.85 62.87
N ASN B 292 -34.18 3.88 63.38
CA ASN B 292 -34.59 3.89 64.77
C ASN B 292 -33.64 3.06 65.63
N ASN B 293 -32.47 2.77 65.09
CA ASN B 293 -31.44 2.03 65.82
C ASN B 293 -31.96 0.68 66.31
N ILE B 294 -32.69 -0.02 65.45
CA ILE B 294 -33.20 -1.36 65.78
C ILE B 294 -32.57 -2.40 64.86
N GLN B 295 -32.25 -3.57 65.40
CA GLN B 295 -31.59 -4.63 64.64
C GLN B 295 -32.05 -6.03 65.03
N PRO B 296 -32.87 -6.66 64.19
CA PRO B 296 -33.36 -8.02 64.38
C PRO B 296 -32.22 -9.03 64.42
N ILE B 297 -32.51 -10.20 65.01
CA ILE B 297 -31.53 -11.29 65.10
C ILE B 297 -32.17 -12.57 64.57
N PHE B 298 -31.86 -12.90 63.32
CA PHE B 298 -32.45 -14.06 62.67
C PHE B 298 -32.18 -15.32 63.46
N ALA B 299 -33.26 -16.04 63.77
CA ALA B 299 -33.15 -17.29 64.48
C ALA B 299 -34.33 -18.16 64.10
N VAL B 300 -34.12 -19.04 63.12
CA VAL B 300 -35.17 -19.92 62.63
C VAL B 300 -34.64 -21.32 62.39
N THR B 301 -35.45 -22.15 61.73
CA THR B 301 -35.07 -23.54 61.44
C THR B 301 -33.86 -23.59 60.50
N SER B 302 -33.22 -24.76 60.42
CA SER B 302 -32.11 -24.96 59.50
C SER B 302 -32.64 -24.99 58.07
N ARG B 303 -33.96 -25.16 57.94
CA ARG B 303 -34.61 -25.16 56.64
C ARG B 303 -34.67 -23.74 56.09
N MET B 304 -34.67 -22.76 56.99
CA MET B 304 -34.75 -21.35 56.61
C MET B 304 -33.50 -20.59 57.04
N VAL B 305 -32.38 -21.30 57.17
CA VAL B 305 -31.15 -20.69 57.68
C VAL B 305 -30.37 -19.95 56.59
N LYS B 306 -30.28 -20.55 55.41
CA LYS B 306 -29.50 -19.97 54.32
C LYS B 306 -30.32 -19.03 53.45
N THR B 307 -31.61 -18.90 53.76
CA THR B 307 -32.46 -17.93 53.08
C THR B 307 -32.38 -16.59 53.80
N TYR B 308 -32.28 -16.66 55.13
CA TYR B 308 -32.03 -15.47 55.93
C TYR B 308 -30.55 -15.13 55.88
N GLU B 309 -29.75 -16.08 55.40
CA GLU B 309 -28.31 -15.85 55.23
C GLU B 309 -28.05 -14.82 54.13
N LYS B 310 -28.77 -14.96 53.03
CA LYS B 310 -28.69 -14.01 51.92
C LYS B 310 -29.26 -12.66 52.35
N LEU B 311 -30.16 -12.70 53.33
CA LEU B 311 -30.77 -11.49 53.86
C LEU B 311 -29.79 -10.75 54.79
N THR B 312 -28.83 -11.48 55.35
CA THR B 312 -27.82 -10.87 56.20
C THR B 312 -26.88 -9.98 55.38
N GLU B 313 -26.63 -10.40 54.14
CA GLU B 313 -25.76 -9.65 53.24
C GLU B 313 -26.29 -8.22 53.08
N ILE B 314 -27.57 -8.12 52.74
CA ILE B 314 -28.19 -6.83 52.49
C ILE B 314 -28.24 -5.98 53.75
N ILE B 315 -29.23 -6.24 54.61
CA ILE B 315 -29.44 -5.40 55.78
C ILE B 315 -28.27 -5.52 56.76
N PRO B 316 -27.92 -4.40 57.40
CA PRO B 316 -26.78 -4.37 58.33
C PRO B 316 -27.13 -4.96 59.69
N LYS B 317 -26.10 -5.20 60.50
CA LYS B 317 -26.27 -5.68 61.86
C LYS B 317 -27.38 -6.72 61.97
N SER B 318 -27.08 -7.94 61.53
CA SER B 318 -28.03 -9.04 61.59
C SER B 318 -27.28 -10.37 61.55
N ALA B 319 -27.60 -11.25 62.50
CA ALA B 319 -26.94 -12.55 62.59
C ALA B 319 -27.89 -13.71 62.26
N VAL B 320 -27.31 -14.85 61.85
CA VAL B 320 -28.10 -16.03 61.51
C VAL B 320 -27.93 -17.08 62.59
N GLY B 321 -29.04 -17.68 63.02
CA GLY B 321 -29.02 -18.65 64.09
C GLY B 321 -29.85 -19.90 63.78
N GLU B 322 -29.17 -20.97 63.38
CA GLU B 322 -29.84 -22.24 63.10
C GLU B 322 -30.11 -22.95 64.41
N LEU B 323 -31.37 -23.31 64.65
CA LEU B 323 -31.77 -23.95 65.90
C LEU B 323 -32.77 -25.07 65.67
N SER B 324 -33.02 -25.86 66.71
CA SER B 324 -33.97 -26.96 66.61
C SER B 324 -35.39 -26.43 66.58
N GLU B 325 -36.33 -27.26 66.16
CA GLU B 325 -37.72 -26.86 65.99
C GLU B 325 -38.44 -26.68 67.33
N ASP B 326 -37.70 -26.79 68.43
CA ASP B 326 -38.29 -26.69 69.77
C ASP B 326 -38.00 -25.35 70.46
N SER B 327 -37.14 -24.55 69.84
CA SER B 327 -36.79 -23.23 70.40
C SER B 327 -36.25 -23.38 71.82
N SER B 328 -35.50 -24.45 72.05
CA SER B 328 -34.93 -24.69 73.37
C SER B 328 -33.60 -23.98 73.50
N ASN B 329 -32.80 -24.00 72.44
CA ASN B 329 -31.51 -23.31 72.42
C ASN B 329 -31.66 -21.89 71.89
N VAL B 330 -32.68 -21.20 72.35
CA VAL B 330 -32.99 -19.85 71.88
C VAL B 330 -32.17 -18.80 72.63
N VAL B 331 -31.81 -19.10 73.88
CA VAL B 331 -31.05 -18.15 74.69
C VAL B 331 -29.58 -18.11 74.29
N GLN B 332 -29.11 -19.18 73.64
CA GLN B 332 -27.73 -19.22 73.15
C GLN B 332 -27.58 -18.39 71.87
N LEU B 333 -28.71 -17.95 71.33
CA LEU B 333 -28.72 -17.07 70.15
C LEU B 333 -28.01 -15.76 70.46
N ILE B 334 -28.25 -15.25 71.66
CA ILE B 334 -27.74 -13.94 72.06
C ILE B 334 -26.28 -14.03 72.54
N LYS B 335 -25.84 -15.23 72.91
CA LYS B 335 -24.42 -15.46 73.17
C LYS B 335 -23.69 -15.41 71.84
N ASN B 336 -24.45 -15.64 70.77
CA ASN B 336 -23.94 -15.51 69.43
C ASN B 336 -24.33 -14.16 68.80
N ALA B 337 -25.18 -13.40 69.49
CA ALA B 337 -25.60 -12.07 69.03
C ALA B 337 -24.49 -11.05 69.26
N TYR B 338 -24.24 -10.70 70.52
CA TYR B 338 -23.15 -9.82 70.87
C TYR B 338 -21.82 -10.32 70.29
N ASN B 339 -21.76 -11.62 70.02
CA ASN B 339 -20.58 -12.23 69.42
C ASN B 339 -20.14 -11.49 68.17
N LYS B 340 -21.06 -11.28 67.25
CA LYS B 340 -20.76 -10.61 65.98
C LYS B 340 -21.76 -9.50 65.68
N LEU B 341 -22.45 -9.00 66.70
CA LEU B 341 -23.35 -7.85 66.56
C LEU B 341 -22.66 -6.63 67.15
N SER B 342 -21.79 -6.87 68.14
CA SER B 342 -20.92 -5.83 68.67
C SER B 342 -19.62 -5.84 67.88
N SER B 343 -19.66 -6.54 66.75
CA SER B 343 -18.49 -6.72 65.90
C SER B 343 -18.61 -5.92 64.59
N ARG B 344 -19.82 -5.83 64.04
CA ARG B 344 -20.03 -5.13 62.79
C ARG B 344 -20.01 -3.61 62.97
N VAL B 345 -18.81 -3.04 62.97
CA VAL B 345 -18.66 -1.59 63.06
C VAL B 345 -18.97 -0.96 61.71
N PHE B 346 -20.00 -0.12 61.68
CA PHE B 346 -20.41 0.54 60.45
C PHE B 346 -20.04 2.03 60.46
N LEU B 347 -19.90 2.60 59.27
CA LEU B 347 -19.44 3.97 59.12
C LEU B 347 -19.94 4.61 57.82
N ASP B 348 -21.25 4.55 57.59
CA ASP B 348 -21.86 5.17 56.42
C ASP B 348 -22.18 6.64 56.67
N HIS B 349 -22.96 7.25 55.79
CA HIS B 349 -23.28 8.67 55.90
C HIS B 349 -24.61 9.01 55.25
N ASN B 350 -25.16 10.16 55.62
CA ASN B 350 -26.39 10.64 55.00
C ASN B 350 -26.22 10.75 53.50
N ALA B 351 -27.27 10.44 52.75
CA ALA B 351 -27.22 10.51 51.30
C ALA B 351 -26.69 11.88 50.87
N LEU B 352 -25.43 11.90 50.45
CA LEU B 352 -24.79 13.14 50.02
C LEU B 352 -25.26 13.54 48.62
N PRO B 353 -25.17 14.84 48.30
CA PRO B 353 -25.51 15.34 46.97
C PRO B 353 -24.62 14.73 45.90
N ASP B 354 -25.10 14.66 44.66
CA ASP B 354 -24.35 14.06 43.58
C ASP B 354 -23.03 14.78 43.33
N THR B 355 -22.94 16.04 43.79
CA THR B 355 -21.74 16.84 43.57
C THR B 355 -20.60 16.42 44.48
N LEU B 356 -20.77 15.29 45.17
CA LEU B 356 -19.73 14.79 46.07
C LEU B 356 -19.60 13.27 45.98
N LYS B 357 -18.43 12.77 46.33
CA LYS B 357 -18.16 11.35 46.33
C LYS B 357 -17.29 11.00 47.52
N VAL B 358 -17.74 10.05 48.32
CA VAL B 358 -17.04 9.67 49.56
C VAL B 358 -16.56 8.23 49.54
N THR B 359 -15.40 7.99 50.16
CA THR B 359 -14.86 6.64 50.30
C THR B 359 -14.27 6.47 51.69
N TYR B 360 -13.81 5.26 52.00
CA TYR B 360 -13.22 4.97 53.31
C TYR B 360 -12.06 3.99 53.18
N ASP B 361 -11.37 3.75 54.28
CA ASP B 361 -10.36 2.70 54.35
C ASP B 361 -10.66 1.83 55.57
N SER B 362 -9.93 0.73 55.71
CA SER B 362 -10.17 -0.17 56.83
C SER B 362 -8.89 -0.85 57.32
N PHE B 363 -8.67 -0.77 58.64
CA PHE B 363 -7.55 -1.44 59.29
C PHE B 363 -8.03 -2.25 60.49
N CYS B 364 -8.68 -3.37 60.23
CA CYS B 364 -9.22 -4.19 61.30
C CYS B 364 -8.10 -4.62 62.25
N SER B 365 -8.49 -5.06 63.42
CA SER B 365 -7.52 -5.39 64.46
C SER B 365 -6.77 -6.68 64.14
N ASN B 366 -7.49 -7.69 63.66
CA ASN B 366 -6.87 -8.98 63.41
C ASN B 366 -6.35 -9.15 61.98
N GLY B 367 -5.25 -8.46 61.67
CA GLY B 367 -4.50 -8.72 60.45
C GLY B 367 -4.90 -7.90 59.24
N VAL B 368 -6.19 -7.65 59.09
CA VAL B 368 -6.71 -7.07 57.84
C VAL B 368 -6.11 -5.70 57.55
N THR B 369 -5.62 -5.54 56.32
CA THR B 369 -5.10 -4.26 55.84
C THR B 369 -5.87 -3.82 54.61
N HIS B 370 -7.13 -3.47 54.79
CA HIS B 370 -7.99 -3.06 53.67
C HIS B 370 -7.69 -1.62 53.24
N ARG B 371 -8.14 -1.28 52.04
CA ARG B 371 -7.92 0.05 51.48
C ARG B 371 -8.97 0.40 50.42
N ASN B 372 -9.57 1.57 50.57
CA ASN B 372 -10.47 2.10 49.55
C ASN B 372 -11.75 1.28 49.35
N GLN B 373 -12.79 1.64 50.10
CA GLN B 373 -14.12 1.08 49.93
C GLN B 373 -15.06 1.70 50.97
N PRO B 374 -16.35 1.88 50.61
CA PRO B 374 -17.36 2.43 51.53
C PRO B 374 -17.54 1.56 52.78
N ARG B 375 -18.49 1.91 53.64
CA ARG B 375 -18.75 1.13 54.84
C ARG B 375 -17.53 1.11 55.77
N GLY B 376 -17.57 0.24 56.78
CA GLY B 376 -16.45 0.03 57.66
C GLY B 376 -16.48 -1.41 58.18
N ASP B 377 -16.89 -2.33 57.31
CA ASP B 377 -17.10 -3.73 57.69
C ASP B 377 -15.84 -4.36 58.28
N CYS B 378 -15.78 -4.44 59.61
CA CYS B 378 -14.70 -5.14 60.29
C CYS B 378 -15.29 -6.11 61.30
N ASP B 379 -15.54 -7.34 60.88
CA ASP B 379 -16.15 -8.34 61.73
C ASP B 379 -15.10 -9.06 62.59
N GLY B 380 -14.21 -8.28 63.18
CA GLY B 380 -13.14 -8.83 63.99
C GLY B 380 -12.73 -7.88 65.10
N VAL B 381 -13.70 -7.15 65.63
CA VAL B 381 -13.44 -6.22 66.72
C VAL B 381 -14.66 -6.17 67.63
N GLN B 382 -14.42 -6.12 68.94
CA GLN B 382 -15.48 -6.35 69.92
C GLN B 382 -15.55 -5.30 71.01
N ILE B 383 -14.71 -5.45 72.03
CA ILE B 383 -14.87 -4.71 73.28
C ILE B 383 -14.03 -3.45 73.31
N ASN B 384 -12.75 -3.59 73.68
CA ASN B 384 -11.90 -2.43 73.88
C ASN B 384 -10.63 -2.49 73.02
N VAL B 385 -10.82 -2.52 71.71
CA VAL B 385 -9.70 -2.47 70.77
C VAL B 385 -10.01 -1.54 69.61
N PRO B 386 -9.41 -0.35 69.61
CA PRO B 386 -9.68 0.67 68.60
C PRO B 386 -9.55 0.16 67.17
N ILE B 387 -10.04 0.96 66.22
CA ILE B 387 -9.96 0.64 64.80
C ILE B 387 -9.57 1.90 64.02
N THR B 388 -9.46 1.79 62.70
CA THR B 388 -9.02 2.91 61.88
C THR B 388 -9.73 3.01 60.54
N PHE B 389 -10.46 4.09 60.33
CA PHE B 389 -11.11 4.34 59.05
C PHE B 389 -10.58 5.64 58.47
N GLN B 390 -10.01 5.57 57.27
CA GLN B 390 -9.50 6.76 56.61
C GLN B 390 -10.52 7.29 55.62
N VAL B 391 -11.26 8.32 56.04
CA VAL B 391 -12.30 8.91 55.22
C VAL B 391 -11.70 9.90 54.22
N LYS B 392 -11.91 9.63 52.92
CA LYS B 392 -11.39 10.50 51.87
C LYS B 392 -12.52 11.12 51.06
N VAL B 393 -12.75 12.42 51.29
CA VAL B 393 -13.81 13.14 50.60
C VAL B 393 -13.26 13.97 49.45
N THR B 394 -13.82 13.75 48.26
CA THR B 394 -13.42 14.50 47.07
C THR B 394 -14.63 15.14 46.42
N ALA B 395 -14.41 16.26 45.74
CA ALA B 395 -15.47 16.97 45.02
C ALA B 395 -15.14 17.00 43.53
N THR B 396 -16.15 17.34 42.72
CA THR B 396 -15.97 17.42 41.27
C THR B 396 -15.90 18.88 40.83
N GLU B 397 -16.67 19.73 41.50
CA GLU B 397 -16.67 21.15 41.19
C GLU B 397 -16.59 21.96 42.47
N CYS B 398 -16.56 23.28 42.33
CA CYS B 398 -16.54 24.16 43.49
C CYS B 398 -17.91 24.18 44.18
N ILE B 399 -18.10 23.22 45.07
CA ILE B 399 -19.35 23.07 45.80
C ILE B 399 -19.75 24.35 46.51
N GLN B 400 -21.00 24.39 46.97
CA GLN B 400 -21.45 25.49 47.82
C GLN B 400 -21.36 25.01 49.26
N GLU B 401 -21.03 25.92 50.17
CA GLU B 401 -20.85 25.55 51.56
C GLU B 401 -22.06 24.78 52.07
N GLN B 402 -21.82 23.57 52.54
CA GLN B 402 -22.88 22.74 53.10
C GLN B 402 -22.33 21.86 54.20
N SER B 403 -23.14 20.93 54.69
CA SER B 403 -22.72 20.04 55.78
C SER B 403 -23.49 18.73 55.77
N PHE B 404 -22.78 17.64 56.03
CA PHE B 404 -23.42 16.32 56.12
C PHE B 404 -22.94 15.62 57.39
N VAL B 405 -23.30 14.35 57.54
CA VAL B 405 -22.94 13.60 58.73
C VAL B 405 -22.49 12.18 58.40
N ILE B 406 -21.55 11.67 59.21
CA ILE B 406 -21.08 10.30 59.07
C ILE B 406 -21.39 9.54 60.36
N ARG B 407 -22.49 8.78 60.32
CA ARG B 407 -22.92 8.03 61.49
C ARG B 407 -22.47 6.59 61.41
N ALA B 408 -22.48 5.91 62.56
CA ALA B 408 -22.27 4.47 62.58
C ALA B 408 -23.65 3.81 62.65
N LEU B 409 -23.98 3.05 61.62
CA LEU B 409 -25.30 2.40 61.56
C LEU B 409 -25.58 1.68 62.87
N GLY B 410 -26.69 2.03 63.50
CA GLY B 410 -27.07 1.44 64.77
C GLY B 410 -26.46 2.17 65.95
N PHE B 411 -26.21 3.47 65.77
CA PHE B 411 -25.62 4.27 66.83
C PHE B 411 -26.13 5.70 66.75
N THR B 412 -26.37 6.30 67.91
CA THR B 412 -26.95 7.62 67.98
C THR B 412 -25.90 8.73 67.84
N ASP B 413 -24.63 8.34 67.79
CA ASP B 413 -23.55 9.31 67.73
C ASP B 413 -23.45 9.97 66.35
N ILE B 414 -23.92 11.22 66.27
CA ILE B 414 -23.86 12.00 65.05
C ILE B 414 -22.55 12.79 64.96
N VAL B 415 -21.86 12.63 63.84
CA VAL B 415 -20.65 13.41 63.59
C VAL B 415 -20.90 14.47 62.53
N THR B 416 -21.09 15.71 62.96
CA THR B 416 -21.39 16.81 62.05
C THR B 416 -20.15 17.23 61.28
N VAL B 417 -19.97 16.64 60.10
CA VAL B 417 -18.84 16.96 59.26
C VAL B 417 -19.15 18.17 58.38
N GLN B 418 -18.53 19.30 58.70
CA GLN B 418 -18.72 20.52 57.92
C GLN B 418 -17.89 20.47 56.65
N VAL B 419 -18.38 21.12 55.60
CA VAL B 419 -17.69 21.12 54.32
C VAL B 419 -17.60 22.54 53.77
N LEU B 420 -16.38 22.96 53.43
CA LEU B 420 -16.14 24.31 52.96
C LEU B 420 -15.53 24.30 51.57
N PRO B 421 -16.24 24.87 50.58
CA PRO B 421 -15.72 24.99 49.22
C PRO B 421 -14.42 25.80 49.15
N GLN B 422 -13.28 25.14 49.15
CA GLN B 422 -11.99 25.81 49.11
C GLN B 422 -11.51 25.92 47.67
N CYS B 423 -11.62 27.12 47.10
CA CYS B 423 -11.27 27.35 45.70
C CYS B 423 -10.77 28.80 45.49
N GLU B 424 -9.57 29.12 46.02
CA GLU B 424 -8.87 30.44 45.88
C GLU B 424 -7.36 30.48 46.26
N CYS B 425 -6.66 31.56 45.86
CA CYS B 425 -5.24 31.78 46.20
C CYS B 425 -4.93 33.28 46.23
N ARG B 426 -4.26 33.73 47.28
CA ARG B 426 -4.47 35.08 47.79
C ARG B 426 -3.18 35.90 47.91
N CYS B 427 -3.12 37.03 47.21
CA CYS B 427 -1.89 37.81 47.15
C CYS B 427 -2.00 39.28 47.53
N ARG B 428 -2.56 40.08 46.63
CA ARG B 428 -2.44 41.53 46.73
C ARG B 428 -3.70 42.26 46.30
N ASP B 429 -3.60 43.57 46.16
CA ASP B 429 -4.77 44.41 45.91
C ASP B 429 -4.44 45.55 44.96
N GLN B 430 -5.44 46.41 44.73
CA GLN B 430 -5.35 47.42 43.69
C GLN B 430 -4.87 48.77 44.21
N SER B 431 -4.23 48.75 45.37
CA SER B 431 -3.57 49.94 45.88
C SER B 431 -2.12 49.93 45.39
N ARG B 432 -1.59 48.72 45.20
CA ARG B 432 -0.25 48.54 44.63
C ARG B 432 -0.34 48.43 43.11
N ASP B 433 0.15 49.45 42.43
CA ASP B 433 0.21 49.47 40.97
C ASP B 433 -1.14 49.69 40.30
N ARG B 434 -1.67 50.90 40.42
CA ARG B 434 -2.77 51.32 39.59
C ARG B 434 -2.18 51.83 38.28
N SER B 435 -0.85 51.78 38.20
CA SER B 435 -0.12 52.24 37.03
C SER B 435 -0.17 51.20 35.93
N LEU B 436 0.58 50.12 36.08
CA LEU B 436 0.51 49.02 35.14
C LEU B 436 -0.95 48.63 34.94
N CYS B 437 -1.25 47.92 33.85
CA CYS B 437 -2.62 47.73 33.41
C CYS B 437 -3.24 49.07 33.01
N HIS B 438 -2.37 50.05 32.79
CA HIS B 438 -2.76 51.38 32.34
C HIS B 438 -4.04 51.88 33.01
N GLY B 439 -4.12 51.68 34.32
CA GLY B 439 -5.18 52.28 35.11
C GLY B 439 -6.54 51.61 35.01
N LYS B 440 -6.79 50.93 33.89
CA LYS B 440 -8.08 50.29 33.67
C LYS B 440 -8.02 48.80 34.00
N GLY B 441 -7.61 48.49 35.22
CA GLY B 441 -7.51 47.12 35.67
C GLY B 441 -6.73 47.01 36.96
N PHE B 442 -6.91 45.89 37.66
CA PHE B 442 -6.22 45.66 38.93
C PHE B 442 -5.16 44.57 38.76
N LEU B 443 -4.37 44.34 39.81
CA LEU B 443 -3.30 43.35 39.76
C LEU B 443 -3.47 42.28 40.84
N GLU B 444 -3.18 41.04 40.47
CA GLU B 444 -3.28 39.89 41.38
C GLU B 444 -2.17 38.88 41.10
N CYS B 445 -1.17 38.83 41.97
CA CYS B 445 -0.05 37.90 41.82
C CYS B 445 0.61 38.03 40.46
N GLY B 446 1.02 39.23 40.11
CA GLY B 446 1.68 39.44 38.84
C GLY B 446 0.75 39.95 37.77
N ILE B 447 0.11 39.04 37.04
CA ILE B 447 -0.77 39.40 35.95
C ILE B 447 -1.84 40.41 36.37
N CYS B 448 -2.48 41.03 35.38
CA CYS B 448 -3.51 42.02 35.65
C CYS B 448 -4.84 41.61 35.03
N ARG B 449 -5.88 41.57 35.85
CA ARG B 449 -7.20 41.25 35.38
C ARG B 449 -7.93 42.55 35.02
N CYS B 450 -8.14 42.76 33.74
CA CYS B 450 -8.72 44.01 33.24
C CYS B 450 -10.23 44.06 33.45
N ASP B 451 -10.84 45.17 33.05
CA ASP B 451 -12.28 45.36 33.21
C ASP B 451 -13.07 44.58 32.15
N THR B 452 -14.37 44.86 32.07
CA THR B 452 -15.22 44.21 31.09
C THR B 452 -14.81 44.57 29.67
N GLY B 453 -14.36 45.80 29.48
CA GLY B 453 -14.07 46.30 28.15
C GLY B 453 -12.60 46.33 27.78
N TYR B 454 -11.74 46.14 28.77
CA TYR B 454 -10.30 46.19 28.52
C TYR B 454 -9.74 44.78 28.59
N ILE B 455 -8.77 44.51 27.72
CA ILE B 455 -8.14 43.21 27.68
C ILE B 455 -6.66 43.34 27.33
N GLY B 456 -5.87 42.32 27.69
CA GLY B 456 -4.44 42.33 27.44
C GLY B 456 -3.67 42.03 28.71
N LYS B 457 -2.41 41.63 28.58
CA LYS B 457 -1.60 41.28 29.75
C LYS B 457 -1.22 42.51 30.55
N ASN B 458 -1.61 43.69 30.05
CA ASN B 458 -1.41 44.93 30.78
C ASN B 458 -2.56 45.90 30.51
N CYS B 459 -3.75 45.36 30.26
CA CYS B 459 -4.94 46.16 30.00
C CYS B 459 -4.64 47.30 29.03
N GLU B 460 -3.73 47.04 28.10
CA GLU B 460 -3.25 48.07 27.20
C GLU B 460 -4.14 48.18 25.98
N CYS B 461 -4.45 47.04 25.38
CA CYS B 461 -5.25 47.01 24.19
C CYS B 461 -6.74 47.09 24.47
N GLN B 462 -7.47 47.17 23.36
CA GLN B 462 -8.91 47.09 23.33
C GLN B 462 -9.39 46.08 22.28
N THR B 463 -10.56 45.50 22.55
CA THR B 463 -11.23 44.55 21.66
C THR B 463 -11.86 45.28 20.46
N GLN B 464 -11.27 46.41 20.11
CA GLN B 464 -11.69 47.12 18.90
C GLN B 464 -10.53 47.81 18.20
N GLY B 465 -9.72 47.00 17.52
CA GLY B 465 -8.97 47.49 16.39
C GLY B 465 -7.49 47.53 16.64
N ARG B 466 -6.84 46.43 16.28
CA ARG B 466 -5.44 46.26 16.59
C ARG B 466 -4.79 45.17 15.73
N SER B 467 -3.51 45.37 15.43
CA SER B 467 -2.59 44.31 14.96
C SER B 467 -1.23 44.92 14.65
N SER B 468 -0.23 44.06 14.61
CA SER B 468 1.08 44.46 14.12
C SER B 468 1.68 43.34 13.27
N GLN B 469 2.93 43.53 12.88
CA GLN B 469 3.60 42.62 11.95
C GLN B 469 4.11 41.39 12.67
N GLU B 470 5.22 41.52 13.37
CA GLU B 470 5.84 40.38 14.03
C GLU B 470 5.29 40.13 15.43
N LEU B 471 4.18 40.79 15.77
CA LEU B 471 3.44 40.42 16.96
C LEU B 471 2.83 39.04 16.71
N GLU B 472 2.74 38.69 15.43
CA GLU B 472 2.26 37.38 15.04
C GLU B 472 3.36 36.30 15.19
N GLY B 473 4.39 36.62 15.98
CA GLY B 473 5.50 35.70 16.20
C GLY B 473 5.10 34.50 17.05
N SER B 474 4.75 34.77 18.30
CA SER B 474 4.24 33.75 19.20
C SER B 474 2.73 33.57 18.99
N CYS B 475 2.20 34.22 17.97
CA CYS B 475 0.79 34.12 17.61
C CYS B 475 0.55 32.91 16.70
N ARG B 476 1.62 32.30 16.22
CA ARG B 476 1.54 31.05 15.46
C ARG B 476 2.54 30.04 16.02
N LYS B 477 2.10 28.80 16.21
CA LYS B 477 2.94 27.79 16.85
C LYS B 477 4.29 27.62 16.14
N ASP B 478 4.27 27.58 14.81
CA ASP B 478 5.49 27.45 14.04
C ASP B 478 5.41 28.34 12.78
N ASN B 479 6.46 28.38 11.98
CA ASN B 479 6.54 29.27 10.83
C ASN B 479 5.65 28.72 9.70
N ASN B 480 5.37 27.42 9.71
CA ASN B 480 4.46 26.84 8.71
C ASN B 480 3.06 26.56 9.26
N SER B 481 2.61 27.40 10.19
CA SER B 481 1.27 27.29 10.79
C SER B 481 0.46 28.56 10.55
N ILE B 482 -0.84 28.40 10.29
CA ILE B 482 -1.72 29.56 10.10
C ILE B 482 -1.89 30.31 11.43
N ILE B 483 -2.06 31.63 11.33
CA ILE B 483 -2.14 32.47 12.53
C ILE B 483 -3.33 32.08 13.40
N CYS B 484 -3.07 31.92 14.70
CA CYS B 484 -4.11 31.54 15.66
C CYS B 484 -4.81 30.24 15.25
N SER B 485 -4.13 29.41 14.47
CA SER B 485 -4.69 28.14 14.00
C SER B 485 -6.11 28.34 13.48
N GLY B 486 -6.37 29.50 12.90
CA GLY B 486 -7.73 29.87 12.50
C GLY B 486 -8.63 29.84 13.70
N LEU B 487 -9.90 30.20 13.53
CA LEU B 487 -10.82 30.17 14.64
C LEU B 487 -10.26 31.01 15.79
N GLY B 488 -9.53 32.07 15.45
CA GLY B 488 -8.95 32.93 16.46
C GLY B 488 -8.23 34.09 15.81
N ASP B 489 -8.55 35.31 16.26
CA ASP B 489 -7.93 36.50 15.71
C ASP B 489 -6.89 37.05 16.68
N CYS B 490 -5.64 37.17 16.20
CA CYS B 490 -4.51 37.59 17.03
C CYS B 490 -4.54 39.08 17.37
N VAL B 491 -4.32 39.40 18.64
CA VAL B 491 -4.22 40.78 19.08
C VAL B 491 -3.12 40.91 20.12
N CYS B 492 -2.18 41.80 19.88
CA CYS B 492 -1.09 42.04 20.82
C CYS B 492 -0.29 40.76 21.10
N GLY B 493 0.15 40.09 20.04
CA GLY B 493 1.00 38.91 20.20
C GLY B 493 0.24 37.61 20.38
N GLN B 494 -0.72 37.62 21.31
CA GLN B 494 -1.49 36.43 21.67
C GLN B 494 -2.72 36.28 20.78
N CYS B 495 -3.50 35.21 21.01
CA CYS B 495 -4.73 34.98 20.25
C CYS B 495 -5.97 35.05 21.12
N LEU B 496 -7.08 35.49 20.54
CA LEU B 496 -8.37 35.48 21.21
C LEU B 496 -9.30 34.56 20.47
N CYS B 497 -9.28 33.30 20.89
CA CYS B 497 -10.08 32.29 20.24
C CYS B 497 -11.51 32.82 20.06
N HIS B 498 -12.08 32.56 18.87
CA HIS B 498 -13.45 32.93 18.58
C HIS B 498 -14.42 32.08 19.41
N THR B 499 -15.68 32.51 19.47
CA THR B 499 -16.68 31.84 20.28
C THR B 499 -17.75 31.18 19.41
N SER B 500 -18.22 30.00 19.83
CA SER B 500 -19.31 29.30 19.14
C SER B 500 -20.48 29.06 20.08
N ASP B 501 -21.66 29.53 19.70
CA ASP B 501 -22.87 29.32 20.49
C ASP B 501 -23.47 27.96 20.15
N VAL B 502 -22.64 26.93 20.23
CA VAL B 502 -23.06 25.56 20.02
C VAL B 502 -22.77 24.76 21.29
N PRO B 503 -23.77 24.04 21.80
CA PRO B 503 -23.59 23.26 23.02
C PRO B 503 -22.24 22.54 23.04
N GLY B 504 -21.43 22.83 24.05
CA GLY B 504 -20.18 22.11 24.26
C GLY B 504 -19.00 22.77 23.59
N LYS B 505 -19.19 23.10 22.32
CA LYS B 505 -18.15 23.74 21.51
C LYS B 505 -17.45 24.83 22.30
N LEU B 506 -16.12 24.81 22.27
CA LEU B 506 -15.31 25.84 22.90
C LEU B 506 -13.86 25.72 22.44
N ILE B 507 -13.33 26.80 21.87
CA ILE B 507 -11.95 26.85 21.44
C ILE B 507 -11.12 27.47 22.57
N TYR B 508 -9.84 27.12 22.62
CA TYR B 508 -8.93 27.65 23.63
C TYR B 508 -7.49 27.28 23.31
N GLY B 509 -6.54 27.97 23.94
CA GLY B 509 -5.13 27.74 23.71
C GLY B 509 -4.45 29.00 23.21
N GLN B 510 -3.12 29.01 23.30
CA GLN B 510 -2.34 30.16 22.88
C GLN B 510 -2.62 30.46 21.41
N TYR B 511 -2.68 29.41 20.60
CA TYR B 511 -2.93 29.53 19.17
C TYR B 511 -4.31 28.97 18.80
N CYS B 512 -5.19 28.84 19.79
CA CYS B 512 -6.55 28.36 19.56
C CYS B 512 -6.58 27.06 18.78
N GLU B 513 -5.81 26.08 19.26
CA GLU B 513 -5.67 24.78 18.58
C GLU B 513 -6.59 23.70 19.17
N CYS B 514 -6.80 23.77 20.48
CA CYS B 514 -7.58 22.75 21.20
C CYS B 514 -9.06 23.13 21.29
N ASP B 515 -9.92 22.13 21.14
CA ASP B 515 -11.35 22.31 21.35
C ASP B 515 -11.87 21.23 22.28
N THR B 516 -13.10 21.40 22.79
CA THR B 516 -13.72 20.42 23.68
C THR B 516 -14.90 19.75 22.99
N ILE B 517 -14.66 19.26 21.78
CA ILE B 517 -15.71 18.60 21.01
C ILE B 517 -15.13 17.55 20.06
N ASN B 518 -13.89 17.74 19.61
CA ASN B 518 -13.30 16.83 18.62
C ASN B 518 -12.39 15.77 19.23
N CYS B 519 -12.99 14.83 19.97
CA CYS B 519 -12.26 13.74 20.59
C CYS B 519 -12.81 12.41 20.07
N GLU B 520 -12.55 11.33 20.80
CA GLU B 520 -13.07 10.03 20.43
C GLU B 520 -14.47 9.82 21.03
N ARG B 521 -15.39 9.29 20.23
CA ARG B 521 -16.78 9.14 20.66
C ARG B 521 -16.99 7.83 21.41
N TYR B 522 -18.25 7.59 21.80
CA TYR B 522 -18.62 6.36 22.49
C TYR B 522 -20.13 6.36 22.71
N ASN B 523 -20.81 5.37 22.15
CA ASN B 523 -22.25 5.29 22.28
C ASN B 523 -22.90 6.58 21.81
N GLY B 524 -22.46 7.07 20.65
CA GLY B 524 -23.01 8.28 20.07
C GLY B 524 -22.93 9.46 21.01
N GLN B 525 -21.85 9.53 21.78
CA GLN B 525 -21.65 10.63 22.70
C GLN B 525 -20.16 11.01 22.79
N VAL B 526 -19.91 12.30 23.02
CA VAL B 526 -18.55 12.82 23.06
C VAL B 526 -17.82 12.33 24.31
N CYS B 527 -16.74 11.59 24.10
CA CYS B 527 -15.94 11.05 25.19
C CYS B 527 -16.80 10.28 26.21
N GLY B 528 -17.95 9.79 25.74
CA GLY B 528 -18.86 9.06 26.59
C GLY B 528 -19.87 9.94 27.30
N GLY B 529 -20.35 10.97 26.62
CA GLY B 529 -21.31 11.89 27.20
C GLY B 529 -20.75 12.55 28.44
N PRO B 530 -21.54 13.45 29.05
CA PRO B 530 -21.09 14.20 30.22
C PRO B 530 -20.96 13.30 31.44
N GLY B 531 -21.63 12.16 31.40
CA GLY B 531 -21.61 11.25 32.53
C GLY B 531 -20.26 10.60 32.66
N ARG B 532 -19.89 9.82 31.66
CA ARG B 532 -18.68 9.02 31.75
C ARG B 532 -17.44 9.89 31.83
N GLY B 533 -17.10 10.55 30.72
CA GLY B 533 -15.89 11.35 30.67
C GLY B 533 -16.09 12.70 30.00
N LEU B 534 -14.97 13.38 29.73
CA LEU B 534 -15.01 14.68 29.08
C LEU B 534 -13.97 14.78 27.96
N CYS B 535 -14.06 15.86 27.18
CA CYS B 535 -13.18 16.07 26.03
C CYS B 535 -12.25 17.26 26.25
N PHE B 536 -10.98 17.08 25.91
CA PHE B 536 -9.98 18.14 26.02
C PHE B 536 -8.86 17.95 25.01
N CYS B 537 -8.97 18.64 23.88
CA CYS B 537 -7.95 18.61 22.83
C CYS B 537 -7.65 17.19 22.35
N GLY B 538 -8.69 16.47 21.92
CA GLY B 538 -8.52 15.13 21.36
C GLY B 538 -8.68 14.02 22.38
N LYS B 539 -7.84 14.06 23.42
CA LYS B 539 -7.88 13.04 24.46
C LYS B 539 -9.04 13.27 25.40
N CYS B 540 -9.60 12.16 25.87
CA CYS B 540 -10.73 12.18 26.79
C CYS B 540 -10.26 11.95 28.23
N ARG B 541 -10.53 12.91 29.09
CA ARG B 541 -10.24 12.77 30.50
C ARG B 541 -11.44 12.15 31.22
N CYS B 542 -11.47 10.81 31.26
CA CYS B 542 -12.62 10.10 31.82
C CYS B 542 -12.74 10.36 33.32
N HIS B 543 -13.96 10.53 33.79
CA HIS B 543 -14.22 10.70 35.22
C HIS B 543 -13.65 9.51 36.00
N PRO B 544 -13.59 9.64 37.32
CA PRO B 544 -13.08 8.57 38.19
C PRO B 544 -13.87 7.27 38.01
N GLY B 545 -13.16 6.15 37.89
CA GLY B 545 -13.79 4.86 37.75
C GLY B 545 -14.01 4.49 36.30
N PHE B 546 -13.50 5.31 35.39
CA PHE B 546 -13.66 5.08 33.96
C PHE B 546 -12.32 5.29 33.27
N GLU B 547 -11.93 4.32 32.46
CA GLU B 547 -10.68 4.43 31.71
C GLU B 547 -10.94 4.09 30.26
N GLY B 548 -9.91 4.21 29.44
CA GLY B 548 -10.01 3.90 28.02
C GLY B 548 -9.77 5.11 27.14
N SER B 549 -9.64 4.88 25.85
CA SER B 549 -9.39 5.95 24.88
C SER B 549 -10.49 7.02 24.95
N ALA B 550 -11.74 6.58 25.00
CA ALA B 550 -12.88 7.49 25.10
C ALA B 550 -13.82 7.05 26.21
N CYS B 551 -13.26 6.54 27.30
CA CYS B 551 -14.02 5.87 28.35
C CYS B 551 -14.72 4.63 27.79
N GLN B 552 -14.11 4.03 26.78
CA GLN B 552 -14.68 2.88 26.09
C GLN B 552 -14.86 1.71 27.05
N CYS B 553 -13.88 1.50 27.91
CA CYS B 553 -14.01 0.54 28.99
C CYS B 553 -14.65 1.30 30.12
N GLU B 554 -15.97 1.48 30.00
CA GLU B 554 -16.67 2.43 30.85
C GLU B 554 -16.28 2.30 32.33
N ARG B 555 -16.35 1.10 32.87
CA ARG B 555 -16.21 0.90 34.31
C ARG B 555 -14.89 0.22 34.69
N THR B 556 -14.27 0.70 35.75
CA THR B 556 -13.09 0.06 36.30
C THR B 556 -13.51 -1.07 37.25
N THR B 557 -14.82 -1.25 37.41
CA THR B 557 -15.36 -2.31 38.27
C THR B 557 -15.14 -3.68 37.64
N GLU B 558 -15.76 -4.71 38.20
CA GLU B 558 -15.64 -6.05 37.65
C GLU B 558 -16.93 -6.85 37.79
N GLY B 559 -17.87 -6.59 36.89
CA GLY B 559 -19.08 -7.37 36.81
C GLY B 559 -18.75 -8.73 36.22
N CYS B 560 -17.50 -8.90 35.83
CA CYS B 560 -17.01 -10.18 35.31
C CYS B 560 -16.98 -11.22 36.43
N LEU B 561 -17.19 -10.77 37.65
CA LEU B 561 -17.18 -11.66 38.80
C LEU B 561 -18.53 -12.37 38.98
N ASN B 562 -18.47 -13.66 39.30
CA ASN B 562 -19.66 -14.45 39.60
C ASN B 562 -19.91 -14.51 41.10
N PRO B 563 -20.88 -15.32 41.55
CA PRO B 563 -21.00 -15.52 42.99
C PRO B 563 -19.74 -16.14 43.58
N ARG B 564 -19.01 -16.92 42.79
CA ARG B 564 -17.75 -17.50 43.23
C ARG B 564 -16.74 -16.38 43.53
N ARG B 565 -17.00 -15.21 42.96
CA ARG B 565 -16.13 -14.05 43.10
C ARG B 565 -14.74 -14.34 42.56
N VAL B 566 -14.70 -15.11 41.47
CA VAL B 566 -13.49 -15.30 40.67
C VAL B 566 -13.78 -14.87 39.24
N GLU B 567 -12.95 -14.00 38.69
CA GLU B 567 -13.22 -13.37 37.40
C GLU B 567 -13.32 -14.37 36.25
N CYS B 568 -14.44 -14.33 35.54
CA CYS B 568 -14.61 -15.09 34.31
C CYS B 568 -14.36 -16.60 34.52
N SER B 569 -14.67 -17.08 35.71
CA SER B 569 -14.52 -18.50 36.02
C SER B 569 -13.20 -19.05 35.51
N GLY B 570 -13.26 -19.85 34.45
CA GLY B 570 -12.12 -20.65 34.04
C GLY B 570 -11.04 -19.85 33.34
N ARG B 571 -11.38 -19.28 32.19
CA ARG B 571 -10.44 -18.44 31.46
C ARG B 571 -11.14 -17.24 30.87
N GLY B 572 -10.41 -16.15 30.74
CA GLY B 572 -10.97 -14.93 30.17
C GLY B 572 -10.66 -13.70 30.99
N ARG B 573 -9.79 -12.84 30.48
CA ARG B 573 -9.50 -11.57 31.12
C ARG B 573 -10.79 -10.77 31.29
N CYS B 574 -10.83 -9.92 32.31
CA CYS B 574 -12.01 -9.11 32.58
C CYS B 574 -11.83 -7.69 32.05
N ARG B 575 -12.12 -7.50 30.77
CA ARG B 575 -12.02 -6.19 30.12
C ARG B 575 -13.39 -5.51 29.99
N CYS B 576 -13.59 -4.40 30.70
CA CYS B 576 -14.80 -3.62 30.57
C CYS B 576 -16.04 -4.43 30.90
N ASN B 577 -16.01 -5.11 32.05
CA ASN B 577 -17.13 -5.91 32.51
C ASN B 577 -17.50 -6.98 31.48
N VAL B 578 -16.50 -7.50 30.79
CA VAL B 578 -16.72 -8.59 29.84
C VAL B 578 -15.60 -9.62 30.00
N CYS B 579 -15.89 -10.87 29.68
CA CYS B 579 -14.87 -11.91 29.78
C CYS B 579 -14.46 -12.37 28.38
N GLU B 580 -13.18 -12.71 28.24
CA GLU B 580 -12.67 -13.22 26.98
C GLU B 580 -12.42 -14.71 27.13
N CYS B 581 -13.50 -15.47 27.27
CA CYS B 581 -13.41 -16.91 27.53
C CYS B 581 -12.53 -17.62 26.53
N HIS B 582 -11.55 -18.37 27.04
CA HIS B 582 -10.69 -19.16 26.17
C HIS B 582 -11.50 -20.30 25.55
N SER B 583 -10.98 -20.90 24.48
CA SER B 583 -11.67 -21.98 23.80
C SER B 583 -13.11 -21.58 23.49
N GLY B 584 -14.02 -22.57 23.51
CA GLY B 584 -15.40 -22.32 23.15
C GLY B 584 -16.29 -21.90 24.31
N TYR B 585 -15.67 -21.64 25.47
CA TYR B 585 -16.43 -21.22 26.64
C TYR B 585 -17.19 -19.96 26.32
N GLN B 586 -18.45 -19.91 26.74
CA GLN B 586 -19.35 -18.86 26.33
C GLN B 586 -19.69 -17.88 27.45
N LEU B 587 -20.40 -16.82 27.10
CA LEU B 587 -20.64 -15.72 28.02
C LEU B 587 -21.78 -16.06 28.97
N PRO B 588 -21.93 -15.25 30.04
CA PRO B 588 -21.12 -14.08 30.35
C PRO B 588 -19.87 -14.40 31.14
N LEU B 589 -19.94 -15.38 32.03
CA LEU B 589 -18.87 -15.63 33.00
C LEU B 589 -18.03 -16.86 32.68
N CYS B 590 -18.18 -17.39 31.47
CA CYS B 590 -17.30 -18.44 30.96
C CYS B 590 -17.35 -19.70 31.81
N GLN B 591 -18.41 -20.47 31.67
CA GLN B 591 -18.52 -21.73 32.39
C GLN B 591 -18.91 -22.84 31.44
N GLU B 592 -19.88 -22.58 30.58
CA GLU B 592 -20.37 -23.59 29.67
C GLU B 592 -19.69 -23.50 28.31
N CYS B 593 -18.92 -24.53 27.98
CA CYS B 593 -18.40 -24.71 26.63
C CYS B 593 -19.30 -25.71 25.89
N PRO B 594 -20.35 -25.21 25.21
CA PRO B 594 -21.35 -26.06 24.56
C PRO B 594 -20.79 -27.06 23.55
N GLY B 595 -19.60 -26.80 23.00
CA GLY B 595 -19.07 -27.59 21.92
C GLY B 595 -18.08 -28.63 22.39
N CYS B 596 -17.61 -28.50 23.62
CA CYS B 596 -16.58 -29.38 24.14
C CYS B 596 -17.06 -30.82 24.10
N PRO B 597 -16.21 -31.73 23.61
CA PRO B 597 -16.60 -33.11 23.24
C PRO B 597 -17.21 -33.87 24.40
N SER B 598 -16.49 -33.88 25.53
CA SER B 598 -16.97 -34.45 26.78
C SER B 598 -15.98 -35.52 27.22
N PRO B 599 -14.69 -35.18 27.22
CA PRO B 599 -13.64 -36.19 27.34
C PRO B 599 -13.77 -37.04 28.60
N CYS B 600 -14.26 -38.27 28.48
CA CYS B 600 -14.16 -39.24 29.57
C CYS B 600 -12.92 -40.08 29.32
N GLY B 601 -12.51 -40.17 28.07
CA GLY B 601 -11.24 -40.81 27.74
C GLY B 601 -10.11 -40.13 28.49
N LYS B 602 -9.04 -40.86 28.73
CA LYS B 602 -7.87 -40.31 29.43
C LYS B 602 -8.19 -40.02 30.89
N TYR B 603 -9.45 -40.15 31.25
CA TYR B 603 -9.88 -39.91 32.63
C TYR B 603 -10.17 -41.23 33.34
N ILE B 604 -10.41 -42.28 32.57
CA ILE B 604 -10.67 -43.59 33.15
C ILE B 604 -9.47 -44.09 33.94
N SER B 605 -8.27 -43.85 33.41
CA SER B 605 -7.05 -44.30 34.07
C SER B 605 -6.91 -43.71 35.47
N CYS B 606 -7.41 -42.49 35.64
CA CYS B 606 -7.31 -41.80 36.91
C CYS B 606 -8.54 -42.02 37.77
N ALA B 607 -9.65 -42.43 37.15
CA ALA B 607 -10.88 -42.70 37.88
C ALA B 607 -10.74 -43.96 38.71
N GLU B 608 -10.01 -44.94 38.19
CA GLU B 608 -9.74 -46.19 38.90
C GLU B 608 -8.48 -46.07 39.76
N CYS B 609 -7.92 -44.88 39.80
CA CYS B 609 -6.74 -44.61 40.63
C CYS B 609 -7.10 -43.85 41.91
N LEU B 610 -8.34 -43.38 41.98
CA LEU B 610 -8.80 -42.61 43.14
C LEU B 610 -9.85 -43.36 43.96
N LYS B 611 -11.03 -43.58 43.38
CA LYS B 611 -12.08 -44.35 44.06
C LYS B 611 -11.63 -45.80 44.24
N PHE B 612 -11.52 -46.52 43.13
CA PHE B 612 -10.94 -47.86 43.13
C PHE B 612 -9.42 -47.73 43.15
N GLU B 613 -8.72 -48.79 43.54
CA GLU B 613 -7.26 -48.77 43.55
C GLU B 613 -6.73 -49.82 42.58
N LYS B 614 -6.92 -49.55 41.29
CA LYS B 614 -6.53 -50.49 40.25
C LYS B 614 -5.29 -49.98 39.52
N GLY B 615 -4.36 -49.43 40.28
CA GLY B 615 -3.04 -49.09 39.76
C GLY B 615 -2.99 -47.82 38.94
N PRO B 616 -2.46 -46.74 39.55
CA PRO B 616 -2.08 -45.55 38.79
C PRO B 616 -1.10 -45.94 37.68
N PHE B 617 -1.57 -45.92 36.44
CA PHE B 617 -0.83 -46.54 35.35
C PHE B 617 0.43 -45.78 34.94
N GLY B 618 0.29 -44.74 34.13
CA GLY B 618 1.43 -44.01 33.60
C GLY B 618 2.55 -43.85 34.60
N LYS B 619 2.19 -43.41 35.80
CA LYS B 619 3.15 -43.23 36.88
C LYS B 619 2.46 -43.58 38.19
N ASN B 620 2.23 -42.58 39.02
CA ASN B 620 1.33 -42.73 40.14
C ASN B 620 0.12 -41.87 39.85
N CYS B 621 -0.61 -41.49 40.89
CA CYS B 621 -1.71 -40.55 40.73
C CYS B 621 -1.57 -39.42 41.73
N SER B 622 -2.54 -38.53 41.73
CA SER B 622 -2.43 -37.28 42.47
C SER B 622 -1.31 -36.47 41.85
N ALA B 623 -0.86 -36.91 40.68
CA ALA B 623 0.20 -36.22 39.94
C ALA B 623 -0.18 -36.19 38.48
N ALA B 624 -0.61 -37.34 37.97
CA ALA B 624 -1.12 -37.42 36.62
C ALA B 624 -2.64 -37.32 36.64
N CYS B 625 -3.19 -36.86 37.76
CA CYS B 625 -4.63 -36.75 37.92
C CYS B 625 -5.02 -35.57 38.82
N PRO B 626 -4.70 -34.34 38.38
CA PRO B 626 -5.03 -33.11 39.12
C PRO B 626 -6.53 -32.81 39.24
N GLY B 627 -7.38 -33.78 38.94
CA GLY B 627 -8.78 -33.71 39.32
C GLY B 627 -8.85 -34.08 40.79
N LEU B 628 -8.21 -33.26 41.61
CA LEU B 628 -7.85 -33.63 42.98
C LEU B 628 -9.03 -34.09 43.84
N GLN B 629 -10.21 -33.54 43.62
CA GLN B 629 -11.35 -33.83 44.49
C GLN B 629 -12.18 -35.03 44.05
N LEU B 630 -12.64 -35.79 45.05
CA LEU B 630 -13.48 -36.97 44.81
C LEU B 630 -14.57 -37.06 45.88
N SER B 631 -15.37 -36.00 45.99
CA SER B 631 -16.40 -35.89 47.01
C SER B 631 -17.18 -37.18 47.22
N ASN B 632 -17.47 -37.48 48.46
CA ASN B 632 -18.29 -38.62 48.79
C ASN B 632 -19.75 -38.21 48.78
N ASN B 633 -20.17 -37.59 47.68
CA ASN B 633 -21.53 -37.11 47.56
C ASN B 633 -22.06 -37.25 46.15
N PRO B 634 -23.39 -37.18 46.00
CA PRO B 634 -24.09 -37.24 44.71
C PRO B 634 -23.97 -35.97 43.85
N VAL B 635 -22.75 -35.59 43.49
CA VAL B 635 -22.54 -34.53 42.51
C VAL B 635 -23.00 -35.03 41.14
N LYS B 636 -23.26 -34.10 40.22
CA LYS B 636 -23.82 -34.44 38.93
C LYS B 636 -23.52 -33.36 37.89
N GLY B 637 -24.04 -33.56 36.68
CA GLY B 637 -23.94 -32.56 35.64
C GLY B 637 -23.39 -33.15 34.36
N ARG B 638 -22.19 -33.71 34.44
CA ARG B 638 -21.59 -34.35 33.29
C ARG B 638 -21.64 -35.84 33.52
N THR B 639 -22.85 -36.39 33.46
CA THR B 639 -23.07 -37.81 33.66
C THR B 639 -22.24 -38.65 32.70
N CYS B 640 -21.10 -39.15 33.17
CA CYS B 640 -20.23 -39.99 32.37
C CYS B 640 -20.38 -41.46 32.76
N LYS B 641 -20.09 -42.36 31.84
CA LYS B 641 -20.19 -43.80 32.09
C LYS B 641 -19.43 -44.60 31.06
N GLU B 642 -18.12 -44.75 31.27
CA GLU B 642 -17.29 -45.54 30.38
C GLU B 642 -16.73 -46.75 31.11
N ARG B 643 -15.75 -47.43 30.52
CA ARG B 643 -15.20 -48.66 31.07
C ARG B 643 -13.91 -48.44 31.88
N ASP B 644 -13.36 -49.53 32.42
CA ASP B 644 -12.16 -49.47 33.26
C ASP B 644 -10.95 -49.98 32.50
N SER B 645 -9.93 -50.39 33.24
CA SER B 645 -8.70 -50.89 32.64
C SER B 645 -8.88 -52.29 32.08
N GLU B 646 -9.80 -53.05 32.67
CA GLU B 646 -10.02 -54.41 32.22
C GLU B 646 -11.49 -54.84 32.27
N GLY B 647 -12.27 -54.41 31.29
CA GLY B 647 -13.61 -54.93 31.10
C GLY B 647 -14.74 -54.13 31.71
N CYS B 648 -14.78 -54.08 33.04
CA CYS B 648 -15.93 -53.56 33.78
C CYS B 648 -16.31 -52.10 33.47
N TRP B 649 -17.60 -51.86 33.27
CA TRP B 649 -18.14 -50.50 33.08
C TRP B 649 -18.18 -49.73 34.39
N VAL B 650 -17.26 -48.77 34.56
CA VAL B 650 -17.23 -47.94 35.75
C VAL B 650 -18.02 -46.65 35.54
N ALA B 651 -19.09 -46.50 36.29
CA ALA B 651 -19.93 -45.30 36.17
C ALA B 651 -19.38 -44.20 37.07
N TYR B 652 -19.68 -42.95 36.70
CA TYR B 652 -19.23 -41.79 37.48
C TYR B 652 -19.65 -40.48 36.81
N THR B 653 -20.23 -39.58 37.58
CA THR B 653 -20.54 -38.25 37.08
C THR B 653 -19.25 -37.47 37.11
N LEU B 654 -19.32 -36.21 36.70
CA LEU B 654 -18.12 -35.39 36.60
C LEU B 654 -18.45 -33.90 36.62
N GLU B 655 -18.49 -33.31 37.81
CA GLU B 655 -18.80 -31.89 37.96
C GLU B 655 -17.54 -31.02 37.91
N GLN B 656 -17.27 -30.41 36.76
CA GLN B 656 -16.15 -29.50 36.60
C GLN B 656 -16.34 -28.26 37.46
N GLN B 657 -15.26 -27.55 37.75
CA GLN B 657 -15.35 -26.33 38.54
C GLN B 657 -14.23 -25.32 38.24
N ASP B 658 -14.65 -24.14 37.79
CA ASP B 658 -13.75 -23.00 37.61
C ASP B 658 -12.68 -23.19 36.53
N GLY B 659 -11.42 -23.29 36.94
CA GLY B 659 -10.30 -23.08 36.02
C GLY B 659 -9.63 -24.29 35.40
N MET B 660 -9.43 -24.23 34.09
CA MET B 660 -8.70 -25.25 33.34
C MET B 660 -9.22 -26.66 33.65
N ASP B 661 -8.30 -27.59 33.89
CA ASP B 661 -8.66 -28.99 34.07
C ASP B 661 -8.85 -29.33 35.54
N ARG B 662 -9.72 -28.58 36.21
CA ARG B 662 -10.07 -28.83 37.60
C ARG B 662 -11.43 -29.50 37.66
N TYR B 663 -11.53 -30.57 38.43
CA TYR B 663 -12.76 -31.35 38.45
C TYR B 663 -13.14 -31.87 39.84
N LEU B 664 -14.27 -32.57 39.88
CA LEU B 664 -14.86 -33.07 41.12
C LEU B 664 -15.72 -34.29 40.78
N ILE B 665 -15.29 -35.47 41.22
CA ILE B 665 -15.92 -36.71 40.77
C ILE B 665 -16.51 -37.55 41.90
N TYR B 666 -17.53 -38.34 41.55
CA TYR B 666 -18.01 -39.39 42.43
C TYR B 666 -18.10 -40.68 41.63
N VAL B 667 -17.12 -41.56 41.80
CA VAL B 667 -17.09 -42.82 41.08
C VAL B 667 -18.00 -43.84 41.75
N ASP B 668 -19.06 -44.22 41.04
CA ASP B 668 -20.03 -45.17 41.55
C ASP B 668 -19.32 -46.38 42.18
N GLU B 669 -19.83 -46.79 43.33
CA GLU B 669 -19.33 -47.98 43.99
C GLU B 669 -19.93 -49.21 43.31
N SER B 670 -19.48 -49.48 42.10
CA SER B 670 -20.04 -50.57 41.31
C SER B 670 -19.24 -50.81 40.03
N ARG B 671 -19.34 -52.02 39.50
CA ARG B 671 -18.68 -52.39 38.26
C ARG B 671 -19.55 -53.38 37.48
N GLU B 672 -19.12 -53.76 36.29
CA GLU B 672 -19.90 -54.65 35.43
C GLU B 672 -19.01 -55.45 34.46
N CYS B 673 -18.53 -56.62 34.89
CA CYS B 673 -17.65 -57.45 34.08
C CYS B 673 -18.44 -58.52 33.32
N PHE C 1 18.35 -11.96 -41.23
CA PHE C 1 18.79 -13.39 -41.14
C PHE C 1 18.14 -14.29 -42.22
N ASN C 2 17.39 -13.65 -43.12
CA ASN C 2 16.69 -14.37 -44.19
C ASN C 2 17.13 -13.93 -45.58
N LEU C 3 18.44 -14.01 -45.85
CA LEU C 3 19.01 -13.63 -47.16
C LEU C 3 19.49 -14.87 -47.88
N ASP C 4 18.78 -15.21 -48.96
CA ASP C 4 19.00 -16.48 -49.64
C ASP C 4 20.45 -16.68 -49.99
N THR C 5 20.97 -17.85 -49.70
CA THR C 5 22.35 -18.21 -50.03
C THR C 5 22.38 -19.55 -50.78
N GLU C 6 21.43 -19.74 -51.70
CA GLU C 6 21.36 -20.97 -52.48
C GLU C 6 20.76 -20.75 -53.86
N GLU C 7 19.48 -20.43 -53.90
CA GLU C 7 18.77 -20.23 -55.16
C GLU C 7 18.64 -18.76 -55.52
N LEU C 8 19.71 -18.18 -56.08
CA LEU C 8 19.71 -16.78 -56.47
C LEU C 8 20.11 -16.63 -57.94
N THR C 9 20.02 -15.40 -58.44
CA THR C 9 20.35 -15.10 -59.82
C THR C 9 21.72 -14.40 -59.88
N ALA C 10 22.47 -14.65 -60.96
CA ALA C 10 23.80 -14.08 -61.15
C ALA C 10 24.01 -13.60 -62.59
N PHE C 11 24.37 -12.33 -62.74
CA PHE C 11 24.68 -11.76 -64.05
C PHE C 11 26.17 -11.50 -64.18
N ARG C 12 26.87 -12.38 -64.88
CA ARG C 12 28.30 -12.24 -65.06
C ARG C 12 28.64 -11.73 -66.46
N VAL C 13 28.36 -10.46 -66.72
CA VAL C 13 28.71 -9.82 -67.98
C VAL C 13 30.11 -9.20 -67.89
N ASP C 14 31.07 -9.81 -68.59
CA ASP C 14 32.46 -9.34 -68.55
C ASP C 14 32.70 -8.14 -69.48
N SER C 15 32.57 -6.95 -68.91
CA SER C 15 32.75 -5.71 -69.67
C SER C 15 33.63 -4.74 -68.89
N ALA C 16 34.84 -5.17 -68.56
CA ALA C 16 35.81 -4.33 -67.87
C ALA C 16 35.37 -3.97 -66.46
N GLY C 17 35.00 -2.71 -66.25
CA GLY C 17 34.57 -2.26 -64.94
C GLY C 17 33.09 -2.50 -64.67
N PHE C 18 32.56 -3.60 -65.21
CA PHE C 18 31.17 -3.97 -65.02
C PHE C 18 30.89 -4.37 -63.59
N GLY C 19 29.65 -4.20 -63.16
CA GLY C 19 29.27 -4.53 -61.80
C GLY C 19 30.12 -3.77 -60.79
N ASP C 20 30.33 -2.49 -61.05
CA ASP C 20 31.13 -1.65 -60.18
C ASP C 20 30.25 -0.65 -59.45
N SER C 21 29.08 -0.37 -60.02
CA SER C 21 28.09 0.50 -59.39
C SER C 21 26.71 0.13 -59.91
N VAL C 22 25.78 -0.12 -58.99
CA VAL C 22 24.46 -0.64 -59.34
C VAL C 22 23.34 0.08 -58.58
N VAL C 23 22.12 0.01 -59.11
CA VAL C 23 20.95 0.63 -58.46
C VAL C 23 19.66 -0.08 -58.85
N GLN C 24 18.67 -0.01 -57.97
CA GLN C 24 17.36 -0.59 -58.24
C GLN C 24 16.56 0.31 -59.16
N TYR C 25 16.42 -0.11 -60.42
CA TYR C 25 15.58 0.62 -61.36
C TYR C 25 14.12 0.42 -60.99
N ALA C 26 13.22 1.04 -61.75
CA ALA C 26 11.82 0.65 -61.75
C ALA C 26 11.78 -0.83 -61.45
N ASN C 27 10.86 -1.25 -60.59
CA ASN C 27 10.90 -2.57 -59.97
C ASN C 27 11.26 -3.72 -60.91
N SER C 28 10.93 -3.57 -62.19
CA SER C 28 11.05 -4.67 -63.15
C SER C 28 12.51 -5.00 -63.54
N TRP C 29 13.41 -4.04 -63.32
CA TRP C 29 14.78 -4.12 -63.85
C TRP C 29 15.84 -3.61 -62.87
N VAL C 30 17.08 -4.04 -63.10
CA VAL C 30 18.21 -3.57 -62.31
C VAL C 30 19.31 -3.08 -63.25
N VAL C 31 19.81 -1.88 -62.97
CA VAL C 31 20.80 -1.24 -63.82
C VAL C 31 22.18 -1.31 -63.20
N VAL C 32 23.14 -1.84 -63.97
CA VAL C 32 24.52 -1.93 -63.53
C VAL C 32 25.39 -0.91 -64.27
N GLY C 33 26.60 -0.69 -63.78
CA GLY C 33 27.48 0.31 -64.35
C GLY C 33 28.82 -0.27 -64.75
N ALA C 34 29.31 0.17 -65.90
CA ALA C 34 30.62 -0.25 -66.38
C ALA C 34 31.36 0.98 -66.92
N PRO C 35 31.87 1.83 -66.01
CA PRO C 35 32.57 3.06 -66.39
C PRO C 35 33.72 2.81 -67.37
N GLN C 36 34.43 1.71 -67.18
CA GLN C 36 35.61 1.41 -67.98
C GLN C 36 35.31 0.46 -69.13
N LYS C 37 34.10 0.55 -69.67
CA LYS C 37 33.75 -0.21 -70.86
C LYS C 37 34.11 0.60 -72.11
N ILE C 38 35.40 0.58 -72.46
CA ILE C 38 35.93 1.39 -73.55
C ILE C 38 35.05 1.45 -74.80
N THR C 39 34.76 2.67 -75.26
CA THR C 39 33.98 2.87 -76.47
C THR C 39 34.55 4.04 -77.24
N ALA C 40 34.83 3.81 -78.52
CA ALA C 40 35.38 4.86 -79.38
C ALA C 40 36.75 5.31 -78.88
N ALA C 41 37.03 6.60 -78.97
CA ALA C 41 38.34 7.13 -78.61
C ALA C 41 38.36 7.57 -77.15
N ASN C 42 38.94 6.74 -76.30
CA ASN C 42 39.03 7.04 -74.88
C ASN C 42 37.79 7.78 -74.39
N GLN C 43 36.62 7.18 -74.62
CA GLN C 43 35.37 7.85 -74.34
C GLN C 43 34.62 7.23 -73.15
N THR C 44 33.32 7.00 -73.32
CA THR C 44 32.46 6.56 -72.23
C THR C 44 32.65 5.09 -71.88
N GLY C 45 31.74 4.56 -71.08
CA GLY C 45 31.73 3.14 -70.73
C GLY C 45 30.50 2.45 -71.28
N GLY C 46 29.38 2.60 -70.59
CA GLY C 46 28.12 2.02 -71.03
C GLY C 46 27.33 1.43 -69.88
N LEU C 47 26.03 1.29 -70.08
CA LEU C 47 25.13 0.73 -69.07
C LEU C 47 24.47 -0.58 -69.54
N TYR C 48 23.93 -1.34 -68.60
CA TYR C 48 23.27 -2.61 -68.90
C TYR C 48 22.03 -2.81 -68.03
N GLN C 49 20.90 -3.07 -68.68
CA GLN C 49 19.68 -3.39 -67.96
C GLN C 49 19.50 -4.91 -67.96
N CYS C 50 19.14 -5.44 -66.80
CA CYS C 50 18.97 -6.88 -66.65
C CYS C 50 17.60 -7.20 -66.07
N GLY C 51 16.95 -8.21 -66.63
CA GLY C 51 15.66 -8.67 -66.14
C GLY C 51 15.78 -10.02 -65.48
N TYR C 52 14.84 -10.33 -64.58
CA TYR C 52 14.86 -11.60 -63.86
C TYR C 52 14.36 -12.75 -64.72
N SER C 53 13.28 -12.52 -65.46
CA SER C 53 12.68 -13.54 -66.31
C SER C 53 13.75 -14.41 -66.97
N THR C 54 14.61 -13.79 -67.76
CA THR C 54 15.74 -14.47 -68.37
C THR C 54 17.05 -13.93 -67.80
N GLY C 55 17.92 -14.84 -67.37
CA GLY C 55 19.20 -14.46 -66.80
C GLY C 55 20.17 -13.96 -67.85
N ALA C 56 20.00 -12.71 -68.26
CA ALA C 56 20.83 -12.12 -69.29
C ALA C 56 20.72 -10.60 -69.24
N CYS C 57 21.79 -9.92 -69.65
CA CYS C 57 21.82 -8.47 -69.64
C CYS C 57 21.85 -7.91 -71.06
N GLU C 58 20.89 -7.04 -71.37
CA GLU C 58 20.83 -6.40 -72.67
C GLU C 58 21.44 -5.01 -72.60
N PRO C 59 22.28 -4.66 -73.57
CA PRO C 59 22.84 -3.30 -73.65
C PRO C 59 21.72 -2.28 -73.69
N ILE C 60 22.00 -1.04 -73.27
CA ILE C 60 20.99 0.01 -73.31
C ILE C 60 21.38 1.11 -74.30
N GLY C 61 20.42 1.47 -75.15
CA GLY C 61 20.67 2.48 -76.18
C GLY C 61 20.95 3.83 -75.57
N LEU C 62 21.96 4.51 -76.12
CA LEU C 62 22.34 5.82 -75.62
C LEU C 62 22.92 6.70 -76.73
N GLN C 63 22.52 7.97 -76.72
CA GLN C 63 23.03 8.94 -77.68
C GLN C 63 24.19 9.73 -77.06
N VAL C 64 25.34 9.06 -76.95
CA VAL C 64 26.53 9.68 -76.35
C VAL C 64 27.08 10.80 -77.24
N PRO C 65 26.91 12.07 -76.82
CA PRO C 65 27.38 13.20 -77.63
C PRO C 65 28.88 13.18 -77.82
N PRO C 66 29.36 13.57 -79.01
CA PRO C 66 30.80 13.64 -79.25
C PRO C 66 31.46 14.57 -78.25
N GLU C 67 30.70 15.51 -77.70
CA GLU C 67 31.22 16.48 -76.75
C GLU C 67 31.79 15.78 -75.52
N ALA C 68 30.99 14.90 -74.91
CA ALA C 68 31.41 14.18 -73.71
C ALA C 68 32.47 13.11 -74.02
N VAL C 69 33.67 13.30 -73.49
CA VAL C 69 34.78 12.39 -73.74
C VAL C 69 35.34 11.80 -72.45
N ASN C 70 35.88 10.60 -72.56
CA ASN C 70 36.41 9.87 -71.41
C ASN C 70 35.60 10.08 -70.14
N MET C 71 34.28 10.13 -70.27
CA MET C 71 33.41 10.38 -69.12
C MET C 71 33.12 9.09 -68.36
N SER C 72 33.42 7.95 -68.99
CA SER C 72 33.22 6.67 -68.33
C SER C 72 31.93 6.70 -67.51
N LEU C 73 30.78 6.69 -68.20
CA LEU C 73 29.48 6.76 -67.52
C LEU C 73 29.16 5.49 -66.74
N GLY C 74 28.17 5.58 -65.86
CA GLY C 74 27.78 4.46 -65.02
C GLY C 74 28.44 4.48 -63.64
N LEU C 75 29.55 5.20 -63.52
CA LEU C 75 30.28 5.30 -62.26
C LEU C 75 29.37 5.73 -61.12
N SER C 76 28.51 6.71 -61.40
CA SER C 76 27.55 7.20 -60.42
C SER C 76 26.14 6.87 -60.92
N LEU C 77 25.32 6.29 -60.04
CA LEU C 77 23.95 5.93 -60.38
C LEU C 77 22.98 6.39 -59.30
N ALA C 78 21.69 6.41 -59.64
CA ALA C 78 20.67 6.81 -58.70
C ALA C 78 19.29 6.58 -59.30
N SER C 79 18.35 6.10 -58.50
CA SER C 79 17.01 5.82 -58.99
C SER C 79 15.91 6.31 -58.03
N THR C 80 14.81 6.82 -58.57
CA THR C 80 13.66 7.22 -57.76
C THR C 80 12.47 6.33 -58.07
N THR C 81 11.46 6.43 -57.21
CA THR C 81 10.26 5.60 -57.31
C THR C 81 9.04 6.48 -57.55
N SER C 82 9.24 7.79 -57.53
CA SER C 82 8.16 8.73 -57.27
C SER C 82 7.19 8.63 -58.45
N PRO C 83 7.56 9.19 -59.60
CA PRO C 83 7.42 8.34 -60.79
C PRO C 83 8.74 7.61 -61.02
N SER C 84 8.69 6.39 -61.52
CA SER C 84 9.91 5.63 -61.79
C SER C 84 10.83 6.32 -62.81
N GLN C 85 11.99 6.79 -62.34
CA GLN C 85 13.02 7.31 -63.24
C GLN C 85 14.37 6.77 -62.83
N LEU C 86 15.37 6.95 -63.68
CA LEU C 86 16.74 6.52 -63.40
C LEU C 86 17.74 7.60 -63.81
N LEU C 87 18.91 7.58 -63.18
CA LEU C 87 19.95 8.58 -63.44
C LEU C 87 21.32 7.91 -63.52
N ALA C 88 21.84 7.82 -64.74
CA ALA C 88 23.22 7.37 -64.96
C ALA C 88 24.11 8.59 -65.22
N CYS C 89 25.42 8.44 -65.03
CA CYS C 89 26.32 9.59 -65.12
C CYS C 89 27.70 9.20 -65.60
N GLY C 90 28.24 10.01 -66.50
CA GLY C 90 29.67 10.13 -66.65
C GLY C 90 30.15 11.31 -65.83
N PRO C 91 30.78 11.04 -64.68
CA PRO C 91 31.45 12.03 -63.83
C PRO C 91 32.88 12.40 -64.25
N THR C 92 33.22 12.22 -65.53
CA THR C 92 34.61 12.43 -65.98
C THR C 92 34.68 12.95 -67.41
N VAL C 93 33.82 13.91 -67.75
CA VAL C 93 33.81 14.49 -69.08
C VAL C 93 35.11 15.27 -69.28
N HIS C 94 35.65 15.20 -70.49
CA HIS C 94 36.83 15.99 -70.83
C HIS C 94 36.55 16.95 -71.96
N HIS C 95 36.66 18.25 -71.68
CA HIS C 95 36.48 19.26 -72.71
C HIS C 95 37.78 20.05 -72.85
N GLU C 96 38.34 20.02 -74.07
CA GLU C 96 39.61 20.67 -74.35
C GLU C 96 39.46 22.18 -74.53
N CYS C 97 40.02 22.95 -73.60
CA CYS C 97 40.02 24.41 -73.68
C CYS C 97 41.37 24.92 -74.15
N GLY C 98 42.12 24.06 -74.83
CA GLY C 98 43.41 24.44 -75.37
C GLY C 98 44.54 24.10 -74.40
N ARG C 99 45.02 25.11 -73.69
CA ARG C 99 46.14 24.95 -72.78
C ARG C 99 45.98 23.72 -71.89
N ASN C 100 44.80 23.58 -71.31
CA ASN C 100 44.52 22.45 -70.43
C ASN C 100 43.02 22.13 -70.35
N MET C 101 42.70 20.84 -70.41
CA MET C 101 41.31 20.41 -70.35
C MET C 101 40.92 20.20 -68.91
N TYR C 102 39.62 20.02 -68.67
CA TYR C 102 39.08 19.88 -67.33
C TYR C 102 38.01 18.77 -67.26
N LEU C 103 37.26 18.72 -66.15
CA LEU C 103 36.25 17.71 -65.96
C LEU C 103 34.93 18.31 -65.51
N THR C 104 33.86 18.04 -66.27
CA THR C 104 32.57 18.70 -66.02
C THR C 104 31.47 17.75 -65.54
N GLY C 105 31.37 16.58 -66.17
CA GLY C 105 30.33 15.62 -65.82
C GLY C 105 29.07 15.79 -66.65
N LEU C 106 28.47 14.68 -67.03
CA LEU C 106 27.27 14.67 -67.86
C LEU C 106 26.38 13.49 -67.49
N CYS C 107 25.11 13.77 -67.22
CA CYS C 107 24.19 12.74 -66.78
C CYS C 107 23.02 12.57 -67.76
N PHE C 108 22.30 11.45 -67.61
CA PHE C 108 21.17 11.10 -68.46
C PHE C 108 19.99 10.57 -67.63
N LEU C 109 18.80 11.14 -67.86
CA LEU C 109 17.57 10.69 -67.21
C LEU C 109 16.72 9.86 -68.17
N LEU C 110 16.47 8.60 -67.81
CA LEU C 110 15.70 7.71 -68.66
C LEU C 110 14.32 7.44 -68.04
N GLY C 111 13.66 6.38 -68.52
CA GLY C 111 12.38 6.01 -67.97
C GLY C 111 11.36 5.83 -69.06
N PRO C 112 10.11 5.56 -68.65
CA PRO C 112 8.94 5.49 -69.53
C PRO C 112 8.47 6.87 -69.94
N THR C 113 9.39 7.73 -70.36
CA THR C 113 9.06 9.08 -70.77
C THR C 113 10.03 9.54 -71.86
N GLN C 114 10.47 10.80 -71.80
CA GLN C 114 11.42 11.34 -72.76
C GLN C 114 12.84 11.14 -72.24
N LEU C 115 13.75 10.74 -73.12
CA LEU C 115 15.14 10.55 -72.73
C LEU C 115 15.84 11.90 -72.56
N THR C 116 15.73 12.48 -71.37
CA THR C 116 16.33 13.79 -71.07
C THR C 116 17.84 13.67 -70.85
N GLN C 117 18.56 14.77 -70.99
CA GLN C 117 19.97 14.84 -70.56
C GLN C 117 20.19 16.16 -69.91
N ARG C 118 20.68 16.12 -68.67
CA ARG C 118 20.45 17.26 -67.79
C ARG C 118 21.58 17.60 -66.83
N LEU C 119 22.60 18.23 -67.37
CA LEU C 119 23.35 19.19 -66.60
C LEU C 119 22.81 20.65 -66.75
N PRO C 120 21.96 20.93 -67.76
CA PRO C 120 21.56 20.08 -68.90
C PRO C 120 22.15 20.35 -70.26
N VAL C 121 23.25 19.67 -70.58
CA VAL C 121 23.69 19.52 -71.96
C VAL C 121 23.95 20.87 -72.63
N SER C 122 23.98 21.92 -71.82
CA SER C 122 24.70 23.12 -72.17
C SER C 122 26.18 22.72 -72.02
N ARG C 123 26.75 22.15 -73.08
CA ARG C 123 28.14 21.69 -73.04
C ARG C 123 28.99 22.79 -72.40
N GLN C 124 29.56 22.47 -71.25
CA GLN C 124 30.17 23.50 -70.40
C GLN C 124 31.41 24.12 -71.04
N GLU C 125 31.22 25.25 -71.72
CA GLU C 125 32.30 25.91 -72.46
C GLU C 125 33.45 26.36 -71.57
N CYS C 126 34.62 26.53 -72.16
CA CYS C 126 35.83 26.86 -71.40
C CYS C 126 35.73 28.23 -70.73
N PRO C 127 36.69 28.56 -69.85
CA PRO C 127 36.67 29.83 -69.12
C PRO C 127 37.11 31.00 -69.99
N PHE C 328 40.04 28.44 -58.32
CA PHE C 328 39.20 27.80 -59.32
C PHE C 328 37.73 28.18 -59.16
N GLU C 329 36.86 27.52 -59.93
CA GLU C 329 35.43 27.81 -59.90
C GLU C 329 34.60 26.56 -60.16
N LEU C 330 34.47 26.19 -61.44
CA LEU C 330 33.72 24.99 -61.78
C LEU C 330 34.26 24.37 -63.06
N GLU C 331 35.55 24.05 -63.07
CA GLU C 331 36.18 23.48 -64.24
C GLU C 331 36.32 21.97 -64.07
N MET C 332 36.75 21.56 -62.89
CA MET C 332 36.92 20.15 -62.56
C MET C 332 36.04 19.75 -61.39
N ALA C 333 34.74 20.00 -61.52
CA ALA C 333 33.80 19.70 -60.46
C ALA C 333 33.13 18.34 -60.68
N GLN C 334 33.35 17.74 -61.84
CA GLN C 334 32.83 16.41 -62.15
C GLN C 334 31.43 16.21 -61.58
N GLU C 335 30.57 17.20 -61.78
CA GLU C 335 29.21 17.12 -61.27
C GLU C 335 28.56 15.79 -61.66
N GLY C 336 27.74 15.25 -60.77
CA GLY C 336 27.09 13.97 -61.01
C GLY C 336 27.91 12.84 -60.44
N PHE C 337 28.98 13.18 -59.74
CA PHE C 337 29.84 12.21 -59.07
C PHE C 337 28.99 11.35 -58.14
N SER C 338 27.94 11.94 -57.60
CA SER C 338 26.99 11.24 -56.74
C SER C 338 25.66 11.96 -56.82
N ALA C 339 24.59 11.22 -57.09
CA ALA C 339 23.27 11.82 -57.27
C ALA C 339 22.17 11.11 -56.49
N VAL C 340 21.14 11.87 -56.12
CA VAL C 340 19.96 11.34 -55.43
C VAL C 340 18.75 12.22 -55.69
N PHE C 341 17.58 11.62 -55.89
CA PHE C 341 16.39 12.38 -56.26
C PHE C 341 15.77 13.09 -55.06
N THR C 342 14.58 13.67 -55.30
CA THR C 342 13.79 14.31 -54.25
C THR C 342 12.56 14.92 -54.90
N PRO C 343 11.43 14.98 -54.17
CA PRO C 343 10.15 15.44 -54.70
C PRO C 343 10.24 16.70 -55.57
N ASP C 344 11.22 17.55 -55.28
CA ASP C 344 11.42 18.76 -56.06
C ASP C 344 12.65 18.69 -56.95
N GLY C 345 12.69 17.69 -57.83
CA GLY C 345 13.73 17.58 -58.84
C GLY C 345 15.00 16.90 -58.36
N PRO C 346 15.74 16.25 -59.27
CA PRO C 346 17.00 15.54 -58.94
C PRO C 346 18.07 16.45 -58.33
N VAL C 347 19.19 15.87 -57.93
CA VAL C 347 20.25 16.62 -57.28
C VAL C 347 21.59 15.95 -57.50
N LEU C 348 22.44 16.57 -58.32
CA LEU C 348 23.79 16.05 -58.55
C LEU C 348 24.83 16.81 -57.71
N GLY C 349 25.97 16.17 -57.45
CA GLY C 349 26.98 16.73 -56.56
C GLY C 349 28.29 17.10 -57.24
N ALA C 350 28.73 18.34 -57.01
CA ALA C 350 30.01 18.82 -57.51
C ALA C 350 31.07 18.73 -56.40
N VAL C 351 32.32 18.51 -56.78
CA VAL C 351 33.40 18.31 -55.82
C VAL C 351 34.44 19.43 -55.89
N GLY C 352 34.83 19.82 -57.10
CA GLY C 352 35.87 20.79 -57.32
C GLY C 352 35.38 22.21 -57.40
N SER C 353 34.34 22.53 -56.63
CA SER C 353 33.78 23.87 -56.60
C SER C 353 34.72 24.84 -55.88
N PHE C 354 35.39 25.67 -56.66
CA PHE C 354 36.23 26.73 -56.12
C PHE C 354 37.53 26.14 -55.59
N THR C 355 37.72 26.20 -54.27
CA THR C 355 38.88 25.59 -53.66
C THR C 355 38.60 24.11 -53.42
N TRP C 356 37.99 23.47 -54.40
CA TRP C 356 37.55 22.08 -54.26
C TRP C 356 36.71 21.93 -52.98
N SER C 357 36.02 23.01 -52.62
CA SER C 357 35.13 22.99 -51.48
C SER C 357 34.04 21.96 -51.71
N GLY C 358 33.22 22.19 -52.73
CA GLY C 358 32.15 21.27 -53.09
C GLY C 358 30.76 21.88 -53.04
N GLY C 359 29.76 21.05 -53.35
CA GLY C 359 28.37 21.47 -53.34
C GLY C 359 27.47 20.50 -54.08
N ALA C 360 26.30 20.97 -54.48
CA ALA C 360 25.33 20.15 -55.21
C ALA C 360 24.28 20.98 -55.98
N PHE C 361 24.17 20.73 -57.29
CA PHE C 361 23.24 21.45 -58.15
C PHE C 361 21.86 20.83 -58.13
N LEU C 362 20.89 21.57 -57.64
CA LEU C 362 19.52 21.11 -57.65
C LEU C 362 18.86 21.54 -58.95
N TYR C 363 18.13 20.62 -59.59
CA TYR C 363 17.31 20.93 -60.76
C TYR C 363 15.82 20.81 -60.45
N PRO C 364 15.09 21.93 -60.53
CA PRO C 364 13.63 21.96 -60.44
C PRO C 364 12.90 21.49 -61.70
N PRO C 365 11.57 21.70 -61.76
CA PRO C 365 10.75 21.26 -62.90
C PRO C 365 10.87 22.16 -64.12
N ASN C 366 11.95 22.02 -64.87
CA ASN C 366 12.17 22.81 -66.07
C ASN C 366 12.53 24.25 -65.73
N MET C 367 12.36 24.63 -64.47
CA MET C 367 12.86 25.91 -63.96
C MET C 367 14.38 25.83 -63.86
N SER C 368 15.03 26.98 -64.05
CA SER C 368 16.49 27.05 -63.97
C SER C 368 16.94 26.54 -62.61
N PRO C 369 18.00 25.71 -62.59
CA PRO C 369 18.48 25.04 -61.38
C PRO C 369 19.15 25.98 -60.39
N THR C 370 19.24 25.55 -59.13
CA THR C 370 19.98 26.27 -58.10
C THR C 370 21.25 25.51 -57.73
N PHE C 371 21.88 25.94 -56.65
CA PHE C 371 23.15 25.36 -56.21
C PHE C 371 23.47 25.77 -54.79
N ILE C 372 24.07 24.85 -54.03
CA ILE C 372 24.40 25.10 -52.64
C ILE C 372 25.85 24.74 -52.30
N ASN C 373 26.71 25.75 -52.21
CA ASN C 373 28.03 25.57 -51.60
C ASN C 373 27.96 25.98 -50.12
N MET C 374 29.09 26.35 -49.55
CA MET C 374 29.14 26.74 -48.14
C MET C 374 29.53 28.20 -47.97
N SER C 375 29.23 29.00 -48.98
CA SER C 375 29.69 30.39 -49.08
C SER C 375 31.22 30.42 -49.07
N GLN C 376 31.77 31.63 -49.12
CA GLN C 376 33.21 31.78 -49.05
C GLN C 376 33.58 32.21 -47.63
N GLU C 377 32.67 32.92 -46.97
CA GLU C 377 32.88 33.31 -45.59
C GLU C 377 33.27 32.10 -44.75
N ASN C 378 32.97 30.91 -45.27
CA ASN C 378 33.43 29.68 -44.65
C ASN C 378 34.87 29.38 -45.06
N VAL C 379 35.81 29.94 -44.32
CA VAL C 379 37.22 29.84 -44.68
C VAL C 379 37.69 28.41 -44.92
N ASP C 380 37.27 27.49 -44.06
CA ASP C 380 37.75 26.11 -44.11
C ASP C 380 37.12 25.35 -45.28
N MET C 381 37.18 24.02 -45.22
CA MET C 381 36.54 23.15 -46.19
C MET C 381 37.31 23.10 -47.50
N ARG C 382 38.58 23.47 -47.45
CA ARG C 382 39.41 23.40 -48.64
C ARG C 382 39.79 21.95 -48.88
N ASP C 383 39.47 21.46 -50.07
CA ASP C 383 39.81 20.09 -50.44
C ASP C 383 39.15 19.12 -49.50
N SER C 384 37.83 19.01 -49.61
CA SER C 384 37.08 18.07 -48.79
C SER C 384 36.12 17.22 -49.63
N TYR C 385 36.02 17.56 -50.91
CA TYR C 385 35.11 16.87 -51.84
C TYR C 385 33.68 16.87 -51.31
N LEU C 386 33.26 17.99 -50.73
CA LEU C 386 31.89 18.12 -50.24
C LEU C 386 30.92 17.74 -51.37
N GLY C 387 30.24 16.60 -51.21
CA GLY C 387 29.34 16.09 -52.23
C GLY C 387 29.88 14.84 -52.88
N TYR C 388 30.90 14.25 -52.27
CA TYR C 388 31.42 12.97 -52.70
C TYR C 388 30.29 11.96 -52.68
N SER C 389 29.47 12.01 -51.63
CA SER C 389 28.28 11.17 -51.52
C SER C 389 27.09 12.06 -51.17
N THR C 390 25.92 11.74 -51.71
CA THR C 390 24.73 12.56 -51.47
C THR C 390 23.52 11.69 -51.16
N GLU C 391 22.64 12.19 -50.30
CA GLU C 391 21.46 11.44 -49.89
C GLU C 391 20.32 12.37 -49.46
N LEU C 392 19.09 11.89 -49.60
CA LEU C 392 17.91 12.66 -49.21
C LEU C 392 17.64 12.51 -47.72
N ALA C 393 16.71 13.29 -47.18
CA ALA C 393 16.31 13.18 -45.77
C ALA C 393 14.90 13.72 -45.56
N LEU C 394 13.98 13.22 -46.39
CA LEU C 394 12.60 13.66 -46.37
C LEU C 394 12.09 13.69 -44.95
N TRP C 395 11.08 14.53 -44.77
CA TRP C 395 10.46 14.68 -43.48
C TRP C 395 8.97 15.01 -43.55
N LYS C 396 8.31 14.98 -42.41
CA LYS C 396 6.92 15.43 -42.37
C LYS C 396 6.86 16.87 -42.87
N GLY C 397 7.95 17.60 -42.71
CA GLY C 397 8.04 18.97 -43.20
C GLY C 397 8.73 19.06 -44.55
N VAL C 398 9.75 19.92 -44.65
CA VAL C 398 10.49 20.09 -45.89
C VAL C 398 11.62 19.08 -45.99
N GLN C 399 12.15 18.92 -47.21
CA GLN C 399 13.22 17.94 -47.46
C GLN C 399 14.52 18.42 -46.81
N SER C 400 15.54 17.57 -46.84
CA SER C 400 16.87 17.94 -46.35
C SER C 400 17.93 17.14 -47.10
N LEU C 401 18.97 17.82 -47.58
CA LEU C 401 20.07 17.15 -48.30
C LEU C 401 21.25 16.91 -47.38
N VAL C 402 22.14 16.02 -47.82
CA VAL C 402 23.34 15.71 -47.06
C VAL C 402 24.50 15.39 -47.97
N LEU C 403 25.64 15.98 -47.67
CA LEU C 403 26.83 15.78 -48.47
C LEU C 403 27.97 15.21 -47.62
N GLY C 404 28.80 14.37 -48.23
CA GLY C 404 29.92 13.74 -47.57
C GLY C 404 31.27 14.37 -47.92
N ALA C 405 31.99 14.83 -46.91
CA ALA C 405 33.26 15.51 -47.12
C ALA C 405 34.38 14.72 -46.49
N PRO C 406 34.85 13.67 -47.19
CA PRO C 406 35.88 12.74 -46.69
C PRO C 406 37.13 13.43 -46.14
N ARG C 407 37.44 14.61 -46.64
CA ARG C 407 38.72 15.25 -46.34
C ARG C 407 38.57 16.69 -45.83
N TYR C 408 37.68 16.91 -44.88
CA TYR C 408 37.61 18.19 -44.17
C TYR C 408 38.71 18.23 -43.11
N GLN C 409 39.71 19.08 -43.32
CA GLN C 409 40.90 19.07 -42.48
C GLN C 409 41.59 17.70 -42.55
N HIS C 410 41.41 17.00 -43.67
CA HIS C 410 42.08 15.73 -43.95
C HIS C 410 41.58 14.56 -43.09
N THR C 411 40.50 14.80 -42.33
CA THR C 411 39.92 13.76 -41.48
C THR C 411 38.59 13.26 -42.09
N GLY C 412 37.63 14.17 -42.23
CA GLY C 412 36.33 13.83 -42.79
C GLY C 412 35.15 14.30 -41.95
N LYS C 413 34.34 15.19 -42.54
CA LYS C 413 33.13 15.68 -41.87
C LYS C 413 31.92 15.45 -42.77
N ALA C 414 30.74 15.39 -42.17
CA ALA C 414 29.51 15.28 -42.92
C ALA C 414 28.59 16.46 -42.58
N VAL C 415 28.09 17.13 -43.60
CA VAL C 415 27.29 18.34 -43.41
C VAL C 415 25.87 18.18 -43.97
N ILE C 416 24.88 18.61 -43.18
CA ILE C 416 23.49 18.51 -43.59
C ILE C 416 22.94 19.89 -43.89
N PHE C 417 22.19 20.00 -44.98
CA PHE C 417 21.66 21.28 -45.42
C PHE C 417 20.14 21.28 -45.48
N THR C 418 19.55 22.43 -45.19
CA THR C 418 18.12 22.64 -45.31
C THR C 418 17.86 23.72 -46.35
N GLN C 419 16.66 23.71 -46.92
CA GLN C 419 16.29 24.69 -47.94
C GLN C 419 15.04 25.45 -47.54
N VAL C 420 15.16 26.26 -46.50
CA VAL C 420 14.07 27.09 -46.03
C VAL C 420 13.72 28.14 -47.07
N SER C 421 12.47 28.60 -47.05
CA SER C 421 12.02 29.63 -47.98
C SER C 421 12.98 30.80 -48.02
N ARG C 422 13.62 30.99 -49.16
CA ARG C 422 14.57 32.08 -49.34
C ARG C 422 15.66 32.03 -48.29
N GLN C 423 16.29 30.86 -48.14
CA GLN C 423 17.40 30.69 -47.21
C GLN C 423 18.43 29.70 -47.73
N TRP C 424 18.08 28.41 -47.72
CA TRP C 424 18.99 27.37 -48.16
C TRP C 424 20.30 27.38 -47.36
N ARG C 425 20.18 27.46 -46.05
CA ARG C 425 21.35 27.51 -45.18
C ARG C 425 21.72 26.11 -44.68
N MET C 426 22.67 26.08 -43.75
CA MET C 426 23.13 24.81 -43.18
C MET C 426 22.34 24.49 -41.92
N LYS C 427 21.95 23.23 -41.77
CA LYS C 427 21.30 22.76 -40.56
C LYS C 427 22.35 22.53 -39.48
N ALA C 428 23.23 21.57 -39.72
CA ALA C 428 24.29 21.22 -38.76
C ALA C 428 25.30 20.27 -39.40
N GLU C 429 26.22 19.77 -38.58
CA GLU C 429 27.35 19.00 -39.07
C GLU C 429 28.12 18.31 -37.93
N VAL C 430 29.03 17.42 -38.30
CA VAL C 430 29.86 16.74 -37.31
C VAL C 430 31.23 16.38 -37.90
N THR C 431 32.29 16.82 -37.25
CA THR C 431 33.64 16.52 -37.69
C THR C 431 33.88 15.01 -37.71
N GLY C 432 35.05 14.61 -38.17
CA GLY C 432 35.43 13.20 -38.18
C GLY C 432 36.02 12.77 -36.86
N THR C 433 36.28 11.48 -36.71
CA THR C 433 36.79 10.96 -35.45
C THR C 433 38.31 10.85 -35.51
N GLN C 434 38.81 10.56 -36.70
CA GLN C 434 40.24 10.33 -36.88
C GLN C 434 40.72 10.85 -38.22
N ILE C 435 42.02 11.15 -38.29
CA ILE C 435 42.64 11.62 -39.52
C ILE C 435 42.76 10.47 -40.53
N GLY C 436 42.28 10.70 -41.75
CA GLY C 436 42.35 9.70 -42.80
C GLY C 436 41.22 8.68 -42.72
N SER C 437 40.50 8.71 -41.60
CA SER C 437 39.38 7.81 -41.39
C SER C 437 38.46 7.85 -42.59
N TYR C 438 38.39 9.02 -43.21
CA TYR C 438 37.57 9.20 -44.38
C TYR C 438 36.10 9.23 -43.97
N PHE C 439 35.82 9.90 -42.86
CA PHE C 439 34.45 10.04 -42.35
C PHE C 439 33.58 10.92 -43.27
N GLY C 440 32.77 10.28 -44.11
CA GLY C 440 31.94 10.99 -45.05
C GLY C 440 31.77 10.21 -46.35
N ALA C 441 32.58 9.15 -46.51
CA ALA C 441 32.52 8.29 -47.69
C ALA C 441 31.09 8.00 -48.12
N SER C 442 30.38 7.17 -47.35
CA SER C 442 29.02 6.73 -47.66
C SER C 442 27.98 7.32 -46.73
N LEU C 443 26.76 7.46 -47.21
CA LEU C 443 25.68 7.97 -46.37
C LEU C 443 24.36 7.34 -46.80
N CYS C 444 23.52 7.05 -45.81
CA CYS C 444 22.22 6.44 -46.06
C CYS C 444 21.18 6.82 -44.99
N SER C 445 20.20 7.62 -45.40
CA SER C 445 19.06 7.98 -44.55
C SER C 445 18.11 6.80 -44.51
N VAL C 446 17.94 6.25 -43.32
CA VAL C 446 17.13 5.05 -43.17
C VAL C 446 16.01 5.31 -42.17
N ASP C 447 14.99 4.45 -42.21
CA ASP C 447 13.73 4.67 -41.48
C ASP C 447 13.48 3.54 -40.47
N VAL C 448 13.95 3.74 -39.22
CA VAL C 448 13.90 2.70 -38.20
C VAL C 448 12.52 2.04 -38.18
N ASP C 449 11.48 2.85 -38.35
CA ASP C 449 10.11 2.36 -38.39
C ASP C 449 9.55 2.38 -39.82
N SER C 450 8.36 2.95 -39.99
CA SER C 450 7.71 3.05 -41.29
C SER C 450 6.79 4.27 -41.34
N ASP C 451 7.10 5.28 -40.53
CA ASP C 451 6.28 6.49 -40.45
C ASP C 451 6.54 7.40 -41.64
N GLY C 452 7.53 7.03 -42.45
CA GLY C 452 7.80 7.73 -43.69
C GLY C 452 8.64 8.98 -43.52
N SER C 453 8.85 9.39 -42.26
CA SER C 453 9.79 10.49 -41.96
C SER C 453 11.16 9.91 -41.61
N THR C 454 12.19 10.36 -42.31
CA THR C 454 13.55 9.83 -42.07
C THR C 454 13.99 10.08 -40.64
N ASP C 455 14.38 9.00 -39.97
CA ASP C 455 14.64 9.04 -38.54
C ASP C 455 16.13 9.22 -38.23
N LEU C 456 16.98 8.55 -39.00
CA LEU C 456 18.40 8.61 -38.74
C LEU C 456 19.20 8.48 -40.03
N VAL C 457 20.52 8.55 -39.90
CA VAL C 457 21.40 8.61 -41.06
C VAL C 457 22.74 7.96 -40.79
N LEU C 458 23.15 7.09 -41.72
CA LEU C 458 24.40 6.35 -41.59
C LEU C 458 25.53 7.05 -42.31
N ILE C 459 26.76 6.74 -41.92
CA ILE C 459 27.95 7.37 -42.50
C ILE C 459 29.04 6.31 -42.69
N GLY C 460 29.95 6.54 -43.62
CA GLY C 460 30.99 5.57 -43.95
C GLY C 460 32.41 6.06 -43.66
N ALA C 461 33.31 5.14 -43.38
CA ALA C 461 34.71 5.48 -43.11
C ALA C 461 35.58 4.24 -43.18
N PRO C 462 35.57 3.57 -44.34
CA PRO C 462 36.20 2.25 -44.57
C PRO C 462 37.64 2.18 -44.08
N HIS C 463 38.31 3.32 -44.02
CA HIS C 463 39.71 3.36 -43.66
C HIS C 463 39.89 3.97 -42.29
N TYR C 464 39.33 3.32 -41.28
CA TYR C 464 39.41 3.82 -39.91
C TYR C 464 39.81 2.69 -38.98
N TYR C 465 40.34 3.05 -37.81
CA TYR C 465 40.74 2.05 -36.82
C TYR C 465 41.31 2.65 -35.53
N GLU C 466 41.76 1.76 -34.64
CA GLU C 466 42.50 2.13 -33.45
C GLU C 466 43.43 0.99 -33.08
N GLN C 467 42.93 -0.23 -33.28
CA GLN C 467 43.75 -1.43 -33.12
C GLN C 467 43.47 -2.40 -34.27
N THR C 468 42.22 -2.44 -34.73
CA THR C 468 41.83 -3.30 -35.85
C THR C 468 41.19 -2.47 -36.96
N ARG C 469 41.72 -2.58 -38.17
CA ARG C 469 41.28 -1.74 -39.28
C ARG C 469 40.14 -2.37 -40.08
N GLY C 470 39.13 -2.87 -39.38
CA GLY C 470 37.99 -3.46 -40.05
C GLY C 470 37.27 -2.46 -40.92
N GLY C 471 37.09 -1.25 -40.40
CA GLY C 471 36.29 -0.24 -41.06
C GLY C 471 35.45 0.49 -40.04
N GLN C 472 34.49 1.29 -40.50
CA GLN C 472 33.65 2.04 -39.58
C GLN C 472 32.43 2.68 -40.26
N VAL C 473 31.25 2.32 -39.77
CA VAL C 473 30.01 3.00 -40.15
C VAL C 473 29.44 3.68 -38.91
N SER C 474 28.86 4.86 -39.08
CA SER C 474 28.41 5.68 -37.95
C SER C 474 26.91 5.98 -38.05
N VAL C 475 26.16 5.62 -37.01
CA VAL C 475 24.73 5.95 -36.94
C VAL C 475 24.52 7.31 -36.32
N CYS C 476 23.72 8.14 -36.99
CA CYS C 476 23.57 9.54 -36.61
C CYS C 476 22.15 9.99 -36.86
N PRO C 477 21.30 9.91 -35.83
CA PRO C 477 19.91 10.36 -35.93
C PRO C 477 19.82 11.82 -36.36
N LEU C 478 18.63 12.27 -36.71
CA LEU C 478 18.40 13.56 -37.32
C LEU C 478 17.59 14.48 -36.35
N PRO C 479 18.18 14.86 -35.19
CA PRO C 479 17.57 15.83 -34.28
C PRO C 479 17.07 17.08 -35.03
N ARG C 480 15.90 17.59 -34.66
CA ARG C 480 15.40 18.85 -35.23
C ARG C 480 15.62 19.99 -34.25
N GLY C 481 16.11 21.11 -34.77
CA GLY C 481 16.57 22.23 -33.96
C GLY C 481 18.03 22.49 -34.28
N TRP C 482 18.28 23.35 -35.27
CA TRP C 482 19.62 23.51 -35.84
C TRP C 482 20.69 23.86 -34.79
N ARG C 483 21.94 23.84 -35.22
CA ARG C 483 23.07 24.17 -34.35
C ARG C 483 23.33 23.12 -33.26
N ARG C 484 22.58 22.03 -33.31
CA ARG C 484 22.85 20.88 -32.43
C ARG C 484 22.51 19.56 -33.13
N TRP C 485 23.50 18.69 -33.23
CA TRP C 485 23.34 17.45 -33.98
C TRP C 485 24.51 16.53 -33.75
N TRP C 486 24.22 15.31 -33.30
CA TRP C 486 25.27 14.37 -32.91
C TRP C 486 25.19 13.07 -33.69
N CYS C 487 26.32 12.69 -34.28
CA CYS C 487 26.44 11.38 -34.87
C CYS C 487 26.64 10.38 -33.76
N ASP C 488 26.56 10.85 -32.52
CA ASP C 488 26.72 9.97 -31.39
C ASP C 488 25.43 9.79 -30.61
N ALA C 489 24.43 9.23 -31.28
CA ALA C 489 23.38 8.49 -30.59
C ALA C 489 23.98 7.13 -30.30
N VAL C 490 25.08 7.15 -29.54
CA VAL C 490 25.86 5.95 -29.25
C VAL C 490 26.61 5.41 -30.45
N LEU C 491 26.05 4.35 -31.03
CA LEU C 491 26.85 3.26 -31.55
C LEU C 491 27.51 3.48 -32.90
N TYR C 492 28.19 2.43 -33.37
CA TYR C 492 28.85 2.44 -34.67
C TYR C 492 29.36 1.03 -35.03
N GLY C 493 28.78 0.43 -36.08
CA GLY C 493 29.08 -0.94 -36.47
C GLY C 493 30.45 -1.16 -37.09
N GLU C 494 30.99 -2.35 -36.91
CA GLU C 494 32.32 -2.66 -37.40
C GLU C 494 32.46 -4.14 -37.73
N GLN C 495 33.62 -4.69 -37.42
CA GLN C 495 33.89 -6.12 -37.52
C GLN C 495 35.31 -6.42 -37.08
N GLY C 496 35.56 -7.66 -36.66
CA GLY C 496 36.87 -8.06 -36.21
C GLY C 496 37.72 -8.60 -37.33
N HIS C 497 38.12 -7.72 -38.25
CA HIS C 497 38.97 -8.12 -39.36
C HIS C 497 39.57 -6.89 -40.04
N PRO C 498 40.85 -6.60 -39.77
CA PRO C 498 41.58 -5.45 -40.32
C PRO C 498 41.54 -5.35 -41.84
N TRP C 499 41.83 -4.16 -42.38
CA TRP C 499 41.87 -3.95 -43.82
C TRP C 499 40.66 -4.57 -44.51
N GLY C 500 39.47 -4.21 -44.04
CA GLY C 500 38.24 -4.77 -44.58
C GLY C 500 37.45 -3.79 -45.42
N ARG C 501 37.69 -2.50 -45.23
CA ARG C 501 36.91 -1.49 -45.93
C ARG C 501 35.43 -1.71 -45.66
N PHE C 502 35.06 -1.68 -44.38
CA PHE C 502 33.67 -1.85 -43.97
C PHE C 502 32.96 -0.50 -43.90
N GLY C 503 31.98 -0.31 -44.79
CA GLY C 503 31.28 0.97 -44.91
C GLY C 503 31.44 1.54 -46.30
N ALA C 504 32.04 0.75 -47.19
CA ALA C 504 32.27 1.17 -48.56
C ALA C 504 30.97 1.59 -49.22
N ALA C 505 29.90 0.88 -48.91
CA ALA C 505 28.59 1.21 -49.44
C ALA C 505 27.50 0.73 -48.49
N LEU C 506 26.25 1.00 -48.84
CA LEU C 506 25.13 0.60 -48.01
C LEU C 506 23.82 1.21 -48.51
N THR C 507 22.71 0.51 -48.27
CA THR C 507 21.39 0.95 -48.71
C THR C 507 20.29 0.50 -47.77
N VAL C 508 19.22 1.30 -47.68
CA VAL C 508 18.03 0.89 -46.94
C VAL C 508 17.45 -0.32 -47.63
N LEU C 509 17.15 -1.36 -46.86
CA LEU C 509 16.54 -2.58 -47.39
C LEU C 509 15.03 -2.63 -47.01
N GLY C 510 14.71 -2.11 -45.83
CA GLY C 510 13.33 -2.04 -45.35
C GLY C 510 12.92 -3.13 -44.36
N ASP C 511 11.62 -3.43 -44.33
CA ASP C 511 11.08 -4.52 -43.53
C ASP C 511 11.21 -5.90 -44.21
N VAL C 512 12.13 -6.72 -43.70
CA VAL C 512 12.38 -8.04 -44.28
C VAL C 512 11.91 -9.15 -43.36
N ASN C 513 12.14 -8.97 -42.07
CA ASN C 513 11.73 -9.96 -41.07
C ASN C 513 10.34 -9.67 -40.47
N GLY C 514 9.72 -8.57 -40.87
CA GLY C 514 8.31 -8.31 -40.56
C GLY C 514 8.03 -7.89 -39.13
N ASP C 515 9.07 -7.47 -38.39
CA ASP C 515 8.89 -6.98 -37.02
C ASP C 515 8.77 -5.46 -36.98
N LYS C 516 8.31 -4.86 -38.08
CA LYS C 516 8.07 -3.41 -38.16
C LYS C 516 9.35 -2.59 -38.01
N LEU C 517 10.49 -3.28 -37.98
CA LEU C 517 11.78 -2.63 -37.76
C LEU C 517 12.68 -2.77 -38.97
N THR C 518 12.72 -1.72 -39.78
CA THR C 518 13.52 -1.71 -40.99
C THR C 518 14.93 -2.26 -40.72
N ASP C 519 15.49 -2.89 -41.74
CA ASP C 519 16.81 -3.49 -41.65
C ASP C 519 17.67 -2.96 -42.80
N VAL C 520 18.98 -2.85 -42.58
CA VAL C 520 19.88 -2.27 -43.57
C VAL C 520 21.00 -3.23 -43.95
N VAL C 521 21.60 -2.99 -45.11
CA VAL C 521 22.73 -3.79 -45.61
C VAL C 521 23.97 -2.91 -45.75
N ILE C 522 25.15 -3.50 -45.56
CA ILE C 522 26.42 -2.75 -45.64
C ILE C 522 27.52 -3.58 -46.32
N GLY C 523 28.21 -2.99 -47.28
CA GLY C 523 29.28 -3.68 -48.00
C GLY C 523 30.65 -3.55 -47.36
N ALA C 524 31.54 -4.46 -47.74
CA ALA C 524 32.90 -4.49 -47.20
C ALA C 524 33.74 -5.42 -48.05
N PRO C 525 34.12 -4.95 -49.24
CA PRO C 525 34.82 -5.75 -50.26
C PRO C 525 36.28 -6.06 -49.88
N GLY C 526 36.70 -5.64 -48.69
CA GLY C 526 38.05 -5.87 -48.26
C GLY C 526 38.21 -7.00 -47.24
N GLU C 527 37.08 -7.55 -46.79
CA GLU C 527 37.08 -8.62 -45.79
C GLU C 527 37.92 -9.82 -46.27
N GLU C 528 38.25 -10.70 -45.34
CA GLU C 528 39.04 -11.89 -45.65
C GLU C 528 40.27 -11.51 -46.47
N GLU C 529 40.76 -12.42 -47.30
CA GLU C 529 41.91 -12.14 -48.16
C GLU C 529 41.47 -11.36 -49.38
N ASN C 530 41.15 -10.09 -49.17
CA ASN C 530 40.65 -9.20 -50.22
C ASN C 530 39.24 -9.61 -50.69
N ARG C 531 38.78 -10.78 -50.26
CA ARG C 531 37.47 -11.27 -50.64
C ARG C 531 36.40 -10.25 -50.26
N GLY C 532 35.21 -10.43 -50.79
CA GLY C 532 34.12 -9.51 -50.50
C GLY C 532 33.38 -9.87 -49.23
N ALA C 533 32.42 -9.04 -48.86
CA ALA C 533 31.62 -9.29 -47.66
C ALA C 533 30.46 -8.30 -47.56
N VAL C 534 29.41 -8.72 -46.86
CA VAL C 534 28.25 -7.87 -46.62
C VAL C 534 27.69 -8.18 -45.21
N TYR C 535 26.95 -7.23 -44.64
CA TYR C 535 26.42 -7.38 -43.28
C TYR C 535 24.95 -7.00 -43.23
N LEU C 536 24.24 -7.50 -42.22
CA LEU C 536 22.83 -7.19 -42.04
C LEU C 536 22.58 -6.81 -40.59
N PHE C 537 21.99 -5.64 -40.40
CA PHE C 537 21.63 -5.15 -39.07
C PHE C 537 20.14 -4.87 -38.98
N HIS C 538 19.66 -4.58 -37.77
CA HIS C 538 18.23 -4.30 -37.57
C HIS C 538 18.07 -3.10 -36.66
N GLY C 539 16.95 -2.39 -36.81
CA GLY C 539 16.64 -1.23 -35.97
C GLY C 539 16.17 -1.69 -34.61
N VAL C 540 15.80 -0.75 -33.75
CA VAL C 540 15.32 -1.11 -32.41
C VAL C 540 14.09 -0.29 -32.07
N LEU C 541 14.31 0.93 -31.62
CA LEU C 541 13.20 1.83 -31.32
C LEU C 541 13.70 3.25 -31.48
N GLY C 542 13.30 3.87 -32.58
CA GLY C 542 13.69 5.23 -32.88
C GLY C 542 15.13 5.28 -33.38
N PRO C 543 15.90 6.22 -32.84
CA PRO C 543 17.29 6.38 -33.27
C PRO C 543 18.16 5.31 -32.65
N SER C 544 18.42 4.24 -33.39
CA SER C 544 19.28 3.17 -32.89
C SER C 544 19.36 2.01 -33.88
N ILE C 545 20.45 1.26 -33.80
CA ILE C 545 20.59 0.01 -34.53
C ILE C 545 21.23 -1.05 -33.65
N SER C 546 21.25 -2.30 -34.13
CA SER C 546 21.78 -3.41 -33.34
C SER C 546 23.19 -3.76 -33.76
N PRO C 547 24.19 -3.37 -32.94
CA PRO C 547 25.60 -3.64 -33.24
C PRO C 547 25.83 -5.08 -33.69
N SER C 548 25.25 -6.03 -32.96
CA SER C 548 25.36 -7.43 -33.34
C SER C 548 24.51 -7.68 -34.58
N HIS C 549 25.19 -8.00 -35.68
CA HIS C 549 24.49 -8.32 -36.92
C HIS C 549 23.95 -9.74 -36.84
N SER C 550 22.94 -10.04 -37.65
CA SER C 550 22.32 -11.35 -37.65
C SER C 550 22.93 -12.24 -38.72
N GLN C 551 23.39 -11.61 -39.79
CA GLN C 551 23.95 -12.36 -40.91
C GLN C 551 25.24 -11.71 -41.41
N ARG C 552 26.11 -12.51 -42.03
CA ARG C 552 27.36 -12.01 -42.59
C ARG C 552 27.74 -12.77 -43.86
N ILE C 553 26.89 -12.68 -44.89
CA ILE C 553 27.14 -13.35 -46.16
C ILE C 553 28.39 -12.76 -46.81
N ALA C 554 29.47 -13.54 -46.84
CA ALA C 554 30.74 -13.06 -47.38
C ALA C 554 31.07 -13.74 -48.71
N GLY C 555 32.28 -13.51 -49.20
CA GLY C 555 32.69 -14.06 -50.49
C GLY C 555 33.07 -15.52 -50.41
N SER C 556 32.74 -16.16 -49.30
CA SER C 556 33.08 -17.57 -49.12
C SER C 556 31.87 -18.42 -49.44
N GLN C 557 30.85 -17.80 -50.01
CA GLN C 557 29.55 -18.44 -50.11
C GLN C 557 29.42 -19.09 -51.47
N LEU C 558 30.28 -20.07 -51.73
CA LEU C 558 30.43 -20.64 -53.07
C LEU C 558 30.26 -19.55 -54.12
N SER C 559 30.76 -18.37 -53.81
CA SER C 559 31.25 -17.48 -54.84
C SER C 559 32.55 -18.14 -55.28
N SER C 560 32.54 -18.77 -56.44
CA SER C 560 33.71 -19.51 -56.91
C SER C 560 34.96 -18.67 -56.81
N ARG C 561 34.97 -17.53 -57.50
CA ARG C 561 36.16 -16.72 -57.58
C ARG C 561 35.82 -15.28 -57.97
N LEU C 562 35.32 -14.50 -57.02
CA LEU C 562 35.26 -13.04 -57.17
C LEU C 562 36.03 -12.35 -56.06
N GLN C 563 36.88 -11.41 -56.45
CA GLN C 563 37.84 -10.81 -55.53
C GLN C 563 37.11 -9.97 -54.50
N TYR C 564 36.70 -8.76 -54.89
CA TYR C 564 36.01 -7.87 -53.97
C TYR C 564 34.59 -7.65 -54.44
N PHE C 565 33.65 -7.98 -53.55
CA PHE C 565 32.23 -7.86 -53.83
C PHE C 565 31.56 -7.06 -52.70
N GLY C 566 30.56 -6.27 -53.05
CA GLY C 566 29.89 -5.42 -52.09
C GLY C 566 30.32 -3.98 -52.24
N GLN C 567 31.16 -3.71 -53.24
CA GLN C 567 31.59 -2.34 -53.49
C GLN C 567 30.41 -1.41 -53.34
N ALA C 568 29.35 -1.69 -54.08
CA ALA C 568 28.14 -0.91 -54.02
C ALA C 568 26.95 -1.83 -53.92
N LEU C 569 25.80 -1.29 -53.53
CA LEU C 569 24.58 -2.07 -53.38
C LEU C 569 23.36 -1.22 -53.08
N SER C 570 22.24 -1.59 -53.67
CA SER C 570 20.96 -0.91 -53.46
C SER C 570 19.83 -1.91 -53.53
N GLY C 571 18.95 -1.85 -52.54
CA GLY C 571 17.84 -2.77 -52.45
C GLY C 571 16.60 -2.09 -51.91
N GLY C 572 15.52 -2.86 -51.84
CA GLY C 572 14.26 -2.37 -51.31
C GLY C 572 13.12 -2.59 -52.28
N GLN C 573 13.46 -2.96 -53.50
CA GLN C 573 12.46 -3.12 -54.55
C GLN C 573 12.19 -4.58 -54.88
N ASP C 574 10.93 -4.90 -55.12
CA ASP C 574 10.53 -6.25 -55.49
C ASP C 574 10.59 -6.38 -57.00
N LEU C 575 11.59 -7.11 -57.47
CA LEU C 575 11.87 -7.20 -58.90
C LEU C 575 11.61 -8.60 -59.46
N THR C 576 11.80 -9.63 -58.64
CA THR C 576 11.58 -11.01 -59.08
C THR C 576 10.09 -11.33 -58.99
N GLN C 577 9.34 -10.43 -58.36
CA GLN C 577 7.88 -10.49 -58.33
C GLN C 577 7.37 -11.65 -57.48
N ASP C 578 8.29 -12.41 -56.90
CA ASP C 578 7.98 -13.14 -55.69
C ASP C 578 7.88 -12.02 -54.66
N GLY C 579 6.93 -12.14 -53.75
CA GLY C 579 6.41 -10.98 -53.04
C GLY C 579 7.38 -9.98 -52.45
N LEU C 580 8.23 -10.42 -51.54
CA LEU C 580 8.98 -9.49 -50.67
C LEU C 580 10.15 -8.84 -51.37
N VAL C 581 10.74 -7.83 -50.73
CA VAL C 581 11.79 -7.02 -51.36
C VAL C 581 12.98 -7.86 -51.80
N ASP C 582 13.85 -7.25 -52.61
CA ASP C 582 15.08 -7.89 -53.08
C ASP C 582 16.28 -6.99 -52.87
N LEU C 583 17.46 -7.58 -52.92
CA LEU C 583 18.69 -6.83 -52.75
C LEU C 583 19.62 -7.08 -53.93
N ALA C 584 20.31 -6.03 -54.36
CA ALA C 584 21.30 -6.11 -55.44
C ALA C 584 22.69 -5.63 -54.98
N VAL C 585 23.65 -6.55 -55.04
CA VAL C 585 25.03 -6.25 -54.63
C VAL C 585 25.99 -6.46 -55.79
N GLY C 586 26.63 -5.37 -56.22
CA GLY C 586 27.57 -5.40 -57.32
C GLY C 586 28.93 -5.94 -56.92
N ALA C 587 29.58 -6.63 -57.85
CA ALA C 587 30.90 -7.19 -57.61
C ALA C 587 31.73 -7.12 -58.88
N ARG C 588 33.04 -7.25 -58.75
CA ARG C 588 33.90 -7.18 -59.91
C ARG C 588 33.56 -8.26 -60.92
N GLY C 589 33.01 -7.85 -62.06
CA GLY C 589 32.72 -8.77 -63.14
C GLY C 589 31.25 -9.10 -63.24
N GLN C 590 30.65 -9.46 -62.10
CA GLN C 590 29.26 -9.88 -62.06
C GLN C 590 28.52 -9.21 -60.90
N VAL C 591 27.19 -9.26 -60.95
CA VAL C 591 26.35 -8.67 -59.89
C VAL C 591 25.28 -9.70 -59.49
N LEU C 592 25.08 -9.85 -58.19
CA LEU C 592 24.15 -10.86 -57.67
C LEU C 592 22.89 -10.26 -57.06
N LEU C 593 21.83 -11.09 -57.03
CA LEU C 593 20.55 -10.73 -56.43
C LEU C 593 20.21 -11.73 -55.33
N LEU C 594 20.08 -11.21 -54.11
CA LEU C 594 19.68 -12.03 -52.97
C LEU C 594 18.27 -11.67 -52.54
N ARG C 595 17.37 -12.63 -52.67
CA ARG C 595 15.98 -12.44 -52.24
C ARG C 595 15.85 -12.63 -50.73
N THR C 596 14.73 -12.17 -50.18
CA THR C 596 14.47 -12.29 -48.75
C THR C 596 13.46 -13.41 -48.49
N ARG C 597 13.93 -14.45 -47.80
CA ARG C 597 13.09 -15.61 -47.51
C ARG C 597 12.11 -15.30 -46.39
N PRO C 598 10.87 -15.77 -46.54
CA PRO C 598 9.79 -15.46 -45.59
C PRO C 598 10.07 -15.95 -44.17
N VAL C 599 9.98 -15.04 -43.20
CA VAL C 599 10.06 -15.41 -41.79
C VAL C 599 8.70 -15.28 -41.13
N LEU C 600 8.03 -16.40 -40.94
CA LEU C 600 6.80 -16.44 -40.16
C LEU C 600 7.12 -17.03 -38.79
N TRP C 601 6.41 -16.57 -37.77
CA TRP C 601 6.50 -17.19 -36.46
C TRP C 601 5.08 -17.48 -35.97
N VAL C 602 5.00 -18.43 -35.04
CA VAL C 602 3.74 -19.03 -34.65
C VAL C 602 3.56 -18.98 -33.14
N GLY C 603 2.31 -18.87 -32.72
CA GLY C 603 1.94 -18.97 -31.32
C GLY C 603 1.29 -20.31 -31.00
N VAL C 604 1.47 -20.75 -29.75
CA VAL C 604 1.04 -22.07 -29.32
C VAL C 604 0.28 -22.01 -27.99
N SER C 605 -0.65 -22.94 -27.81
CA SER C 605 -1.39 -23.11 -26.55
C SER C 605 -1.34 -24.57 -26.05
N MET C 606 -1.08 -24.74 -24.76
CA MET C 606 -1.00 -26.07 -24.18
C MET C 606 -1.93 -26.20 -22.99
N GLN C 607 -2.59 -27.35 -22.88
CA GLN C 607 -3.52 -27.63 -21.79
C GLN C 607 -3.68 -29.13 -21.55
N PHE C 608 -4.02 -29.49 -20.31
CA PHE C 608 -4.30 -30.88 -19.93
C PHE C 608 -5.76 -31.07 -19.53
N ILE C 609 -6.56 -31.65 -20.43
CA ILE C 609 -8.01 -31.76 -20.24
C ILE C 609 -8.32 -32.08 -18.78
N PRO C 610 -7.83 -33.22 -18.29
CA PRO C 610 -7.82 -33.36 -16.83
C PRO C 610 -6.87 -32.34 -16.19
N ALA C 611 -7.43 -31.25 -15.66
CA ALA C 611 -6.64 -30.19 -15.05
C ALA C 611 -5.46 -30.78 -14.30
N GLU C 612 -5.76 -31.43 -13.17
CA GLU C 612 -4.73 -32.10 -12.36
C GLU C 612 -4.96 -33.63 -12.30
N ILE C 613 -4.37 -34.29 -11.31
CA ILE C 613 -4.62 -35.72 -11.10
C ILE C 613 -5.47 -36.02 -9.86
N PRO C 614 -6.55 -36.81 -10.03
CA PRO C 614 -7.57 -36.97 -8.99
C PRO C 614 -7.11 -37.77 -7.78
N ARG C 615 -5.85 -38.19 -7.78
CA ARG C 615 -5.31 -39.03 -6.72
C ARG C 615 -5.80 -40.46 -6.89
N SER C 616 -6.57 -40.71 -7.95
CA SER C 616 -7.12 -42.03 -8.22
C SER C 616 -6.01 -43.01 -8.56
N ALA C 617 -5.28 -42.74 -9.63
CA ALA C 617 -4.10 -43.54 -9.94
C ALA C 617 -2.85 -42.93 -9.28
N PHE C 618 -2.95 -42.66 -7.98
CA PHE C 618 -1.89 -41.95 -7.27
C PHE C 618 -0.93 -42.91 -6.57
N GLU C 619 -1.25 -43.28 -5.34
CA GLU C 619 -0.39 -44.15 -4.55
C GLU C 619 -0.60 -45.62 -4.87
N CYS C 620 -1.72 -45.92 -5.54
CA CYS C 620 -1.95 -47.25 -6.09
C CYS C 620 -1.78 -48.36 -5.06
N ARG C 621 -1.53 -49.57 -5.53
CA ARG C 621 -1.47 -50.73 -4.67
C ARG C 621 -1.09 -51.98 -5.42
N GLU C 622 -1.08 -53.11 -4.74
CA GLU C 622 -0.82 -54.38 -5.40
C GLU C 622 -1.73 -55.54 -4.98
N GLN C 623 -2.99 -55.47 -5.38
CA GLN C 623 -3.78 -56.66 -5.66
C GLN C 623 -4.60 -56.29 -6.90
N VAL C 624 -4.47 -57.10 -7.94
CA VAL C 624 -5.00 -56.76 -9.27
C VAL C 624 -4.04 -55.80 -9.97
N VAL C 625 -4.59 -54.83 -10.70
CA VAL C 625 -3.98 -54.37 -11.93
C VAL C 625 -3.20 -53.10 -11.77
N SER C 626 -2.57 -52.72 -12.86
CA SER C 626 -2.49 -51.33 -13.18
C SER C 626 -3.78 -50.97 -13.88
N GLU C 627 -4.61 -50.15 -13.24
CA GLU C 627 -5.52 -49.32 -14.01
C GLU C 627 -4.72 -48.07 -14.28
N GLN C 628 -4.20 -47.96 -15.49
CA GLN C 628 -3.40 -46.80 -15.84
C GLN C 628 -4.34 -45.65 -16.22
N THR C 629 -4.37 -44.61 -15.38
CA THR C 629 -5.21 -43.44 -15.64
C THR C 629 -4.93 -42.85 -17.04
N LEU C 630 -5.96 -42.30 -17.67
CA LEU C 630 -5.82 -41.73 -19.02
C LEU C 630 -5.96 -40.21 -19.01
N VAL C 631 -4.82 -39.52 -19.08
CA VAL C 631 -4.82 -38.07 -19.16
C VAL C 631 -4.85 -37.65 -20.63
N GLN C 632 -5.54 -36.55 -20.93
CA GLN C 632 -5.49 -35.97 -22.26
C GLN C 632 -4.76 -34.64 -22.26
N SER C 633 -3.93 -34.43 -23.28
CA SER C 633 -3.18 -33.20 -23.44
C SER C 633 -3.47 -32.66 -24.83
N ASN C 634 -4.12 -31.50 -24.88
CA ASN C 634 -4.43 -30.85 -26.14
C ASN C 634 -3.52 -29.65 -26.41
N ILE C 635 -2.82 -29.70 -27.56
CA ILE C 635 -1.96 -28.61 -28.01
C ILE C 635 -2.48 -28.07 -29.34
N CYS C 636 -2.34 -26.76 -29.54
CA CYS C 636 -2.82 -26.09 -30.74
C CYS C 636 -1.73 -25.16 -31.38
N LEU C 637 -1.73 -25.01 -32.71
CA LEU C 637 -0.73 -24.19 -33.39
C LEU C 637 -1.30 -23.30 -34.50
N TYR C 638 -1.01 -22.01 -34.38
CA TYR C 638 -1.62 -20.99 -35.22
C TYR C 638 -0.61 -19.87 -35.46
N ILE C 639 -0.56 -19.36 -36.69
CA ILE C 639 0.35 -18.27 -37.03
C ILE C 639 -0.44 -16.96 -37.22
N ASP C 640 0.12 -15.85 -36.73
CA ASP C 640 -0.67 -14.61 -36.56
C ASP C 640 -0.07 -13.35 -37.17
N LYS C 641 1.27 -13.27 -37.19
CA LYS C 641 1.98 -12.08 -37.63
C LYS C 641 2.41 -12.25 -39.08
N ARG C 642 1.69 -11.55 -39.94
CA ARG C 642 1.47 -11.97 -41.32
C ARG C 642 1.56 -10.83 -42.31
N SER C 643 1.71 -9.61 -41.80
CA SER C 643 1.40 -8.43 -42.59
C SER C 643 2.08 -8.41 -43.95
N LYS C 644 3.36 -8.75 -43.98
CA LYS C 644 4.14 -8.68 -45.20
C LYS C 644 3.70 -9.71 -46.23
N ASN C 645 3.62 -10.97 -45.81
CA ASN C 645 3.37 -12.07 -46.73
C ASN C 645 1.94 -12.07 -47.31
N LEU C 646 1.02 -11.40 -46.61
CA LEU C 646 -0.35 -11.25 -47.07
C LEU C 646 -1.07 -12.58 -47.16
N LEU C 647 -2.38 -12.53 -47.38
CA LEU C 647 -3.19 -13.74 -47.47
C LEU C 647 -2.69 -14.63 -48.60
N GLY C 648 -3.28 -15.81 -48.71
CA GLY C 648 -3.04 -16.65 -49.88
C GLY C 648 -1.83 -17.55 -49.78
N SER C 649 -1.65 -18.36 -50.81
CA SER C 649 -0.62 -19.40 -50.85
C SER C 649 0.61 -19.04 -50.04
N ARG C 650 1.23 -20.04 -49.42
CA ARG C 650 2.45 -19.84 -48.65
C ARG C 650 2.14 -19.33 -47.25
N ASP C 651 1.53 -18.14 -47.17
CA ASP C 651 1.15 -17.55 -45.89
C ASP C 651 0.25 -18.50 -45.12
N LEU C 652 -0.36 -19.45 -45.83
CA LEU C 652 -1.18 -20.46 -45.20
C LEU C 652 -0.39 -21.77 -45.14
N GLN C 653 -0.62 -22.64 -46.12
CA GLN C 653 -0.12 -24.00 -46.06
C GLN C 653 1.33 -24.09 -45.62
N SER C 654 1.57 -24.90 -44.60
CA SER C 654 2.92 -25.37 -44.28
C SER C 654 2.86 -26.67 -43.49
N SER C 655 3.83 -27.56 -43.70
CA SER C 655 3.94 -28.77 -42.90
C SER C 655 4.92 -28.54 -41.77
N VAL C 656 4.76 -29.28 -40.68
CA VAL C 656 5.61 -29.12 -39.51
C VAL C 656 5.89 -30.47 -38.84
N THR C 657 7.06 -30.60 -38.24
CA THR C 657 7.39 -31.75 -37.40
C THR C 657 7.24 -31.41 -35.92
N LEU C 658 6.44 -32.20 -35.22
CA LEU C 658 6.21 -32.00 -33.79
C LEU C 658 6.90 -33.06 -32.98
N ASP C 659 7.46 -32.66 -31.83
CA ASP C 659 8.16 -33.60 -30.96
C ASP C 659 7.89 -33.38 -29.50
N LEU C 660 6.85 -34.06 -29.01
CA LEU C 660 6.44 -33.98 -27.63
C LEU C 660 7.23 -34.99 -26.82
N ALA C 661 7.60 -34.58 -25.61
CA ALA C 661 8.39 -35.41 -24.71
C ALA C 661 8.06 -35.05 -23.26
N LEU C 662 7.80 -36.07 -22.44
CA LEU C 662 7.42 -35.86 -21.04
C LEU C 662 8.57 -36.16 -20.09
N ASP C 663 8.61 -35.38 -19.00
CA ASP C 663 9.70 -35.43 -18.01
C ASP C 663 11.06 -35.72 -18.67
N PRO C 664 11.50 -34.83 -19.56
CA PRO C 664 12.70 -35.08 -20.38
C PRO C 664 13.96 -35.17 -19.55
N GLY C 665 14.17 -34.19 -18.67
CA GLY C 665 15.43 -34.07 -17.95
C GLY C 665 15.76 -35.23 -17.04
N ARG C 666 14.76 -36.03 -16.69
CA ARG C 666 14.96 -37.15 -15.78
C ARG C 666 14.90 -38.49 -16.51
N LEU C 667 15.69 -39.45 -16.03
CA LEU C 667 15.72 -40.79 -16.63
C LEU C 667 14.66 -41.65 -15.98
N SER C 668 13.53 -41.03 -15.66
CA SER C 668 12.42 -41.73 -15.06
C SER C 668 11.13 -41.18 -15.67
N PRO C 669 10.81 -41.59 -16.91
CA PRO C 669 9.58 -41.19 -17.59
C PRO C 669 8.34 -41.39 -16.74
N ARG C 670 7.67 -40.30 -16.39
CA ARG C 670 6.48 -40.35 -15.55
C ARG C 670 5.22 -40.73 -16.35
N ALA C 671 5.37 -40.98 -17.65
CA ALA C 671 4.23 -41.37 -18.47
C ALA C 671 4.65 -41.71 -19.89
N THR C 672 3.67 -41.97 -20.74
CA THR C 672 3.92 -42.29 -22.13
C THR C 672 2.70 -41.98 -22.98
N PHE C 673 2.91 -41.71 -24.26
CA PHE C 673 1.81 -41.52 -25.20
C PHE C 673 1.34 -42.88 -25.65
N GLN C 674 0.05 -43.00 -25.96
CA GLN C 674 -0.53 -44.29 -26.29
C GLN C 674 -0.23 -44.63 -27.74
N GLU C 675 -0.36 -43.63 -28.61
CA GLU C 675 -0.20 -43.85 -30.04
C GLU C 675 1.11 -44.59 -30.35
N THR C 676 2.16 -44.30 -29.58
CA THR C 676 3.48 -44.87 -29.85
C THR C 676 3.99 -45.70 -28.68
N LYS C 677 3.43 -45.46 -27.51
CA LYS C 677 3.77 -46.23 -26.32
C LYS C 677 5.07 -45.72 -25.69
N ASN C 678 5.79 -44.88 -26.41
CA ASN C 678 7.03 -44.30 -25.90
C ASN C 678 6.75 -43.15 -24.95
N ARG C 679 7.82 -42.65 -24.32
CA ARG C 679 7.72 -41.48 -23.43
C ARG C 679 7.65 -40.17 -24.24
N SER C 680 7.74 -40.32 -25.57
CA SER C 680 7.65 -39.19 -26.49
C SER C 680 7.03 -39.67 -27.81
N LEU C 681 6.70 -38.72 -28.68
CA LEU C 681 6.16 -39.06 -30.00
C LEU C 681 6.36 -37.92 -30.99
N SER C 682 6.28 -38.23 -32.28
CA SER C 682 6.38 -37.24 -33.35
C SER C 682 5.37 -37.51 -34.47
N ARG C 683 4.82 -36.42 -35.00
CA ARG C 683 3.88 -36.52 -36.11
C ARG C 683 3.95 -35.23 -36.91
N VAL C 684 3.97 -35.38 -38.24
CA VAL C 684 3.99 -34.23 -39.14
C VAL C 684 2.58 -33.84 -39.57
N ARG C 685 2.17 -32.62 -39.20
CA ARG C 685 0.81 -32.16 -39.46
C ARG C 685 0.75 -30.75 -40.07
N VAL C 686 -0.33 -30.49 -40.79
CA VAL C 686 -0.48 -29.26 -41.56
C VAL C 686 -0.97 -28.07 -40.74
N LEU C 687 -0.23 -26.97 -40.81
CA LEU C 687 -0.59 -25.73 -40.11
C LEU C 687 -1.35 -24.77 -41.02
N GLY C 688 -1.87 -23.71 -40.43
CA GLY C 688 -2.49 -22.64 -41.18
C GLY C 688 -2.52 -21.42 -40.31
N LEU C 689 -2.97 -20.31 -40.88
CA LEU C 689 -3.19 -19.12 -40.08
C LEU C 689 -4.33 -19.39 -39.09
N LYS C 690 -5.15 -20.40 -39.41
CA LYS C 690 -6.20 -20.87 -38.51
C LYS C 690 -5.69 -22.02 -37.67
N ALA C 691 -5.93 -21.92 -36.37
CA ALA C 691 -5.37 -22.84 -35.39
C ALA C 691 -5.42 -24.29 -35.86
N HIS C 692 -4.57 -25.13 -35.26
CA HIS C 692 -4.68 -26.58 -35.44
C HIS C 692 -4.49 -27.32 -34.11
N CYS C 693 -5.61 -27.73 -33.52
CA CYS C 693 -5.60 -28.37 -32.22
C CYS C 693 -5.80 -29.87 -32.31
N GLU C 694 -4.87 -30.61 -31.71
CA GLU C 694 -5.00 -32.04 -31.58
C GLU C 694 -4.62 -32.45 -30.16
N ASN C 695 -5.46 -33.28 -29.54
CA ASN C 695 -5.21 -33.82 -28.20
C ASN C 695 -4.75 -35.28 -28.26
N PHE C 696 -3.76 -35.61 -27.43
CA PHE C 696 -3.12 -36.91 -27.45
C PHE C 696 -3.39 -37.65 -26.17
N ASN C 697 -3.26 -38.97 -26.24
CA ASN C 697 -3.53 -39.82 -25.09
C ASN C 697 -2.28 -40.12 -24.29
N LEU C 698 -2.42 -39.99 -22.98
CA LEU C 698 -1.34 -40.21 -22.05
C LEU C 698 -1.71 -41.29 -21.03
N LEU C 699 -0.73 -42.09 -20.63
CA LEU C 699 -0.97 -43.21 -19.71
C LEU C 699 -0.12 -43.08 -18.45
N LEU C 700 -0.75 -42.75 -17.34
CA LEU C 700 -0.08 -42.65 -16.05
C LEU C 700 -0.13 -43.97 -15.30
N PRO C 701 1.05 -44.54 -14.96
CA PRO C 701 1.06 -45.80 -14.20
C PRO C 701 0.38 -45.61 -12.84
N SER C 702 -0.43 -46.58 -12.42
CA SER C 702 -1.17 -46.47 -11.18
C SER C 702 -0.26 -46.06 -10.01
N CYS C 703 0.92 -46.67 -9.94
CA CYS C 703 1.86 -46.41 -8.85
C CYS C 703 3.04 -45.54 -9.32
N VAL C 704 3.35 -44.50 -8.54
CA VAL C 704 4.43 -43.58 -8.88
C VAL C 704 5.09 -42.97 -7.65
N GLU C 705 6.39 -42.70 -7.74
CA GLU C 705 7.12 -42.14 -6.61
C GLU C 705 6.84 -40.66 -6.44
N ASP C 706 7.49 -39.86 -7.29
CA ASP C 706 7.36 -38.41 -7.22
C ASP C 706 6.01 -37.93 -7.78
N SER C 707 5.29 -37.15 -6.97
CA SER C 707 4.00 -36.58 -7.39
C SER C 707 4.00 -35.09 -7.19
N VAL C 708 4.84 -34.62 -6.27
CA VAL C 708 4.93 -33.18 -5.96
C VAL C 708 5.28 -32.36 -7.21
N THR C 709 6.26 -32.83 -7.98
CA THR C 709 6.69 -32.14 -9.20
C THR C 709 5.78 -32.47 -10.38
N PRO C 710 4.95 -31.49 -10.83
CA PRO C 710 4.10 -31.72 -12.01
C PRO C 710 4.89 -32.40 -13.13
N ILE C 711 4.21 -33.16 -13.97
CA ILE C 711 4.88 -33.76 -15.11
C ILE C 711 4.91 -32.74 -16.25
N THR C 712 6.10 -32.52 -16.82
CA THR C 712 6.28 -31.55 -17.91
C THR C 712 6.02 -32.19 -19.28
N LEU C 713 5.53 -31.37 -20.21
CA LEU C 713 5.38 -31.78 -21.61
C LEU C 713 5.74 -30.61 -22.53
N ARG C 714 6.89 -30.74 -23.21
CA ARG C 714 7.40 -29.72 -24.12
C ARG C 714 7.37 -30.23 -25.56
N LEU C 715 7.32 -29.30 -26.52
CA LEU C 715 7.39 -29.68 -27.93
C LEU C 715 8.56 -29.02 -28.65
N ASN C 716 9.24 -29.80 -29.48
CA ASN C 716 10.18 -29.27 -30.43
C ASN C 716 9.46 -29.26 -31.76
N PHE C 717 9.29 -28.07 -32.34
CA PHE C 717 8.60 -27.94 -33.61
C PHE C 717 9.42 -27.10 -34.58
N THR C 718 9.36 -27.44 -35.87
CA THR C 718 10.08 -26.70 -36.90
C THR C 718 9.25 -26.62 -38.18
N LEU C 719 9.90 -26.54 -39.34
CA LEU C 719 9.20 -26.45 -40.61
C LEU C 719 9.77 -27.47 -41.58
N VAL C 720 9.20 -28.66 -41.55
CA VAL C 720 9.71 -29.76 -42.35
C VAL C 720 9.22 -29.71 -43.78
N GLY C 721 10.05 -30.20 -44.69
CA GLY C 721 9.64 -30.38 -46.06
C GLY C 721 9.90 -29.13 -46.87
N LYS C 722 9.06 -28.12 -46.65
CA LYS C 722 9.17 -26.86 -47.36
C LYS C 722 8.80 -26.95 -48.85
N PRO C 723 8.01 -27.97 -49.25
CA PRO C 723 7.36 -27.93 -50.55
C PRO C 723 5.95 -27.36 -50.46
N LEU C 724 5.68 -26.26 -51.17
CA LEU C 724 4.39 -25.59 -51.10
C LEU C 724 3.92 -25.11 -52.47
N LEU C 725 3.10 -25.94 -53.13
CA LEU C 725 2.55 -25.59 -54.44
C LEU C 725 3.69 -25.35 -55.44
N ALA C 726 3.94 -24.10 -55.78
CA ALA C 726 5.04 -23.75 -56.68
C ALA C 726 6.30 -23.51 -55.86
N PHE C 727 7.42 -23.32 -56.55
CA PHE C 727 8.67 -23.02 -55.89
C PHE C 727 8.82 -21.51 -55.75
N ARG C 728 7.71 -20.84 -55.51
CA ARG C 728 7.70 -19.39 -55.38
C ARG C 728 7.87 -18.97 -53.93
N ASN C 729 7.98 -19.96 -53.05
CA ASN C 729 8.31 -19.71 -51.64
C ASN C 729 9.69 -20.29 -51.32
N LEU C 730 9.99 -21.43 -51.93
CA LEU C 730 11.23 -22.16 -51.65
C LEU C 730 11.39 -22.43 -50.15
N ARG C 731 12.15 -21.59 -49.44
CA ARG C 731 12.38 -21.84 -48.03
C ARG C 731 11.83 -20.75 -47.12
N PRO C 732 10.75 -21.05 -46.39
CA PRO C 732 10.37 -20.22 -45.23
C PRO C 732 11.26 -20.55 -44.02
N MET C 733 11.15 -19.75 -42.96
CA MET C 733 11.92 -20.01 -41.72
C MET C 733 11.35 -19.24 -40.54
N LEU C 734 11.96 -19.44 -39.37
CA LEU C 734 11.46 -18.85 -38.14
C LEU C 734 12.30 -17.63 -37.80
N ALA C 735 11.85 -16.86 -36.83
CA ALA C 735 12.55 -15.64 -36.44
C ALA C 735 13.68 -15.90 -35.44
N ALA C 736 14.25 -14.83 -34.90
CA ALA C 736 15.34 -14.94 -33.92
C ALA C 736 14.81 -15.41 -32.59
N ASP C 737 13.78 -14.73 -32.09
CA ASP C 737 13.12 -15.13 -30.86
C ASP C 737 12.13 -16.27 -31.11
N ALA C 738 12.66 -17.46 -31.36
CA ALA C 738 11.84 -18.65 -31.58
C ALA C 738 11.92 -19.54 -30.36
N GLN C 739 10.91 -19.45 -29.51
CA GLN C 739 10.87 -20.27 -28.31
C GLN C 739 10.32 -21.63 -28.68
N ARG C 740 10.97 -22.28 -29.65
CA ARG C 740 10.48 -23.54 -30.19
C ARG C 740 10.26 -24.60 -29.12
N TYR C 741 10.86 -24.37 -27.94
CA TYR C 741 10.60 -25.23 -26.78
C TYR C 741 9.54 -24.63 -25.84
N PHE C 742 8.29 -25.06 -26.03
CA PHE C 742 7.17 -24.64 -25.18
C PHE C 742 6.67 -25.77 -24.28
N THR C 743 6.66 -25.53 -22.98
CA THR C 743 6.32 -26.56 -22.01
C THR C 743 5.08 -26.18 -21.21
N ALA C 744 4.25 -27.17 -20.93
CA ALA C 744 3.11 -27.01 -20.06
C ALA C 744 3.14 -28.07 -18.95
N SER C 745 2.71 -27.69 -17.75
CA SER C 745 2.79 -28.55 -16.57
C SER C 745 1.42 -29.20 -16.23
N LEU C 746 1.48 -30.40 -15.64
CA LEU C 746 0.31 -31.12 -15.13
C LEU C 746 0.55 -31.42 -13.64
N PRO C 747 -0.18 -30.72 -12.75
CA PRO C 747 -0.01 -30.87 -11.30
C PRO C 747 -0.67 -32.16 -10.77
N PHE C 748 -0.51 -32.45 -9.48
CA PHE C 748 -1.16 -33.59 -8.84
C PHE C 748 -2.02 -33.14 -7.66
N GLU C 749 -3.00 -33.96 -7.29
CA GLU C 749 -3.75 -33.70 -6.07
C GLU C 749 -2.89 -34.11 -4.87
N LYS C 750 -2.08 -33.17 -4.39
CA LYS C 750 -1.15 -33.45 -3.29
C LYS C 750 -1.87 -34.03 -2.07
N ASN C 751 -1.38 -35.17 -1.57
CA ASN C 751 -1.90 -35.74 -0.34
C ASN C 751 -1.71 -34.80 0.85
N CYS C 752 -2.77 -34.09 1.22
CA CYS C 752 -2.75 -33.22 2.38
C CYS C 752 -3.17 -33.99 3.65
N GLY C 753 -3.01 -35.31 3.62
CA GLY C 753 -3.38 -36.14 4.75
C GLY C 753 -4.35 -37.25 4.41
N ALA C 754 -4.60 -38.13 5.36
CA ALA C 754 -5.60 -39.19 5.18
C ALA C 754 -7.00 -38.60 5.18
N ASP C 755 -7.09 -37.29 5.36
CA ASP C 755 -8.38 -36.60 5.32
C ASP C 755 -8.11 -35.10 5.20
N HIS C 756 -9.02 -34.29 5.74
CA HIS C 756 -8.77 -32.87 5.93
C HIS C 756 -8.96 -32.08 4.64
N ILE C 757 -9.12 -32.79 3.53
CA ILE C 757 -9.83 -32.26 2.36
C ILE C 757 -9.03 -31.24 1.52
N CYS C 758 -7.97 -30.69 2.09
CA CYS C 758 -7.05 -29.84 1.33
C CYS C 758 -7.70 -28.52 0.92
N GLN C 759 -7.77 -27.57 1.85
CA GLN C 759 -8.38 -26.29 1.54
C GLN C 759 -7.35 -25.31 1.00
N ASP C 760 -7.61 -24.79 -0.21
CA ASP C 760 -6.73 -23.80 -0.82
C ASP C 760 -7.14 -22.40 -0.41
N ASN C 761 -6.40 -21.82 0.54
CA ASN C 761 -6.67 -20.48 1.02
C ASN C 761 -5.41 -19.63 1.03
N LEU C 762 -5.32 -18.74 0.04
CA LEU C 762 -4.21 -17.79 -0.07
C LEU C 762 -4.75 -16.40 -0.37
N GLY C 763 -4.19 -15.40 0.32
CA GLY C 763 -4.52 -14.00 0.03
C GLY C 763 -3.34 -13.22 -0.55
N ILE C 764 -3.60 -11.98 -0.98
CA ILE C 764 -2.54 -11.15 -1.56
C ILE C 764 -2.85 -9.66 -1.49
N SER C 765 -1.77 -8.89 -1.30
CA SER C 765 -1.82 -7.43 -1.19
C SER C 765 -0.43 -6.85 -1.48
N PHE C 766 -0.37 -5.80 -2.32
CA PHE C 766 0.88 -5.12 -2.71
C PHE C 766 0.71 -3.59 -2.72
N SER C 767 1.84 -2.90 -2.70
CA SER C 767 1.89 -1.44 -2.63
C SER C 767 3.12 -0.89 -3.35
N PHE C 768 3.22 0.44 -3.36
CA PHE C 768 4.28 1.13 -4.07
C PHE C 768 4.96 2.10 -3.12
N PRO C 769 6.06 1.63 -2.51
CA PRO C 769 6.80 2.40 -1.50
C PRO C 769 7.38 3.72 -2.02
N GLY C 770 6.81 4.84 -1.58
CA GLY C 770 7.38 6.14 -1.89
C GLY C 770 6.96 6.68 -3.24
N LEU C 771 6.26 5.88 -4.03
CA LEU C 771 5.88 6.27 -5.37
C LEU C 771 5.06 7.56 -5.36
N LYS C 772 5.63 8.62 -5.90
CA LYS C 772 4.98 9.93 -5.89
C LYS C 772 4.62 10.42 -7.28
N SER C 773 3.37 10.21 -7.66
CA SER C 773 2.79 10.88 -8.82
C SER C 773 3.00 10.09 -10.11
N LEU C 774 4.20 9.51 -10.31
CA LEU C 774 4.45 8.62 -11.45
C LEU C 774 4.11 9.30 -12.80
N LEU C 775 5.06 10.06 -13.33
CA LEU C 775 4.96 10.65 -14.67
C LEU C 775 5.85 9.89 -15.67
N VAL C 776 5.41 9.82 -16.92
CA VAL C 776 6.10 9.01 -17.94
C VAL C 776 7.34 9.72 -18.49
N GLY C 777 8.51 9.20 -18.13
CA GLY C 777 9.74 9.90 -18.39
C GLY C 777 10.67 9.78 -17.19
N SER C 778 10.26 10.35 -16.06
CA SER C 778 10.87 9.99 -14.79
C SER C 778 10.18 8.73 -14.28
N ASN C 779 10.73 8.14 -13.21
CA ASN C 779 10.11 6.94 -12.65
C ASN C 779 9.98 5.89 -13.74
N LEU C 780 11.09 5.52 -14.38
CA LEU C 780 11.06 4.49 -15.41
C LEU C 780 10.81 3.11 -14.80
N GLU C 781 11.65 2.72 -13.84
CA GLU C 781 11.45 1.48 -13.11
C GLU C 781 10.34 1.69 -12.09
N LEU C 782 9.54 0.64 -11.88
CA LEU C 782 8.42 0.72 -10.95
C LEU C 782 8.50 -0.35 -9.86
N ASN C 783 8.85 0.09 -8.65
CA ASN C 783 9.07 -0.79 -7.50
C ASN C 783 7.76 -1.15 -6.79
N ALA C 784 7.41 -2.45 -6.87
CA ALA C 784 6.20 -3.00 -6.23
C ALA C 784 6.59 -3.96 -5.09
N GLU C 785 6.04 -3.66 -3.91
CA GLU C 785 6.28 -4.45 -2.70
C GLU C 785 5.05 -5.31 -2.41
N VAL C 786 5.11 -6.56 -2.86
CA VAL C 786 3.97 -7.46 -2.74
C VAL C 786 4.17 -8.42 -1.55
N MET C 787 3.18 -8.39 -0.65
CA MET C 787 3.04 -9.36 0.43
C MET C 787 1.93 -10.37 0.08
N VAL C 788 1.98 -11.52 0.73
CA VAL C 788 1.07 -12.63 0.41
C VAL C 788 0.88 -13.56 1.61
N TRP C 789 -0.31 -14.16 1.67
CA TRP C 789 -0.71 -15.00 2.80
C TRP C 789 -0.90 -16.48 2.39
N ASN C 790 -0.99 -17.33 3.42
CA ASN C 790 -1.35 -18.76 3.23
C ASN C 790 -2.11 -19.27 4.45
N ASP C 791 -3.38 -18.87 4.55
CA ASP C 791 -4.21 -19.23 5.70
C ASP C 791 -4.91 -20.54 5.46
N GLY C 792 -4.41 -21.32 4.52
CA GLY C 792 -4.97 -22.64 4.27
C GLY C 792 -3.90 -23.69 4.05
N GLU C 793 -4.31 -24.80 3.45
CA GLU C 793 -3.41 -25.89 3.11
C GLU C 793 -2.21 -25.39 2.32
N ASP C 794 -1.11 -26.13 2.43
CA ASP C 794 0.17 -25.74 1.80
C ASP C 794 0.01 -25.62 0.29
N SER C 795 0.42 -24.47 -0.24
CA SER C 795 0.55 -24.26 -1.68
C SER C 795 2.00 -24.55 -2.10
N TYR C 796 2.15 -25.40 -3.11
CA TYR C 796 3.46 -25.86 -3.50
C TYR C 796 4.00 -24.99 -4.63
N GLY C 797 3.48 -25.23 -5.83
CA GLY C 797 3.92 -24.48 -6.99
C GLY C 797 3.13 -23.20 -7.11
N THR C 798 2.92 -22.53 -5.97
CA THR C 798 2.14 -21.31 -5.95
C THR C 798 2.62 -20.33 -7.01
N THR C 799 1.67 -19.77 -7.76
CA THR C 799 1.94 -18.78 -8.81
C THR C 799 1.25 -17.44 -8.52
N ILE C 800 1.90 -16.36 -8.95
CA ILE C 800 1.37 -15.01 -8.74
C ILE C 800 1.46 -14.23 -10.05
N THR C 801 0.30 -13.98 -10.64
CA THR C 801 0.23 -13.30 -11.93
C THR C 801 -0.34 -11.88 -11.76
N PHE C 802 0.13 -10.96 -12.61
CA PHE C 802 -0.32 -9.58 -12.61
C PHE C 802 -1.03 -9.22 -13.91
N SER C 803 -1.90 -8.22 -13.83
CA SER C 803 -2.49 -7.61 -15.02
C SER C 803 -2.02 -6.14 -15.14
N HIS C 804 -1.56 -5.76 -16.34
CA HIS C 804 -0.99 -4.43 -16.53
C HIS C 804 -1.22 -3.97 -17.98
N PRO C 805 -1.26 -2.66 -18.20
CA PRO C 805 -1.32 -2.06 -19.55
C PRO C 805 -0.04 -2.35 -20.36
N ALA C 806 -0.13 -2.33 -21.68
CA ALA C 806 0.98 -2.75 -22.54
C ALA C 806 2.29 -2.05 -22.17
N GLY C 807 2.17 -0.87 -21.55
CA GLY C 807 3.27 0.04 -21.36
C GLY C 807 4.34 -0.37 -20.37
N LEU C 808 4.37 -1.64 -19.98
CA LEU C 808 5.41 -2.11 -19.05
C LEU C 808 5.52 -3.63 -19.04
N SER C 809 6.65 -4.12 -18.55
CA SER C 809 6.85 -5.56 -18.34
C SER C 809 7.80 -5.79 -17.18
N TYR C 810 7.97 -7.04 -16.78
CA TYR C 810 8.78 -7.36 -15.62
C TYR C 810 10.25 -7.56 -15.98
N ARG C 811 11.14 -7.02 -15.15
CA ARG C 811 12.57 -7.35 -15.23
C ARG C 811 13.14 -7.83 -13.89
N TYR C 812 13.95 -8.90 -13.97
CA TYR C 812 14.53 -9.52 -12.76
C TYR C 812 15.32 -8.53 -11.91
N VAL C 813 15.11 -8.58 -10.60
CA VAL C 813 15.77 -7.65 -9.67
C VAL C 813 17.21 -8.10 -9.39
N ALA C 814 17.38 -9.34 -8.94
CA ALA C 814 18.72 -9.89 -8.70
C ALA C 814 19.50 -9.01 -7.74
N GLU C 815 18.97 -8.77 -6.56
CA GLU C 815 19.64 -7.85 -5.65
C GLU C 815 20.25 -8.61 -4.50
N GLY C 816 21.06 -7.91 -3.73
CA GLY C 816 21.98 -8.63 -2.89
C GLY C 816 22.42 -8.20 -1.53
N GLN C 817 23.51 -7.45 -1.59
CA GLN C 817 24.76 -8.03 -1.21
C GLN C 817 24.99 -8.25 0.27
N LYS C 818 24.15 -7.62 1.07
CA LYS C 818 23.35 -8.36 2.02
C LYS C 818 22.29 -7.43 2.59
N GLN C 819 21.07 -7.62 2.11
CA GLN C 819 20.02 -6.68 2.44
C GLN C 819 18.61 -7.21 2.33
N GLY C 820 17.85 -6.92 3.36
CA GLY C 820 16.45 -6.62 3.19
C GLY C 820 15.73 -6.70 4.51
N GLN C 821 14.42 -6.75 4.40
CA GLN C 821 13.62 -7.58 5.27
C GLN C 821 12.73 -8.24 4.24
N LEU C 822 13.39 -8.72 3.19
CA LEU C 822 12.85 -8.57 1.85
C LEU C 822 12.99 -9.80 0.94
N ARG C 823 13.20 -9.56 -0.35
CA ARG C 823 13.22 -10.58 -1.37
C ARG C 823 14.46 -11.40 -1.18
N SER C 824 14.38 -12.66 -1.58
CA SER C 824 15.39 -13.67 -1.28
C SER C 824 15.39 -14.69 -2.38
N LEU C 825 14.60 -14.41 -3.41
CA LEU C 825 13.72 -15.40 -3.97
C LEU C 825 13.84 -15.66 -5.46
N HIS C 826 14.29 -16.86 -5.80
CA HIS C 826 14.40 -17.28 -7.19
C HIS C 826 13.02 -17.62 -7.74
N LEU C 827 12.52 -16.79 -8.66
CA LEU C 827 11.18 -16.97 -9.22
C LEU C 827 11.17 -16.84 -10.74
N THR C 828 10.29 -17.60 -11.39
CA THR C 828 10.21 -17.65 -12.85
C THR C 828 8.99 -16.89 -13.37
N CYS C 829 9.22 -15.88 -14.22
CA CYS C 829 8.14 -15.06 -14.74
C CYS C 829 8.06 -15.11 -16.26
N ASP C 830 6.84 -15.18 -16.80
CA ASP C 830 6.63 -15.20 -18.25
C ASP C 830 5.56 -14.21 -18.67
N SER C 831 5.97 -13.15 -19.36
CA SER C 831 5.02 -12.16 -19.84
C SER C 831 4.26 -12.75 -21.02
N ALA C 832 3.09 -12.19 -21.31
CA ALA C 832 2.27 -12.67 -22.43
C ALA C 832 1.01 -11.82 -22.62
N PRO C 833 0.63 -11.57 -23.89
CA PRO C 833 -0.57 -10.76 -24.20
C PRO C 833 -1.87 -11.50 -23.89
N VAL C 834 -2.84 -10.82 -23.26
CA VAL C 834 -4.08 -11.48 -22.85
C VAL C 834 -5.33 -10.82 -23.42
N GLY C 835 -5.69 -9.69 -22.83
CA GLY C 835 -6.98 -9.07 -23.08
C GLY C 835 -7.27 -8.81 -24.54
N SER C 836 -8.52 -8.48 -24.82
CA SER C 836 -8.94 -8.22 -26.18
C SER C 836 -7.99 -7.23 -26.83
N GLN C 837 -7.79 -6.09 -26.20
CA GLN C 837 -6.94 -5.06 -26.79
C GLN C 837 -6.41 -4.11 -25.74
N GLY C 838 -5.24 -4.40 -25.22
CA GLY C 838 -4.45 -3.39 -24.52
C GLY C 838 -3.72 -3.92 -23.31
N THR C 839 -4.41 -4.71 -22.52
CA THR C 839 -3.83 -5.23 -21.30
C THR C 839 -3.30 -6.63 -21.55
N TRP C 840 -2.50 -7.12 -20.60
CA TRP C 840 -1.88 -8.43 -20.71
C TRP C 840 -1.18 -8.80 -19.40
N SER C 841 -0.97 -10.11 -19.19
CA SER C 841 -0.55 -10.68 -17.90
C SER C 841 0.91 -11.14 -17.87
N THR C 842 1.55 -10.90 -16.74
CA THR C 842 2.90 -11.40 -16.50
C THR C 842 2.86 -12.32 -15.27
N SER C 843 2.72 -13.62 -15.52
CA SER C 843 2.67 -14.62 -14.46
C SER C 843 4.05 -14.82 -13.86
N CYS C 844 4.09 -15.27 -12.60
CA CYS C 844 5.36 -15.47 -11.89
C CYS C 844 5.27 -16.55 -10.80
N ARG C 845 5.55 -17.79 -11.16
CA ARG C 845 5.47 -18.88 -10.21
C ARG C 845 6.74 -19.00 -9.37
N ILE C 846 6.59 -18.92 -8.05
CA ILE C 846 7.71 -19.13 -7.15
C ILE C 846 8.32 -20.50 -7.39
N ASN C 847 9.37 -20.50 -8.19
CA ASN C 847 9.85 -21.71 -8.82
C ASN C 847 10.02 -22.89 -7.88
N HIS C 848 11.10 -22.89 -7.11
CA HIS C 848 11.57 -24.12 -6.50
C HIS C 848 11.56 -24.14 -4.98
N LEU C 849 10.38 -24.02 -4.38
CA LEU C 849 10.19 -24.39 -2.98
C LEU C 849 8.78 -24.07 -2.46
N ILE C 850 8.51 -24.50 -1.23
CA ILE C 850 7.14 -24.56 -0.72
C ILE C 850 6.72 -23.36 0.13
N PHE C 851 5.40 -23.11 0.12
CA PHE C 851 4.81 -22.01 0.87
C PHE C 851 3.83 -22.61 1.87
N ARG C 852 4.31 -22.81 3.10
CA ARG C 852 3.57 -23.62 4.07
C ARG C 852 2.83 -22.81 5.12
N GLY C 853 1.84 -23.45 5.72
CA GLY C 853 1.14 -22.89 6.88
C GLY C 853 0.66 -21.46 6.71
N GLY C 854 0.40 -20.82 7.83
CA GLY C 854 -0.06 -19.44 7.84
C GLY C 854 1.10 -18.48 7.69
N ALA C 855 2.17 -18.95 7.08
CA ALA C 855 3.35 -18.11 6.87
C ALA C 855 3.10 -17.09 5.75
N GLN C 856 3.56 -15.86 5.98
CA GLN C 856 3.48 -14.82 4.97
C GLN C 856 4.88 -14.60 4.42
N ILE C 857 4.95 -14.10 3.19
CA ILE C 857 6.23 -13.78 2.56
C ILE C 857 6.09 -12.55 1.68
N THR C 858 7.18 -11.77 1.60
CA THR C 858 7.22 -10.56 0.81
C THR C 858 8.42 -10.55 -0.14
N PHE C 859 8.13 -10.24 -1.41
CA PHE C 859 9.18 -10.14 -2.42
C PHE C 859 8.99 -8.84 -3.23
N LEU C 860 10.01 -8.49 -4.01
CA LEU C 860 9.96 -7.28 -4.81
C LEU C 860 10.00 -7.61 -6.32
N ALA C 861 9.01 -7.05 -7.03
CA ALA C 861 8.91 -7.24 -8.48
C ALA C 861 8.83 -5.88 -9.16
N THR C 862 9.78 -5.62 -10.06
CA THR C 862 9.91 -4.33 -10.73
C THR C 862 9.53 -4.35 -12.23
N PHE C 863 8.74 -3.34 -12.61
CA PHE C 863 8.26 -3.18 -13.98
C PHE C 863 8.79 -1.91 -14.65
N ASP C 864 9.61 -2.15 -15.67
CA ASP C 864 10.08 -1.08 -16.51
C ASP C 864 8.90 -0.52 -17.28
N VAL C 865 8.86 0.80 -17.35
CA VAL C 865 7.83 1.50 -18.09
C VAL C 865 8.47 2.35 -19.18
N SER C 866 7.90 2.28 -20.38
CA SER C 866 8.42 3.03 -21.53
C SER C 866 8.15 4.53 -21.39
N PRO C 867 9.09 5.37 -21.85
CA PRO C 867 8.93 6.84 -21.86
C PRO C 867 7.74 7.28 -22.72
N LYS C 868 7.36 6.43 -23.68
CA LYS C 868 6.18 6.65 -24.53
C LYS C 868 5.14 5.57 -24.20
N ALA C 869 4.73 5.53 -22.93
CA ALA C 869 3.78 4.53 -22.47
C ALA C 869 2.36 4.99 -22.78
N VAL C 870 1.74 4.34 -23.77
CA VAL C 870 0.34 4.61 -24.11
C VAL C 870 -0.56 3.98 -23.04
N LEU C 871 -1.25 4.82 -22.28
CA LEU C 871 -2.14 4.36 -21.21
C LEU C 871 -3.06 5.48 -20.74
N GLY C 872 -4.26 5.13 -20.29
CA GLY C 872 -5.25 6.11 -19.91
C GLY C 872 -4.72 7.10 -18.88
N ASP C 873 -5.51 8.11 -18.56
CA ASP C 873 -5.15 9.07 -17.53
C ASP C 873 -4.98 8.39 -16.16
N ARG C 874 -5.34 7.11 -16.10
CA ARG C 874 -5.14 6.29 -14.92
C ARG C 874 -4.72 4.88 -15.36
N LEU C 875 -3.85 4.27 -14.58
CA LEU C 875 -3.43 2.91 -14.86
C LEU C 875 -3.66 2.06 -13.63
N LEU C 876 -4.41 0.97 -13.80
CA LEU C 876 -4.68 -0.02 -12.76
C LEU C 876 -3.88 -1.28 -13.02
N LEU C 877 -3.79 -2.10 -11.99
CA LEU C 877 -3.11 -3.37 -12.11
C LEU C 877 -3.55 -4.28 -10.95
N THR C 878 -3.65 -5.58 -11.26
CA THR C 878 -4.15 -6.57 -10.31
C THR C 878 -3.09 -7.63 -10.01
N ALA C 879 -3.49 -8.59 -9.18
CA ALA C 879 -2.64 -9.69 -8.76
C ALA C 879 -3.43 -10.95 -8.37
N ASN C 880 -3.68 -11.82 -9.35
CA ASN C 880 -4.27 -13.11 -9.08
C ASN C 880 -3.25 -13.99 -8.33
N VAL C 881 -3.68 -14.62 -7.23
CA VAL C 881 -2.82 -15.52 -6.46
C VAL C 881 -3.53 -16.85 -6.21
N SER C 882 -2.82 -17.95 -6.47
CA SER C 882 -3.37 -19.30 -6.29
C SER C 882 -2.24 -20.32 -6.05
N SER C 883 -2.61 -21.57 -5.82
CA SER C 883 -1.63 -22.65 -5.62
C SER C 883 -1.31 -23.36 -6.93
N GLU C 884 -0.35 -24.28 -6.86
CA GLU C 884 -0.01 -25.08 -8.03
C GLU C 884 -1.24 -25.88 -8.47
N ASN C 885 -2.09 -26.24 -7.50
CA ASN C 885 -3.31 -27.02 -7.73
C ASN C 885 -4.46 -26.16 -8.28
N ASN C 886 -4.11 -25.13 -9.04
CA ASN C 886 -5.11 -24.33 -9.72
C ASN C 886 -6.10 -23.71 -8.75
N THR C 887 -7.19 -23.18 -9.30
CA THR C 887 -8.23 -22.54 -8.50
C THR C 887 -9.49 -23.35 -8.64
N PRO C 888 -9.69 -24.31 -7.73
CA PRO C 888 -10.80 -25.26 -7.75
C PRO C 888 -12.18 -24.66 -7.54
N ARG C 889 -12.27 -23.41 -7.09
CA ARG C 889 -13.56 -22.86 -6.70
C ARG C 889 -13.79 -21.43 -7.14
N THR C 890 -14.67 -20.75 -6.40
CA THR C 890 -15.61 -19.81 -6.98
C THR C 890 -15.13 -18.38 -7.12
N SER C 891 -14.95 -17.71 -6.00
CA SER C 891 -14.63 -16.28 -6.02
C SER C 891 -13.12 -16.08 -5.97
N LYS C 892 -12.56 -15.47 -7.03
CA LYS C 892 -11.13 -15.24 -7.13
C LYS C 892 -10.66 -14.28 -6.04
N THR C 893 -9.39 -14.40 -5.63
CA THR C 893 -8.80 -13.49 -4.63
C THR C 893 -7.81 -12.52 -5.25
N THR C 894 -8.33 -11.70 -6.17
CA THR C 894 -7.53 -10.73 -6.90
C THR C 894 -7.44 -9.41 -6.14
N PHE C 895 -6.27 -8.78 -6.24
CA PHE C 895 -6.02 -7.51 -5.57
C PHE C 895 -5.55 -6.44 -6.54
N GLN C 896 -6.31 -5.36 -6.62
CA GLN C 896 -6.02 -4.29 -7.57
C GLN C 896 -5.91 -2.92 -6.90
N LEU C 897 -5.31 -1.99 -7.64
CA LEU C 897 -5.26 -0.56 -7.29
C LEU C 897 -5.02 0.31 -8.54
N GLU C 898 -5.65 1.49 -8.52
CA GLU C 898 -5.62 2.43 -9.64
C GLU C 898 -4.91 3.74 -9.25
N LEU C 899 -4.00 4.17 -10.14
CA LEU C 899 -3.13 5.32 -9.92
C LEU C 899 -3.35 6.41 -10.95
N PRO C 900 -3.35 7.67 -10.48
CA PRO C 900 -3.22 8.83 -11.38
C PRO C 900 -1.87 8.82 -12.14
N VAL C 901 -1.96 8.98 -13.46
CA VAL C 901 -0.78 9.04 -14.32
C VAL C 901 -0.58 10.42 -14.96
N LYS C 902 0.68 10.89 -14.96
CA LYS C 902 1.08 12.08 -15.70
C LYS C 902 2.18 11.75 -16.74
N TYR C 903 2.74 12.80 -17.33
CA TYR C 903 3.66 12.65 -18.47
C TYR C 903 4.71 13.77 -18.43
N ALA C 904 5.93 13.41 -18.85
CA ALA C 904 7.07 14.33 -18.83
C ALA C 904 6.99 15.30 -19.99
N VAL C 905 7.45 16.52 -19.73
CA VAL C 905 7.49 17.55 -20.75
C VAL C 905 8.66 18.49 -20.44
N TYR C 906 9.32 18.97 -21.50
CA TYR C 906 10.39 19.95 -21.37
C TYR C 906 9.89 21.24 -21.98
N THR C 907 9.64 22.22 -21.11
CA THR C 907 9.16 23.55 -21.50
C THR C 907 10.05 24.72 -20.98
N VAL C 908 10.79 25.34 -21.90
CA VAL C 908 11.80 26.37 -21.58
C VAL C 908 11.49 27.70 -22.29
N VAL C 909 11.95 28.79 -21.66
CA VAL C 909 11.71 30.13 -22.18
C VAL C 909 12.89 31.06 -21.81
N SER C 910 13.35 31.84 -22.79
CA SER C 910 14.45 32.77 -22.59
C SER C 910 14.03 34.20 -22.95
N SER C 911 14.86 35.16 -22.53
CA SER C 911 14.63 36.57 -22.84
C SER C 911 15.55 37.02 -23.97
N HIS C 912 15.03 37.01 -25.20
CA HIS C 912 15.84 37.29 -26.39
C HIS C 912 16.64 38.57 -26.18
N GLU C 913 17.85 38.58 -26.73
CA GLU C 913 18.77 39.69 -26.48
C GLU C 913 18.42 40.93 -27.31
N GLN C 914 17.24 40.93 -27.93
CA GLN C 914 16.71 42.13 -28.57
C GLN C 914 15.86 42.86 -27.54
N PHE C 915 16.48 43.20 -26.41
CA PHE C 915 15.80 43.83 -25.29
C PHE C 915 16.32 45.23 -25.01
N THR C 916 15.40 46.16 -24.75
CA THR C 916 15.71 47.59 -24.70
C THR C 916 16.23 48.11 -23.36
N LYS C 917 17.55 48.11 -23.18
CA LYS C 917 18.19 48.78 -22.04
C LYS C 917 18.81 50.11 -22.52
N TYR C 918 18.08 51.22 -22.35
CA TYR C 918 18.32 52.42 -23.14
C TYR C 918 18.71 53.68 -22.39
N LEU C 919 18.82 53.59 -21.07
CA LEU C 919 19.10 54.77 -20.24
C LEU C 919 20.04 55.76 -20.92
N ASN C 920 19.82 57.05 -20.72
CA ASN C 920 20.82 58.06 -21.09
C ASN C 920 20.44 59.45 -20.58
N PHE C 921 21.43 60.31 -20.46
CA PHE C 921 21.34 61.49 -19.62
C PHE C 921 20.31 62.55 -20.05
N SER C 922 19.90 62.53 -21.32
CA SER C 922 19.01 63.56 -21.83
C SER C 922 17.61 63.45 -21.23
N GLU C 923 17.36 64.16 -20.14
CA GLU C 923 16.07 64.13 -19.47
C GLU C 923 15.63 65.51 -19.03
N SER C 924 15.17 66.30 -19.99
CA SER C 924 14.77 67.67 -19.71
C SER C 924 13.30 67.72 -19.32
N GLU C 925 12.45 67.09 -20.11
CA GLU C 925 11.02 67.10 -19.85
C GLU C 925 10.50 65.68 -19.65
N GLU C 926 9.20 65.59 -19.43
CA GLU C 926 8.53 64.32 -19.24
C GLU C 926 7.77 63.94 -20.49
N LYS C 927 8.44 63.24 -21.40
CA LYS C 927 7.86 62.85 -22.67
C LYS C 927 7.19 61.49 -22.58
N GLU C 928 6.99 60.83 -23.72
CA GLU C 928 6.18 59.62 -23.74
C GLU C 928 6.82 58.43 -24.44
N SER C 929 7.18 58.59 -25.69
CA SER C 929 7.36 57.45 -26.58
C SER C 929 8.80 57.13 -26.95
N HIS C 930 9.47 56.37 -26.10
CA HIS C 930 10.67 55.66 -26.52
C HIS C 930 10.39 54.17 -26.31
N VAL C 931 9.19 53.76 -26.70
CA VAL C 931 8.70 52.39 -26.54
C VAL C 931 9.81 51.35 -26.38
N ALA C 932 9.75 50.59 -25.28
CA ALA C 932 10.70 49.49 -25.06
C ALA C 932 10.15 48.20 -25.67
N MET C 933 11.03 47.22 -25.82
CA MET C 933 10.66 45.99 -26.50
C MET C 933 11.24 44.79 -25.75
N HIS C 934 10.35 44.03 -25.11
CA HIS C 934 10.73 42.82 -24.42
C HIS C 934 10.35 41.60 -25.25
N ARG C 935 11.32 41.03 -25.96
CA ARG C 935 11.07 39.84 -26.78
C ARG C 935 11.41 38.59 -25.99
N TYR C 936 10.43 37.70 -25.91
CA TYR C 936 10.54 36.41 -25.25
C TYR C 936 10.40 35.28 -26.29
N GLN C 937 11.34 34.35 -26.27
CA GLN C 937 11.29 33.16 -27.12
C GLN C 937 11.10 31.94 -26.27
N VAL C 938 10.25 31.02 -26.73
CA VAL C 938 9.95 29.82 -25.96
C VAL C 938 9.97 28.60 -26.88
N ASN C 939 10.19 27.43 -26.30
CA ASN C 939 10.25 26.19 -27.05
C ASN C 939 10.29 24.95 -26.14
N ASN C 940 9.70 23.85 -26.61
CA ASN C 940 9.62 22.65 -25.81
C ASN C 940 10.37 21.50 -26.46
N LEU C 941 11.37 21.00 -25.73
CA LEU C 941 12.13 19.83 -26.17
C LEU C 941 11.52 18.56 -25.61
N GLY C 942 10.25 18.61 -25.23
CA GLY C 942 9.54 17.43 -24.77
C GLY C 942 9.38 16.47 -25.92
N GLN C 943 8.39 15.58 -25.84
CA GLN C 943 8.18 14.61 -26.91
C GLN C 943 6.67 14.37 -27.14
N ARG C 944 5.87 15.38 -26.80
CA ARG C 944 4.43 15.31 -27.01
C ARG C 944 3.82 16.70 -27.21
N ASP C 945 2.91 16.75 -28.18
CA ASP C 945 2.16 17.96 -28.43
C ASP C 945 1.23 18.17 -27.26
N LEU C 946 1.26 19.36 -26.69
CA LEU C 946 0.49 19.66 -25.50
C LEU C 946 0.07 21.14 -25.40
N PRO C 947 -1.23 21.42 -25.23
CA PRO C 947 -1.69 22.80 -25.04
C PRO C 947 -0.96 23.51 -23.89
N VAL C 948 -0.78 24.82 -24.03
CA VAL C 948 -0.16 25.63 -22.98
C VAL C 948 -0.79 27.02 -22.91
N SER C 949 -0.32 27.83 -21.98
CA SER C 949 -0.83 29.17 -21.84
C SER C 949 0.29 30.01 -21.24
N ILE C 950 0.83 30.92 -22.05
CA ILE C 950 1.96 31.74 -21.62
C ILE C 950 1.48 33.04 -20.94
N ASN C 951 1.81 33.14 -19.64
CA ASN C 951 1.44 34.30 -18.81
C ASN C 951 2.53 35.36 -18.79
N PHE C 952 2.13 36.59 -18.50
CA PHE C 952 3.04 37.73 -18.46
C PHE C 952 2.72 38.68 -17.32
N TRP C 953 3.64 39.59 -17.05
CA TRP C 953 3.49 40.54 -15.96
C TRP C 953 4.22 41.86 -16.29
N VAL C 954 3.46 42.85 -16.77
CA VAL C 954 4.03 44.12 -17.21
C VAL C 954 3.52 45.30 -16.36
N PRO C 955 4.42 45.97 -15.61
CA PRO C 955 4.02 47.09 -14.75
C PRO C 955 3.36 48.21 -15.54
N VAL C 956 2.41 48.92 -14.94
CA VAL C 956 1.79 50.08 -15.58
C VAL C 956 1.45 51.08 -14.48
N GLU C 957 0.19 51.10 -14.07
CA GLU C 957 -0.24 52.04 -13.04
C GLU C 957 0.72 52.04 -11.86
N LEU C 958 1.02 53.24 -11.35
CA LEU C 958 1.89 53.41 -10.19
C LEU C 958 1.45 54.63 -9.40
N ASN C 959 0.42 54.44 -8.57
CA ASN C 959 -0.17 55.55 -7.83
C ASN C 959 -0.83 56.53 -8.80
N GLN C 960 -1.64 55.99 -9.71
CA GLN C 960 -2.33 56.79 -10.74
C GLN C 960 -1.35 57.23 -11.83
N GLU C 961 -0.06 57.19 -11.53
CA GLU C 961 0.98 57.61 -12.47
C GLU C 961 1.40 56.43 -13.34
N ALA C 962 0.91 56.39 -14.57
CA ALA C 962 1.21 55.31 -15.49
C ALA C 962 2.72 55.15 -15.69
N VAL C 963 3.17 53.90 -15.81
CA VAL C 963 4.58 53.61 -16.02
C VAL C 963 4.85 53.61 -17.52
N TRP C 964 4.19 52.70 -18.23
CA TRP C 964 4.20 52.75 -19.70
C TRP C 964 2.90 52.24 -20.28
N MET C 965 2.34 53.05 -21.17
CA MET C 965 0.96 52.93 -21.57
C MET C 965 0.77 52.08 -22.81
N ASP C 966 -0.50 51.83 -23.13
CA ASP C 966 -0.89 51.14 -24.35
C ASP C 966 0.09 50.01 -24.67
N VAL C 967 0.27 49.11 -23.71
CA VAL C 967 1.16 47.98 -23.92
C VAL C 967 0.37 46.79 -24.46
N GLU C 968 0.78 46.28 -25.62
CA GLU C 968 0.17 45.10 -26.22
C GLU C 968 1.27 44.12 -26.63
N VAL C 969 0.87 42.92 -27.05
CA VAL C 969 1.82 41.88 -27.41
C VAL C 969 1.63 41.35 -28.83
N SER C 970 2.67 41.54 -29.64
CA SER C 970 2.67 41.06 -31.01
C SER C 970 3.06 39.59 -31.04
N HIS C 971 2.53 38.87 -32.02
CA HIS C 971 2.81 37.45 -32.17
C HIS C 971 3.18 37.11 -33.62
N PRO C 972 4.32 37.62 -34.07
CA PRO C 972 4.76 37.46 -35.46
C PRO C 972 5.09 36.00 -35.80
N GLN C 973 5.27 35.73 -37.08
CA GLN C 973 5.65 34.41 -37.55
C GLN C 973 4.65 33.34 -37.12
N ASN C 974 3.47 33.77 -36.68
CA ASN C 974 2.44 32.87 -36.20
C ASN C 974 1.05 33.49 -36.27
N PRO C 975 0.01 32.65 -36.38
CA PRO C 975 -1.37 33.13 -36.51
C PRO C 975 -1.75 34.13 -35.44
N SER C 976 -2.83 34.88 -35.66
CA SER C 976 -3.29 35.85 -34.67
C SER C 976 -3.97 35.12 -33.53
N LEU C 977 -3.23 34.92 -32.45
CA LEU C 977 -3.74 34.21 -31.27
C LEU C 977 -4.48 35.15 -30.32
N ARG C 978 -5.26 34.58 -29.41
CA ARG C 978 -6.06 35.37 -28.48
C ARG C 978 -5.34 35.48 -27.14
N CYS C 979 -5.22 36.69 -26.63
CA CYS C 979 -4.60 36.91 -25.33
C CYS C 979 -5.50 37.72 -24.40
N SER C 980 -5.37 37.46 -23.11
CA SER C 980 -6.22 38.10 -22.11
C SER C 980 -5.48 39.20 -21.39
N SER C 981 -6.23 40.06 -20.71
CA SER C 981 -5.66 41.18 -20.01
C SER C 981 -6.39 41.44 -18.70
N GLU C 982 -5.63 41.61 -17.63
CA GLU C 982 -6.20 41.87 -16.31
C GLU C 982 -5.26 42.72 -15.42
N LYS C 983 -5.80 43.79 -14.83
CA LYS C 983 -5.02 44.62 -13.93
C LYS C 983 -5.13 44.11 -12.49
N ILE C 984 -4.07 44.30 -11.71
CA ILE C 984 -4.07 43.89 -10.31
C ILE C 984 -3.20 44.81 -9.45
N ALA C 985 -3.60 45.00 -8.19
CA ALA C 985 -2.90 45.90 -7.29
C ALA C 985 -2.11 45.13 -6.23
N PRO C 986 -0.79 45.37 -6.18
CA PRO C 986 0.13 44.70 -5.24
C PRO C 986 -0.18 45.00 -3.77
N PRO C 987 0.64 44.46 -2.85
CA PRO C 987 0.33 44.50 -1.41
C PRO C 987 0.30 45.90 -0.82
N ALA C 988 0.89 46.87 -1.50
CA ALA C 988 0.82 48.27 -1.09
C ALA C 988 1.71 48.57 0.11
N SER C 989 2.83 47.88 0.23
CA SER C 989 3.79 48.17 1.29
C SER C 989 4.45 49.51 1.04
N ASP C 990 5.27 49.96 1.97
CA ASP C 990 5.98 51.22 1.81
C ASP C 990 6.99 51.10 0.66
N PHE C 991 6.57 51.54 -0.51
CA PHE C 991 7.39 51.40 -1.70
C PHE C 991 8.57 52.37 -1.68
N LEU C 992 8.44 53.42 -0.89
CA LEU C 992 9.53 54.37 -0.72
C LEU C 992 10.81 53.60 -0.40
N ALA C 993 10.83 52.94 0.76
CA ALA C 993 12.03 52.24 1.21
C ALA C 993 12.24 50.96 0.42
N HIS C 994 11.16 50.43 -0.14
CA HIS C 994 11.20 49.15 -0.84
C HIS C 994 12.25 49.18 -1.94
N ILE C 995 12.05 50.03 -2.94
CA ILE C 995 12.94 50.04 -4.09
C ILE C 995 14.25 50.78 -3.78
N GLN C 996 14.32 51.40 -2.62
CA GLN C 996 15.56 52.04 -2.19
C GLN C 996 16.58 50.94 -1.92
N LYS C 997 16.11 49.82 -1.38
CA LYS C 997 16.94 48.62 -1.28
C LYS C 997 17.51 48.32 -2.64
N ASN C 998 16.61 48.05 -3.58
CA ASN C 998 16.97 47.62 -4.91
C ASN C 998 16.20 48.44 -5.93
N PRO C 999 16.91 49.16 -6.81
CA PRO C 999 16.29 50.02 -7.81
C PRO C 999 15.23 49.31 -8.66
N VAL C 1000 15.19 47.98 -8.60
CA VAL C 1000 14.23 47.19 -9.36
C VAL C 1000 12.78 47.68 -9.18
N LEU C 1001 11.95 47.49 -10.21
CA LEU C 1001 10.52 47.78 -10.14
C LEU C 1001 9.72 46.56 -10.59
N ASP C 1002 9.64 45.56 -9.72
CA ASP C 1002 8.83 44.37 -9.98
C ASP C 1002 7.35 44.72 -9.86
N CYS C 1003 6.48 43.77 -10.16
CA CYS C 1003 5.05 44.04 -10.15
C CYS C 1003 4.52 44.22 -8.74
N SER C 1004 5.34 43.87 -7.75
CA SER C 1004 4.93 43.91 -6.35
C SER C 1004 4.78 45.34 -5.84
N ILE C 1005 5.26 46.31 -6.61
CA ILE C 1005 5.16 47.70 -6.23
C ILE C 1005 4.11 48.38 -7.09
N ALA C 1006 4.28 48.30 -8.41
CA ALA C 1006 3.40 49.00 -9.33
C ALA C 1006 2.32 48.09 -9.88
N GLY C 1007 1.10 48.59 -9.89
CA GLY C 1007 -0.03 47.87 -10.43
C GLY C 1007 0.34 47.23 -11.76
N CYS C 1008 0.54 45.93 -11.74
CA CYS C 1008 1.01 45.21 -12.89
C CYS C 1008 -0.13 44.92 -13.89
N LEU C 1009 0.15 44.09 -14.88
CA LEU C 1009 -0.85 43.72 -15.88
C LEU C 1009 -0.51 42.31 -16.38
N ARG C 1010 -1.41 41.37 -16.11
CA ARG C 1010 -1.23 39.98 -16.54
C ARG C 1010 -1.79 39.75 -17.95
N PHE C 1011 -0.97 39.12 -18.80
CA PHE C 1011 -1.40 38.70 -20.14
C PHE C 1011 -1.45 37.19 -20.26
N ARG C 1012 -2.65 36.65 -20.47
CA ARG C 1012 -2.81 35.21 -20.54
C ARG C 1012 -2.95 34.80 -21.98
N CYS C 1013 -1.83 34.52 -22.62
CA CYS C 1013 -1.84 34.10 -24.02
C CYS C 1013 -1.96 32.58 -24.18
N ASP C 1014 -3.18 32.13 -24.39
CA ASP C 1014 -3.50 30.71 -24.57
C ASP C 1014 -2.90 30.20 -25.87
N VAL C 1015 -2.75 28.88 -25.97
CA VAL C 1015 -2.15 28.24 -27.13
C VAL C 1015 -2.84 26.91 -27.42
N PRO C 1016 -3.31 26.73 -28.66
CA PRO C 1016 -4.06 25.53 -29.00
C PRO C 1016 -3.27 24.25 -28.72
N SER C 1017 -2.16 24.08 -29.45
CA SER C 1017 -1.33 22.89 -29.29
C SER C 1017 0.11 23.25 -29.58
N PHE C 1018 0.89 23.38 -28.51
CA PHE C 1018 2.29 23.72 -28.62
C PHE C 1018 3.14 22.55 -29.11
N SER C 1019 2.98 22.19 -30.37
CA SER C 1019 3.70 21.07 -30.95
C SER C 1019 5.14 21.07 -30.42
N VAL C 1020 5.72 19.88 -30.24
CA VAL C 1020 7.10 19.77 -29.81
C VAL C 1020 8.03 20.32 -30.89
N GLN C 1021 9.14 20.93 -30.46
CA GLN C 1021 10.12 21.48 -31.38
C GLN C 1021 9.73 22.89 -31.84
N GLU C 1022 8.45 23.22 -31.70
CA GLU C 1022 7.94 24.52 -32.11
C GLU C 1022 8.56 25.58 -31.22
N GLU C 1023 9.31 26.50 -31.82
CA GLU C 1023 9.92 27.59 -31.07
C GLU C 1023 9.02 28.80 -31.05
N LEU C 1024 7.70 28.58 -31.06
CA LEU C 1024 6.75 29.67 -31.07
C LEU C 1024 7.25 30.82 -30.17
N ASP C 1025 7.59 31.96 -30.76
CA ASP C 1025 8.04 33.13 -30.01
C ASP C 1025 7.26 34.39 -30.39
N PHE C 1026 7.29 35.37 -29.48
CA PHE C 1026 6.55 36.62 -29.67
C PHE C 1026 7.00 37.67 -28.67
N THR C 1027 6.76 38.93 -29.03
CA THR C 1027 7.26 40.05 -28.25
C THR C 1027 6.16 41.05 -27.90
N LEU C 1028 6.48 41.92 -26.94
CA LEU C 1028 5.53 42.90 -26.43
C LEU C 1028 6.20 44.27 -26.34
N LYS C 1029 5.45 45.31 -26.71
CA LYS C 1029 5.99 46.67 -26.72
C LYS C 1029 4.92 47.67 -26.28
N GLY C 1030 5.38 48.84 -25.84
CA GLY C 1030 4.48 49.94 -25.49
C GLY C 1030 5.25 51.21 -25.16
N ASN C 1031 4.76 52.35 -25.63
CA ASN C 1031 5.39 53.63 -25.36
C ASN C 1031 5.63 53.78 -23.86
N LEU C 1032 6.89 53.98 -23.48
CA LEU C 1032 7.25 54.02 -22.08
C LEU C 1032 7.35 55.45 -21.54
N SER C 1033 6.44 55.79 -20.63
CA SER C 1033 6.35 57.14 -20.09
C SER C 1033 7.50 57.46 -19.14
N PHE C 1034 7.94 58.71 -19.16
CA PHE C 1034 9.03 59.18 -18.31
C PHE C 1034 8.50 59.91 -17.08
N GLY C 1035 7.19 60.11 -17.02
CA GLY C 1035 6.57 60.89 -15.97
C GLY C 1035 6.74 60.29 -14.57
N TRP C 1036 6.46 59.01 -14.44
CA TRP C 1036 6.50 58.34 -13.15
C TRP C 1036 7.90 58.31 -12.50
N VAL C 1037 8.93 58.61 -13.30
CA VAL C 1037 10.32 58.51 -12.85
C VAL C 1037 10.60 59.38 -11.63
N ARG C 1038 9.90 60.50 -11.54
CA ARG C 1038 10.10 61.45 -10.45
C ARG C 1038 9.34 60.99 -9.21
N GLN C 1039 8.25 60.24 -9.43
CA GLN C 1039 7.37 59.80 -8.36
C GLN C 1039 8.13 59.16 -7.20
N ILE C 1040 9.28 58.56 -7.48
CA ILE C 1040 9.99 57.81 -6.46
C ILE C 1040 11.26 58.53 -5.97
N LEU C 1041 11.65 59.59 -6.65
CA LEU C 1041 12.74 60.45 -6.17
C LEU C 1041 14.07 59.72 -6.12
N GLN C 1042 14.45 59.12 -7.25
CA GLN C 1042 15.79 58.55 -7.41
C GLN C 1042 16.14 58.48 -8.89
N LYS C 1043 17.35 58.01 -9.20
CA LYS C 1043 17.79 57.85 -10.58
C LYS C 1043 18.40 56.47 -10.81
N LYS C 1044 18.50 56.08 -12.08
CA LYS C 1044 19.03 54.77 -12.46
C LYS C 1044 18.09 53.64 -12.02
N VAL C 1045 16.79 53.93 -12.00
CA VAL C 1045 15.78 52.92 -11.69
C VAL C 1045 15.72 51.93 -12.84
N SER C 1046 15.14 50.76 -12.59
CA SER C 1046 14.96 49.75 -13.65
C SER C 1046 13.65 48.98 -13.50
N VAL C 1047 12.84 48.96 -14.56
CA VAL C 1047 11.56 48.27 -14.55
C VAL C 1047 11.71 46.87 -15.13
N VAL C 1048 11.07 45.90 -14.50
CA VAL C 1048 11.17 44.51 -14.92
C VAL C 1048 9.82 43.91 -15.34
N SER C 1049 9.86 43.04 -16.35
CA SER C 1049 8.69 42.28 -16.75
C SER C 1049 9.03 40.82 -16.50
N VAL C 1050 8.07 40.09 -15.94
CA VAL C 1050 8.19 38.66 -15.69
C VAL C 1050 7.29 37.89 -16.65
N ALA C 1051 7.86 36.85 -17.24
CA ALA C 1051 7.12 36.03 -18.19
C ALA C 1051 7.25 34.60 -17.74
N GLU C 1052 6.11 33.98 -17.48
CA GLU C 1052 6.15 32.61 -17.00
C GLU C 1052 5.11 31.76 -17.75
N ILE C 1053 5.57 30.65 -18.30
CA ILE C 1053 4.73 29.70 -19.04
C ILE C 1053 4.10 28.69 -18.08
N THR C 1054 2.87 28.29 -18.42
CA THR C 1054 2.13 27.37 -17.57
C THR C 1054 1.44 26.32 -18.44
N PHE C 1055 0.95 25.27 -17.79
CA PHE C 1055 0.18 24.22 -18.46
C PHE C 1055 -0.52 23.39 -17.39
N ASP C 1056 -1.55 22.64 -17.78
CA ASP C 1056 -2.34 21.87 -16.81
C ASP C 1056 -1.42 21.02 -15.92
N THR C 1057 -1.32 21.42 -14.65
CA THR C 1057 -0.50 20.72 -13.66
C THR C 1057 -0.79 19.22 -13.67
N SER C 1058 -2.05 18.88 -13.95
CA SER C 1058 -2.50 17.49 -14.10
C SER C 1058 -2.35 17.01 -15.53
N VAL C 1059 -1.99 15.73 -15.68
CA VAL C 1059 -1.76 15.12 -17.00
C VAL C 1059 -0.34 15.37 -17.50
N TYR C 1060 0.12 16.63 -17.42
CA TYR C 1060 1.47 17.02 -17.85
C TYR C 1060 2.26 17.61 -16.67
N SER C 1061 3.58 17.66 -16.86
CA SER C 1061 4.48 18.12 -15.80
C SER C 1061 5.95 18.06 -16.26
N GLN C 1062 6.78 19.01 -15.79
CA GLN C 1062 8.23 19.08 -16.16
C GLN C 1062 9.09 18.07 -15.39
N LEU C 1063 10.10 17.55 -16.09
CA LEU C 1063 10.65 16.23 -15.80
C LEU C 1063 11.70 16.12 -14.66
N PRO C 1064 12.71 17.01 -14.65
CA PRO C 1064 14.07 16.72 -14.13
C PRO C 1064 14.19 16.78 -12.64
N GLY C 1065 13.05 16.97 -12.00
CA GLY C 1065 13.03 17.52 -10.67
C GLY C 1065 12.18 18.76 -10.79
N GLN C 1066 12.84 19.89 -11.06
CA GLN C 1066 12.13 21.14 -11.13
C GLN C 1066 12.98 22.15 -11.87
N GLU C 1067 12.50 22.49 -13.05
CA GLU C 1067 13.15 23.50 -13.84
C GLU C 1067 12.31 24.79 -13.92
N ALA C 1068 12.91 25.90 -13.43
CA ALA C 1068 12.34 27.25 -13.52
C ALA C 1068 12.65 27.89 -14.89
N PHE C 1069 13.05 27.06 -15.84
CA PHE C 1069 13.32 27.51 -17.21
C PHE C 1069 12.02 27.97 -17.85
N MET C 1070 10.89 27.77 -17.16
CA MET C 1070 9.60 28.29 -17.64
C MET C 1070 9.20 29.60 -16.93
N ARG C 1071 10.20 30.44 -16.65
CA ARG C 1071 9.99 31.74 -16.01
C ARG C 1071 11.17 32.69 -16.28
N ALA C 1072 11.17 33.32 -17.46
CA ALA C 1072 12.20 34.28 -17.82
C ALA C 1072 11.92 35.68 -17.28
N GLN C 1073 12.83 36.60 -17.56
CA GLN C 1073 12.76 37.95 -17.01
C GLN C 1073 13.57 38.92 -17.88
N THR C 1074 13.11 40.16 -17.97
CA THR C 1074 13.79 41.20 -18.74
C THR C 1074 13.79 42.49 -17.94
N THR C 1075 14.98 43.00 -17.63
CA THR C 1075 15.10 44.23 -16.83
C THR C 1075 15.63 45.40 -17.66
N THR C 1076 14.74 46.34 -17.96
CA THR C 1076 15.11 47.56 -18.67
C THR C 1076 15.51 48.66 -17.68
N VAL C 1077 16.30 49.63 -18.11
CA VAL C 1077 16.75 50.72 -17.24
C VAL C 1077 16.34 52.13 -17.72
N LEU C 1078 15.94 52.97 -16.77
CA LEU C 1078 15.52 54.35 -17.08
C LEU C 1078 16.42 55.39 -16.41
N GLU C 1079 17.73 55.22 -16.51
CA GLU C 1079 18.66 56.20 -15.96
C GLU C 1079 18.68 57.45 -16.85
N LYS C 1080 18.05 58.51 -16.36
CA LYS C 1080 18.01 59.78 -17.08
C LYS C 1080 18.17 60.93 -16.11
N TYR C 1081 19.33 61.59 -16.18
CA TYR C 1081 19.71 62.59 -15.19
C TYR C 1081 19.48 64.01 -15.71
N LYS C 1082 19.95 65.00 -14.96
CA LYS C 1082 19.69 66.40 -15.26
C LYS C 1082 18.20 66.69 -15.23
N GLN D 1 37.83 -15.25 0.55
CA GLN D 1 37.86 -14.03 -0.30
C GLN D 1 36.62 -13.98 -1.18
N GLU D 2 36.54 -14.89 -2.14
CA GLU D 2 35.43 -14.92 -3.08
C GLU D 2 35.45 -16.20 -3.87
N CYS D 3 34.30 -16.87 -3.93
CA CYS D 3 34.18 -18.10 -4.70
C CYS D 3 32.74 -18.59 -4.80
N THR D 4 32.12 -18.39 -5.96
CA THR D 4 30.79 -18.93 -6.21
C THR D 4 30.91 -20.24 -6.98
N LYS D 5 30.18 -21.24 -6.52
CA LYS D 5 30.33 -22.60 -7.01
C LYS D 5 29.65 -22.79 -8.36
N PHE D 6 30.45 -23.08 -9.38
CA PHE D 6 29.92 -23.56 -10.64
C PHE D 6 29.77 -25.06 -10.49
N LYS D 7 29.31 -25.74 -11.54
CA LYS D 7 29.22 -27.20 -11.48
C LYS D 7 30.56 -27.77 -11.05
N VAL D 8 30.61 -28.33 -9.83
CA VAL D 8 31.83 -28.89 -9.27
C VAL D 8 31.80 -30.42 -9.32
N SER D 9 32.54 -31.00 -10.26
CA SER D 9 32.63 -32.45 -10.38
C SER D 9 34.02 -32.95 -9.96
N SER D 10 35.04 -32.13 -10.17
CA SER D 10 36.40 -32.48 -9.81
C SER D 10 37.13 -31.29 -9.20
N CYS D 11 38.42 -31.44 -8.94
CA CYS D 11 39.22 -30.34 -8.42
C CYS D 11 39.37 -29.26 -9.48
N ARG D 12 39.35 -29.67 -10.74
CA ARG D 12 39.51 -28.74 -11.85
C ARG D 12 38.28 -27.87 -12.08
N GLU D 13 37.10 -28.46 -11.90
CA GLU D 13 35.86 -27.71 -12.06
C GLU D 13 35.64 -26.74 -10.89
N CYS D 14 36.43 -26.87 -9.83
CA CYS D 14 36.42 -25.93 -8.70
C CYS D 14 37.35 -24.76 -9.02
N ILE D 15 38.37 -25.07 -9.80
CA ILE D 15 39.34 -24.11 -10.27
C ILE D 15 38.69 -23.19 -11.31
N GLU D 16 37.81 -23.74 -12.15
CA GLU D 16 37.15 -22.99 -13.21
C GLU D 16 35.98 -22.17 -12.66
N SER D 17 35.95 -21.96 -11.35
CA SER D 17 34.89 -21.20 -10.72
C SER D 17 35.31 -19.75 -10.50
N GLY D 18 36.58 -19.54 -10.17
CA GLY D 18 37.08 -18.20 -9.97
C GLY D 18 38.43 -18.17 -9.28
N PRO D 19 39.05 -16.98 -9.25
CA PRO D 19 40.37 -16.80 -8.64
C PRO D 19 40.40 -17.22 -7.18
N GLY D 20 39.41 -16.79 -6.41
CA GLY D 20 39.38 -17.05 -4.98
C GLY D 20 38.79 -18.42 -4.65
N CYS D 21 38.90 -19.36 -5.57
CA CYS D 21 38.38 -20.71 -5.36
C CYS D 21 39.51 -21.69 -5.07
N THR D 22 39.40 -22.38 -3.94
CA THR D 22 40.38 -23.39 -3.55
C THR D 22 39.71 -24.75 -3.42
N TRP D 23 40.51 -25.81 -3.39
CA TRP D 23 39.98 -27.17 -3.31
C TRP D 23 40.70 -27.99 -2.25
N CYS D 24 39.97 -28.88 -1.58
CA CYS D 24 40.55 -29.75 -0.54
C CYS D 24 40.58 -31.21 -1.00
N GLN D 25 41.73 -31.85 -0.81
CA GLN D 25 41.92 -33.23 -1.24
C GLN D 25 41.77 -34.19 -0.06
N LYS D 26 41.89 -33.66 1.15
CA LYS D 26 41.83 -34.48 2.36
C LYS D 26 40.58 -35.34 2.36
N LEU D 27 40.79 -36.66 2.37
CA LEU D 27 39.68 -37.61 2.39
C LEU D 27 38.93 -37.55 3.70
N ASN D 28 37.84 -38.32 3.77
CA ASN D 28 37.03 -38.34 4.98
C ASN D 28 36.59 -36.94 5.37
N PHE D 29 36.63 -36.03 4.40
CA PHE D 29 36.20 -34.66 4.66
C PHE D 29 34.70 -34.51 4.44
N THR D 30 34.13 -35.44 3.67
CA THR D 30 32.70 -35.43 3.42
C THR D 30 31.95 -36.13 4.56
N GLY D 31 31.01 -35.41 5.18
CA GLY D 31 30.25 -35.96 6.28
C GLY D 31 29.39 -37.13 5.86
N PRO D 32 28.64 -37.70 6.82
CA PRO D 32 27.76 -38.85 6.55
C PRO D 32 27.00 -38.70 5.24
N GLY D 33 26.44 -37.52 5.00
CA GLY D 33 25.69 -37.27 3.78
C GLY D 33 25.86 -35.84 3.30
N ASP D 34 27.11 -35.45 3.09
CA ASP D 34 27.40 -34.10 2.64
C ASP D 34 27.78 -34.09 1.17
N PRO D 35 27.52 -32.96 0.50
CA PRO D 35 27.87 -32.77 -0.90
C PRO D 35 29.38 -32.87 -1.13
N ASP D 36 29.79 -33.21 -2.35
CA ASP D 36 31.21 -33.20 -2.71
C ASP D 36 31.66 -31.80 -3.11
N SER D 37 30.70 -30.94 -3.41
CA SER D 37 30.98 -29.57 -3.81
C SER D 37 31.43 -28.71 -2.62
N ILE D 38 31.30 -29.26 -1.42
CA ILE D 38 31.70 -28.55 -0.20
C ILE D 38 33.21 -28.44 -0.13
N ARG D 39 33.89 -29.36 -0.82
CA ARG D 39 35.34 -29.36 -0.86
C ARG D 39 35.89 -28.11 -1.55
N CYS D 40 35.02 -27.42 -2.29
CA CYS D 40 35.42 -26.23 -3.03
C CYS D 40 34.88 -24.95 -2.39
N ASP D 41 35.67 -24.33 -1.52
CA ASP D 41 35.31 -23.09 -0.87
C ASP D 41 36.50 -22.12 -0.95
N THR D 42 36.55 -21.14 -0.06
CA THR D 42 37.68 -20.22 -0.01
C THR D 42 38.70 -20.78 0.97
N ARG D 43 39.97 -20.45 0.76
CA ARG D 43 41.04 -20.96 1.62
C ARG D 43 40.74 -20.76 3.10
N PRO D 44 40.25 -19.57 3.46
CA PRO D 44 39.91 -19.29 4.86
C PRO D 44 38.83 -20.23 5.40
N GLN D 45 37.76 -20.40 4.64
CA GLN D 45 36.67 -21.27 5.04
C GLN D 45 37.14 -22.72 5.24
N LEU D 46 38.05 -23.16 4.38
CA LEU D 46 38.57 -24.52 4.44
C LEU D 46 39.26 -24.79 5.77
N LEU D 47 40.04 -23.81 6.24
CA LEU D 47 40.74 -23.93 7.51
C LEU D 47 39.76 -23.88 8.67
N MET D 48 38.69 -23.10 8.52
CA MET D 48 37.68 -22.98 9.56
C MET D 48 36.87 -24.26 9.65
N ARG D 49 36.85 -25.02 8.56
CA ARG D 49 36.11 -26.28 8.52
C ARG D 49 36.97 -27.44 9.01
N GLY D 50 38.29 -27.29 8.89
CA GLY D 50 39.21 -28.31 9.34
C GLY D 50 40.20 -28.74 8.28
N CYS D 51 39.83 -28.50 7.02
CA CYS D 51 40.69 -28.86 5.90
C CYS D 51 42.11 -28.36 6.13
N ALA D 52 43.06 -29.29 6.16
CA ALA D 52 44.46 -28.94 6.39
C ALA D 52 44.94 -27.89 5.39
N ALA D 53 46.02 -27.20 5.74
CA ALA D 53 46.58 -26.16 4.88
C ALA D 53 47.32 -26.77 3.70
N ASP D 54 48.07 -27.85 3.95
CA ASP D 54 48.84 -28.50 2.90
C ASP D 54 47.95 -29.39 2.01
N ASP D 55 46.66 -29.40 2.32
CA ASP D 55 45.70 -30.17 1.52
C ASP D 55 44.94 -29.26 0.55
N ILE D 56 45.29 -27.98 0.54
CA ILE D 56 44.57 -26.99 -0.25
C ILE D 56 45.26 -26.75 -1.59
N MET D 57 44.72 -27.35 -2.65
CA MET D 57 45.31 -27.24 -3.97
C MET D 57 44.99 -25.87 -4.57
N ASP D 58 45.93 -25.36 -5.37
CA ASP D 58 45.91 -23.97 -5.78
C ASP D 58 46.94 -23.72 -6.89
N PRO D 59 46.65 -24.22 -8.10
CA PRO D 59 47.49 -24.09 -9.29
C PRO D 59 47.56 -22.65 -9.82
N THR D 60 48.76 -22.10 -9.87
CA THR D 60 48.94 -20.66 -10.05
C THR D 60 49.80 -20.31 -11.27
N SER D 61 49.59 -19.11 -11.82
CA SER D 61 50.31 -18.66 -13.00
C SER D 61 51.68 -18.12 -12.62
N LEU D 62 52.69 -18.45 -13.42
CA LEU D 62 54.03 -17.90 -13.22
C LEU D 62 54.78 -17.80 -14.54
N ALA D 63 56.00 -17.26 -14.50
CA ALA D 63 56.72 -16.93 -15.72
C ALA D 63 58.09 -17.59 -15.78
N GLU D 64 58.45 -18.04 -16.98
CA GLU D 64 59.75 -18.66 -17.21
C GLU D 64 60.65 -17.73 -18.00
N THR D 65 61.69 -17.22 -17.36
CA THR D 65 62.60 -16.28 -18.01
C THR D 65 63.89 -16.94 -18.49
N GLN D 66 63.81 -17.61 -19.64
CA GLN D 66 64.99 -18.22 -20.26
C GLN D 66 65.84 -17.18 -20.97
N GLU D 67 66.73 -16.54 -20.21
CA GLU D 67 67.58 -15.49 -20.76
C GLU D 67 68.65 -16.08 -21.66
N ASP D 68 69.02 -15.33 -22.70
CA ASP D 68 70.01 -15.79 -23.66
C ASP D 68 71.44 -15.55 -23.17
N HIS D 69 72.42 -15.91 -24.00
CA HIS D 69 73.83 -15.69 -23.67
C HIS D 69 74.13 -14.20 -23.78
N ASN D 70 74.43 -13.75 -24.99
CA ASN D 70 74.53 -12.31 -25.28
C ASN D 70 74.74 -12.07 -26.78
N GLY D 71 74.27 -10.92 -27.24
CA GLY D 71 74.26 -10.63 -28.66
C GLY D 71 73.13 -11.37 -29.35
N GLY D 72 72.48 -12.26 -28.62
CA GLY D 72 71.23 -12.85 -29.05
C GLY D 72 70.29 -11.71 -29.40
N GLN D 73 69.95 -10.91 -28.40
CA GLN D 73 69.35 -9.60 -28.64
C GLN D 73 69.93 -8.59 -27.66
N LYS D 74 69.69 -7.32 -27.93
CA LYS D 74 70.56 -6.28 -27.40
C LYS D 74 70.05 -5.60 -26.14
N GLN D 75 68.84 -5.06 -26.21
CA GLN D 75 68.31 -4.32 -25.08
C GLN D 75 66.85 -4.64 -24.84
N LEU D 76 66.38 -5.75 -25.40
CA LEU D 76 65.06 -6.26 -25.08
C LEU D 76 65.19 -7.64 -24.42
N SER D 77 65.21 -7.64 -23.09
CA SER D 77 65.26 -8.87 -22.31
C SER D 77 64.15 -8.88 -21.26
N PRO D 78 63.67 -10.08 -20.89
CA PRO D 78 64.16 -11.37 -21.39
C PRO D 78 63.85 -11.58 -22.87
N GLN D 79 64.40 -12.63 -23.46
CA GLN D 79 64.26 -12.87 -24.88
C GLN D 79 63.23 -13.98 -25.16
N LYS D 80 62.95 -14.79 -24.15
CA LYS D 80 62.00 -15.88 -24.29
C LYS D 80 61.21 -16.09 -23.00
N VAL D 81 59.94 -15.72 -23.01
CA VAL D 81 59.08 -15.88 -21.84
C VAL D 81 58.08 -17.00 -22.03
N THR D 82 58.34 -18.14 -21.40
CA THR D 82 57.44 -19.28 -21.45
C THR D 82 56.50 -19.26 -20.24
N LEU D 83 55.38 -18.57 -20.38
CA LEU D 83 54.42 -18.44 -19.30
C LEU D 83 53.52 -19.66 -19.20
N TYR D 84 53.12 -19.99 -17.97
CA TYR D 84 52.14 -21.04 -17.73
C TYR D 84 50.89 -20.38 -17.16
N LEU D 85 49.95 -20.08 -18.05
CA LEU D 85 48.83 -19.22 -17.71
C LEU D 85 47.57 -20.01 -17.39
N ARG D 86 47.10 -19.87 -16.16
CA ARG D 86 45.78 -20.39 -15.78
C ARG D 86 44.72 -19.33 -16.07
N PRO D 87 43.61 -19.76 -16.70
CA PRO D 87 42.52 -18.82 -17.04
C PRO D 87 42.06 -18.02 -15.83
N GLY D 88 41.82 -16.73 -16.03
CA GLY D 88 41.32 -15.87 -14.97
C GLY D 88 42.43 -15.30 -14.12
N GLN D 89 43.54 -16.03 -14.03
CA GLN D 89 44.67 -15.61 -13.21
C GLN D 89 45.76 -15.01 -14.08
N ALA D 90 46.26 -13.84 -13.67
CA ALA D 90 47.21 -13.11 -14.49
C ALA D 90 48.65 -13.56 -14.19
N ALA D 91 49.44 -13.72 -15.25
CA ALA D 91 50.87 -14.01 -15.14
C ALA D 91 51.67 -12.75 -15.47
N ALA D 92 52.60 -12.39 -14.59
CA ALA D 92 53.36 -11.15 -14.74
C ALA D 92 54.85 -11.43 -14.96
N PHE D 93 55.40 -10.83 -16.01
CA PHE D 93 56.83 -10.93 -16.31
C PHE D 93 57.35 -9.57 -16.75
N ASN D 94 58.46 -9.15 -16.15
CA ASN D 94 59.02 -7.83 -16.42
C ASN D 94 59.83 -7.76 -17.70
N VAL D 95 60.09 -6.54 -18.16
CA VAL D 95 60.83 -6.32 -19.40
C VAL D 95 61.86 -5.20 -19.22
N THR D 96 63.13 -5.57 -19.08
CA THR D 96 64.24 -4.63 -18.97
C THR D 96 64.69 -4.14 -20.34
N PHE D 97 64.64 -2.83 -20.55
CA PHE D 97 65.07 -2.23 -21.81
C PHE D 97 65.99 -1.03 -21.56
N ARG D 98 67.27 -1.21 -21.89
CA ARG D 98 68.25 -0.15 -21.70
C ARG D 98 68.94 0.18 -23.02
N ARG D 99 68.29 1.01 -23.82
CA ARG D 99 68.83 1.41 -25.11
C ARG D 99 70.28 1.81 -24.94
N ALA D 100 71.03 1.72 -26.04
CA ALA D 100 72.47 1.77 -25.98
C ALA D 100 73.08 2.92 -26.76
N LYS D 101 72.77 2.99 -28.06
CA LYS D 101 73.68 3.56 -29.02
C LYS D 101 73.11 3.52 -30.44
N GLY D 102 73.76 4.18 -31.40
CA GLY D 102 73.21 4.37 -32.74
C GLY D 102 73.82 3.42 -33.75
N TYR D 103 72.96 2.72 -34.49
CA TYR D 103 73.42 1.77 -35.50
C TYR D 103 73.57 2.43 -36.86
N PRO D 104 73.99 1.65 -37.87
CA PRO D 104 74.11 2.14 -39.24
C PRO D 104 72.83 2.78 -39.73
N ILE D 105 72.88 4.07 -40.06
CA ILE D 105 71.71 4.81 -40.49
C ILE D 105 71.44 4.57 -41.98
N ASP D 106 70.23 4.92 -42.43
CA ASP D 106 69.87 4.78 -43.83
C ASP D 106 68.72 5.74 -44.19
N LEU D 107 69.06 6.98 -44.53
CA LEU D 107 68.06 8.01 -44.83
C LEU D 107 67.51 7.92 -46.26
N TYR D 108 66.38 8.58 -46.48
CA TYR D 108 65.78 8.68 -47.81
C TYR D 108 64.93 9.94 -47.89
N TYR D 109 65.24 10.78 -48.87
CA TYR D 109 64.63 12.11 -48.94
C TYR D 109 63.45 12.14 -49.90
N LEU D 110 62.25 12.03 -49.34
CA LEU D 110 61.04 12.13 -50.14
C LEU D 110 60.66 13.60 -50.32
N MET D 111 61.06 14.18 -51.44
CA MET D 111 60.76 15.59 -51.70
C MET D 111 59.72 15.76 -52.80
N ASP D 112 58.74 16.62 -52.53
CA ASP D 112 57.70 16.94 -53.50
C ASP D 112 58.24 17.94 -54.52
N LEU D 113 58.28 17.55 -55.78
CA LEU D 113 58.78 18.43 -56.85
C LEU D 113 57.63 19.18 -57.53
N SER D 114 57.31 20.35 -57.00
CA SER D 114 56.27 21.18 -57.57
C SER D 114 56.84 22.53 -57.93
N TYR D 115 56.01 23.43 -58.45
CA TYR D 115 56.46 24.77 -58.77
C TYR D 115 56.55 25.61 -57.49
N SER D 116 55.93 25.10 -56.42
CA SER D 116 56.01 25.74 -55.11
C SER D 116 57.28 25.29 -54.39
N MET D 117 57.87 24.21 -54.87
CA MET D 117 59.09 23.68 -54.28
C MET D 117 60.30 24.04 -55.15
N LEU D 118 60.30 25.26 -55.69
CA LEU D 118 61.39 25.73 -56.54
C LEU D 118 62.58 26.19 -55.70
N ASP D 119 62.37 27.22 -54.90
CA ASP D 119 63.44 27.75 -54.04
C ASP D 119 63.85 26.72 -53.00
N ASP D 120 63.04 25.67 -52.86
CA ASP D 120 63.38 24.55 -52.00
C ASP D 120 64.41 23.67 -52.72
N LEU D 121 64.20 23.47 -54.01
CA LEU D 121 65.13 22.68 -54.81
C LEU D 121 66.45 23.42 -54.96
N ARG D 122 66.41 24.75 -54.91
CA ARG D 122 67.62 25.57 -55.07
C ARG D 122 68.44 25.59 -53.79
N ASN D 123 67.77 25.78 -52.65
CA ASN D 123 68.45 25.85 -51.36
C ASN D 123 68.69 24.47 -50.77
N VAL D 124 68.55 23.44 -51.59
CA VAL D 124 68.70 22.07 -51.13
C VAL D 124 69.34 21.16 -52.19
N LYS D 125 69.36 21.59 -53.45
CA LYS D 125 69.80 20.73 -54.56
C LYS D 125 71.10 19.99 -54.27
N LYS D 126 71.97 20.60 -53.44
CA LYS D 126 73.24 19.97 -53.11
C LYS D 126 73.80 20.42 -51.76
N LEU D 127 73.08 20.14 -50.70
CA LEU D 127 73.59 20.36 -49.36
C LEU D 127 73.62 19.04 -48.62
N GLY D 128 74.48 18.13 -49.06
CA GLY D 128 74.56 16.81 -48.47
C GLY D 128 75.91 16.52 -47.83
N GLY D 129 76.85 17.45 -47.98
CA GLY D 129 78.14 17.31 -47.34
C GLY D 129 78.04 17.62 -45.87
N ASP D 130 76.98 18.34 -45.49
CA ASP D 130 76.73 18.66 -44.09
C ASP D 130 75.76 17.65 -43.48
N LEU D 131 75.27 16.73 -44.29
CA LEU D 131 74.40 15.66 -43.81
C LEU D 131 75.23 14.53 -43.23
N LEU D 132 76.23 14.09 -43.98
CA LEU D 132 77.19 13.11 -43.46
C LEU D 132 77.96 13.74 -42.32
N ARG D 133 78.08 15.06 -42.34
CA ARG D 133 78.74 15.81 -41.28
C ARG D 133 77.88 15.78 -40.03
N ALA D 134 76.56 15.86 -40.22
CA ALA D 134 75.61 15.79 -39.14
C ALA D 134 75.39 14.33 -38.76
N LEU D 135 75.91 13.43 -39.59
CA LEU D 135 75.79 11.99 -39.36
C LEU D 135 77.05 11.47 -38.70
N ASN D 136 78.11 12.27 -38.77
CA ASN D 136 79.42 11.85 -38.30
C ASN D 136 79.44 11.59 -36.79
N GLU D 137 78.83 12.48 -36.03
CA GLU D 137 78.90 12.42 -34.57
C GLU D 137 78.46 11.07 -34.05
N ILE D 138 77.16 10.80 -34.16
CA ILE D 138 76.60 9.61 -33.54
C ILE D 138 76.94 8.37 -34.35
N THR D 139 76.34 8.25 -35.54
CA THR D 139 76.54 7.07 -36.38
C THR D 139 77.76 7.25 -37.25
N GLU D 140 78.25 6.15 -37.82
CA GLU D 140 79.40 6.20 -38.70
C GLU D 140 78.98 6.11 -40.16
N SER D 141 79.58 5.20 -40.91
CA SER D 141 79.29 5.06 -42.32
C SER D 141 77.84 4.66 -42.52
N GLY D 142 76.99 5.66 -42.76
CA GLY D 142 75.59 5.40 -43.02
C GLY D 142 75.33 5.31 -44.50
N ARG D 143 74.08 5.55 -44.90
CA ARG D 143 73.69 5.50 -46.30
C ARG D 143 72.79 6.68 -46.62
N ILE D 144 72.77 7.09 -47.88
CA ILE D 144 71.95 8.21 -48.31
C ILE D 144 71.25 7.91 -49.63
N GLY D 145 69.94 8.11 -49.66
CA GLY D 145 69.14 7.87 -50.85
C GLY D 145 68.15 8.98 -51.11
N PHE D 146 67.65 9.08 -52.35
CA PHE D 146 66.69 10.11 -52.70
C PHE D 146 65.54 9.56 -53.54
N GLY D 147 64.36 10.13 -53.35
CA GLY D 147 63.19 9.74 -54.11
C GLY D 147 62.25 10.92 -54.30
N SER D 148 61.92 11.19 -55.55
CA SER D 148 61.05 12.31 -55.87
C SER D 148 59.61 11.85 -56.01
N PHE D 149 58.67 12.80 -55.94
CA PHE D 149 57.25 12.49 -56.09
C PHE D 149 56.41 13.75 -56.29
N VAL D 150 55.30 13.63 -57.02
CA VAL D 150 54.43 14.77 -57.28
C VAL D 150 52.97 14.41 -57.04
N ASP D 151 52.37 13.72 -58.00
CA ASP D 151 50.96 13.33 -57.93
C ASP D 151 50.60 12.44 -59.12
N LYS D 152 49.51 11.69 -59.01
CA LYS D 152 49.10 10.77 -60.07
C LYS D 152 49.18 11.44 -61.44
N THR D 153 49.51 10.63 -62.45
CA THR D 153 49.65 11.14 -63.81
C THR D 153 48.31 11.60 -64.35
N VAL D 154 47.29 10.75 -64.23
CA VAL D 154 45.99 11.03 -64.82
C VAL D 154 45.17 11.99 -63.96
N LEU D 155 44.23 12.68 -64.58
CA LEU D 155 43.38 13.63 -63.90
C LEU D 155 42.49 12.86 -62.95
N PRO D 156 41.70 13.58 -62.14
CA PRO D 156 41.69 15.05 -62.05
C PRO D 156 42.85 15.68 -61.27
N PHE D 157 43.91 14.92 -61.02
CA PHE D 157 45.03 15.41 -60.22
C PHE D 157 45.98 16.29 -61.04
N VAL D 158 45.96 16.12 -62.36
CA VAL D 158 46.68 17.01 -63.27
C VAL D 158 46.23 16.78 -64.72
N ASN D 159 46.08 17.87 -65.47
CA ASN D 159 45.60 17.78 -66.85
C ASN D 159 46.38 16.73 -67.65
N THR D 160 45.66 15.73 -68.17
CA THR D 160 46.29 14.58 -68.82
C THR D 160 46.59 14.87 -70.27
N HIS D 161 45.81 15.76 -70.87
CA HIS D 161 46.07 16.19 -72.23
C HIS D 161 45.84 17.69 -72.37
N PRO D 162 46.51 18.32 -73.35
CA PRO D 162 47.58 17.68 -74.14
C PRO D 162 49.01 18.10 -73.79
N ASP D 163 49.62 19.00 -74.56
CA ASP D 163 51.07 19.17 -74.54
C ASP D 163 51.54 20.20 -73.52
N LYS D 164 50.59 20.73 -72.74
CA LYS D 164 50.91 21.30 -71.45
C LYS D 164 51.36 20.17 -70.53
N LEU D 165 51.04 18.94 -70.94
CA LEU D 165 51.57 17.73 -70.31
C LEU D 165 53.06 17.63 -70.61
N ARG D 166 53.42 17.95 -71.85
CA ARG D 166 54.83 18.01 -72.24
C ARG D 166 55.50 19.21 -71.60
N ASN D 167 54.70 20.19 -71.18
CA ASN D 167 55.24 21.42 -70.63
C ASN D 167 54.33 22.04 -69.57
N PRO D 168 54.27 21.41 -68.39
CA PRO D 168 53.42 21.88 -67.28
C PRO D 168 53.89 23.20 -66.67
N CYS D 169 55.18 23.49 -66.76
CA CYS D 169 55.74 24.69 -66.14
C CYS D 169 54.91 25.94 -66.41
N PRO D 170 54.39 26.56 -65.34
CA PRO D 170 53.55 27.75 -65.44
C PRO D 170 54.30 29.03 -65.76
N ASN D 171 54.15 29.50 -66.99
CA ASN D 171 54.64 30.83 -67.38
C ASN D 171 56.12 30.88 -67.72
N LYS D 172 56.96 30.25 -66.91
CA LYS D 172 58.40 30.31 -67.13
C LYS D 172 58.86 29.23 -68.10
N GLU D 173 58.33 28.03 -67.94
CA GLU D 173 58.67 26.92 -68.83
C GLU D 173 60.19 26.81 -68.99
N LYS D 174 60.88 26.62 -67.86
CA LYS D 174 62.34 26.48 -67.90
C LYS D 174 62.74 25.03 -68.08
N GLU D 175 62.05 24.35 -69.00
CA GLU D 175 62.38 22.98 -69.34
C GLU D 175 62.23 22.06 -68.13
N CYS D 176 61.11 22.20 -67.43
CA CYS D 176 60.81 21.33 -66.29
C CYS D 176 60.48 19.93 -66.78
N GLN D 177 60.76 18.93 -65.96
CA GLN D 177 60.53 17.53 -66.35
C GLN D 177 59.05 17.22 -66.45
N PRO D 178 58.71 16.16 -67.22
CA PRO D 178 57.32 15.75 -67.44
C PRO D 178 56.62 15.41 -66.12
N PRO D 179 55.30 15.65 -66.05
CA PRO D 179 54.52 15.27 -64.86
C PRO D 179 54.72 13.81 -64.45
N PHE D 180 55.11 13.58 -63.20
CA PHE D 180 55.36 12.23 -62.71
C PHE D 180 54.74 12.04 -61.33
N ALA D 181 55.26 11.09 -60.56
CA ALA D 181 54.69 10.76 -59.27
C ALA D 181 55.73 10.11 -58.36
N PHE D 182 56.63 9.33 -58.93
CA PHE D 182 57.71 8.71 -58.16
C PHE D 182 58.86 8.29 -59.05
N ARG D 183 59.99 8.98 -58.90
CA ARG D 183 61.16 8.65 -59.69
C ARG D 183 62.34 8.42 -58.75
N HIS D 184 62.72 7.14 -58.58
CA HIS D 184 63.86 6.78 -57.75
C HIS D 184 65.15 7.25 -58.41
N VAL D 185 65.57 8.47 -58.08
CA VAL D 185 66.73 9.07 -58.72
C VAL D 185 68.04 8.48 -58.22
N LEU D 186 68.15 8.31 -56.90
CA LEU D 186 69.39 7.85 -56.30
C LEU D 186 69.16 6.67 -55.35
N LYS D 187 70.02 5.66 -55.47
CA LYS D 187 69.99 4.49 -54.60
C LYS D 187 70.85 4.74 -53.37
N LEU D 188 70.65 3.92 -52.34
CA LEU D 188 71.41 4.06 -51.11
C LEU D 188 72.89 3.81 -51.38
N THR D 189 73.69 4.86 -51.24
CA THR D 189 75.11 4.79 -51.54
C THR D 189 75.97 5.41 -50.44
N ASN D 190 77.25 5.09 -50.47
CA ASN D 190 78.20 5.64 -49.50
C ASN D 190 78.58 7.07 -49.82
N ASN D 191 78.94 7.30 -51.08
CA ASN D 191 79.36 8.63 -51.53
C ASN D 191 78.34 9.70 -51.16
N SER D 192 78.80 10.95 -51.14
CA SER D 192 77.94 12.08 -50.78
C SER D 192 77.89 13.12 -51.90
N ASN D 193 79.03 13.39 -52.51
CA ASN D 193 79.09 14.39 -53.58
C ASN D 193 78.42 13.91 -54.85
N GLN D 194 78.50 12.61 -55.12
CA GLN D 194 77.85 12.01 -56.28
C GLN D 194 76.34 12.10 -56.11
N PHE D 195 75.91 12.06 -54.85
CA PHE D 195 74.50 12.10 -54.52
C PHE D 195 73.93 13.49 -54.80
N GLN D 196 74.68 14.52 -54.39
CA GLN D 196 74.23 15.90 -54.54
C GLN D 196 74.06 16.24 -56.02
N THR D 197 75.05 15.87 -56.81
CA THR D 197 75.08 16.24 -58.22
C THR D 197 74.00 15.52 -59.03
N GLU D 198 73.60 14.34 -58.59
CA GLU D 198 72.59 13.58 -59.29
C GLU D 198 71.19 14.13 -59.00
N VAL D 199 71.12 15.04 -58.03
CA VAL D 199 69.86 15.63 -57.64
C VAL D 199 69.57 16.90 -58.44
N GLY D 200 70.47 17.88 -58.33
CA GLY D 200 70.31 19.13 -59.03
C GLY D 200 69.89 18.90 -60.46
N LYS D 201 70.35 17.79 -61.03
CA LYS D 201 70.01 17.43 -62.41
C LYS D 201 68.54 17.69 -62.70
N GLN D 202 67.67 16.89 -62.09
CA GLN D 202 66.25 16.98 -62.36
C GLN D 202 65.64 18.29 -61.85
N LEU D 203 64.74 18.85 -62.65
CA LEU D 203 64.03 20.07 -62.28
C LEU D 203 62.61 19.71 -61.90
N ILE D 204 61.85 20.71 -61.45
CA ILE D 204 60.50 20.48 -60.95
C ILE D 204 59.53 20.04 -62.04
N SER D 205 58.25 19.96 -61.67
CA SER D 205 57.19 19.65 -62.62
C SER D 205 55.95 20.49 -62.28
N GLY D 206 54.80 19.83 -62.11
CA GLY D 206 53.58 20.53 -61.74
C GLY D 206 52.33 19.69 -61.92
N ASN D 207 51.28 20.05 -61.20
CA ASN D 207 49.98 19.35 -61.28
C ASN D 207 48.80 20.31 -61.05
N LEU D 208 47.59 19.78 -61.14
CA LEU D 208 46.38 20.59 -60.96
C LEU D 208 45.97 20.67 -59.49
N ASP D 209 45.32 19.62 -58.98
CA ASP D 209 44.81 19.62 -57.62
C ASP D 209 45.87 20.08 -56.63
N ALA D 210 45.44 20.80 -55.60
CA ALA D 210 46.37 21.43 -54.67
C ALA D 210 47.13 20.40 -53.83
N PRO D 211 46.41 19.58 -53.05
CA PRO D 211 47.15 18.57 -52.30
C PRO D 211 47.88 17.60 -53.21
N GLU D 212 48.89 16.94 -52.67
CA GLU D 212 49.73 16.05 -53.47
C GLU D 212 49.25 14.62 -53.33
N GLY D 213 49.86 13.73 -54.12
CA GLY D 213 49.60 12.30 -54.03
C GLY D 213 50.83 11.57 -53.55
N GLY D 214 51.47 12.13 -52.52
CA GLY D 214 52.72 11.61 -52.02
C GLY D 214 52.60 10.25 -51.34
N LEU D 215 51.38 9.90 -50.92
CA LEU D 215 51.14 8.64 -50.22
C LEU D 215 51.39 7.41 -51.10
N ASP D 216 51.05 7.53 -52.38
CA ASP D 216 51.27 6.45 -53.32
C ASP D 216 52.78 6.18 -53.43
N ALA D 217 53.57 7.24 -53.35
CA ALA D 217 55.02 7.13 -53.41
C ALA D 217 55.58 6.38 -52.20
N MET D 218 54.97 6.62 -51.04
CA MET D 218 55.43 5.99 -49.81
C MET D 218 55.55 4.48 -49.98
N MET D 219 54.44 3.83 -50.31
CA MET D 219 54.41 2.39 -50.49
C MET D 219 55.41 1.92 -51.53
N GLN D 220 55.32 2.48 -52.73
CA GLN D 220 56.20 2.10 -53.83
C GLN D 220 57.68 2.07 -53.41
N VAL D 221 58.05 2.94 -52.48
CA VAL D 221 59.42 3.00 -51.97
C VAL D 221 59.77 1.74 -51.19
N ALA D 222 59.09 1.57 -50.06
CA ALA D 222 59.29 0.41 -49.20
C ALA D 222 58.35 -0.72 -49.62
N ALA D 223 58.47 -1.18 -50.86
CA ALA D 223 57.62 -2.25 -51.37
C ALA D 223 58.46 -3.38 -51.95
N CYS D 224 59.48 -3.02 -52.72
CA CYS D 224 60.33 -4.01 -53.35
C CYS D 224 61.76 -3.52 -53.48
N PRO D 225 62.53 -3.55 -52.38
CA PRO D 225 63.96 -3.28 -52.41
C PRO D 225 64.75 -4.32 -53.21
N GLU D 226 64.05 -5.24 -53.87
CA GLU D 226 64.68 -6.14 -54.82
C GLU D 226 65.14 -5.35 -56.03
N GLU D 227 64.74 -4.09 -56.09
CA GLU D 227 65.12 -3.19 -57.17
C GLU D 227 65.59 -1.83 -56.65
N ILE D 228 65.33 -1.55 -55.38
CA ILE D 228 65.72 -0.28 -54.78
C ILE D 228 66.83 -0.45 -53.76
N GLY D 229 66.82 -1.58 -53.07
CA GLY D 229 67.88 -1.91 -52.13
C GLY D 229 67.72 -1.17 -50.83
N TRP D 230 67.97 -1.89 -49.73
CA TRP D 230 67.86 -1.30 -48.39
C TRP D 230 68.77 -2.01 -47.39
N ARG D 231 69.34 -1.22 -46.47
CA ARG D 231 70.23 -1.75 -45.44
C ARG D 231 69.43 -2.62 -44.48
N ASN D 232 70.10 -3.59 -43.86
CA ASN D 232 69.44 -4.52 -42.95
C ASN D 232 69.47 -4.02 -41.51
N VAL D 233 69.74 -2.73 -41.34
CA VAL D 233 69.80 -2.14 -40.01
C VAL D 233 68.73 -1.08 -39.79
N THR D 234 69.06 0.17 -40.14
CA THR D 234 68.14 1.28 -39.91
C THR D 234 67.57 1.77 -41.23
N ARG D 235 66.39 2.39 -41.16
CA ARG D 235 65.74 2.96 -42.33
C ARG D 235 64.86 4.13 -41.94
N LEU D 236 65.39 5.35 -42.06
CA LEU D 236 64.61 6.55 -41.79
C LEU D 236 64.23 7.28 -43.07
N LEU D 237 62.97 7.69 -43.18
CA LEU D 237 62.51 8.52 -44.30
C LEU D 237 62.12 9.90 -43.78
N VAL D 238 61.91 10.82 -44.72
CA VAL D 238 61.53 12.19 -44.36
C VAL D 238 60.62 12.79 -45.41
N PHE D 239 59.38 13.05 -45.01
CA PHE D 239 58.41 13.65 -45.92
C PHE D 239 58.61 15.16 -45.99
N ALA D 240 58.54 15.69 -47.20
CA ALA D 240 58.74 17.12 -47.43
C ALA D 240 57.81 17.63 -48.54
N THR D 241 56.93 18.55 -48.19
CA THR D 241 55.98 19.08 -49.15
C THR D 241 55.24 20.27 -48.56
N ASP D 242 55.06 21.30 -49.37
CA ASP D 242 54.25 22.44 -48.99
C ASP D 242 52.85 22.25 -49.52
N ASP D 243 52.35 21.03 -49.38
CA ASP D 243 51.04 20.68 -49.91
C ASP D 243 50.41 19.51 -49.15
N GLY D 244 49.16 19.23 -49.47
CA GLY D 244 48.42 18.19 -48.79
C GLY D 244 48.88 16.80 -49.16
N PHE D 245 47.96 15.84 -49.06
CA PHE D 245 48.25 14.44 -49.29
C PHE D 245 46.96 13.65 -49.53
N HIS D 246 46.93 12.89 -50.62
CA HIS D 246 45.75 12.15 -51.02
C HIS D 246 45.84 10.69 -50.57
N PHE D 247 44.74 10.17 -50.06
CA PHE D 247 44.67 8.78 -49.61
C PHE D 247 43.61 8.01 -50.37
N ALA D 248 43.47 6.73 -50.04
CA ALA D 248 42.51 5.87 -50.72
C ALA D 248 41.14 6.52 -50.82
N GLY D 249 40.39 6.14 -51.84
CA GLY D 249 39.06 6.67 -52.06
C GLY D 249 39.08 7.79 -53.09
N ASP D 250 40.17 8.54 -53.13
CA ASP D 250 40.29 9.66 -54.04
C ASP D 250 40.50 9.15 -55.46
N GLY D 251 40.97 7.91 -55.58
CA GLY D 251 41.23 7.31 -56.87
C GLY D 251 39.98 7.12 -57.71
N LYS D 252 38.83 6.99 -57.04
CA LYS D 252 37.54 6.80 -57.72
C LYS D 252 37.28 7.96 -58.67
N LEU D 253 37.95 9.08 -58.42
CA LEU D 253 37.82 10.27 -59.26
C LEU D 253 38.42 10.01 -60.64
N GLY D 254 39.57 9.32 -60.64
CA GLY D 254 40.25 8.99 -61.87
C GLY D 254 39.81 7.68 -62.49
N ALA D 255 38.58 7.26 -62.21
CA ALA D 255 38.01 6.05 -62.80
C ALA D 255 38.83 4.80 -62.46
N ILE D 256 39.41 4.77 -61.27
CA ILE D 256 40.18 3.61 -60.81
C ILE D 256 39.71 3.08 -59.44
N LEU D 257 39.11 1.89 -59.45
CA LEU D 257 38.58 1.29 -58.24
C LEU D 257 39.35 0.02 -57.88
N THR D 258 40.60 -0.04 -58.32
CA THR D 258 41.48 -1.14 -57.95
C THR D 258 42.32 -0.70 -56.76
N PRO D 259 42.04 -1.25 -55.57
CA PRO D 259 42.72 -0.82 -54.34
C PRO D 259 44.24 -1.02 -54.39
N ASN D 260 44.91 -0.63 -53.31
CA ASN D 260 46.36 -0.74 -53.23
C ASN D 260 46.79 -2.17 -52.87
N ASP D 261 47.69 -2.74 -53.66
CA ASP D 261 48.18 -4.10 -53.42
C ASP D 261 49.26 -4.13 -52.34
N GLY D 262 50.23 -3.23 -52.43
CA GLY D 262 51.27 -3.14 -51.42
C GLY D 262 52.68 -3.27 -51.98
N ARG D 263 52.79 -3.83 -53.17
CA ARG D 263 54.07 -4.02 -53.81
C ARG D 263 54.24 -3.11 -55.02
N CYS D 264 55.45 -2.56 -55.18
CA CYS D 264 55.74 -1.67 -56.28
C CYS D 264 56.19 -2.47 -57.49
N HIS D 265 55.83 -2.00 -58.68
CA HIS D 265 56.17 -2.71 -59.90
C HIS D 265 56.68 -1.73 -60.96
N LEU D 266 57.96 -1.38 -60.83
CA LEU D 266 58.61 -0.45 -61.75
C LEU D 266 59.55 -1.20 -62.69
N GLU D 267 59.84 -0.59 -63.84
CA GLU D 267 60.73 -1.20 -64.83
C GLU D 267 61.93 -0.31 -65.13
N ASP D 268 61.82 0.97 -64.78
CA ASP D 268 62.89 1.93 -65.05
C ASP D 268 63.01 2.93 -63.90
N ASN D 269 63.13 2.42 -62.68
CA ASN D 269 63.19 3.27 -61.50
C ASN D 269 62.12 4.35 -61.54
N LEU D 270 60.99 4.02 -62.16
CA LEU D 270 59.91 4.98 -62.33
C LEU D 270 58.56 4.28 -62.43
N TYR D 271 57.61 4.71 -61.60
CA TYR D 271 56.27 4.12 -61.54
C TYR D 271 55.58 4.18 -62.90
N LYS D 272 54.89 3.12 -63.25
CA LYS D 272 53.96 3.15 -64.38
C LYS D 272 52.79 2.27 -64.01
N ARG D 273 52.49 2.24 -62.72
CA ARG D 273 51.38 1.45 -62.21
C ARG D 273 50.38 2.33 -61.44
N SER D 274 50.86 3.43 -60.89
CA SER D 274 50.03 4.32 -60.07
C SER D 274 48.75 4.78 -60.79
N ASN D 275 48.75 4.72 -62.12
CA ASN D 275 47.58 5.09 -62.91
C ASN D 275 46.50 4.00 -62.90
N GLU D 276 46.93 2.75 -63.05
CA GLU D 276 46.03 1.60 -62.98
C GLU D 276 46.00 1.06 -61.55
N PHE D 277 45.90 1.95 -60.57
CA PHE D 277 46.12 1.59 -59.17
C PHE D 277 45.65 2.69 -58.25
N ASP D 278 45.01 2.31 -57.16
CA ASP D 278 44.39 3.27 -56.26
C ASP D 278 45.34 3.64 -55.11
N TYR D 279 45.03 4.75 -54.44
CA TYR D 279 45.88 5.28 -53.39
C TYR D 279 45.97 4.36 -52.17
N PRO D 280 47.15 4.28 -51.55
CA PRO D 280 47.32 3.58 -50.28
C PRO D 280 46.44 4.20 -49.23
N SER D 281 45.62 3.39 -48.56
CA SER D 281 44.78 3.86 -47.48
C SER D 281 45.64 4.48 -46.40
N VAL D 282 45.02 5.29 -45.55
CA VAL D 282 45.74 5.97 -44.49
C VAL D 282 46.43 4.96 -43.55
N GLY D 283 45.75 3.88 -43.22
CA GLY D 283 46.30 2.91 -42.29
C GLY D 283 47.15 1.83 -42.93
N GLN D 284 47.36 1.93 -44.24
CA GLN D 284 48.07 0.88 -44.96
C GLN D 284 49.56 1.08 -44.86
N LEU D 285 49.94 2.10 -44.09
CA LEU D 285 51.33 2.42 -43.91
C LEU D 285 51.78 2.01 -42.52
N ALA D 286 51.08 2.48 -41.49
CA ALA D 286 51.45 2.15 -40.13
C ALA D 286 51.69 0.65 -40.01
N HIS D 287 51.16 -0.12 -40.96
CA HIS D 287 51.36 -1.56 -40.99
C HIS D 287 52.56 -1.94 -41.87
N LYS D 288 52.39 -1.79 -43.18
CA LYS D 288 53.43 -2.16 -44.13
C LYS D 288 54.74 -1.42 -43.82
N LEU D 289 54.65 -0.10 -43.68
CA LEU D 289 55.77 0.74 -43.33
C LEU D 289 56.49 0.27 -42.07
N ALA D 290 55.75 0.16 -40.97
CA ALA D 290 56.34 -0.21 -39.71
C ALA D 290 56.82 -1.67 -39.73
N GLU D 291 56.43 -2.42 -40.76
CA GLU D 291 56.83 -3.82 -40.90
C GLU D 291 58.23 -3.91 -41.46
N ASN D 292 58.59 -2.94 -42.31
CA ASN D 292 59.91 -2.90 -42.90
C ASN D 292 60.84 -1.99 -42.10
N ASN D 293 60.46 -1.68 -40.87
CA ASN D 293 61.27 -0.87 -39.98
C ASN D 293 61.62 0.48 -40.59
N ILE D 294 60.65 1.11 -41.24
CA ILE D 294 60.83 2.44 -41.82
C ILE D 294 59.95 3.47 -41.11
N GLN D 295 60.48 4.68 -40.91
CA GLN D 295 59.75 5.72 -40.19
C GLN D 295 60.01 7.11 -40.74
N PRO D 296 59.04 7.66 -41.47
CA PRO D 296 59.11 9.02 -42.03
C PRO D 296 59.24 10.08 -40.95
N ILE D 297 59.73 11.26 -41.34
CA ILE D 297 59.89 12.38 -40.43
C ILE D 297 59.21 13.61 -41.03
N PHE D 298 58.01 13.90 -40.56
CA PHE D 298 57.22 15.01 -41.11
C PHE D 298 57.97 16.32 -40.99
N ALA D 299 58.11 16.99 -42.12
CA ALA D 299 58.78 18.29 -42.15
C ALA D 299 58.19 19.09 -43.30
N VAL D 300 57.22 19.93 -42.98
CA VAL D 300 56.55 20.76 -43.99
C VAL D 300 56.31 22.17 -43.48
N THR D 301 55.51 22.93 -44.22
CA THR D 301 55.21 24.32 -43.85
C THR D 301 54.44 24.38 -42.53
N SER D 302 54.38 25.55 -41.92
CA SER D 302 53.59 25.76 -40.72
C SER D 302 52.11 25.70 -41.05
N ARG D 303 51.80 25.81 -42.34
CA ARG D 303 50.43 25.74 -42.83
C ARG D 303 49.95 24.29 -42.76
N MET D 304 50.89 23.36 -42.85
CA MET D 304 50.59 21.94 -42.83
C MET D 304 51.21 21.25 -41.63
N VAL D 305 51.45 22.01 -40.56
CA VAL D 305 52.13 21.46 -39.39
C VAL D 305 51.19 20.70 -38.44
N LYS D 306 50.00 21.25 -38.23
CA LYS D 306 49.05 20.65 -37.28
C LYS D 306 48.14 19.65 -37.95
N THR D 307 48.28 19.48 -39.27
CA THR D 307 47.55 18.45 -40.00
C THR D 307 48.34 17.16 -39.97
N TYR D 308 49.66 17.29 -40.03
CA TYR D 308 50.55 16.15 -39.85
C TYR D 308 50.71 15.87 -38.36
N GLU D 309 50.29 16.81 -37.53
CA GLU D 309 50.32 16.63 -36.09
C GLU D 309 49.31 15.57 -35.65
N LYS D 310 48.11 15.63 -36.22
CA LYS D 310 47.08 14.63 -35.96
C LYS D 310 47.49 13.28 -36.55
N LEU D 311 48.34 13.32 -37.56
CA LEU D 311 48.86 12.12 -38.20
C LEU D 311 49.93 11.46 -37.32
N THR D 312 50.58 12.25 -36.47
CA THR D 312 51.58 11.73 -35.55
C THR D 312 50.94 10.85 -34.49
N GLU D 313 49.73 11.21 -34.10
CA GLU D 313 48.99 10.45 -33.10
C GLU D 313 48.82 9.00 -33.54
N ILE D 314 48.33 8.83 -34.76
CA ILE D 314 48.06 7.51 -35.31
C ILE D 314 49.35 6.72 -35.49
N ILE D 315 50.04 6.96 -36.59
CA ILE D 315 51.22 6.17 -36.93
C ILE D 315 52.34 6.38 -35.90
N PRO D 316 53.07 5.31 -35.60
CA PRO D 316 54.14 5.36 -34.60
C PRO D 316 55.42 6.00 -35.14
N LYS D 317 56.34 6.31 -34.24
CA LYS D 317 57.64 6.85 -34.60
C LYS D 317 57.55 7.85 -35.74
N SER D 318 57.10 9.06 -35.42
CA SER D 318 56.99 10.13 -36.41
C SER D 318 56.97 11.48 -35.71
N ALA D 319 57.83 12.40 -36.18
CA ALA D 319 57.95 13.72 -35.57
C ALA D 319 57.42 14.82 -36.51
N VAL D 320 57.05 15.95 -35.93
CA VAL D 320 56.55 17.09 -36.71
C VAL D 320 57.59 18.20 -36.72
N GLY D 321 57.85 18.77 -37.90
CA GLY D 321 58.86 19.80 -38.05
C GLY D 321 58.38 20.99 -38.87
N GLU D 322 58.01 22.06 -38.18
CA GLU D 322 57.60 23.29 -38.85
C GLU D 322 58.83 24.06 -39.31
N LEU D 323 58.88 24.36 -40.61
CA LEU D 323 60.04 25.04 -41.18
C LEU D 323 59.62 26.11 -42.18
N SER D 324 60.58 26.94 -42.59
CA SER D 324 60.31 27.99 -43.56
C SER D 324 60.12 27.40 -44.94
N GLU D 325 59.54 28.18 -45.85
CA GLU D 325 59.20 27.71 -47.18
C GLU D 325 60.44 27.56 -48.07
N ASP D 326 61.63 27.75 -47.48
CA ASP D 326 62.88 27.70 -48.24
C ASP D 326 63.67 26.41 -47.99
N SER D 327 63.21 25.60 -47.04
CA SER D 327 63.86 24.34 -46.72
C SER D 327 65.33 24.55 -46.38
N SER D 328 65.61 25.67 -45.70
CA SER D 328 66.98 25.99 -45.32
C SER D 328 67.32 25.34 -43.98
N ASN D 329 66.35 25.34 -43.07
CA ASN D 329 66.54 24.71 -41.76
C ASN D 329 66.06 23.27 -41.79
N VAL D 330 66.43 22.56 -42.85
CA VAL D 330 65.99 21.19 -43.04
C VAL D 330 66.88 20.20 -42.29
N VAL D 331 68.16 20.56 -42.10
CA VAL D 331 69.11 19.67 -41.43
C VAL D 331 68.90 19.69 -39.92
N GLN D 332 68.28 20.74 -39.40
CA GLN D 332 67.97 20.82 -37.98
C GLN D 332 66.76 19.94 -37.64
N LEU D 333 66.09 19.42 -38.67
CA LEU D 333 64.97 18.49 -38.50
C LEU D 333 65.43 17.23 -37.79
N ILE D 334 66.62 16.76 -38.17
CA ILE D 334 67.14 15.50 -37.67
C ILE D 334 67.81 15.66 -36.30
N LYS D 335 68.19 16.89 -35.95
CA LYS D 335 68.60 17.19 -34.58
C LYS D 335 67.38 17.10 -33.69
N ASN D 336 66.21 17.26 -34.30
CA ASN D 336 64.94 17.09 -33.61
C ASN D 336 64.33 15.70 -33.88
N ALA D 337 64.94 14.94 -34.78
CA ALA D 337 64.50 13.58 -35.09
C ALA D 337 64.92 12.62 -33.98
N TYR D 338 66.22 12.33 -33.90
CA TYR D 338 66.76 11.50 -32.82
C TYR D 338 66.34 12.03 -31.45
N ASN D 339 66.01 13.32 -31.40
CA ASN D 339 65.54 13.95 -30.16
C ASN D 339 64.40 13.17 -29.54
N LYS D 340 63.37 12.89 -30.34
CA LYS D 340 62.20 12.17 -29.84
C LYS D 340 61.81 11.01 -30.76
N LEU D 341 62.76 10.53 -31.56
CA LEU D 341 62.56 9.35 -32.38
C LEU D 341 63.30 8.18 -31.73
N SER D 342 64.37 8.50 -31.00
CA SER D 342 65.05 7.52 -30.15
C SER D 342 64.50 7.56 -28.73
N SER D 343 63.44 8.35 -28.50
CA SER D 343 62.88 8.52 -27.15
C SER D 343 61.62 7.70 -26.91
N ARG D 344 60.76 7.63 -27.92
CA ARG D 344 59.51 6.90 -27.82
C ARG D 344 59.73 5.38 -27.81
N VAL D 345 59.88 4.83 -26.60
CA VAL D 345 60.02 3.39 -26.44
C VAL D 345 58.66 2.71 -26.53
N PHE D 346 58.48 1.87 -27.55
CA PHE D 346 57.21 1.18 -27.75
C PHE D 346 57.32 -0.30 -27.40
N LEU D 347 56.18 -0.91 -27.09
CA LEU D 347 56.16 -2.28 -26.61
C LEU D 347 54.83 -2.97 -26.90
N ASP D 348 54.40 -2.92 -28.16
CA ASP D 348 53.17 -3.58 -28.58
C ASP D 348 53.43 -5.04 -28.94
N HIS D 349 52.45 -5.68 -29.58
CA HIS D 349 52.55 -7.10 -29.90
C HIS D 349 51.72 -7.47 -31.12
N ASN D 350 52.03 -8.61 -31.72
CA ASN D 350 51.25 -9.11 -32.84
C ASN D 350 49.80 -9.27 -32.43
N ALA D 351 48.89 -8.99 -33.37
CA ALA D 351 47.47 -9.11 -33.11
C ALA D 351 47.16 -10.48 -32.51
N LEU D 352 46.94 -10.50 -31.20
CA LEU D 352 46.63 -11.75 -30.50
C LEU D 352 45.19 -12.19 -30.75
N PRO D 353 44.93 -13.50 -30.61
CA PRO D 353 43.57 -14.04 -30.75
C PRO D 353 42.64 -13.45 -29.70
N ASP D 354 41.34 -13.42 -30.00
CA ASP D 354 40.35 -12.84 -29.09
C ASP D 354 40.33 -13.57 -27.74
N THR D 355 40.83 -14.80 -27.72
CA THR D 355 40.82 -15.60 -26.51
C THR D 355 41.87 -15.14 -25.52
N LEU D 356 42.49 -14.00 -25.78
CA LEU D 356 43.52 -13.46 -24.89
C LEU D 356 43.42 -11.94 -24.76
N LYS D 357 43.93 -11.42 -23.65
CA LYS D 357 43.93 -9.99 -23.39
C LYS D 357 45.23 -9.59 -22.71
N VAL D 358 45.93 -8.62 -23.28
CA VAL D 358 47.24 -8.22 -22.78
C VAL D 358 47.25 -6.77 -22.30
N THR D 359 48.03 -6.51 -21.26
CA THR D 359 48.22 -5.16 -20.75
C THR D 359 49.67 -4.95 -20.37
N TYR D 360 50.02 -3.73 -19.97
CA TYR D 360 51.39 -3.40 -19.59
C TYR D 360 51.41 -2.42 -18.42
N ASP D 361 52.60 -2.14 -17.91
CA ASP D 361 52.79 -1.07 -16.93
C ASP D 361 53.93 -0.17 -17.41
N SER D 362 54.14 0.94 -16.71
CA SER D 362 55.19 1.88 -17.12
C SER D 362 55.85 2.57 -15.93
N PHE D 363 57.17 2.54 -15.91
CA PHE D 363 57.96 3.23 -14.90
C PHE D 363 59.05 4.06 -15.56
N CYS D 364 58.67 5.17 -16.17
CA CYS D 364 59.62 6.02 -16.86
C CYS D 364 60.71 6.49 -15.90
N SER D 365 61.81 6.96 -16.46
CA SER D 365 62.96 7.31 -15.66
C SER D 365 62.72 8.60 -14.87
N ASN D 366 62.12 9.59 -15.52
CA ASN D 366 61.91 10.88 -14.87
C ASN D 366 60.58 11.01 -14.15
N GLY D 367 60.46 10.33 -13.01
CA GLY D 367 59.37 10.56 -12.09
C GLY D 367 58.13 9.71 -12.30
N VAL D 368 57.79 9.44 -13.56
CA VAL D 368 56.51 8.82 -13.87
C VAL D 368 56.34 7.45 -13.24
N THR D 369 55.21 7.25 -12.56
CA THR D 369 54.85 5.97 -11.97
C THR D 369 53.52 5.49 -12.53
N HIS D 370 53.52 5.13 -13.82
CA HIS D 370 52.31 4.69 -14.49
C HIS D 370 51.96 3.25 -14.13
N ARG D 371 50.72 2.86 -14.39
CA ARG D 371 50.24 1.52 -14.08
C ARG D 371 49.04 1.14 -14.96
N ASN D 372 49.12 -0.05 -15.58
CA ASN D 372 47.99 -0.61 -16.32
C ASN D 372 47.57 0.18 -17.55
N GLN D 373 48.17 -0.16 -18.69
CA GLN D 373 47.79 0.39 -19.98
C GLN D 373 48.70 -0.21 -21.06
N PRO D 374 48.16 -0.41 -22.28
CA PRO D 374 48.92 -0.94 -23.42
C PRO D 374 50.11 -0.03 -23.79
N ARG D 375 50.83 -0.37 -24.85
CA ARG D 375 51.97 0.45 -25.30
C ARG D 375 53.07 0.50 -24.23
N GLY D 376 54.02 1.40 -24.43
CA GLY D 376 55.07 1.65 -23.45
C GLY D 376 55.53 3.09 -23.56
N ASP D 377 54.58 3.99 -23.84
CA ASP D 377 54.90 5.39 -24.11
C ASP D 377 55.64 6.05 -22.95
N CYS D 378 56.96 6.17 -23.08
CA CYS D 378 57.79 6.88 -22.12
C CYS D 378 58.68 7.88 -22.86
N ASP D 379 58.17 9.09 -23.05
CA ASP D 379 58.89 10.12 -23.80
C ASP D 379 59.89 10.86 -22.89
N GLY D 380 60.62 10.11 -22.08
CA GLY D 380 61.57 10.69 -21.16
C GLY D 380 62.75 9.77 -20.91
N VAL D 381 63.15 9.05 -21.95
CA VAL D 381 64.29 8.16 -21.86
C VAL D 381 65.01 8.12 -23.20
N GLN D 382 66.34 8.11 -23.16
CA GLN D 382 67.14 8.37 -24.35
C GLN D 382 68.25 7.34 -24.58
N ILE D 383 69.37 7.53 -23.90
CA ILE D 383 70.61 6.83 -24.25
C ILE D 383 70.81 5.57 -23.42
N ASN D 384 71.35 5.74 -22.22
CA ASN D 384 71.71 4.59 -21.38
C ASN D 384 71.04 4.63 -20.01
N VAL D 385 69.72 4.62 -19.99
CA VAL D 385 68.96 4.56 -18.75
C VAL D 385 67.80 3.60 -18.88
N PRO D 386 67.92 2.41 -18.28
CA PRO D 386 66.91 1.36 -18.39
C PRO D 386 65.50 1.83 -18.05
N ILE D 387 64.51 1.00 -18.39
CA ILE D 387 63.10 1.29 -18.10
C ILE D 387 62.43 0.01 -17.59
N THR D 388 61.14 0.09 -17.29
CA THR D 388 60.43 -1.05 -16.73
C THR D 388 58.99 -1.18 -17.24
N PHE D 389 58.71 -2.28 -17.92
CA PHE D 389 57.35 -2.57 -18.37
C PHE D 389 56.90 -3.89 -17.74
N GLN D 390 55.80 -3.85 -17.00
CA GLN D 390 55.25 -5.06 -16.39
C GLN D 390 54.13 -5.62 -17.26
N VAL D 391 54.47 -6.64 -18.04
CA VAL D 391 53.52 -7.27 -18.95
C VAL D 391 52.65 -8.27 -18.20
N LYS D 392 51.34 -8.05 -18.22
CA LYS D 392 50.40 -8.94 -17.54
C LYS D 392 49.44 -9.60 -18.53
N VAL D 393 49.68 -10.88 -18.79
CA VAL D 393 48.86 -11.65 -19.73
C VAL D 393 47.81 -12.51 -19.02
N THR D 394 46.55 -12.33 -19.39
CA THR D 394 45.46 -13.09 -18.80
C THR D 394 44.65 -13.78 -19.91
N ALA D 395 44.05 -14.91 -19.57
CA ALA D 395 43.20 -15.63 -20.50
C ALA D 395 41.77 -15.71 -19.96
N THR D 396 40.83 -16.07 -20.83
CA THR D 396 39.43 -16.19 -20.44
C THR D 396 39.05 -17.66 -20.30
N GLU D 397 39.61 -18.49 -21.16
CA GLU D 397 39.34 -19.93 -21.11
C GLU D 397 40.65 -20.70 -21.23
N CYS D 398 40.56 -22.03 -21.16
CA CYS D 398 41.73 -22.87 -21.31
C CYS D 398 42.18 -22.88 -22.76
N ILE D 399 43.01 -21.90 -23.09
CA ILE D 399 43.55 -21.74 -24.44
C ILE D 399 44.24 -23.01 -24.95
N GLN D 400 44.50 -23.06 -26.25
CA GLN D 400 45.31 -24.13 -26.82
C GLN D 400 46.73 -23.62 -26.94
N GLU D 401 47.70 -24.50 -26.75
CA GLU D 401 49.09 -24.07 -26.78
C GLU D 401 49.40 -23.31 -28.06
N GLN D 402 49.86 -22.08 -27.90
CA GLN D 402 50.23 -21.24 -29.04
C GLN D 402 51.38 -20.32 -28.66
N SER D 403 51.72 -19.39 -29.54
CA SER D 403 52.83 -18.47 -29.30
C SER D 403 52.67 -17.16 -30.06
N PHE D 404 53.00 -16.06 -29.40
CA PHE D 404 52.97 -14.75 -30.04
C PHE D 404 54.27 -14.00 -29.75
N VAL D 405 54.32 -12.73 -30.14
CA VAL D 405 55.54 -11.94 -29.96
C VAL D 405 55.24 -10.53 -29.48
N ILE D 406 56.16 -9.99 -28.67
CA ILE D 406 56.05 -8.63 -28.20
C ILE D 406 57.25 -7.83 -28.71
N ARG D 407 57.04 -7.08 -29.79
CA ARG D 407 58.11 -6.30 -30.40
C ARG D 407 58.06 -4.86 -29.93
N ALA D 408 59.16 -4.15 -30.12
CA ALA D 408 59.19 -2.71 -29.93
C ALA D 408 59.03 -2.06 -31.30
N LEU D 409 57.94 -1.33 -31.48
CA LEU D 409 57.67 -0.69 -32.76
C LEU D 409 58.90 0.06 -33.24
N GLY D 410 59.37 -0.28 -34.43
CA GLY D 410 60.56 0.34 -34.99
C GLY D 410 61.82 -0.37 -34.57
N PHE D 411 61.72 -1.65 -34.30
CA PHE D 411 62.87 -2.42 -33.87
C PHE D 411 62.76 -3.86 -34.35
N THR D 412 63.88 -4.42 -34.75
CA THR D 412 63.90 -5.75 -35.34
C THR D 412 63.95 -6.85 -34.28
N ASP D 413 64.08 -6.45 -33.02
CA ASP D 413 64.21 -7.42 -31.93
C ASP D 413 62.88 -8.12 -31.63
N ILE D 414 62.78 -9.37 -32.09
CA ILE D 414 61.59 -10.18 -31.84
C ILE D 414 61.73 -10.96 -30.54
N VAL D 415 60.72 -10.84 -29.67
CA VAL D 415 60.68 -11.61 -28.44
C VAL D 415 59.62 -12.70 -28.53
N THR D 416 60.05 -13.92 -28.77
CA THR D 416 59.14 -15.04 -28.93
C THR D 416 58.58 -15.47 -27.58
N VAL D 417 57.42 -14.93 -27.23
CA VAL D 417 56.77 -15.27 -25.98
C VAL D 417 55.89 -16.50 -26.16
N GLN D 418 56.33 -17.61 -25.59
CA GLN D 418 55.56 -18.85 -25.65
C GLN D 418 54.43 -18.83 -24.63
N VAL D 419 53.34 -19.51 -24.96
CA VAL D 419 52.18 -19.55 -24.08
C VAL D 419 51.68 -20.99 -23.91
N LEU D 420 51.55 -21.40 -22.66
CA LEU D 420 51.16 -22.76 -22.34
C LEU D 420 49.87 -22.78 -21.52
N PRO D 421 48.81 -23.38 -22.08
CA PRO D 421 47.53 -23.54 -21.36
C PRO D 421 47.69 -24.35 -20.08
N GLN D 422 47.85 -23.66 -18.94
CA GLN D 422 48.01 -24.33 -17.65
C GLN D 422 46.66 -24.46 -16.98
N CYS D 423 46.09 -25.66 -17.02
CA CYS D 423 44.77 -25.90 -16.47
C CYS D 423 44.62 -27.34 -16.03
N GLU D 424 45.25 -27.72 -14.96
CA GLU D 424 45.25 -29.12 -14.71
C GLU D 424 45.66 -29.30 -13.29
N CYS D 425 45.57 -30.52 -12.82
CA CYS D 425 45.77 -30.76 -11.42
C CYS D 425 45.94 -32.24 -11.25
N ARG D 426 46.65 -32.59 -10.20
CA ARG D 426 47.30 -33.88 -10.18
C ARG D 426 47.41 -34.44 -8.78
N CYS D 427 46.88 -35.64 -8.58
CA CYS D 427 47.21 -36.42 -7.40
C CYS D 427 47.74 -37.79 -7.70
N ARG D 428 46.87 -38.64 -8.26
CA ARG D 428 46.73 -40.00 -7.77
C ARG D 428 45.89 -40.85 -8.72
N ASP D 429 46.10 -42.16 -8.69
CA ASP D 429 45.32 -43.09 -9.49
C ASP D 429 44.31 -43.85 -8.64
N GLN D 430 43.93 -45.03 -9.10
CA GLN D 430 42.69 -45.66 -8.66
C GLN D 430 42.94 -46.60 -7.49
N SER D 431 44.04 -46.37 -6.77
CA SER D 431 44.92 -47.46 -6.34
C SER D 431 45.28 -47.33 -4.87
N ARG D 432 45.28 -46.10 -4.37
CA ARG D 432 44.84 -45.82 -3.01
C ARG D 432 43.34 -46.01 -2.86
N ASP D 433 42.94 -46.76 -1.84
CA ASP D 433 41.54 -46.85 -1.46
C ASP D 433 40.65 -47.09 -2.68
N ARG D 434 40.86 -48.23 -3.33
CA ARG D 434 39.82 -48.83 -4.18
C ARG D 434 38.66 -49.35 -3.34
N SER D 435 38.89 -49.50 -2.04
CA SER D 435 37.85 -49.95 -1.12
C SER D 435 36.65 -49.01 -1.15
N LEU D 436 36.79 -47.86 -0.50
CA LEU D 436 35.91 -46.71 -0.76
C LEU D 436 35.61 -46.59 -2.26
N CYS D 437 34.46 -47.11 -2.66
CA CYS D 437 33.79 -46.63 -3.87
C CYS D 437 33.32 -47.79 -4.73
N HIS D 438 33.95 -48.94 -4.56
CA HIS D 438 33.30 -50.21 -4.88
C HIS D 438 33.67 -50.69 -6.28
N GLY D 439 34.94 -50.48 -6.64
CA GLY D 439 35.50 -51.11 -7.83
C GLY D 439 35.09 -50.49 -9.16
N LYS D 440 33.93 -49.85 -9.18
CA LYS D 440 33.42 -49.27 -10.41
C LYS D 440 33.71 -47.78 -10.49
N GLY D 441 34.99 -47.43 -10.37
CA GLY D 441 35.40 -46.04 -10.42
C GLY D 441 36.83 -45.86 -9.93
N PHE D 442 37.44 -44.74 -10.31
CA PHE D 442 38.81 -44.45 -9.91
C PHE D 442 38.84 -43.32 -8.88
N LEU D 443 40.03 -43.04 -8.36
CA LEU D 443 40.18 -42.00 -7.34
C LEU D 443 41.16 -40.92 -7.77
N GLU D 444 40.82 -39.67 -7.44
CA GLU D 444 41.64 -38.52 -7.79
C GLU D 444 41.59 -37.46 -6.69
N CYS D 445 42.65 -37.35 -5.90
CA CYS D 445 42.71 -36.38 -4.80
C CYS D 445 41.53 -36.50 -3.85
N GLY D 446 41.31 -37.69 -3.33
CA GLY D 446 40.22 -37.91 -2.41
C GLY D 446 38.98 -38.48 -3.07
N ILE D 447 38.12 -37.60 -3.57
CA ILE D 447 36.87 -38.02 -4.19
C ILE D 447 37.09 -39.07 -5.29
N CYS D 448 36.01 -39.74 -5.68
CA CYS D 448 36.08 -40.78 -6.71
C CYS D 448 35.19 -40.43 -7.88
N ARG D 449 35.76 -40.42 -9.08
CA ARG D 449 35.00 -40.17 -10.28
C ARG D 449 34.54 -41.50 -10.86
N CYS D 450 33.25 -41.75 -10.79
CA CYS D 450 32.68 -43.03 -11.20
C CYS D 450 32.57 -43.14 -12.72
N ASP D 451 32.08 -44.29 -13.18
CA ASP D 451 31.93 -44.54 -14.61
C ASP D 451 30.72 -43.82 -15.19
N THR D 452 30.35 -44.17 -16.42
CA THR D 452 29.20 -43.57 -17.08
C THR D 452 27.91 -43.94 -16.35
N GLY D 453 27.85 -45.15 -15.83
CA GLY D 453 26.63 -45.68 -15.24
C GLY D 453 26.59 -45.64 -13.73
N TYR D 454 27.73 -45.40 -13.10
CA TYR D 454 27.79 -45.38 -11.65
C TYR D 454 27.93 -43.95 -11.17
N ILE D 455 27.29 -43.65 -10.04
CA ILE D 455 27.35 -42.31 -9.47
C ILE D 455 27.32 -42.39 -7.94
N GLY D 456 27.81 -41.34 -7.29
CA GLY D 456 27.86 -41.29 -5.84
C GLY D 456 29.26 -40.94 -5.38
N LYS D 457 29.40 -40.48 -4.14
CA LYS D 457 30.70 -40.07 -3.62
C LYS D 457 31.60 -41.27 -3.36
N ASN D 458 31.07 -42.47 -3.59
CA ASN D 458 31.85 -43.69 -3.51
C ASN D 458 31.38 -44.72 -4.53
N CYS D 459 30.86 -44.23 -5.66
CA CYS D 459 30.38 -45.10 -6.73
C CYS D 459 29.54 -46.24 -6.18
N GLU D 460 28.82 -45.96 -5.10
CA GLU D 460 28.07 -46.99 -4.40
C GLU D 460 26.70 -47.17 -5.02
N CYS D 461 26.00 -46.06 -5.25
CA CYS D 461 24.66 -46.10 -5.83
C CYS D 461 24.75 -46.30 -7.34
N GLN D 462 23.69 -46.78 -7.98
CA GLN D 462 23.73 -46.85 -9.45
C GLN D 462 22.69 -45.90 -9.99
N THR D 463 22.78 -45.65 -11.29
CA THR D 463 21.77 -44.86 -11.96
C THR D 463 20.56 -45.72 -12.34
N GLN D 464 20.37 -46.82 -11.61
CA GLN D 464 19.16 -47.62 -11.78
C GLN D 464 18.65 -48.22 -10.49
N GLY D 465 18.04 -47.37 -9.67
CA GLY D 465 17.05 -47.85 -8.74
C GLY D 465 17.48 -47.74 -7.30
N ARG D 466 17.16 -46.60 -6.70
CA ARG D 466 17.64 -46.28 -5.36
C ARG D 466 16.84 -45.17 -4.69
N SER D 467 16.72 -45.28 -3.37
CA SER D 467 16.35 -44.17 -2.48
C SER D 467 16.25 -44.65 -1.04
N SER D 468 16.30 -43.68 -0.14
CA SER D 468 15.96 -43.96 1.24
C SER D 468 15.15 -42.83 1.85
N GLN D 469 14.95 -42.92 3.15
CA GLN D 469 14.07 -42.00 3.86
C GLN D 469 14.78 -40.69 4.15
N GLU D 470 15.63 -40.69 5.17
CA GLU D 470 16.29 -39.46 5.59
C GLU D 470 17.60 -39.22 4.84
N LEU D 471 17.81 -39.97 3.76
CA LEU D 471 18.88 -39.62 2.83
C LEU D 471 18.48 -38.32 2.15
N GLU D 472 17.19 -38.02 2.20
CA GLU D 472 16.66 -36.77 1.66
C GLU D 472 16.90 -35.60 2.63
N GLY D 473 17.85 -35.78 3.56
CA GLY D 473 18.15 -34.76 4.55
C GLY D 473 18.89 -33.57 3.98
N SER D 474 20.16 -33.75 3.65
CA SER D 474 20.93 -32.69 3.01
C SER D 474 20.51 -32.56 1.56
N CYS D 475 19.43 -33.24 1.21
CA CYS D 475 18.88 -33.23 -0.15
C CYS D 475 17.90 -32.07 -0.35
N ARG D 476 17.54 -31.40 0.74
CA ARG D 476 16.75 -30.18 0.66
C ARG D 476 17.39 -29.09 1.52
N LYS D 477 17.49 -27.88 0.98
CA LYS D 477 18.19 -26.80 1.67
C LYS D 477 17.66 -26.57 3.09
N ASP D 478 16.33 -26.56 3.24
CA ASP D 478 15.70 -26.35 4.53
C ASP D 478 14.45 -27.26 4.64
N ASN D 479 13.82 -27.27 5.81
CA ASN D 479 12.67 -28.09 6.10
C ASN D 479 11.43 -27.70 5.33
N ASN D 480 11.37 -26.44 4.95
CA ASN D 480 10.28 -25.95 4.15
C ASN D 480 10.63 -25.77 2.67
N SER D 481 11.53 -26.62 2.16
CA SER D 481 11.95 -26.58 0.76
C SER D 481 11.65 -27.90 0.06
N ILE D 482 11.23 -27.83 -1.22
CA ILE D 482 10.97 -29.05 -1.99
C ILE D 482 12.28 -29.79 -2.27
N ILE D 483 12.22 -31.11 -2.34
CA ILE D 483 13.42 -31.92 -2.51
C ILE D 483 14.13 -31.60 -3.83
N CYS D 484 15.45 -31.37 -3.75
CA CYS D 484 16.27 -31.03 -4.92
C CYS D 484 15.75 -29.79 -5.64
N SER D 485 15.01 -28.94 -4.91
CA SER D 485 14.43 -27.74 -5.50
C SER D 485 13.75 -28.03 -6.83
N GLY D 486 13.18 -29.23 -6.95
CA GLY D 486 12.62 -29.69 -8.21
C GLY D 486 13.70 -29.69 -9.26
N LEU D 487 13.39 -30.14 -10.47
CA LEU D 487 14.39 -30.16 -11.52
C LEU D 487 15.63 -30.92 -11.05
N GLY D 488 15.42 -31.93 -10.23
CA GLY D 488 16.51 -32.73 -9.72
C GLY D 488 16.01 -33.86 -8.85
N ASP D 489 16.46 -35.08 -9.14
CA ASP D 489 16.03 -36.24 -8.40
C ASP D 489 17.13 -36.68 -7.45
N CYS D 490 16.82 -36.74 -6.16
CA CYS D 490 17.78 -37.07 -5.11
C CYS D 490 18.17 -38.55 -5.06
N VAL D 491 19.46 -38.82 -4.99
CA VAL D 491 19.96 -40.17 -4.87
C VAL D 491 21.12 -40.20 -3.90
N CYS D 492 21.02 -41.03 -2.87
CA CYS D 492 22.10 -41.15 -1.89
C CYS D 492 22.43 -39.84 -1.23
N GLY D 493 21.42 -39.15 -0.70
CA GLY D 493 21.64 -37.94 0.05
C GLY D 493 21.68 -36.68 -0.81
N GLN D 494 22.49 -36.73 -1.87
CA GLN D 494 22.72 -35.59 -2.76
C GLN D 494 21.69 -35.55 -3.89
N CYS D 495 21.78 -34.53 -4.75
CA CYS D 495 20.86 -34.40 -5.89
C CYS D 495 21.58 -34.54 -7.22
N LEU D 496 20.88 -35.07 -8.22
CA LEU D 496 21.39 -35.13 -9.58
C LEU D 496 20.50 -34.29 -10.46
N CYS D 497 20.88 -33.02 -10.59
CA CYS D 497 20.10 -32.09 -11.36
C CYS D 497 19.77 -32.72 -12.70
N HIS D 498 18.52 -32.52 -13.14
CA HIS D 498 18.07 -32.98 -14.45
C HIS D 498 18.74 -32.16 -15.56
N THR D 499 18.66 -32.67 -16.79
CA THR D 499 19.32 -32.04 -17.92
C THR D 499 18.30 -31.48 -18.91
N SER D 500 18.63 -30.34 -19.51
CA SER D 500 17.78 -29.74 -20.54
C SER D 500 18.56 -29.54 -21.83
N ASP D 501 18.05 -30.11 -22.92
CA ASP D 501 18.68 -29.95 -24.23
C ASP D 501 18.21 -28.65 -24.88
N VAL D 502 18.38 -27.57 -24.14
CA VAL D 502 18.06 -26.24 -24.62
C VAL D 502 19.34 -25.40 -24.52
N PRO D 503 19.70 -24.72 -25.62
CA PRO D 503 20.91 -23.90 -25.65
C PRO D 503 21.09 -23.07 -24.36
N GLY D 504 22.19 -23.30 -23.66
CA GLY D 504 22.52 -22.49 -22.49
C GLY D 504 22.03 -23.09 -21.20
N LYS D 505 20.75 -23.45 -21.20
CA LYS D 505 20.10 -24.06 -20.04
C LYS D 505 21.01 -25.08 -19.38
N LEU D 506 21.12 -24.97 -18.06
CA LEU D 506 21.89 -25.92 -17.28
C LEU D 506 21.60 -25.72 -15.80
N ILE D 507 21.14 -26.78 -15.14
CA ILE D 507 20.89 -26.75 -13.70
C ILE D 507 22.13 -27.27 -12.98
N TYR D 508 22.31 -26.83 -11.73
CA TYR D 508 23.43 -27.28 -10.93
C TYR D 508 23.30 -26.81 -9.49
N GLY D 509 24.07 -27.43 -8.59
CA GLY D 509 24.01 -27.12 -7.18
C GLY D 509 23.64 -28.33 -6.35
N GLN D 510 23.89 -28.24 -5.05
CA GLN D 510 23.60 -29.36 -4.15
C GLN D 510 22.12 -29.70 -4.24
N TYR D 511 21.27 -28.67 -4.25
CA TYR D 511 19.83 -28.86 -4.30
C TYR D 511 19.27 -28.40 -5.66
N CYS D 512 20.13 -28.32 -6.67
CA CYS D 512 19.72 -27.95 -8.02
C CYS D 512 18.90 -26.65 -8.04
N GLU D 513 19.47 -25.59 -7.43
CA GLU D 513 18.78 -24.31 -7.28
C GLU D 513 19.25 -23.30 -8.32
N CYS D 514 20.53 -23.40 -8.66
CA CYS D 514 21.16 -22.44 -9.57
C CYS D 514 21.05 -22.90 -11.02
N ASP D 515 20.81 -21.93 -11.90
CA ASP D 515 20.78 -22.16 -13.34
C ASP D 515 21.54 -21.06 -14.09
N THR D 516 21.83 -21.30 -15.37
CA THR D 516 22.55 -20.32 -16.20
C THR D 516 21.64 -19.75 -17.26
N ILE D 517 20.46 -19.31 -16.84
CA ILE D 517 19.48 -18.72 -17.75
C ILE D 517 18.59 -17.68 -17.07
N ASN D 518 18.37 -17.83 -15.77
CA ASN D 518 17.48 -16.93 -15.04
C ASN D 518 18.19 -15.79 -14.31
N CYS D 519 18.76 -14.86 -15.06
CA CYS D 519 19.44 -13.71 -14.50
C CYS D 519 18.78 -12.43 -15.00
N GLU D 520 19.48 -11.31 -14.92
CA GLU D 520 18.96 -10.05 -15.43
C GLU D 520 19.29 -9.90 -16.92
N ARG D 521 18.32 -9.44 -17.71
CA ARG D 521 18.50 -9.34 -19.16
C ARG D 521 19.13 -8.03 -19.55
N TYR D 522 19.28 -7.83 -20.86
CA TYR D 522 19.83 -6.59 -21.40
C TYR D 522 19.79 -6.66 -22.92
N ASN D 523 19.07 -5.73 -23.53
CA ASN D 523 18.95 -5.71 -24.98
C ASN D 523 18.42 -7.05 -25.48
N GLY D 524 17.39 -7.56 -24.81
CA GLY D 524 16.78 -8.82 -25.21
C GLY D 524 17.78 -9.96 -25.24
N GLN D 525 18.73 -9.94 -24.31
CA GLN D 525 19.73 -11.00 -24.22
C GLN D 525 20.08 -11.31 -22.77
N VAL D 526 20.42 -12.56 -22.51
CA VAL D 526 20.73 -13.01 -21.16
C VAL D 526 22.06 -12.44 -20.67
N CYS D 527 22.00 -11.65 -19.61
CA CYS D 527 23.21 -11.02 -19.04
C CYS D 527 24.00 -10.24 -20.10
N GLY D 528 23.32 -9.84 -21.17
CA GLY D 528 23.97 -9.12 -22.25
C GLY D 528 24.53 -10.03 -23.33
N GLY D 529 23.82 -11.11 -23.63
CA GLY D 529 24.27 -12.05 -24.63
C GLY D 529 25.62 -12.64 -24.28
N PRO D 530 26.12 -13.54 -25.13
CA PRO D 530 27.39 -14.23 -24.87
C PRO D 530 28.57 -13.28 -24.99
N GLY D 531 28.36 -12.17 -25.69
CA GLY D 531 29.42 -11.22 -25.91
C GLY D 531 29.76 -10.48 -24.63
N ARG D 532 28.81 -9.71 -24.12
CA ARG D 532 29.07 -8.87 -22.97
C ARG D 532 29.40 -9.67 -21.73
N GLY D 533 28.41 -10.35 -21.18
CA GLY D 533 28.61 -11.10 -19.95
C GLY D 533 27.97 -12.48 -19.96
N LEU D 534 27.93 -13.11 -18.80
CA LEU D 534 27.34 -14.44 -18.66
C LEU D 534 26.44 -14.53 -17.43
N CYS D 535 25.71 -15.63 -17.34
CA CYS D 535 24.74 -15.86 -16.27
C CYS D 535 25.18 -16.99 -15.35
N PHE D 536 25.05 -16.76 -14.04
CA PHE D 536 25.39 -17.76 -13.04
C PHE D 536 24.58 -17.56 -11.76
N CYS D 537 23.47 -18.30 -11.64
CA CYS D 537 22.62 -18.26 -10.45
C CYS D 537 22.14 -16.84 -10.13
N GLY D 538 21.50 -16.19 -11.11
CA GLY D 538 20.92 -14.87 -10.91
C GLY D 538 21.84 -13.71 -11.28
N LYS D 539 23.01 -13.68 -10.65
CA LYS D 539 23.98 -12.62 -10.90
C LYS D 539 24.70 -12.86 -12.21
N CYS D 540 25.02 -11.76 -12.89
CA CYS D 540 25.73 -11.81 -14.15
C CYS D 540 27.20 -11.51 -13.95
N ARG D 541 28.06 -12.45 -14.33
CA ARG D 541 29.49 -12.23 -14.29
C ARG D 541 29.95 -11.64 -15.63
N CYS D 542 29.92 -10.32 -15.74
CA CYS D 542 30.24 -9.64 -16.99
C CYS D 542 31.71 -9.85 -17.36
N HIS D 543 31.97 -10.06 -18.64
CA HIS D 543 33.34 -10.18 -19.14
C HIS D 543 34.13 -8.93 -18.77
N PRO D 544 35.46 -9.00 -18.95
CA PRO D 544 36.35 -7.86 -18.64
C PRO D 544 35.97 -6.61 -19.44
N GLY D 545 35.93 -5.47 -18.76
CA GLY D 545 35.61 -4.22 -19.42
C GLY D 545 34.12 -3.92 -19.39
N PHE D 546 33.37 -4.76 -18.69
CA PHE D 546 31.93 -4.59 -18.60
C PHE D 546 31.49 -4.76 -17.16
N GLU D 547 30.71 -3.81 -16.66
CA GLU D 547 30.20 -3.89 -15.31
C GLU D 547 28.71 -3.62 -15.31
N GLY D 548 28.08 -3.74 -14.16
CA GLY D 548 26.67 -3.48 -14.02
C GLY D 548 25.90 -4.72 -13.58
N SER D 549 24.63 -4.52 -13.23
CA SER D 549 23.79 -5.61 -12.76
C SER D 549 23.71 -6.73 -13.80
N ALA D 550 23.51 -6.35 -15.06
CA ALA D 550 23.47 -7.32 -16.15
C ALA D 550 24.38 -6.87 -17.31
N CYS D 551 25.54 -6.31 -16.95
CA CYS D 551 26.40 -5.64 -17.91
C CYS D 551 25.64 -4.48 -18.55
N GLN D 552 24.75 -3.87 -17.77
CA GLN D 552 23.90 -2.78 -18.25
C GLN D 552 24.75 -1.54 -18.59
N CYS D 553 25.69 -1.21 -17.71
CA CYS D 553 26.72 -0.23 -18.01
C CYS D 553 27.77 -0.95 -18.85
N GLU D 554 27.45 -1.18 -20.11
CA GLU D 554 28.19 -2.13 -20.94
C GLU D 554 29.69 -1.97 -20.82
N ARG D 555 30.17 -0.74 -20.97
CA ARG D 555 31.60 -0.51 -21.08
C ARG D 555 32.18 0.21 -19.87
N THR D 556 33.35 -0.23 -19.43
CA THR D 556 34.07 0.45 -18.37
C THR D 556 34.92 1.58 -18.97
N THR D 557 34.84 1.74 -20.30
CA THR D 557 35.56 2.81 -20.99
C THR D 557 34.95 4.17 -20.67
N GLU D 558 35.36 5.20 -21.41
CA GLU D 558 34.81 6.54 -21.23
C GLU D 558 34.69 7.30 -22.54
N GLY D 559 33.65 7.01 -23.30
CA GLY D 559 33.34 7.76 -24.49
C GLY D 559 32.77 9.10 -24.10
N CYS D 560 32.60 9.30 -22.79
CA CYS D 560 32.14 10.57 -22.25
C CYS D 560 33.21 11.64 -22.43
N LEU D 561 34.40 11.22 -22.84
CA LEU D 561 35.51 12.14 -23.05
C LEU D 561 35.44 12.82 -24.42
N ASN D 562 35.73 14.11 -24.45
CA ASN D 562 35.80 14.89 -25.69
C ASN D 562 37.23 14.98 -26.19
N PRO D 563 37.48 15.78 -27.25
CA PRO D 563 38.88 16.01 -27.61
C PRO D 563 39.66 16.67 -26.48
N ARG D 564 38.98 17.45 -25.64
CA ARG D 564 39.62 18.06 -24.49
C ARG D 564 40.12 16.98 -23.53
N ARG D 565 39.54 15.78 -23.66
CA ARG D 565 39.86 14.65 -22.80
C ARG D 565 39.56 14.96 -21.35
N VAL D 566 38.48 15.71 -21.14
CA VAL D 566 37.90 15.89 -19.81
C VAL D 566 36.45 15.43 -19.84
N GLU D 567 36.07 14.56 -18.90
CA GLU D 567 34.77 13.90 -18.94
C GLU D 567 33.61 14.87 -18.85
N CYS D 568 32.72 14.80 -19.84
CA CYS D 568 31.46 15.52 -19.81
C CYS D 568 31.65 17.03 -19.64
N SER D 569 32.76 17.54 -20.16
CA SER D 569 33.04 18.97 -20.08
C SER D 569 32.76 19.54 -18.70
N GLY D 570 31.69 20.33 -18.59
CA GLY D 570 31.47 21.13 -17.42
C GLY D 570 30.98 20.34 -16.21
N ARG D 571 29.81 19.75 -16.34
CA ARG D 571 29.26 18.91 -15.26
C ARG D 571 28.60 17.68 -15.83
N GLY D 572 28.62 16.59 -15.08
CA GLY D 572 28.00 15.34 -15.50
C GLY D 572 28.90 14.13 -15.32
N ARG D 573 28.56 13.28 -14.36
CA ARG D 573 29.27 12.03 -14.15
C ARG D 573 29.24 11.21 -15.44
N CYS D 574 30.27 10.39 -15.64
CA CYS D 574 30.35 9.56 -16.83
C CYS D 574 29.90 8.13 -16.54
N ARG D 575 28.59 7.90 -16.60
CA ARG D 575 28.01 6.59 -16.36
C ARG D 575 27.65 5.87 -17.67
N CYS D 576 28.35 4.78 -17.97
CA CYS D 576 28.03 3.96 -19.13
C CYS D 576 28.13 4.75 -20.42
N ASN D 577 29.25 5.44 -20.60
CA ASN D 577 29.48 6.24 -21.80
C ASN D 577 28.38 7.27 -22.02
N VAL D 578 27.84 7.80 -20.92
CA VAL D 578 26.86 8.87 -20.99
C VAL D 578 27.16 9.92 -19.94
N CYS D 579 26.77 11.15 -20.18
CA CYS D 579 27.02 12.22 -19.22
C CYS D 579 25.71 12.66 -18.59
N GLU D 580 25.78 13.02 -17.30
CA GLU D 580 24.60 13.51 -16.59
C GLU D 580 24.75 15.02 -16.40
N CYS D 581 24.68 15.76 -17.51
CA CYS D 581 24.91 17.20 -17.50
C CYS D 581 24.06 17.92 -16.46
N HIS D 582 24.70 18.69 -15.59
CA HIS D 582 23.97 19.49 -14.62
C HIS D 582 23.21 20.59 -15.33
N SER D 583 22.23 21.17 -14.64
CA SER D 583 21.41 22.22 -15.22
C SER D 583 20.88 21.79 -16.59
N GLY D 584 20.71 22.74 -17.51
CA GLY D 584 20.12 22.46 -18.80
C GLY D 584 21.12 22.04 -19.87
N TYR D 585 22.36 21.84 -19.45
CA TYR D 585 23.41 21.44 -20.39
C TYR D 585 22.99 20.14 -21.06
N GLN D 586 23.19 20.08 -22.38
CA GLN D 586 22.66 18.99 -23.18
C GLN D 586 23.74 18.04 -23.68
N LEU D 587 23.30 16.95 -24.30
CA LEU D 587 24.18 15.86 -24.67
C LEU D 587 24.93 16.19 -25.96
N PRO D 588 25.97 15.41 -26.28
CA PRO D 588 26.45 14.26 -25.52
C PRO D 588 27.43 14.63 -24.41
N LEU D 589 28.27 15.63 -24.67
CA LEU D 589 29.41 15.92 -23.79
C LEU D 589 29.20 17.17 -22.92
N CYS D 590 27.97 17.66 -22.88
CA CYS D 590 27.59 18.72 -21.96
C CYS D 590 28.39 20.00 -22.16
N GLN D 591 28.04 20.75 -23.20
CA GLN D 591 28.70 22.01 -23.45
C GLN D 591 27.65 23.09 -23.69
N GLU D 592 26.65 22.77 -24.50
CA GLU D 592 25.64 23.76 -24.85
C GLU D 592 24.40 23.62 -23.98
N CYS D 593 24.11 24.68 -23.26
CA CYS D 593 22.82 24.80 -22.58
C CYS D 593 21.94 25.75 -23.40
N PRO D 594 21.16 25.19 -24.35
CA PRO D 594 20.32 25.99 -25.26
C PRO D 594 19.37 26.97 -24.58
N GLY D 595 19.01 26.71 -23.33
CA GLY D 595 17.97 27.47 -22.66
C GLY D 595 18.51 28.57 -21.76
N CYS D 596 19.81 28.48 -21.49
CA CYS D 596 20.43 29.39 -20.55
C CYS D 596 20.27 30.84 -21.05
N PRO D 597 19.87 31.75 -20.16
CA PRO D 597 19.40 33.10 -20.51
C PRO D 597 20.42 33.95 -21.29
N SER D 598 21.59 34.21 -20.71
CA SER D 598 22.70 34.91 -21.40
C SER D 598 23.35 36.00 -20.55
N PRO D 599 23.65 35.70 -19.28
CA PRO D 599 24.01 36.75 -18.31
C PRO D 599 25.21 37.59 -18.72
N CYS D 600 24.97 38.83 -19.13
CA CYS D 600 26.03 39.80 -19.33
C CYS D 600 26.08 40.70 -18.11
N GLY D 601 24.97 40.82 -17.40
CA GLY D 601 24.95 41.51 -16.13
C GLY D 601 25.96 40.90 -15.18
N LYS D 602 26.45 41.69 -14.24
CA LYS D 602 27.42 41.20 -13.25
C LYS D 602 28.77 40.89 -13.90
N TYR D 603 28.81 40.96 -15.23
CA TYR D 603 30.04 40.70 -15.97
C TYR D 603 30.65 41.99 -16.49
N ILE D 604 29.83 43.04 -16.58
CA ILE D 604 30.31 44.34 -17.04
C ILE D 604 31.37 44.89 -16.10
N SER D 605 31.15 44.72 -14.80
CA SER D 605 32.09 45.22 -13.80
C SER D 605 33.48 44.65 -13.99
N CYS D 606 33.53 43.40 -14.45
CA CYS D 606 34.81 42.71 -14.63
C CYS D 606 35.34 42.87 -16.05
N ALA D 607 34.46 43.22 -16.99
CA ALA D 607 34.85 43.43 -18.38
C ALA D 607 35.67 44.70 -18.50
N GLU D 608 35.33 45.71 -17.71
CA GLU D 608 36.07 46.97 -17.70
C GLU D 608 37.21 46.92 -16.68
N CYS D 609 37.41 45.75 -16.08
CA CYS D 609 38.50 45.55 -15.13
C CYS D 609 39.66 44.77 -15.76
N LEU D 610 39.44 44.24 -16.95
CA LEU D 610 40.46 43.45 -17.65
C LEU D 610 40.99 44.14 -18.91
N LYS D 611 40.14 44.31 -19.92
CA LYS D 611 40.53 45.02 -21.15
C LYS D 611 40.81 46.48 -20.82
N PHE D 612 39.75 47.23 -20.49
CA PHE D 612 39.87 48.59 -19.99
C PHE D 612 40.27 48.52 -18.51
N GLU D 613 40.80 49.62 -17.98
CA GLU D 613 41.17 49.68 -16.57
C GLU D 613 40.33 50.75 -15.87
N LYS D 614 39.05 50.47 -15.72
CA LYS D 614 38.13 51.43 -15.13
C LYS D 614 37.72 50.99 -13.72
N GLY D 615 38.70 50.49 -12.98
CA GLY D 615 38.52 50.22 -11.57
C GLY D 615 37.76 48.94 -11.25
N PRO D 616 38.49 47.89 -10.84
CA PRO D 616 37.86 46.73 -10.22
C PRO D 616 37.03 47.17 -9.02
N PHE D 617 35.71 47.13 -9.16
CA PHE D 617 34.82 47.79 -8.22
C PHE D 617 34.75 47.10 -6.84
N GLY D 618 33.94 46.05 -6.74
CA GLY D 618 33.72 45.38 -5.47
C GLY D 618 34.97 45.27 -4.62
N LYS D 619 36.06 44.81 -5.24
CA LYS D 619 37.34 44.69 -4.56
C LYS D 619 38.43 45.00 -5.58
N ASN D 620 39.19 43.98 -5.95
CA ASN D 620 40.06 44.08 -7.11
C ASN D 620 39.49 43.17 -8.17
N CYS D 621 40.32 42.75 -9.11
CA CYS D 621 39.89 41.76 -10.08
C CYS D 621 40.92 40.63 -10.14
N SER D 622 40.68 39.69 -11.04
CA SER D 622 41.45 38.45 -11.06
C SER D 622 41.13 37.70 -9.77
N ALA D 623 40.10 38.16 -9.07
CA ALA D 623 39.66 37.53 -7.83
C ALA D 623 38.14 37.48 -7.85
N ALA D 624 37.54 38.61 -8.19
CA ALA D 624 36.10 38.66 -8.35
C ALA D 624 35.75 38.48 -9.82
N CYS D 625 36.71 37.99 -10.60
CA CYS D 625 36.50 37.81 -12.04
C CYS D 625 37.30 36.61 -12.58
N PRO D 626 36.97 35.40 -12.10
CA PRO D 626 37.60 34.16 -12.54
C PRO D 626 37.36 33.78 -14.00
N GLY D 627 36.86 34.71 -14.79
CA GLY D 627 36.88 34.58 -16.24
C GLY D 627 38.28 34.94 -16.69
N LEU D 628 39.25 34.15 -16.24
CA LEU D 628 40.65 34.53 -16.25
C LEU D 628 41.20 34.93 -17.62
N GLN D 629 40.69 34.32 -18.68
CA GLN D 629 41.24 34.54 -20.01
C GLN D 629 40.60 35.70 -20.77
N LEU D 630 41.44 36.44 -21.50
CA LEU D 630 40.98 37.57 -22.32
C LEU D 630 41.76 37.61 -23.63
N SER D 631 41.69 36.51 -24.38
CA SER D 631 42.44 36.35 -25.62
C SER D 631 42.42 37.59 -26.49
N ASN D 632 43.55 37.88 -27.09
CA ASN D 632 43.66 38.98 -28.03
C ASN D 632 43.30 38.49 -29.42
N ASN D 633 42.13 37.84 -29.53
CA ASN D 633 41.69 37.30 -30.79
C ASN D 633 40.18 37.40 -30.96
N PRO D 634 39.71 37.28 -32.21
CA PRO D 634 38.28 37.30 -32.56
C PRO D 634 37.50 36.04 -32.18
N VAL D 635 37.45 35.73 -30.89
CA VAL D 635 36.56 34.68 -30.40
C VAL D 635 35.12 35.15 -30.53
N LYS D 636 34.18 34.20 -30.51
CA LYS D 636 32.77 34.53 -30.74
C LYS D 636 31.86 33.47 -30.14
N GLY D 637 30.56 33.64 -30.37
CA GLY D 637 29.59 32.64 -29.95
C GLY D 637 28.49 33.25 -29.14
N ARG D 638 28.84 33.87 -28.02
CA ARG D 638 27.87 34.55 -27.19
C ARG D 638 28.07 36.04 -27.38
N THR D 639 27.71 36.51 -28.56
CA THR D 639 27.84 37.93 -28.89
C THR D 639 27.09 38.81 -27.89
N CYS D 640 27.81 39.35 -26.93
CA CYS D 640 27.24 40.25 -25.92
C CYS D 640 27.57 41.70 -26.24
N LYS D 641 26.74 42.62 -25.77
CA LYS D 641 26.95 44.06 -26.02
C LYS D 641 26.12 44.90 -25.05
N GLU D 642 26.64 45.11 -23.85
CA GLU D 642 25.98 45.95 -22.87
C GLU D 642 26.81 47.19 -22.58
N ARG D 643 26.47 47.92 -21.50
CA ARG D 643 27.13 49.18 -21.17
C ARG D 643 28.24 49.02 -20.12
N ASP D 644 28.87 50.13 -19.77
CA ASP D 644 29.98 50.13 -18.81
C ASP D 644 29.55 50.69 -17.48
N SER D 645 30.50 51.16 -16.69
CA SER D 645 30.21 51.72 -15.38
C SER D 645 29.61 53.12 -15.49
N GLU D 646 29.93 53.83 -16.56
CA GLU D 646 29.43 55.18 -16.74
C GLU D 646 29.13 55.52 -18.19
N GLY D 647 27.98 55.06 -18.67
CA GLY D 647 27.45 55.51 -19.95
C GLY D 647 27.79 54.65 -21.16
N CYS D 648 29.07 54.61 -21.52
CA CYS D 648 29.52 54.01 -22.80
C CYS D 648 29.13 52.55 -23.00
N TRP D 649 28.63 52.23 -24.20
CA TRP D 649 28.31 50.86 -24.60
C TRP D 649 29.58 50.07 -24.92
N VAL D 650 29.98 49.17 -24.02
CA VAL D 650 31.16 48.35 -24.24
C VAL D 650 30.78 47.02 -24.90
N ALA D 651 31.24 46.81 -26.13
CA ALA D 651 30.95 45.59 -26.85
C ALA D 651 31.95 44.50 -26.47
N TYR D 652 31.55 43.24 -26.60
CA TYR D 652 32.42 42.10 -26.31
C TYR D 652 31.68 40.78 -26.48
N THR D 653 32.29 39.84 -27.20
CA THR D 653 31.75 38.50 -27.31
C THR D 653 32.11 37.78 -26.03
N LEU D 654 31.72 36.51 -25.93
CA LEU D 654 31.93 35.76 -24.70
C LEU D 654 31.87 34.25 -24.95
N GLU D 655 33.03 33.67 -25.26
CA GLU D 655 33.11 32.24 -25.52
C GLU D 655 33.40 31.45 -24.23
N GLN D 656 32.35 30.84 -23.67
CA GLN D 656 32.48 29.99 -22.49
C GLN D 656 33.29 28.73 -22.82
N GLN D 657 33.84 28.08 -21.81
CA GLN D 657 34.61 26.86 -22.03
C GLN D 657 34.59 25.91 -20.84
N ASP D 658 34.08 24.71 -21.06
CA ASP D 658 34.13 23.62 -20.10
C ASP D 658 33.34 23.85 -18.80
N GLY D 659 34.06 24.00 -17.68
CA GLY D 659 33.44 23.86 -16.38
C GLY D 659 32.99 25.10 -15.63
N MET D 660 31.76 25.06 -15.12
CA MET D 660 31.21 26.12 -14.28
C MET D 660 31.36 27.49 -14.92
N ASP D 661 31.80 28.47 -14.14
CA ASP D 661 31.87 29.85 -14.60
C ASP D 661 33.26 30.18 -15.16
N ARG D 662 33.69 29.38 -16.13
CA ARG D 662 34.95 29.62 -16.83
C ARG D 662 34.67 30.22 -18.20
N TYR D 663 35.38 31.29 -18.54
CA TYR D 663 35.09 32.01 -19.77
C TYR D 663 36.32 32.51 -20.51
N LEU D 664 36.07 33.15 -21.65
CA LEU D 664 37.13 33.61 -22.54
C LEU D 664 36.59 34.78 -23.36
N ILE D 665 37.09 35.98 -23.10
CA ILE D 665 36.50 37.19 -23.66
C ILE D 665 37.43 38.00 -24.56
N TYR D 666 36.84 38.74 -25.49
CA TYR D 666 37.56 39.76 -26.23
C TYR D 666 36.74 41.04 -26.18
N VAL D 667 37.15 41.97 -25.32
CA VAL D 667 36.43 43.24 -25.18
C VAL D 667 36.84 44.21 -26.27
N ASP D 668 35.88 44.53 -27.13
CA ASP D 668 36.13 45.43 -28.25
C ASP D 668 36.90 46.66 -27.78
N GLU D 669 37.88 47.05 -28.57
CA GLU D 669 38.63 48.27 -28.32
C GLU D 669 37.81 49.47 -28.80
N SER D 670 36.74 49.77 -28.07
CA SER D 670 35.82 50.83 -28.48
C SER D 670 34.78 51.11 -27.40
N ARG D 671 34.24 52.32 -27.43
CA ARG D 671 33.18 52.73 -26.50
C ARG D 671 32.21 53.67 -27.19
N GLU D 672 31.15 54.07 -26.50
CA GLU D 672 30.11 54.91 -27.09
C GLU D 672 29.38 55.76 -26.03
N CYS D 673 29.91 56.94 -25.73
CA CYS D 673 29.32 57.82 -24.72
C CYS D 673 28.38 58.84 -25.35
#